data_7KSM
#
_entry.id   7KSM
#
_cell.length_a   1.00
_cell.length_b   1.00
_cell.length_c   1.00
_cell.angle_alpha   90.00
_cell.angle_beta   90.00
_cell.angle_gamma   90.00
#
_symmetry.space_group_name_H-M   'P 1'
#
loop_
_entity.id
_entity.type
_entity.pdbx_description
1 polymer 'Lon protease homolog, mitochondrial'
2 polymer 'Unidentified endogenous substrate'
3 non-polymer "ADENOSINE-5'-TRIPHOSPHATE"
4 non-polymer 'MAGNESIUM ION'
5 non-polymer "ADENOSINE-5'-DIPHOSPHATE"
#
loop_
_entity_poly.entity_id
_entity_poly.type
_entity_poly.pdbx_seq_one_letter_code
_entity_poly.pdbx_strand_id
1 'polypeptide(L)'
;AIEEKFRERLKELVVPKHVMDVVDEELSKLGLLDNHSSEFNVTRNYLDWLTSIPWGKYSNENLDLARAQAVLEEDHYGME
DVKKRILEFIAVSQLRGSTQGKILCFYGPPGVGKTSIARSIARALNREYFRFSVGGMTDVAEIKGHRRTYVGAMPGKIIQ
CLKKTKTENPLILIDEVDKIGRGYQGDPSSALLELLDPEQNANFLDHYLDVPVDLSKVLFICTANVTDTIPEPLRDRMEM
INVSGYVAQEKLAIAERYLVPQARALCGLDESKAKLSSDVLTLLIKQYCRESGVRNLQKQVEKVLRKSAYKIVSGEAESV
EVTPENLQDFVGKPVFTVERMYDVTPPGVVMGLAWTAMGGSTLFVETSLRRPQDKDAKGDKDGSLEVTGQLGEVMKESAR
IAYTFARAFLMQHAPANDYLVTSHIHLHVPEGATPKDGPSAGCTIVTALLSLAMGRPVRQNLAMTGEVSLTGKILPVGGI
KEKTIAAKRAGVTCIVLPAENKKDFYDLAAFITEGLEVHFVEHYREIFDIAF
;
A,B,C,D,E,F
2 'polypeptide(L)' (UNK)(UNK)(UNK)(UNK)(UNK)(UNK)(UNK)(UNK)(UNK)(UNK)(UNK)(UNK) G
#
# COMPACT_ATOMS: atom_id res chain seq x y z
N ALA A 1 -61.51 -27.51 -21.83
CA ALA A 1 -60.30 -27.48 -21.03
C ALA A 1 -60.64 -27.30 -19.55
N ILE A 2 -59.98 -28.08 -18.69
CA ILE A 2 -60.30 -28.05 -17.27
C ILE A 2 -59.67 -26.84 -16.59
N GLU A 3 -58.34 -26.74 -16.64
CA GLU A 3 -57.64 -25.67 -15.96
C GLU A 3 -57.89 -24.29 -16.56
N GLU A 4 -58.33 -24.23 -17.82
CA GLU A 4 -58.57 -22.93 -18.46
C GLU A 4 -59.62 -22.13 -17.69
N LYS A 5 -60.79 -22.73 -17.48
CA LYS A 5 -61.85 -22.03 -16.76
C LYS A 5 -61.45 -21.75 -15.32
N PHE A 6 -60.61 -22.61 -14.73
CA PHE A 6 -60.16 -22.37 -13.37
C PHE A 6 -59.27 -21.12 -13.28
N ARG A 7 -58.34 -20.98 -14.22
CA ARG A 7 -57.54 -19.77 -14.29
C ARG A 7 -58.42 -18.56 -14.52
N GLU A 8 -59.40 -18.68 -15.43
CA GLU A 8 -60.30 -17.58 -15.70
C GLU A 8 -61.05 -17.17 -14.44
N ARG A 9 -61.50 -18.15 -13.66
CA ARG A 9 -62.18 -17.85 -12.40
C ARG A 9 -61.23 -17.19 -11.41
N LEU A 10 -59.97 -17.62 -11.39
CA LEU A 10 -58.99 -17.06 -10.45
C LEU A 10 -58.72 -15.59 -10.77
N LYS A 11 -58.50 -15.26 -12.04
CA LYS A 11 -58.15 -13.90 -12.42
C LYS A 11 -59.36 -12.99 -12.53
N GLU A 12 -60.20 -12.99 -11.50
CA GLU A 12 -61.33 -12.08 -11.45
C GLU A 12 -60.93 -10.67 -11.04
N LEU A 13 -59.77 -10.53 -10.41
CA LEU A 13 -59.30 -9.25 -9.89
C LEU A 13 -58.94 -8.30 -11.03
N VAL A 14 -58.70 -7.04 -10.66
CA VAL A 14 -58.50 -5.97 -11.64
C VAL A 14 -57.15 -6.16 -12.32
N VAL A 15 -57.19 -6.53 -13.60
CA VAL A 15 -55.99 -6.78 -14.38
C VAL A 15 -55.87 -5.69 -15.45
N PRO A 16 -54.69 -5.08 -15.63
CA PRO A 16 -54.50 -4.17 -16.75
C PRO A 16 -54.68 -4.85 -18.11
N LYS A 17 -54.77 -4.01 -19.14
CA LYS A 17 -55.13 -4.49 -20.47
C LYS A 17 -54.01 -5.30 -21.12
N HIS A 18 -52.76 -4.86 -20.97
CA HIS A 18 -51.66 -5.59 -21.60
C HIS A 18 -51.51 -6.97 -20.97
N VAL A 19 -51.47 -7.03 -19.64
CA VAL A 19 -51.43 -8.32 -18.97
C VAL A 19 -52.64 -9.17 -19.36
N MET A 20 -53.79 -8.53 -19.56
CA MET A 20 -55.01 -9.28 -19.86
C MET A 20 -54.95 -9.88 -21.27
N ASP A 21 -54.47 -9.12 -22.25
CA ASP A 21 -54.42 -9.70 -23.59
C ASP A 21 -53.33 -10.77 -23.66
N VAL A 22 -52.24 -10.59 -22.92
CA VAL A 22 -51.20 -11.62 -22.87
C VAL A 22 -51.77 -12.91 -22.29
N VAL A 23 -52.51 -12.80 -21.18
CA VAL A 23 -53.02 -14.02 -20.56
C VAL A 23 -54.14 -14.63 -21.40
N ASP A 24 -54.92 -13.81 -22.11
CA ASP A 24 -55.92 -14.36 -23.01
C ASP A 24 -55.26 -15.13 -24.16
N GLU A 25 -54.20 -14.57 -24.75
CA GLU A 25 -53.52 -15.28 -25.82
C GLU A 25 -52.84 -16.54 -25.30
N GLU A 26 -52.35 -16.52 -24.07
CA GLU A 26 -51.74 -17.71 -23.51
C GLU A 26 -52.79 -18.78 -23.25
N LEU A 27 -53.96 -18.39 -22.73
CA LEU A 27 -55.08 -19.32 -22.59
C LEU A 27 -55.49 -19.90 -23.93
N SER A 28 -55.47 -19.08 -24.98
CA SER A 28 -55.85 -19.57 -26.31
C SER A 28 -54.81 -20.53 -26.86
N LYS A 29 -53.52 -20.27 -26.58
CA LYS A 29 -52.48 -21.19 -27.02
C LYS A 29 -52.59 -22.53 -26.30
N LEU A 30 -52.83 -22.48 -24.98
CA LEU A 30 -52.97 -23.72 -24.22
C LEU A 30 -54.26 -24.45 -24.55
N GLY A 31 -55.27 -23.72 -25.03
CA GLY A 31 -56.53 -24.34 -25.38
C GLY A 31 -56.43 -25.24 -26.60
N LEU A 32 -55.41 -25.02 -27.44
CA LEU A 32 -55.14 -25.96 -28.51
C LEU A 32 -54.81 -27.34 -27.97
N LEU A 33 -54.22 -27.40 -26.79
CA LEU A 33 -53.86 -28.65 -26.11
C LEU A 33 -53.01 -29.53 -27.04
N ASP A 34 -51.94 -28.91 -27.56
CA ASP A 34 -51.10 -29.58 -28.54
C ASP A 34 -50.51 -30.87 -27.98
N ASN A 35 -50.22 -30.90 -26.68
CA ASN A 35 -49.78 -32.10 -26.01
C ASN A 35 -50.23 -32.03 -24.56
N HIS A 36 -49.65 -32.88 -23.71
CA HIS A 36 -50.02 -32.90 -22.31
C HIS A 36 -48.83 -32.88 -21.37
N SER A 37 -47.59 -32.82 -21.88
CA SER A 37 -46.42 -32.80 -21.00
C SER A 37 -45.59 -31.53 -21.12
N SER A 38 -45.03 -31.23 -22.30
CA SER A 38 -43.94 -30.26 -22.38
C SER A 38 -44.38 -28.85 -22.73
N GLU A 39 -44.95 -28.67 -23.92
CA GLU A 39 -45.39 -27.33 -24.30
C GLU A 39 -46.65 -26.91 -23.54
N PHE A 40 -47.43 -27.89 -23.08
CA PHE A 40 -48.58 -27.58 -22.26
C PHE A 40 -48.16 -26.96 -20.94
N ASN A 41 -47.13 -27.55 -20.30
CA ASN A 41 -46.80 -27.15 -18.94
C ASN A 41 -46.01 -25.85 -18.88
N VAL A 42 -45.19 -25.54 -19.89
CA VAL A 42 -44.48 -24.26 -19.87
C VAL A 42 -45.47 -23.10 -19.91
N THR A 43 -46.41 -23.14 -20.86
CA THR A 43 -47.43 -22.11 -20.88
C THR A 43 -48.35 -22.20 -19.67
N ARG A 44 -48.53 -23.41 -19.12
CA ARG A 44 -49.34 -23.54 -17.92
C ARG A 44 -48.71 -22.81 -16.73
N ASN A 45 -47.39 -22.95 -16.58
CA ASN A 45 -46.70 -22.25 -15.49
C ASN A 45 -46.69 -20.75 -15.73
N TYR A 46 -46.49 -20.33 -16.98
CA TYR A 46 -46.60 -18.91 -17.28
C TYR A 46 -47.98 -18.38 -16.91
N LEU A 47 -49.01 -19.16 -17.20
CA LEU A 47 -50.38 -18.79 -16.88
C LEU A 47 -50.61 -18.75 -15.37
N ASP A 48 -50.06 -19.72 -14.65
CA ASP A 48 -50.26 -19.73 -13.21
C ASP A 48 -49.55 -18.56 -12.54
N TRP A 49 -48.35 -18.21 -13.02
CA TRP A 49 -47.67 -17.04 -12.50
C TRP A 49 -48.46 -15.77 -12.80
N LEU A 50 -48.94 -15.63 -14.03
CA LEU A 50 -49.73 -14.45 -14.40
C LEU A 50 -50.97 -14.32 -13.53
N THR A 51 -51.65 -15.44 -13.26
CA THR A 51 -52.85 -15.41 -12.44
C THR A 51 -52.55 -15.35 -10.95
N SER A 52 -51.31 -15.60 -10.55
CA SER A 52 -50.94 -15.55 -9.14
C SER A 52 -50.44 -14.18 -8.71
N ILE A 53 -49.75 -13.47 -9.59
CA ILE A 53 -49.30 -12.12 -9.25
C ILE A 53 -50.54 -11.23 -9.08
N PRO A 54 -50.78 -10.69 -7.88
CA PRO A 54 -52.00 -9.91 -7.66
C PRO A 54 -51.92 -8.59 -8.41
N TRP A 55 -52.99 -8.28 -9.14
CA TRP A 55 -53.08 -7.06 -9.93
C TRP A 55 -54.14 -6.16 -9.28
N GLY A 56 -53.75 -4.93 -8.96
CA GLY A 56 -54.64 -3.99 -8.33
C GLY A 56 -55.00 -4.30 -6.89
N LYS A 57 -54.51 -5.41 -6.33
CA LYS A 57 -54.74 -5.74 -4.93
C LYS A 57 -53.94 -4.80 -4.03
N TYR A 58 -54.57 -4.28 -2.99
CA TYR A 58 -53.89 -3.37 -2.07
C TYR A 58 -54.14 -3.83 -0.64
N SER A 59 -53.54 -3.10 0.29
CA SER A 59 -53.70 -3.33 1.71
C SER A 59 -54.00 -2.01 2.37
N ASN A 60 -55.11 -1.93 3.11
CA ASN A 60 -55.56 -0.66 3.66
C ASN A 60 -54.54 -0.12 4.64
N GLU A 61 -53.81 0.92 4.24
CA GLU A 61 -52.77 1.47 5.08
C GLU A 61 -53.37 2.15 6.30
N ASN A 62 -52.62 2.17 7.39
CA ASN A 62 -53.04 2.86 8.60
C ASN A 62 -52.69 4.33 8.48
N LEU A 63 -53.70 5.19 8.42
CA LEU A 63 -53.51 6.62 8.33
C LEU A 63 -53.56 7.32 9.67
N ASP A 64 -53.60 6.57 10.78
CA ASP A 64 -53.73 7.16 12.10
C ASP A 64 -52.34 7.35 12.71
N LEU A 65 -51.93 8.61 12.82
CA LEU A 65 -50.61 8.91 13.36
C LEU A 65 -50.49 8.44 14.81
N ALA A 66 -51.56 8.58 15.58
CA ALA A 66 -51.52 8.13 16.97
C ALA A 66 -51.25 6.64 17.05
N ARG A 67 -51.95 5.85 16.24
CA ARG A 67 -51.76 4.41 16.26
C ARG A 67 -50.37 4.03 15.77
N ALA A 68 -49.88 4.70 14.72
CA ALA A 68 -48.54 4.40 14.23
C ALA A 68 -47.49 4.67 15.30
N GLN A 69 -47.60 5.81 15.98
CA GLN A 69 -46.65 6.12 17.04
C GLN A 69 -46.76 5.12 18.18
N ALA A 70 -47.98 4.76 18.55
CA ALA A 70 -48.19 3.77 19.60
C ALA A 70 -47.49 2.46 19.27
N VAL A 71 -47.64 1.98 18.04
CA VAL A 71 -47.10 0.68 17.70
C VAL A 71 -45.59 0.73 17.55
N LEU A 72 -45.03 1.84 17.06
CA LEU A 72 -43.58 1.98 17.07
C LEU A 72 -43.04 1.91 18.49
N GLU A 73 -43.74 2.55 19.43
CA GLU A 73 -43.32 2.50 20.83
C GLU A 73 -43.42 1.10 21.39
N GLU A 74 -44.50 0.37 21.05
CA GLU A 74 -44.60 -1.02 21.50
C GLU A 74 -43.43 -1.84 21.00
N ASP A 75 -43.02 -1.63 19.76
CA ASP A 75 -41.96 -2.46 19.20
C ASP A 75 -40.62 -2.16 19.85
N HIS A 76 -40.15 -0.90 19.79
CA HIS A 76 -38.78 -0.61 20.18
C HIS A 76 -38.72 0.51 21.20
N TYR A 77 -37.73 0.42 22.10
CA TYR A 77 -37.45 1.55 22.96
C TYR A 77 -36.78 2.65 22.15
N GLY A 78 -36.79 3.86 22.72
CA GLY A 78 -36.65 5.07 21.95
C GLY A 78 -35.50 5.17 20.97
N MET A 79 -35.83 5.12 19.69
CA MET A 79 -34.99 5.62 18.61
C MET A 79 -35.69 6.88 18.14
N GLU A 80 -35.42 7.98 18.85
CA GLU A 80 -36.34 9.13 18.79
C GLU A 80 -36.32 9.78 17.42
N ASP A 81 -35.13 10.06 16.89
CA ASP A 81 -35.03 10.70 15.59
C ASP A 81 -35.57 9.79 14.49
N VAL A 82 -35.29 8.49 14.61
CA VAL A 82 -35.81 7.53 13.63
C VAL A 82 -37.33 7.57 13.59
N LYS A 83 -37.96 7.45 14.77
CA LYS A 83 -39.42 7.43 14.82
C LYS A 83 -40.01 8.76 14.39
N LYS A 84 -39.35 9.86 14.72
CA LYS A 84 -39.82 11.16 14.25
C LYS A 84 -39.79 11.23 12.73
N ARG A 85 -38.73 10.72 12.12
CA ARG A 85 -38.67 10.70 10.67
C ARG A 85 -39.72 9.80 10.05
N ILE A 86 -40.02 8.66 10.66
CA ILE A 86 -41.09 7.80 10.16
C ILE A 86 -42.44 8.47 10.25
N LEU A 87 -42.73 9.14 11.36
CA LEU A 87 -44.01 9.83 11.49
C LEU A 87 -44.11 11.00 10.53
N GLU A 88 -43.01 11.72 10.31
CA GLU A 88 -43.02 12.81 9.35
C GLU A 88 -43.20 12.29 7.93
N PHE A 89 -42.61 11.13 7.62
CA PHE A 89 -42.84 10.49 6.34
C PHE A 89 -44.30 10.10 6.16
N ILE A 90 -44.96 9.66 7.23
CA ILE A 90 -46.38 9.32 7.14
C ILE A 90 -47.21 10.57 6.93
N ALA A 91 -46.87 11.65 7.65
CA ALA A 91 -47.66 12.86 7.56
C ALA A 91 -47.51 13.55 6.21
N VAL A 92 -46.32 13.53 5.62
CA VAL A 92 -46.17 14.13 4.29
C VAL A 92 -47.04 13.41 3.27
N SER A 93 -47.09 12.08 3.35
CA SER A 93 -47.94 11.33 2.44
C SER A 93 -49.41 11.62 2.68
N GLN A 94 -49.81 11.70 3.95
CA GLN A 94 -51.20 11.99 4.26
C GLN A 94 -51.58 13.39 3.79
N LEU A 95 -50.61 14.30 3.73
CA LEU A 95 -50.82 15.60 3.08
C LEU A 95 -51.01 15.44 1.57
N ARG A 96 -50.00 14.90 0.90
CA ARG A 96 -50.06 14.78 -0.56
C ARG A 96 -51.21 13.90 -1.02
N GLY A 97 -51.94 13.27 -0.10
CA GLY A 97 -53.07 12.43 -0.45
C GLY A 97 -52.71 11.10 -1.02
N SER A 98 -51.51 10.95 -1.56
CA SER A 98 -51.01 9.69 -2.07
C SER A 98 -49.52 9.66 -1.81
N THR A 99 -49.02 8.54 -1.31
CA THR A 99 -47.63 8.44 -0.93
C THR A 99 -46.73 8.53 -2.15
N GLN A 100 -45.42 8.60 -1.89
CA GLN A 100 -44.41 8.55 -2.93
C GLN A 100 -43.51 7.33 -2.82
N GLY A 101 -43.55 6.61 -1.71
CA GLY A 101 -42.76 5.40 -1.54
C GLY A 101 -41.27 5.66 -1.52
N LYS A 102 -40.85 6.66 -0.74
CA LYS A 102 -39.45 7.07 -0.74
C LYS A 102 -38.55 5.96 -0.19
N ILE A 103 -37.32 5.94 -0.66
CA ILE A 103 -36.33 4.95 -0.25
C ILE A 103 -35.58 5.51 0.94
N LEU A 104 -35.71 4.87 2.09
CA LEU A 104 -35.05 5.34 3.31
C LEU A 104 -33.90 4.41 3.66
N CYS A 105 -32.72 4.98 3.85
CA CYS A 105 -31.53 4.22 4.22
C CYS A 105 -31.22 4.47 5.68
N PHE A 106 -31.09 3.39 6.45
CA PHE A 106 -30.68 3.45 7.85
C PHE A 106 -29.25 2.94 7.95
N TYR A 107 -28.34 3.80 8.41
CA TYR A 107 -26.95 3.39 8.60
C TYR A 107 -26.53 3.65 10.05
N GLY A 108 -25.54 2.88 10.50
CA GLY A 108 -25.05 2.99 11.84
C GLY A 108 -24.29 1.76 12.31
N PRO A 109 -23.85 1.76 13.55
CA PRO A 109 -23.05 0.64 14.08
C PRO A 109 -23.87 -0.63 14.14
N PRO A 110 -23.23 -1.78 14.37
CA PRO A 110 -23.97 -3.04 14.38
C PRO A 110 -24.80 -3.23 15.63
N GLY A 111 -25.93 -3.89 15.47
CA GLY A 111 -26.78 -4.22 16.59
C GLY A 111 -27.53 -3.06 17.18
N VAL A 112 -27.74 -1.98 16.41
CA VAL A 112 -28.30 -0.76 16.95
C VAL A 112 -29.80 -0.64 16.68
N GLY A 113 -30.39 -1.61 16.01
CA GLY A 113 -31.82 -1.60 15.81
C GLY A 113 -32.23 -1.24 14.39
N LYS A 114 -31.41 -1.62 13.41
CA LYS A 114 -31.65 -1.25 12.03
C LYS A 114 -32.62 -2.20 11.33
N THR A 115 -32.44 -3.50 11.53
CA THR A 115 -33.23 -4.47 10.77
C THR A 115 -34.61 -4.69 11.39
N SER A 116 -34.74 -4.59 12.70
CA SER A 116 -36.02 -4.87 13.34
C SER A 116 -36.97 -3.67 13.29
N ILE A 117 -36.42 -2.45 13.28
CA ILE A 117 -37.29 -1.29 13.13
C ILE A 117 -38.03 -1.35 11.81
N ALA A 118 -37.53 -2.13 10.83
CA ALA A 118 -38.24 -2.26 9.56
C ALA A 118 -39.53 -3.06 9.74
N ARG A 119 -39.47 -4.17 10.48
CA ARG A 119 -40.68 -4.91 10.77
C ARG A 119 -41.63 -4.06 11.61
N SER A 120 -41.08 -3.26 12.52
CA SER A 120 -41.91 -2.32 13.27
C SER A 120 -42.66 -1.38 12.34
N ILE A 121 -41.95 -0.79 11.37
CA ILE A 121 -42.58 0.16 10.45
C ILE A 121 -43.63 -0.53 9.60
N ALA A 122 -43.33 -1.75 9.13
CA ALA A 122 -44.31 -2.49 8.35
C ALA A 122 -45.60 -2.70 9.13
N ARG A 123 -45.47 -3.08 10.41
CA ARG A 123 -46.66 -3.23 11.23
C ARG A 123 -47.36 -1.90 11.47
N ALA A 124 -46.60 -0.81 11.53
CA ALA A 124 -47.19 0.50 11.77
C ALA A 124 -48.03 0.96 10.58
N LEU A 125 -47.52 0.79 9.37
CA LEU A 125 -48.19 1.23 8.17
C LEU A 125 -49.15 0.19 7.60
N ASN A 126 -49.39 -0.89 8.35
CA ASN A 126 -50.33 -1.93 7.93
C ASN A 126 -50.01 -2.46 6.53
N ARG A 127 -48.72 -2.70 6.28
CA ARG A 127 -48.27 -3.30 5.04
C ARG A 127 -47.77 -4.70 5.30
N GLU A 128 -47.54 -5.43 4.23
CA GLU A 128 -46.91 -6.75 4.32
C GLU A 128 -45.41 -6.60 4.29
N TYR A 129 -44.73 -7.50 5.01
CA TYR A 129 -43.30 -7.42 5.20
C TYR A 129 -42.57 -8.41 4.31
N PHE A 130 -41.35 -8.06 3.93
CA PHE A 130 -40.50 -8.93 3.13
C PHE A 130 -39.07 -8.42 3.23
N ARG A 131 -38.12 -9.35 3.23
CA ARG A 131 -36.73 -9.01 3.50
C ARG A 131 -35.81 -9.62 2.45
N PHE A 132 -35.09 -8.77 1.73
CA PHE A 132 -33.94 -9.14 0.93
C PHE A 132 -32.71 -9.33 1.81
N SER A 133 -31.65 -9.82 1.18
CA SER A 133 -30.28 -9.65 1.69
C SER A 133 -29.41 -9.61 0.44
N VAL A 134 -29.16 -8.41 -0.08
CA VAL A 134 -28.42 -8.30 -1.33
C VAL A 134 -26.93 -8.51 -1.13
N GLY A 135 -26.42 -8.37 0.08
CA GLY A 135 -25.03 -8.69 0.32
C GLY A 135 -24.77 -10.17 0.09
N GLY A 136 -23.74 -10.45 -0.69
CA GLY A 136 -23.50 -11.82 -1.10
C GLY A 136 -24.35 -12.25 -2.27
N MET A 137 -25.01 -11.32 -2.94
CA MET A 137 -25.75 -11.60 -4.17
C MET A 137 -24.81 -11.31 -5.32
N THR A 138 -24.47 -12.35 -6.08
CA THR A 138 -23.53 -12.20 -7.18
C THR A 138 -24.16 -12.38 -8.56
N ASP A 139 -25.32 -13.04 -8.65
CA ASP A 139 -25.98 -13.28 -9.92
C ASP A 139 -27.27 -12.47 -10.01
N VAL A 140 -27.48 -11.84 -11.17
CA VAL A 140 -28.65 -11.00 -11.39
C VAL A 140 -29.95 -11.78 -11.37
N ALA A 141 -29.89 -13.10 -11.54
CA ALA A 141 -31.09 -13.91 -11.60
C ALA A 141 -31.90 -13.89 -10.32
N GLU A 142 -31.40 -13.29 -9.25
CA GLU A 142 -32.15 -13.25 -8.00
C GLU A 142 -33.18 -12.12 -8.02
N ILE A 143 -32.83 -10.96 -8.57
CA ILE A 143 -33.77 -9.85 -8.66
C ILE A 143 -34.68 -10.04 -9.86
N LYS A 144 -34.17 -10.58 -10.94
CA LYS A 144 -34.97 -10.90 -12.12
C LYS A 144 -34.40 -12.16 -12.74
N GLY A 145 -35.21 -13.21 -12.82
CA GLY A 145 -34.72 -14.55 -13.11
C GLY A 145 -34.32 -14.79 -14.54
N HIS A 146 -34.53 -16.02 -15.01
CA HIS A 146 -34.20 -16.39 -16.37
C HIS A 146 -35.47 -16.45 -17.22
N ARG A 147 -35.30 -16.26 -18.52
CA ARG A 147 -36.45 -16.25 -19.41
C ARG A 147 -37.10 -17.63 -19.47
N ARG A 148 -38.39 -17.64 -19.79
CA ARG A 148 -39.19 -18.86 -19.68
C ARG A 148 -38.72 -19.99 -20.59
N THR A 149 -37.87 -19.69 -21.56
CA THR A 149 -37.42 -20.72 -22.49
C THR A 149 -36.54 -21.75 -21.79
N TYR A 150 -35.74 -21.33 -20.81
CA TYR A 150 -34.91 -22.28 -20.08
C TYR A 150 -35.78 -23.23 -19.27
N VAL A 151 -35.22 -24.40 -18.96
CA VAL A 151 -36.04 -25.49 -18.44
C VAL A 151 -36.64 -25.14 -17.08
N GLY A 152 -35.79 -24.92 -16.08
CA GLY A 152 -36.29 -24.78 -14.73
C GLY A 152 -36.36 -23.36 -14.22
N ALA A 153 -36.64 -22.40 -15.12
CA ALA A 153 -36.62 -21.00 -14.74
C ALA A 153 -37.76 -20.66 -13.80
N MET A 154 -37.45 -19.95 -12.75
CA MET A 154 -38.32 -19.41 -11.73
C MET A 154 -38.54 -17.92 -11.97
N PRO A 155 -39.72 -17.41 -11.65
CA PRO A 155 -40.05 -16.02 -12.02
C PRO A 155 -39.30 -14.99 -11.21
N GLY A 156 -37.97 -14.97 -11.28
CA GLY A 156 -37.18 -14.00 -10.54
C GLY A 156 -37.66 -13.84 -9.11
N LYS A 157 -37.66 -14.95 -8.38
CA LYS A 157 -38.58 -15.13 -7.26
C LYS A 157 -38.56 -13.95 -6.29
N ILE A 158 -37.37 -13.50 -5.90
CA ILE A 158 -37.28 -12.62 -4.73
C ILE A 158 -37.98 -11.28 -4.96
N ILE A 159 -38.48 -11.02 -6.16
CA ILE A 159 -39.33 -9.87 -6.42
C ILE A 159 -40.74 -10.29 -6.81
N GLN A 160 -40.87 -11.25 -7.72
CA GLN A 160 -42.19 -11.68 -8.16
C GLN A 160 -42.82 -12.65 -7.17
N CYS A 161 -42.05 -13.66 -6.73
CA CYS A 161 -42.55 -14.53 -5.67
C CYS A 161 -42.77 -13.75 -4.38
N LEU A 162 -42.12 -12.60 -4.24
CA LEU A 162 -42.51 -11.62 -3.23
C LEU A 162 -43.94 -11.16 -3.42
N LYS A 163 -44.31 -10.82 -4.67
CA LYS A 163 -45.65 -10.32 -4.93
C LYS A 163 -46.73 -11.31 -4.53
N LYS A 164 -46.39 -12.59 -4.34
CA LYS A 164 -47.36 -13.53 -3.82
C LYS A 164 -47.46 -13.39 -2.30
N THR A 165 -47.64 -12.16 -1.86
CA THR A 165 -48.16 -11.86 -0.53
C THR A 165 -49.58 -11.32 -0.61
N LYS A 166 -50.16 -11.30 -1.81
CA LYS A 166 -51.51 -10.81 -2.05
C LYS A 166 -51.63 -9.33 -1.66
N THR A 167 -50.70 -8.52 -2.17
CA THR A 167 -50.68 -7.10 -1.87
C THR A 167 -49.69 -6.41 -2.79
N GLU A 168 -50.08 -5.26 -3.33
CA GLU A 168 -49.21 -4.49 -4.21
C GLU A 168 -48.39 -3.45 -3.45
N ASN A 169 -48.72 -3.16 -2.20
CA ASN A 169 -47.92 -2.26 -1.38
C ASN A 169 -47.39 -2.96 -0.14
N PRO A 170 -46.44 -3.89 -0.30
CA PRO A 170 -45.71 -4.39 0.86
C PRO A 170 -44.40 -3.65 1.07
N LEU A 171 -43.98 -3.53 2.33
CA LEU A 171 -42.72 -2.86 2.64
C LEU A 171 -41.56 -3.82 2.42
N ILE A 172 -40.64 -3.48 1.53
CA ILE A 172 -39.51 -4.33 1.21
C ILE A 172 -38.26 -3.74 1.85
N LEU A 173 -37.57 -4.56 2.63
CA LEU A 173 -36.33 -4.17 3.27
C LEU A 173 -35.16 -4.81 2.53
N ILE A 174 -34.27 -3.99 2.01
CA ILE A 174 -33.03 -4.43 1.41
C ILE A 174 -31.95 -4.40 2.49
N ASP A 175 -31.45 -5.58 2.85
CA ASP A 175 -30.69 -5.72 4.09
C ASP A 175 -29.43 -4.87 4.10
N GLU A 176 -28.49 -5.15 3.21
CA GLU A 176 -27.22 -4.47 3.32
C GLU A 176 -26.75 -3.88 2.00
N VAL A 177 -25.51 -3.40 1.95
CA VAL A 177 -24.92 -2.81 0.76
C VAL A 177 -23.56 -3.42 0.51
N ASP A 178 -23.41 -4.69 0.88
CA ASP A 178 -22.16 -5.41 0.65
C ASP A 178 -22.08 -6.01 -0.74
N LYS A 179 -22.83 -5.47 -1.71
CA LYS A 179 -22.67 -5.82 -3.12
C LYS A 179 -21.55 -4.95 -3.68
N ILE A 180 -20.33 -5.50 -3.68
CA ILE A 180 -19.16 -4.65 -3.92
C ILE A 180 -19.08 -4.22 -5.38
N GLY A 181 -18.92 -5.18 -6.28
CA GLY A 181 -18.59 -4.84 -7.66
C GLY A 181 -19.52 -5.50 -8.65
N ARG A 182 -19.63 -4.89 -9.82
CA ARG A 182 -20.48 -5.38 -10.90
C ARG A 182 -19.60 -5.87 -12.05
N GLY A 183 -19.66 -7.16 -12.33
CA GLY A 183 -18.87 -7.73 -13.41
C GLY A 183 -19.68 -8.25 -14.56
N TYR A 184 -19.84 -9.57 -14.64
CA TYR A 184 -20.61 -10.22 -15.71
C TYR A 184 -22.09 -10.06 -15.39
N GLN A 185 -22.70 -9.04 -15.99
CA GLN A 185 -24.08 -8.65 -15.68
C GLN A 185 -24.22 -8.37 -14.19
N GLY A 186 -23.56 -7.29 -13.76
CA GLY A 186 -23.48 -7.00 -12.34
C GLY A 186 -24.83 -6.78 -11.71
N ASP A 187 -25.12 -7.58 -10.70
CA ASP A 187 -26.30 -7.46 -9.86
C ASP A 187 -26.27 -6.25 -8.91
N PRO A 188 -25.10 -5.81 -8.41
CA PRO A 188 -25.10 -4.73 -7.42
C PRO A 188 -25.96 -3.52 -7.75
N SER A 189 -25.67 -2.80 -8.83
CA SER A 189 -26.27 -1.48 -9.03
C SER A 189 -27.23 -1.48 -10.22
N SER A 190 -26.79 -1.89 -11.40
CA SER A 190 -27.60 -1.78 -12.61
C SER A 190 -28.94 -2.49 -12.45
N ALA A 191 -28.93 -3.66 -11.82
CA ALA A 191 -30.16 -4.43 -11.65
C ALA A 191 -31.02 -3.90 -10.52
N LEU A 192 -30.45 -3.12 -9.61
CA LEU A 192 -31.20 -2.65 -8.45
C LEU A 192 -31.68 -1.22 -8.59
N LEU A 193 -30.94 -0.38 -9.31
CA LEU A 193 -31.33 1.02 -9.45
C LEU A 193 -32.71 1.13 -10.09
N GLU A 194 -32.94 0.40 -11.17
CA GLU A 194 -34.25 0.39 -11.81
C GLU A 194 -35.33 -0.19 -10.90
N LEU A 195 -34.92 -0.78 -9.78
CA LEU A 195 -35.84 -1.26 -8.76
C LEU A 195 -36.06 -0.22 -7.67
N LEU A 196 -35.09 0.66 -7.46
CA LEU A 196 -35.18 1.73 -6.48
C LEU A 196 -35.36 3.10 -7.12
N ASP A 197 -35.37 3.17 -8.46
CA ASP A 197 -35.59 4.46 -9.11
C ASP A 197 -37.09 4.76 -9.16
N PRO A 198 -37.51 5.96 -8.77
CA PRO A 198 -38.95 6.22 -8.70
C PRO A 198 -39.64 6.19 -10.06
N GLU A 199 -38.97 6.67 -11.10
CA GLU A 199 -39.55 6.74 -12.43
C GLU A 199 -39.47 5.43 -13.20
N GLN A 200 -38.38 4.67 -13.03
CA GLN A 200 -38.21 3.44 -13.78
C GLN A 200 -39.19 2.36 -13.32
N ASN A 201 -39.24 2.11 -12.00
CA ASN A 201 -39.85 0.87 -11.50
C ASN A 201 -41.30 0.75 -11.91
N ALA A 202 -41.99 1.87 -12.16
CA ALA A 202 -43.38 1.84 -12.59
C ALA A 202 -43.60 0.93 -13.80
N ASN A 203 -42.54 0.56 -14.51
CA ASN A 203 -42.58 -0.54 -15.47
C ASN A 203 -41.34 -1.39 -15.18
N PHE A 204 -41.47 -2.32 -14.24
CA PHE A 204 -40.39 -3.21 -13.85
C PHE A 204 -40.41 -4.46 -14.73
N LEU A 205 -39.38 -4.64 -15.54
CA LEU A 205 -39.30 -5.76 -16.48
C LEU A 205 -38.53 -6.91 -15.83
N ASP A 206 -39.24 -8.00 -15.55
CA ASP A 206 -38.64 -9.24 -15.09
C ASP A 206 -38.46 -10.18 -16.27
N HIS A 207 -37.33 -10.89 -16.30
CA HIS A 207 -37.03 -11.74 -17.45
C HIS A 207 -38.09 -12.82 -17.62
N TYR A 208 -38.22 -13.70 -16.64
CA TYR A 208 -39.41 -14.53 -16.57
C TYR A 208 -40.61 -13.61 -16.33
N LEU A 209 -41.78 -14.04 -16.78
CA LEU A 209 -42.99 -13.24 -16.67
C LEU A 209 -42.75 -11.85 -17.26
N ASP A 210 -42.55 -11.84 -18.58
CA ASP A 210 -42.14 -10.64 -19.30
C ASP A 210 -43.34 -9.70 -19.47
N VAL A 211 -43.75 -9.10 -18.35
CA VAL A 211 -44.79 -8.08 -18.36
C VAL A 211 -44.35 -6.97 -17.42
N PRO A 212 -43.99 -5.79 -17.91
CA PRO A 212 -43.51 -4.72 -17.03
C PRO A 212 -44.55 -4.36 -15.98
N VAL A 213 -44.18 -4.57 -14.72
CA VAL A 213 -45.08 -4.36 -13.59
C VAL A 213 -44.69 -3.08 -12.87
N ASP A 214 -45.68 -2.46 -12.21
CA ASP A 214 -45.46 -1.22 -11.49
C ASP A 214 -45.27 -1.50 -10.01
N LEU A 215 -44.17 -0.99 -9.46
CA LEU A 215 -43.86 -1.09 -8.04
C LEU A 215 -43.96 0.28 -7.40
N SER A 216 -44.95 1.06 -7.83
CA SER A 216 -45.06 2.45 -7.39
C SER A 216 -45.37 2.53 -5.90
N LYS A 217 -46.48 1.94 -5.49
CA LYS A 217 -46.85 1.91 -4.08
C LYS A 217 -46.05 0.79 -3.41
N VAL A 218 -44.78 1.06 -3.18
CA VAL A 218 -43.88 0.12 -2.50
C VAL A 218 -42.87 0.93 -1.70
N LEU A 219 -42.83 0.71 -0.39
CA LEU A 219 -41.94 1.44 0.51
C LEU A 219 -40.63 0.66 0.65
N PHE A 220 -39.55 1.24 0.18
CA PHE A 220 -38.24 0.60 0.20
C PHE A 220 -37.43 1.12 1.39
N ILE A 221 -37.04 0.20 2.27
CA ILE A 221 -36.18 0.53 3.40
C ILE A 221 -34.90 -0.27 3.26
N CYS A 222 -33.78 0.42 3.14
CA CYS A 222 -32.49 -0.23 3.04
C CYS A 222 -31.72 -0.01 4.32
N THR A 223 -30.90 -0.99 4.69
CA THR A 223 -30.03 -0.83 5.84
C THR A 223 -28.57 -0.98 5.42
N ALA A 224 -27.69 -0.38 6.22
CA ALA A 224 -26.26 -0.41 5.96
C ALA A 224 -25.54 -0.04 7.24
N ASN A 225 -24.23 -0.27 7.27
CA ASN A 225 -23.42 0.18 8.40
C ASN A 225 -22.24 1.03 7.96
N VAL A 226 -22.19 1.44 6.69
CA VAL A 226 -21.18 2.37 6.20
C VAL A 226 -21.86 3.28 5.18
N THR A 227 -21.58 4.59 5.28
CA THR A 227 -22.10 5.53 4.30
C THR A 227 -21.59 5.19 2.90
N ASP A 228 -20.28 4.97 2.79
CA ASP A 228 -19.68 4.60 1.52
C ASP A 228 -19.95 3.13 1.24
N THR A 229 -19.26 2.55 0.27
CA THR A 229 -19.48 1.18 -0.16
C THR A 229 -20.94 0.98 -0.60
N ILE A 230 -21.61 2.07 -0.93
CA ILE A 230 -22.88 2.04 -1.63
C ILE A 230 -22.63 2.76 -2.95
N PRO A 231 -22.92 2.14 -4.09
CA PRO A 231 -22.66 2.80 -5.37
C PRO A 231 -23.43 4.12 -5.47
N GLU A 232 -22.73 5.17 -5.90
CA GLU A 232 -23.30 6.51 -5.92
C GLU A 232 -24.66 6.59 -6.63
N PRO A 233 -24.92 5.90 -7.74
CA PRO A 233 -26.25 5.97 -8.34
C PRO A 233 -27.38 5.53 -7.43
N LEU A 234 -27.10 4.71 -6.41
CA LEU A 234 -28.09 4.46 -5.37
C LEU A 234 -27.93 5.43 -4.22
N ARG A 235 -26.68 5.71 -3.84
CA ARG A 235 -26.40 6.56 -2.69
C ARG A 235 -27.08 7.91 -2.81
N ASP A 236 -27.30 8.38 -4.03
CA ASP A 236 -28.02 9.63 -4.21
C ASP A 236 -29.52 9.42 -4.38
N ARG A 237 -29.97 8.19 -4.62
CA ARG A 237 -31.40 7.93 -4.75
C ARG A 237 -32.09 7.78 -3.41
N MET A 238 -31.38 7.35 -2.37
CA MET A 238 -31.97 7.13 -1.06
C MET A 238 -31.73 8.34 -0.18
N GLU A 239 -32.21 8.26 1.05
CA GLU A 239 -32.07 9.31 2.06
C GLU A 239 -31.43 8.68 3.29
N MET A 240 -30.16 8.94 3.51
CA MET A 240 -29.43 8.34 4.63
C MET A 240 -29.96 8.86 5.96
N ILE A 241 -30.44 7.95 6.80
CA ILE A 241 -30.86 8.22 8.17
C ILE A 241 -29.88 7.52 9.09
N ASN A 242 -29.25 8.28 9.98
CA ASN A 242 -28.25 7.72 10.88
C ASN A 242 -28.90 7.21 12.16
N VAL A 243 -28.51 6.02 12.59
CA VAL A 243 -29.01 5.42 13.82
C VAL A 243 -27.78 5.18 14.70
N SER A 244 -27.47 6.15 15.55
CA SER A 244 -26.29 6.04 16.40
C SER A 244 -26.59 5.16 17.61
N GLY A 245 -25.56 4.88 18.38
CA GLY A 245 -25.65 3.97 19.51
C GLY A 245 -26.54 4.46 20.64
N TYR A 246 -26.40 3.84 21.81
CA TYR A 246 -27.25 4.13 22.95
C TYR A 246 -26.40 4.58 24.13
N VAL A 247 -26.93 5.50 24.92
CA VAL A 247 -26.31 5.93 26.16
C VAL A 247 -26.61 4.89 27.22
N ALA A 248 -25.95 5.00 28.38
CA ALA A 248 -26.08 3.95 29.40
C ALA A 248 -27.52 3.81 29.89
N GLN A 249 -28.23 4.92 30.05
CA GLN A 249 -29.59 4.80 30.55
C GLN A 249 -30.54 4.27 29.48
N GLU A 250 -30.30 4.61 28.22
CA GLU A 250 -31.03 3.97 27.13
C GLU A 250 -30.79 2.46 27.13
N LYS A 251 -29.54 2.05 27.30
CA LYS A 251 -29.22 0.64 27.33
C LYS A 251 -29.89 -0.06 28.51
N LEU A 252 -29.94 0.61 29.66
CA LEU A 252 -30.60 0.02 30.82
C LEU A 252 -32.10 -0.16 30.57
N ALA A 253 -32.73 0.86 29.99
CA ALA A 253 -34.15 0.74 29.69
C ALA A 253 -34.41 -0.37 28.68
N ILE A 254 -33.54 -0.52 27.68
CA ILE A 254 -33.69 -1.60 26.72
C ILE A 254 -33.52 -2.95 27.40
N ALA A 255 -32.51 -3.07 28.26
CA ALA A 255 -32.24 -4.34 28.93
C ALA A 255 -33.39 -4.73 29.82
N GLU A 256 -34.05 -3.77 30.44
CA GLU A 256 -35.15 -4.11 31.35
C GLU A 256 -36.46 -4.33 30.60
N ARG A 257 -36.70 -3.60 29.52
CA ARG A 257 -37.94 -3.79 28.79
C ARG A 257 -37.93 -5.06 27.97
N TYR A 258 -36.81 -5.36 27.32
CA TYR A 258 -36.79 -6.44 26.34
C TYR A 258 -35.79 -7.53 26.65
N LEU A 259 -34.54 -7.18 26.93
CA LEU A 259 -33.47 -8.18 26.92
C LEU A 259 -33.62 -9.19 28.03
N VAL A 260 -33.75 -8.73 29.27
CA VAL A 260 -33.87 -9.66 30.39
C VAL A 260 -35.13 -10.51 30.29
N PRO A 261 -36.31 -9.96 29.98
CA PRO A 261 -37.48 -10.84 29.82
C PRO A 261 -37.31 -11.87 28.72
N GLN A 262 -36.77 -11.48 27.56
CA GLN A 262 -36.61 -12.44 26.48
C GLN A 262 -35.59 -13.51 26.83
N ALA A 263 -34.48 -13.12 27.48
CA ALA A 263 -33.48 -14.10 27.87
C ALA A 263 -34.04 -15.06 28.91
N ARG A 264 -34.90 -14.57 29.81
CA ARG A 264 -35.58 -15.46 30.73
C ARG A 264 -36.48 -16.44 29.98
N ALA A 265 -37.26 -15.92 29.02
CA ALA A 265 -38.15 -16.78 28.26
C ALA A 265 -37.39 -17.88 27.54
N LEU A 266 -36.20 -17.57 27.03
CA LEU A 266 -35.40 -18.59 26.37
C LEU A 266 -34.79 -19.57 27.36
N CYS A 267 -33.98 -19.09 28.31
CA CYS A 267 -33.30 -20.00 29.22
C CYS A 267 -34.25 -20.70 30.17
N GLY A 268 -35.55 -20.38 30.15
CA GLY A 268 -36.49 -21.08 30.98
C GLY A 268 -36.34 -20.84 32.47
N LEU A 269 -35.79 -19.69 32.85
CA LEU A 269 -35.66 -19.33 34.26
C LEU A 269 -36.71 -18.29 34.60
N ASP A 270 -37.37 -18.47 35.74
CA ASP A 270 -38.38 -17.52 36.18
C ASP A 270 -37.72 -16.33 36.85
N GLU A 271 -38.51 -15.29 37.11
CA GLU A 271 -37.98 -14.09 37.72
C GLU A 271 -37.53 -14.33 39.16
N SER A 272 -38.18 -15.27 39.85
CA SER A 272 -37.87 -15.49 41.26
C SER A 272 -36.63 -16.34 41.45
N LYS A 273 -36.40 -17.30 40.54
CA LYS A 273 -35.27 -18.20 40.70
C LYS A 273 -33.94 -17.49 40.50
N ALA A 274 -33.94 -16.35 39.82
CA ALA A 274 -32.76 -15.51 39.69
C ALA A 274 -33.21 -14.13 39.24
N LYS A 275 -32.75 -13.10 39.95
CA LYS A 275 -33.20 -11.74 39.70
C LYS A 275 -32.01 -10.82 39.41
N LEU A 276 -32.21 -9.91 38.46
CA LEU A 276 -31.20 -8.95 38.03
C LEU A 276 -31.73 -7.56 38.33
N SER A 277 -31.23 -6.95 39.40
CA SER A 277 -31.67 -5.62 39.78
C SER A 277 -31.17 -4.58 38.78
N SER A 278 -31.86 -3.43 38.76
CA SER A 278 -31.39 -2.32 37.95
C SER A 278 -29.98 -1.90 38.36
N ASP A 279 -29.63 -2.06 39.63
CA ASP A 279 -28.29 -1.72 40.07
C ASP A 279 -27.24 -2.59 39.38
N VAL A 280 -27.44 -3.91 39.40
CA VAL A 280 -26.45 -4.79 38.80
C VAL A 280 -26.44 -4.64 37.29
N LEU A 281 -27.60 -4.35 36.69
CA LEU A 281 -27.62 -4.12 35.25
C LEU A 281 -26.85 -2.85 34.89
N THR A 282 -27.02 -1.79 35.68
CA THR A 282 -26.26 -0.57 35.46
C THR A 282 -24.78 -0.83 35.58
N LEU A 283 -24.37 -1.60 36.59
CA LEU A 283 -22.95 -1.89 36.75
C LEU A 283 -22.41 -2.70 35.58
N LEU A 284 -23.18 -3.68 35.12
CA LEU A 284 -22.77 -4.48 33.96
C LEU A 284 -22.58 -3.60 32.74
N ILE A 285 -23.52 -2.69 32.49
CA ILE A 285 -23.39 -1.80 31.34
C ILE A 285 -22.18 -0.89 31.51
N LYS A 286 -21.94 -0.41 32.73
CA LYS A 286 -20.92 0.59 32.93
C LYS A 286 -19.52 0.01 32.82
N GLN A 287 -19.34 -1.26 33.19
CA GLN A 287 -18.00 -1.82 33.19
C GLN A 287 -17.77 -2.93 32.18
N TYR A 288 -18.78 -3.37 31.43
CA TYR A 288 -18.59 -4.47 30.50
C TYR A 288 -19.04 -4.14 29.08
N CYS A 289 -20.14 -3.43 28.91
CA CYS A 289 -20.71 -3.16 27.60
C CYS A 289 -20.67 -1.65 27.35
N ARG A 290 -19.61 -1.18 26.71
CA ARG A 290 -19.47 0.23 26.35
C ARG A 290 -19.45 0.40 24.84
N GLU A 291 -20.04 -0.53 24.11
CA GLU A 291 -20.15 -0.42 22.67
C GLU A 291 -21.48 0.26 22.34
N SER A 292 -21.80 0.34 21.05
CA SER A 292 -22.94 1.13 20.62
C SER A 292 -24.25 0.36 20.60
N GLY A 293 -24.19 -0.95 20.35
CA GLY A 293 -25.39 -1.75 20.24
C GLY A 293 -25.68 -2.57 21.48
N VAL A 294 -26.78 -3.30 21.41
CA VAL A 294 -27.28 -4.06 22.55
C VAL A 294 -26.92 -5.54 22.47
N ARG A 295 -26.16 -5.95 21.46
CA ARG A 295 -25.90 -7.37 21.31
C ARG A 295 -24.96 -7.89 22.38
N ASN A 296 -23.89 -7.15 22.68
CA ASN A 296 -22.99 -7.56 23.75
C ASN A 296 -23.70 -7.56 25.10
N LEU A 297 -24.60 -6.61 25.31
CA LEU A 297 -25.36 -6.57 26.55
C LEU A 297 -26.27 -7.79 26.67
N GLN A 298 -26.94 -8.16 25.57
CA GLN A 298 -27.75 -9.36 25.59
C GLN A 298 -26.90 -10.60 25.83
N LYS A 299 -25.69 -10.62 25.28
CA LYS A 299 -24.78 -11.74 25.55
C LYS A 299 -24.44 -11.83 27.02
N GLN A 300 -24.16 -10.69 27.66
CA GLN A 300 -23.82 -10.72 29.07
C GLN A 300 -25.01 -11.14 29.93
N VAL A 301 -26.21 -10.67 29.59
CA VAL A 301 -27.39 -11.08 30.34
C VAL A 301 -27.64 -12.58 30.19
N GLU A 302 -27.54 -13.09 28.96
CA GLU A 302 -27.69 -14.52 28.75
C GLU A 302 -26.63 -15.30 29.52
N LYS A 303 -25.41 -14.77 29.59
CA LYS A 303 -24.36 -15.46 30.30
C LYS A 303 -24.66 -15.55 31.79
N VAL A 304 -25.11 -14.44 32.39
CA VAL A 304 -25.48 -14.46 33.79
C VAL A 304 -26.60 -15.47 34.02
N LEU A 305 -27.63 -15.43 33.18
CA LEU A 305 -28.79 -16.28 33.40
C LEU A 305 -28.45 -17.75 33.25
N ARG A 306 -27.62 -18.10 32.28
CA ARG A 306 -27.26 -19.51 32.13
C ARG A 306 -26.28 -19.98 33.19
N LYS A 307 -25.39 -19.09 33.66
CA LYS A 307 -24.53 -19.46 34.77
C LYS A 307 -25.34 -19.75 36.03
N SER A 308 -26.43 -19.01 36.24
CA SER A 308 -27.27 -19.28 37.40
C SER A 308 -28.13 -20.53 37.17
N ALA A 309 -28.61 -20.72 35.95
CA ALA A 309 -29.37 -21.92 35.62
C ALA A 309 -28.54 -23.17 35.88
N TYR A 310 -27.23 -23.12 35.60
CA TYR A 310 -26.40 -24.28 35.86
C TYR A 310 -26.41 -24.66 37.33
N LYS A 311 -26.36 -23.67 38.23
CA LYS A 311 -26.42 -23.96 39.65
C LYS A 311 -27.78 -24.54 40.01
N ILE A 312 -28.86 -23.91 39.53
CA ILE A 312 -30.20 -24.41 39.80
C ILE A 312 -30.32 -25.88 39.41
N VAL A 313 -29.73 -26.25 38.28
CA VAL A 313 -29.87 -27.62 37.80
C VAL A 313 -28.94 -28.58 38.55
N SER A 314 -27.69 -28.17 38.76
CA SER A 314 -26.75 -29.00 39.51
C SER A 314 -27.11 -29.11 40.95
N GLY A 315 -28.17 -28.44 41.38
CA GLY A 315 -28.76 -28.67 42.68
C GLY A 315 -28.28 -27.74 43.75
N GLU A 316 -27.02 -27.35 43.69
CA GLU A 316 -26.51 -26.34 44.61
C GLU A 316 -27.23 -25.03 44.38
N ALA A 317 -27.54 -24.32 45.48
CA ALA A 317 -28.12 -22.99 45.41
C ALA A 317 -29.44 -23.01 44.64
N GLU A 318 -30.45 -23.62 45.26
CA GLU A 318 -31.78 -23.75 44.66
C GLU A 318 -32.37 -22.40 44.26
N SER A 319 -31.74 -21.31 44.67
CA SER A 319 -32.05 -19.98 44.17
C SER A 319 -30.75 -19.22 44.01
N VAL A 320 -30.80 -18.15 43.23
CA VAL A 320 -29.61 -17.35 42.91
C VAL A 320 -29.96 -15.88 42.98
N GLU A 321 -29.06 -15.10 43.57
CA GLU A 321 -29.18 -13.65 43.62
C GLU A 321 -27.86 -13.05 43.16
N VAL A 322 -27.92 -12.15 42.18
CA VAL A 322 -26.75 -11.54 41.58
C VAL A 322 -26.55 -10.16 42.21
N THR A 323 -25.43 -9.97 42.89
CA THR A 323 -25.11 -8.72 43.56
C THR A 323 -23.90 -8.08 42.91
N PRO A 324 -23.74 -6.77 43.02
CA PRO A 324 -22.57 -6.11 42.41
C PRO A 324 -21.25 -6.55 43.00
N GLU A 325 -21.25 -7.42 44.00
CA GLU A 325 -20.00 -7.95 44.53
C GLU A 325 -19.62 -9.28 43.89
N ASN A 326 -20.57 -10.20 43.74
CA ASN A 326 -20.30 -11.49 43.14
C ASN A 326 -20.59 -11.53 41.64
N LEU A 327 -20.68 -10.37 40.99
CA LEU A 327 -20.92 -10.35 39.56
C LEU A 327 -19.71 -10.86 38.78
N GLN A 328 -18.51 -10.65 39.31
CA GLN A 328 -17.31 -11.19 38.67
C GLN A 328 -17.35 -12.70 38.58
N ASP A 329 -18.18 -13.35 39.41
CA ASP A 329 -18.33 -14.79 39.33
C ASP A 329 -19.20 -15.21 38.15
N PHE A 330 -19.95 -14.28 37.58
CA PHE A 330 -20.82 -14.60 36.46
C PHE A 330 -20.32 -14.08 35.13
N VAL A 331 -19.71 -12.90 35.11
CA VAL A 331 -19.26 -12.31 33.85
C VAL A 331 -17.76 -12.16 33.76
N GLY A 332 -17.01 -12.66 34.73
CA GLY A 332 -15.57 -12.58 34.67
C GLY A 332 -15.07 -11.24 35.16
N LYS A 333 -13.76 -11.06 35.03
CA LYS A 333 -13.14 -9.81 35.43
C LYS A 333 -13.49 -8.72 34.41
N PRO A 334 -13.74 -7.48 34.86
CA PRO A 334 -14.15 -6.42 33.92
C PRO A 334 -13.11 -6.21 32.82
N VAL A 335 -13.61 -5.76 31.68
CA VAL A 335 -12.73 -5.50 30.54
C VAL A 335 -12.10 -4.11 30.65
N PHE A 336 -12.82 -3.16 31.23
CA PHE A 336 -12.30 -1.82 31.42
C PHE A 336 -11.74 -1.66 32.82
N THR A 337 -11.05 -0.54 33.04
CA THR A 337 -10.43 -0.26 34.31
C THR A 337 -11.36 0.61 35.15
N VAL A 338 -11.36 0.39 36.45
CA VAL A 338 -12.22 1.15 37.34
C VAL A 338 -11.57 2.49 37.64
N GLU A 339 -12.40 3.53 37.74
CA GLU A 339 -11.90 4.85 38.13
C GLU A 339 -11.73 4.92 39.64
N ARG A 340 -10.68 5.59 40.08
CA ARG A 340 -10.48 5.79 41.51
C ARG A 340 -11.61 6.64 42.08
N MET A 341 -11.61 6.77 43.40
CA MET A 341 -12.61 7.57 44.10
C MET A 341 -11.96 8.20 45.32
N TYR A 342 -12.22 9.48 45.52
CA TYR A 342 -11.60 10.26 46.58
C TYR A 342 -12.70 10.85 47.44
N ASP A 343 -12.76 10.43 48.71
CA ASP A 343 -13.68 11.06 49.65
C ASP A 343 -13.13 12.38 50.15
N VAL A 344 -11.81 12.52 50.22
CA VAL A 344 -11.15 13.80 50.46
C VAL A 344 -10.01 13.91 49.46
N THR A 345 -10.06 14.93 48.62
CA THR A 345 -9.09 15.07 47.54
C THR A 345 -7.76 15.56 48.09
N PRO A 346 -6.65 14.91 47.75
CA PRO A 346 -5.32 15.41 48.13
C PRO A 346 -4.99 16.70 47.39
N PRO A 347 -3.84 17.31 47.69
CA PRO A 347 -3.48 18.56 46.99
C PRO A 347 -3.24 18.40 45.50
N GLY A 348 -3.27 17.20 44.96
CA GLY A 348 -2.92 17.04 43.56
C GLY A 348 -4.09 16.89 42.60
N VAL A 349 -5.23 16.42 43.09
CA VAL A 349 -6.30 15.94 42.22
C VAL A 349 -7.43 16.94 42.20
N VAL A 350 -8.18 16.95 41.10
CA VAL A 350 -9.36 17.79 40.94
C VAL A 350 -10.41 16.97 40.20
N MET A 351 -11.66 17.07 40.64
CA MET A 351 -12.76 16.40 39.95
C MET A 351 -13.15 17.18 38.70
N GLY A 352 -13.59 16.46 37.68
CA GLY A 352 -14.01 17.09 36.44
C GLY A 352 -15.05 16.25 35.77
N LEU A 353 -15.85 16.91 34.95
CA LEU A 353 -16.99 16.29 34.29
C LEU A 353 -16.64 16.00 32.84
N ALA A 354 -16.82 14.74 32.43
CA ALA A 354 -16.52 14.30 31.08
C ALA A 354 -17.79 13.87 30.37
N TRP A 355 -17.76 13.92 29.06
CA TRP A 355 -18.88 13.57 28.21
C TRP A 355 -18.46 12.36 27.39
N THR A 356 -18.64 11.17 27.96
CA THR A 356 -18.24 9.95 27.31
C THR A 356 -19.33 9.46 26.39
N ALA A 357 -18.96 8.49 25.53
CA ALA A 357 -19.92 7.95 24.58
C ALA A 357 -21.10 7.27 25.27
N MET A 358 -20.95 6.89 26.53
CA MET A 358 -22.07 6.30 27.27
C MET A 358 -22.92 7.34 27.97
N GLY A 359 -22.43 8.55 28.12
CA GLY A 359 -23.19 9.61 28.75
C GLY A 359 -22.27 10.46 29.62
N GLY A 360 -22.85 11.07 30.64
CA GLY A 360 -22.06 11.86 31.55
C GLY A 360 -21.15 10.99 32.39
N SER A 361 -20.04 11.57 32.83
CA SER A 361 -19.11 10.84 33.67
C SER A 361 -18.33 11.84 34.52
N THR A 362 -17.69 11.31 35.56
CA THR A 362 -16.97 12.12 36.53
C THR A 362 -15.60 11.50 36.76
N LEU A 363 -14.56 12.19 36.30
CA LEU A 363 -13.20 11.68 36.39
C LEU A 363 -12.33 12.60 37.22
N PHE A 364 -11.29 12.04 37.82
CA PHE A 364 -10.35 12.80 38.64
C PHE A 364 -9.09 13.05 37.84
N VAL A 365 -8.84 14.32 37.52
CA VAL A 365 -7.59 14.73 36.92
C VAL A 365 -6.55 14.79 38.03
N GLU A 366 -5.45 14.08 37.84
CA GLU A 366 -4.45 13.90 38.89
C GLU A 366 -3.09 14.35 38.40
N THR A 367 -2.47 15.26 39.14
CA THR A 367 -1.07 15.59 38.96
C THR A 367 -0.30 15.15 40.18
N SER A 368 0.92 14.68 39.96
CA SER A 368 1.79 14.29 41.06
C SER A 368 3.14 14.97 40.88
N LEU A 369 4.13 14.55 41.66
CA LEU A 369 5.49 15.03 41.50
C LEU A 369 6.40 13.84 41.26
N ARG A 370 7.48 14.09 40.53
CA ARG A 370 8.53 13.10 40.36
C ARG A 370 9.80 13.83 39.98
N ARG A 371 10.92 13.42 40.59
CA ARG A 371 12.22 13.96 40.24
C ARG A 371 12.25 15.48 40.30
N PRO A 372 12.32 16.08 41.50
CA PRO A 372 12.41 17.53 41.66
C PRO A 372 13.66 18.12 40.99
N GLY A 379 18.51 26.26 37.85
CA GLY A 379 18.38 27.39 36.95
C GLY A 379 18.74 27.08 35.50
N ASP A 380 19.22 25.87 35.27
CA ASP A 380 19.59 25.46 33.92
C ASP A 380 18.46 24.71 33.21
N LYS A 381 17.62 24.02 33.97
CA LYS A 381 16.58 23.18 33.38
C LYS A 381 15.21 23.68 33.84
N ASP A 382 14.18 23.31 33.09
CA ASP A 382 12.81 23.60 33.44
C ASP A 382 12.02 22.30 33.54
N GLY A 383 11.06 22.28 34.45
CA GLY A 383 10.33 21.06 34.73
C GLY A 383 9.40 20.70 33.62
N SER A 384 9.51 19.48 33.09
CA SER A 384 8.66 19.03 32.00
C SER A 384 7.31 18.57 32.56
N LEU A 385 6.54 17.90 31.72
CA LEU A 385 5.24 17.36 32.08
C LEU A 385 4.96 16.15 31.20
N GLU A 386 4.49 15.07 31.82
CA GLU A 386 4.30 13.81 31.10
C GLU A 386 2.84 13.39 31.23
N VAL A 387 2.06 13.67 30.19
CA VAL A 387 0.64 13.30 30.18
C VAL A 387 0.55 11.82 29.84
N THR A 388 -0.24 11.08 30.60
CA THR A 388 -0.31 9.63 30.43
C THR A 388 -1.70 9.09 30.14
N GLY A 389 -2.75 9.74 30.59
CA GLY A 389 -4.07 9.17 30.46
C GLY A 389 -4.65 9.18 29.06
N GLN A 390 -4.94 10.37 28.54
CA GLN A 390 -5.60 10.53 27.25
C GLN A 390 -4.56 10.86 26.19
N LEU A 391 -4.31 9.93 25.29
CA LEU A 391 -3.35 10.12 24.20
C LEU A 391 -4.07 10.63 22.97
N GLY A 392 -3.36 11.38 22.17
CA GLY A 392 -3.92 12.04 21.00
C GLY A 392 -3.34 13.43 20.90
N GLU A 393 -3.21 13.90 19.66
CA GLU A 393 -2.56 15.19 19.43
C GLU A 393 -3.41 16.34 19.97
N VAL A 394 -4.74 16.22 19.88
CA VAL A 394 -5.61 17.29 20.35
C VAL A 394 -5.46 17.49 21.85
N MET A 395 -5.59 16.40 22.62
CA MET A 395 -5.43 16.51 24.06
C MET A 395 -4.00 16.82 24.44
N LYS A 396 -3.03 16.42 23.62
CA LYS A 396 -1.65 16.78 23.90
C LYS A 396 -1.46 18.29 23.82
N GLU A 397 -1.93 18.92 22.74
CA GLU A 397 -1.79 20.37 22.63
C GLU A 397 -2.60 21.07 23.71
N SER A 398 -3.76 20.53 24.07
CA SER A 398 -4.53 21.13 25.16
C SER A 398 -3.77 21.09 26.47
N ALA A 399 -3.11 19.97 26.76
CA ALA A 399 -2.33 19.87 27.98
C ALA A 399 -1.15 20.83 27.95
N ARG A 400 -0.52 21.01 26.79
CA ARG A 400 0.57 21.96 26.69
C ARG A 400 0.10 23.39 26.97
N ILE A 401 -1.02 23.78 26.36
CA ILE A 401 -1.57 25.11 26.58
C ILE A 401 -1.91 25.31 28.05
N ALA A 402 -2.53 24.31 28.67
CA ALA A 402 -2.91 24.41 30.07
C ALA A 402 -1.70 24.54 30.97
N TYR A 403 -0.65 23.77 30.68
CA TYR A 403 0.58 23.86 31.46
C TYR A 403 1.20 25.25 31.36
N THR A 404 1.26 25.80 30.14
CA THR A 404 1.84 27.12 29.97
C THR A 404 1.03 28.19 30.70
N PHE A 405 -0.30 28.09 30.66
CA PHE A 405 -1.09 29.08 31.37
C PHE A 405 -0.94 28.94 32.87
N ALA A 406 -0.88 27.71 33.38
CA ALA A 406 -0.68 27.53 34.81
C ALA A 406 0.63 28.15 35.25
N ARG A 407 1.68 27.96 34.45
CA ARG A 407 2.96 28.59 34.76
C ARG A 407 2.83 30.11 34.81
N ALA A 408 2.23 30.71 33.79
CA ALA A 408 2.10 32.16 33.76
C ALA A 408 1.28 32.68 34.95
N PHE A 409 0.21 31.96 35.29
CA PHE A 409 -0.62 32.36 36.41
C PHE A 409 0.16 32.33 37.71
N LEU A 410 0.89 31.25 37.96
CA LEU A 410 1.69 31.19 39.18
C LEU A 410 2.89 32.11 39.14
N MET A 411 3.28 32.60 37.96
CA MET A 411 4.32 33.62 37.91
C MET A 411 3.77 34.96 38.37
N GLN A 412 2.66 35.40 37.77
CA GLN A 412 2.14 36.70 38.16
C GLN A 412 1.44 36.68 39.50
N HIS A 413 1.15 35.51 40.05
CA HIS A 413 0.55 35.39 41.38
C HIS A 413 1.46 34.49 42.21
N ALA A 414 1.96 35.02 43.33
CA ALA A 414 2.99 34.36 44.12
C ALA A 414 4.23 34.13 43.28
N PRO A 415 4.96 35.18 42.89
CA PRO A 415 6.08 35.03 41.96
C PRO A 415 7.33 34.43 42.58
N ALA A 416 7.28 33.89 43.79
CA ALA A 416 8.50 33.44 44.44
C ALA A 416 8.78 31.96 44.23
N ASN A 417 7.75 31.11 44.36
CA ASN A 417 8.00 29.67 44.30
C ASN A 417 8.35 29.24 42.89
N ASP A 418 9.44 28.49 42.78
CA ASP A 418 9.91 27.96 41.50
C ASP A 418 9.34 26.60 41.20
N TYR A 419 8.23 26.25 41.83
CA TYR A 419 7.75 24.87 41.75
C TYR A 419 7.31 24.53 40.34
N LEU A 420 6.31 25.23 39.82
CA LEU A 420 5.70 24.83 38.56
C LEU A 420 6.67 24.95 37.40
N VAL A 421 7.77 25.67 37.57
CA VAL A 421 8.70 25.86 36.47
C VAL A 421 9.71 24.72 36.39
N THR A 422 10.14 24.17 37.52
CA THR A 422 11.09 23.04 37.52
C THR A 422 10.62 21.95 38.48
N SER A 423 9.73 21.08 38.00
CA SER A 423 9.26 20.02 38.88
C SER A 423 9.11 18.63 38.26
N HIS A 424 8.86 18.54 36.95
CA HIS A 424 8.57 17.26 36.29
C HIS A 424 7.29 16.63 36.86
N ILE A 425 6.17 17.26 36.51
CA ILE A 425 4.90 17.03 37.18
C ILE A 425 4.34 15.64 36.87
N HIS A 426 4.13 15.34 35.58
CA HIS A 426 3.45 14.10 35.20
C HIS A 426 1.99 14.02 35.65
N LEU A 427 1.08 14.75 34.99
CA LEU A 427 -0.32 14.54 35.31
C LEU A 427 -0.90 13.35 34.54
N HIS A 428 -2.16 13.02 34.84
CA HIS A 428 -2.83 11.87 34.26
C HIS A 428 -4.32 12.17 34.18
N VAL A 429 -4.89 12.09 32.98
CA VAL A 429 -6.30 12.37 32.75
C VAL A 429 -6.97 11.09 32.26
N PRO A 430 -7.99 10.59 32.96
CA PRO A 430 -8.60 9.31 32.58
C PRO A 430 -9.11 9.31 31.14
N GLU A 431 -9.32 8.10 30.62
CA GLU A 431 -9.42 7.89 29.19
C GLU A 431 -10.84 8.03 28.63
N GLY A 432 -11.86 8.12 29.48
CA GLY A 432 -13.21 8.19 28.96
C GLY A 432 -13.68 9.59 28.61
N ALA A 433 -13.68 9.92 27.32
CA ALA A 433 -14.29 11.15 26.80
C ALA A 433 -14.24 11.10 25.29
N THR A 434 -15.30 11.61 24.66
CA THR A 434 -15.31 11.71 23.20
C THR A 434 -14.16 12.61 22.75
N PRO A 435 -13.64 12.39 21.54
CA PRO A 435 -12.50 13.20 21.09
C PRO A 435 -12.82 14.67 20.93
N LYS A 436 -14.09 15.03 20.90
CA LYS A 436 -14.47 16.44 20.79
C LYS A 436 -14.56 17.10 22.17
N ASP A 437 -15.02 16.35 23.17
CA ASP A 437 -15.14 16.87 24.53
C ASP A 437 -13.83 16.83 25.30
N GLY A 438 -12.83 16.11 24.80
CA GLY A 438 -11.56 15.97 25.47
C GLY A 438 -10.94 17.26 25.98
N PRO A 439 -10.81 18.26 25.10
CA PRO A 439 -10.16 19.52 25.52
C PRO A 439 -10.95 20.29 26.56
N SER A 440 -12.12 19.82 26.95
CA SER A 440 -12.89 20.47 28.01
C SER A 440 -12.37 20.13 29.39
N ALA A 441 -11.15 19.60 29.49
CA ALA A 441 -10.51 19.37 30.77
C ALA A 441 -9.38 20.35 31.03
N GLY A 442 -9.28 21.41 30.22
CA GLY A 442 -8.17 22.32 30.35
C GLY A 442 -8.17 23.07 31.67
N CYS A 443 -9.34 23.57 32.06
CA CYS A 443 -9.42 24.30 33.33
C CYS A 443 -9.22 23.35 34.51
N THR A 444 -9.72 22.12 34.42
CA THR A 444 -9.45 21.14 35.45
C THR A 444 -7.95 20.86 35.57
N ILE A 445 -7.26 20.77 34.43
CA ILE A 445 -5.82 20.53 34.46
C ILE A 445 -5.09 21.69 35.09
N VAL A 446 -5.46 22.91 34.70
CA VAL A 446 -4.81 24.09 35.29
C VAL A 446 -5.02 24.11 36.80
N THR A 447 -6.22 23.74 37.25
CA THR A 447 -6.51 23.78 38.67
C THR A 447 -5.77 22.68 39.42
N ALA A 448 -5.65 21.50 38.81
CA ALA A 448 -4.86 20.44 39.43
C ALA A 448 -3.39 20.84 39.55
N LEU A 449 -2.86 21.46 38.51
CA LEU A 449 -1.46 21.89 38.53
C LEU A 449 -1.24 22.96 39.59
N LEU A 450 -2.12 23.96 39.63
CA LEU A 450 -1.97 25.03 40.62
C LEU A 450 -2.15 24.50 42.03
N SER A 451 -3.05 23.55 42.23
CA SER A 451 -3.24 22.97 43.56
C SER A 451 -2.01 22.20 44.00
N LEU A 452 -1.44 21.38 43.11
CA LEU A 452 -0.24 20.66 43.48
C LEU A 452 0.91 21.61 43.75
N ALA A 453 1.00 22.70 42.98
CA ALA A 453 2.06 23.67 43.19
C ALA A 453 1.93 24.35 44.54
N MET A 454 0.78 24.95 44.81
CA MET A 454 0.59 25.67 46.06
C MET A 454 0.47 24.74 47.26
N GLY A 455 0.35 23.43 47.05
CA GLY A 455 0.19 22.55 48.18
C GLY A 455 -1.10 22.80 48.93
N ARG A 456 -2.16 23.17 48.22
CA ARG A 456 -3.45 23.41 48.84
C ARG A 456 -4.54 22.68 48.07
N PRO A 457 -5.25 21.75 48.70
CA PRO A 457 -6.33 21.06 47.99
C PRO A 457 -7.46 21.99 47.65
N VAL A 458 -8.20 21.62 46.60
CA VAL A 458 -9.27 22.47 46.10
C VAL A 458 -10.45 22.40 47.06
N ARG A 459 -11.42 23.30 46.88
CA ARG A 459 -12.66 23.22 47.62
C ARG A 459 -13.24 21.82 47.47
N GLN A 460 -13.82 21.30 48.56
CA GLN A 460 -14.03 19.86 48.65
C GLN A 460 -15.01 19.36 47.60
N ASN A 461 -16.27 19.77 47.67
CA ASN A 461 -17.32 19.21 46.80
C ASN A 461 -17.52 20.13 45.61
N LEU A 462 -16.62 20.00 44.64
CA LEU A 462 -16.55 20.94 43.53
C LEU A 462 -16.26 20.18 42.24
N ALA A 463 -17.04 20.47 41.21
CA ALA A 463 -16.80 19.91 39.88
C ALA A 463 -16.68 21.05 38.89
N MET A 464 -15.83 20.86 37.90
CA MET A 464 -15.55 21.93 36.93
C MET A 464 -15.32 21.35 35.55
N THR A 465 -15.73 22.10 34.54
CA THR A 465 -15.43 21.77 33.16
C THR A 465 -15.33 23.06 32.36
N GLY A 466 -14.51 23.03 31.33
CA GLY A 466 -14.32 24.19 30.49
C GLY A 466 -12.96 24.17 29.83
N GLU A 467 -12.90 24.73 28.62
CA GLU A 467 -11.65 24.87 27.89
C GLU A 467 -10.96 26.17 28.27
N VAL A 468 -9.65 26.09 28.48
CA VAL A 468 -8.88 27.27 28.86
C VAL A 468 -8.03 27.70 27.66
N SER A 469 -7.88 29.00 27.51
CA SER A 469 -7.08 29.57 26.44
C SER A 469 -5.64 29.72 26.89
N LEU A 470 -4.80 30.24 25.99
CA LEU A 470 -3.39 30.40 26.35
C LEU A 470 -3.18 31.53 27.34
N THR A 471 -4.12 32.47 27.40
CA THR A 471 -4.05 33.55 28.38
C THR A 471 -5.04 33.40 29.50
N GLY A 472 -5.81 32.31 29.51
CA GLY A 472 -6.70 32.00 30.61
C GLY A 472 -8.17 32.16 30.30
N LYS A 473 -8.51 32.74 29.15
CA LYS A 473 -9.92 32.86 28.77
C LYS A 473 -10.56 31.48 28.72
N ILE A 474 -11.82 31.41 29.16
CA ILE A 474 -12.54 30.14 29.26
C ILE A 474 -13.60 30.10 28.16
N LEU A 475 -13.61 29.04 27.42
CA LEU A 475 -14.38 28.77 26.22
C LEU A 475 -15.54 27.81 26.53
N PRO A 476 -16.62 27.87 25.76
CA PRO A 476 -17.77 27.00 26.03
C PRO A 476 -17.46 25.55 25.68
N VAL A 477 -18.27 24.65 26.26
CA VAL A 477 -18.13 23.22 26.07
C VAL A 477 -19.49 22.61 25.78
N GLY A 478 -19.51 21.30 25.54
CA GLY A 478 -20.71 20.57 25.26
C GLY A 478 -21.07 19.57 26.35
N GLY A 479 -22.16 18.86 26.12
CA GLY A 479 -22.61 17.83 27.06
C GLY A 479 -22.96 18.36 28.43
N ILE A 480 -23.61 19.52 28.50
CA ILE A 480 -23.88 20.14 29.80
C ILE A 480 -24.82 19.29 30.62
N LYS A 481 -25.89 18.77 30.01
CA LYS A 481 -26.85 17.96 30.75
C LYS A 481 -26.20 16.69 31.27
N GLU A 482 -25.43 16.00 30.43
CA GLU A 482 -24.79 14.76 30.85
C GLU A 482 -23.81 15.01 31.98
N LYS A 483 -22.99 16.06 31.85
CA LYS A 483 -22.04 16.39 32.89
C LYS A 483 -22.75 16.75 34.19
N THR A 484 -23.84 17.51 34.10
CA THR A 484 -24.59 17.87 35.29
C THR A 484 -25.16 16.64 35.97
N ILE A 485 -25.75 15.73 35.20
CA ILE A 485 -26.32 14.54 35.79
C ILE A 485 -25.24 13.68 36.43
N ALA A 486 -24.05 13.63 35.81
CA ALA A 486 -22.94 12.90 36.41
C ALA A 486 -22.51 13.52 37.72
N ALA A 487 -22.39 14.85 37.76
CA ALA A 487 -21.99 15.52 38.98
C ALA A 487 -23.03 15.34 40.08
N LYS A 488 -24.31 15.33 39.70
CA LYS A 488 -25.37 15.12 40.68
C LYS A 488 -25.41 13.68 41.17
N ARG A 489 -25.11 12.72 40.28
CA ARG A 489 -25.07 11.32 40.68
C ARG A 489 -23.92 11.07 41.63
N ALA A 490 -22.74 11.63 41.34
CA ALA A 490 -21.70 11.70 42.34
C ALA A 490 -22.08 12.73 43.39
N GLY A 491 -21.24 12.89 44.40
CA GLY A 491 -21.51 13.88 45.41
C GLY A 491 -20.89 15.22 45.08
N VAL A 492 -21.68 16.13 44.51
CA VAL A 492 -21.19 17.44 44.11
C VAL A 492 -22.23 18.48 44.50
N THR A 493 -21.79 19.51 45.22
CA THR A 493 -22.66 20.61 45.61
C THR A 493 -22.37 21.90 44.88
N CYS A 494 -21.19 22.03 44.26
CA CYS A 494 -20.81 23.23 43.53
C CYS A 494 -20.28 22.83 42.17
N ILE A 495 -20.75 23.51 41.14
CA ILE A 495 -20.31 23.24 39.77
C ILE A 495 -19.86 24.56 39.14
N VAL A 496 -18.83 24.47 38.31
CA VAL A 496 -18.25 25.62 37.63
C VAL A 496 -18.35 25.38 36.14
N LEU A 497 -18.93 26.34 35.42
CA LEU A 497 -19.23 26.17 34.01
C LEU A 497 -18.81 27.41 33.25
N PRO A 498 -18.49 27.27 31.96
CA PRO A 498 -18.29 28.45 31.12
C PRO A 498 -19.52 29.33 31.13
N ALA A 499 -19.30 30.64 31.19
CA ALA A 499 -20.42 31.57 31.26
C ALA A 499 -21.32 31.47 30.03
N GLU A 500 -20.76 31.07 28.89
CA GLU A 500 -21.53 30.95 27.67
C GLU A 500 -22.38 29.69 27.64
N ASN A 501 -22.34 28.88 28.69
CA ASN A 501 -23.19 27.70 28.79
C ASN A 501 -24.36 27.89 29.75
N LYS A 502 -24.61 29.11 30.21
CA LYS A 502 -25.65 29.29 31.21
C LYS A 502 -27.04 29.10 30.62
N LYS A 503 -27.24 29.43 29.35
CA LYS A 503 -28.50 29.10 28.70
C LYS A 503 -28.75 27.60 28.72
N ASP A 504 -27.77 26.83 28.27
CA ASP A 504 -27.89 25.37 28.26
C ASP A 504 -28.13 24.83 29.66
N PHE A 505 -27.49 25.44 30.66
CA PHE A 505 -27.71 24.99 32.03
C PHE A 505 -29.13 25.26 32.48
N TYR A 506 -29.64 26.44 32.20
CA TYR A 506 -30.98 26.81 32.67
C TYR A 506 -32.09 26.21 31.84
N ASP A 507 -31.78 25.56 30.71
CA ASP A 507 -32.83 24.85 29.99
C ASP A 507 -33.15 23.50 30.60
N LEU A 508 -32.29 22.97 31.46
CA LEU A 508 -32.51 21.64 32.02
C LEU A 508 -33.69 21.67 33.00
N ALA A 509 -34.09 20.48 33.43
CA ALA A 509 -35.22 20.34 34.33
C ALA A 509 -34.85 20.80 35.74
N ALA A 510 -35.84 21.33 36.45
CA ALA A 510 -35.59 21.92 37.76
C ALA A 510 -35.19 20.91 38.82
N PHE A 511 -35.52 19.63 38.61
CA PHE A 511 -35.13 18.62 39.58
C PHE A 511 -33.71 18.10 39.36
N ILE A 512 -33.06 18.51 38.27
CA ILE A 512 -31.65 18.20 38.06
C ILE A 512 -30.76 19.24 38.73
N THR A 513 -31.00 20.51 38.43
CA THR A 513 -30.12 21.60 38.81
C THR A 513 -30.59 22.30 40.07
N GLU A 514 -31.18 21.59 41.02
CA GLU A 514 -31.68 22.18 42.24
C GLU A 514 -30.73 22.04 43.43
N GLY A 515 -29.97 20.96 43.48
CA GLY A 515 -29.09 20.72 44.61
C GLY A 515 -27.67 21.18 44.46
N LEU A 516 -27.34 21.87 43.37
CA LEU A 516 -25.99 22.33 43.12
C LEU A 516 -25.99 23.83 42.83
N GLU A 517 -25.00 24.53 43.38
CA GLU A 517 -24.80 25.94 43.08
C GLU A 517 -23.84 26.06 41.90
N VAL A 518 -24.27 26.80 40.89
CA VAL A 518 -23.52 26.90 39.64
C VAL A 518 -22.84 28.26 39.58
N HIS A 519 -21.58 28.26 39.13
CA HIS A 519 -20.81 29.47 38.94
C HIS A 519 -20.43 29.55 37.46
N PHE A 520 -20.89 30.59 36.79
CA PHE A 520 -20.58 30.81 35.39
C PHE A 520 -19.38 31.74 35.28
N VAL A 521 -18.26 31.21 34.79
CA VAL A 521 -17.00 31.93 34.81
C VAL A 521 -16.67 32.44 33.42
N GLU A 522 -15.86 33.50 33.39
CA GLU A 522 -15.36 34.11 32.17
C GLU A 522 -13.88 33.84 31.97
N HIS A 523 -13.08 34.11 32.99
CA HIS A 523 -11.64 33.96 32.92
C HIS A 523 -11.18 33.17 34.14
N TYR A 524 -10.07 32.45 33.99
CA TYR A 524 -9.67 31.48 34.99
C TYR A 524 -9.36 32.12 36.34
N ARG A 525 -9.14 33.43 36.40
CA ARG A 525 -8.94 34.06 37.70
C ARG A 525 -10.15 33.85 38.60
N GLU A 526 -11.34 33.76 38.01
CA GLU A 526 -12.53 33.52 38.81
C GLU A 526 -12.61 32.08 39.30
N ILE A 527 -12.12 31.13 38.51
CA ILE A 527 -12.06 29.76 39.02
C ILE A 527 -11.05 29.67 40.14
N PHE A 528 -9.93 30.38 40.02
CA PHE A 528 -8.97 30.41 41.11
C PHE A 528 -9.59 31.03 42.35
N ASP A 529 -10.49 32.00 42.18
CA ASP A 529 -11.17 32.58 43.32
C ASP A 529 -12.11 31.58 43.98
N ILE A 530 -13.00 30.96 43.19
CA ILE A 530 -14.02 30.08 43.76
C ILE A 530 -13.52 28.67 44.02
N ALA A 531 -12.23 28.40 43.79
CA ALA A 531 -11.69 27.06 43.99
C ALA A 531 -10.70 27.00 45.14
N PHE A 532 -10.30 28.13 45.71
CA PHE A 532 -9.38 28.14 46.83
C PHE A 532 -9.88 29.10 47.91
N LYS B 5 -46.28 -40.44 -4.78
CA LYS B 5 -45.27 -41.47 -5.05
C LYS B 5 -44.57 -41.92 -3.76
N PHE B 6 -43.54 -41.18 -3.38
CA PHE B 6 -42.74 -41.47 -2.17
C PHE B 6 -43.16 -40.58 -1.00
N ARG B 7 -44.44 -40.64 -0.64
CA ARG B 7 -44.88 -39.87 0.51
C ARG B 7 -44.57 -40.56 1.84
N GLU B 8 -44.06 -41.79 1.80
CA GLU B 8 -43.61 -42.43 3.03
C GLU B 8 -42.40 -41.73 3.62
N ARG B 9 -41.58 -41.11 2.77
CA ARG B 9 -40.47 -40.32 3.27
C ARG B 9 -40.97 -39.22 4.19
N LEU B 10 -42.10 -38.60 3.85
CA LEU B 10 -42.72 -37.63 4.74
C LEU B 10 -43.51 -38.30 5.85
N LYS B 11 -43.94 -39.55 5.65
CA LYS B 11 -44.60 -40.27 6.73
C LYS B 11 -43.65 -40.49 7.89
N GLU B 12 -42.39 -40.71 7.61
CA GLU B 12 -41.40 -40.86 8.68
C GLU B 12 -40.84 -39.53 9.18
N LEU B 13 -41.59 -38.44 9.01
CA LEU B 13 -41.16 -37.11 9.42
C LEU B 13 -42.37 -36.34 9.92
N VAL B 14 -42.16 -35.09 10.34
CA VAL B 14 -43.23 -34.14 10.60
C VAL B 14 -42.87 -32.83 9.91
N VAL B 15 -43.40 -32.65 8.70
CA VAL B 15 -43.00 -31.52 7.86
C VAL B 15 -43.88 -30.32 8.15
N PRO B 16 -43.37 -29.10 7.98
CA PRO B 16 -44.22 -27.92 8.12
C PRO B 16 -45.08 -27.66 6.89
N LYS B 17 -45.96 -26.67 7.05
CA LYS B 17 -47.03 -26.44 6.09
C LYS B 17 -46.51 -25.99 4.74
N HIS B 18 -45.55 -25.06 4.72
CA HIS B 18 -45.14 -24.47 3.45
C HIS B 18 -44.41 -25.49 2.59
N VAL B 19 -43.48 -26.22 3.19
CA VAL B 19 -42.79 -27.26 2.44
C VAL B 19 -43.77 -28.38 2.05
N MET B 20 -44.79 -28.64 2.86
CA MET B 20 -45.78 -29.63 2.44
C MET B 20 -46.53 -29.16 1.19
N ASP B 21 -46.92 -27.88 1.16
CA ASP B 21 -47.61 -27.36 -0.02
C ASP B 21 -46.70 -27.38 -1.24
N VAL B 22 -45.42 -27.07 -1.06
CA VAL B 22 -44.48 -27.12 -2.17
C VAL B 22 -44.32 -28.54 -2.69
N VAL B 23 -44.25 -29.51 -1.78
CA VAL B 23 -44.12 -30.90 -2.19
C VAL B 23 -45.35 -31.35 -2.94
N ASP B 24 -46.52 -30.90 -2.51
CA ASP B 24 -47.75 -31.31 -3.19
C ASP B 24 -47.86 -30.69 -4.57
N GLU B 25 -47.54 -29.40 -4.69
CA GLU B 25 -47.55 -28.76 -6.00
C GLU B 25 -46.56 -29.43 -6.94
N GLU B 26 -45.36 -29.74 -6.44
CA GLU B 26 -44.36 -30.37 -7.29
C GLU B 26 -44.74 -31.79 -7.64
N LEU B 27 -45.46 -32.49 -6.75
CA LEU B 27 -45.91 -33.83 -7.09
C LEU B 27 -46.99 -33.78 -8.17
N SER B 28 -47.84 -32.76 -8.15
CA SER B 28 -48.79 -32.59 -9.24
C SER B 28 -48.07 -32.30 -10.55
N LYS B 29 -47.11 -31.37 -10.52
CA LYS B 29 -46.35 -31.02 -11.72
C LYS B 29 -45.55 -32.22 -12.23
N LEU B 30 -45.14 -33.11 -11.32
CA LEU B 30 -44.49 -34.35 -11.72
C LEU B 30 -45.49 -35.30 -12.36
N GLY B 31 -46.70 -35.36 -11.82
CA GLY B 31 -47.70 -36.28 -12.35
C GLY B 31 -48.15 -35.91 -13.75
N LEU B 32 -48.34 -34.62 -14.01
CA LEU B 32 -48.81 -34.23 -15.33
C LEU B 32 -47.72 -34.23 -16.38
N LEU B 33 -46.47 -34.49 -16.00
CA LEU B 33 -45.36 -34.61 -16.95
C LEU B 33 -45.07 -36.07 -17.23
N ASP B 34 -44.19 -36.30 -18.20
CA ASP B 34 -43.82 -37.65 -18.61
C ASP B 34 -42.31 -37.84 -18.44
N ASN B 35 -41.89 -39.10 -18.49
CA ASN B 35 -40.46 -39.40 -18.44
C ASN B 35 -39.78 -38.87 -19.70
N HIS B 36 -38.46 -39.06 -19.76
CA HIS B 36 -37.62 -38.60 -20.86
C HIS B 36 -37.72 -37.08 -21.04
N SER B 37 -38.06 -36.35 -19.99
CA SER B 37 -38.21 -34.91 -20.04
C SER B 37 -37.21 -34.25 -19.11
N SER B 38 -36.58 -33.18 -19.60
CA SER B 38 -35.67 -32.41 -18.75
C SER B 38 -36.41 -31.86 -17.54
N GLU B 39 -37.61 -31.32 -17.75
CA GLU B 39 -38.39 -30.82 -16.63
C GLU B 39 -38.74 -31.93 -15.65
N PHE B 40 -39.02 -33.13 -16.18
CA PHE B 40 -39.29 -34.27 -15.30
C PHE B 40 -38.08 -34.58 -14.44
N ASN B 41 -36.89 -34.59 -15.04
CA ASN B 41 -35.69 -34.89 -14.27
C ASN B 41 -35.43 -33.82 -13.21
N VAL B 42 -35.56 -32.55 -13.59
CA VAL B 42 -35.35 -31.46 -12.63
C VAL B 42 -36.31 -31.59 -11.46
N THR B 43 -37.61 -31.74 -11.75
CA THR B 43 -38.57 -31.79 -10.66
C THR B 43 -38.44 -33.06 -9.83
N ARG B 44 -38.01 -34.17 -10.43
CA ARG B 44 -37.82 -35.39 -9.65
C ARG B 44 -36.63 -35.23 -8.71
N ASN B 45 -35.53 -34.67 -9.20
CA ASN B 45 -34.39 -34.39 -8.33
C ASN B 45 -34.77 -33.41 -7.23
N TYR B 46 -35.61 -32.43 -7.55
CA TYR B 46 -36.03 -31.44 -6.56
C TYR B 46 -36.83 -32.08 -5.45
N LEU B 47 -37.81 -32.92 -5.82
CA LEU B 47 -38.57 -33.65 -4.81
C LEU B 47 -37.68 -34.60 -4.03
N ASP B 48 -36.68 -35.19 -4.70
CA ASP B 48 -35.73 -36.05 -4.01
C ASP B 48 -35.03 -35.31 -2.90
N TRP B 49 -34.48 -34.14 -3.19
CA TRP B 49 -33.80 -33.36 -2.16
C TRP B 49 -34.78 -32.92 -1.08
N LEU B 50 -35.95 -32.41 -1.50
CA LEU B 50 -36.92 -31.88 -0.55
C LEU B 50 -37.33 -32.93 0.47
N THR B 51 -37.65 -34.14 0.01
CA THR B 51 -38.02 -35.21 0.91
C THR B 51 -36.82 -35.94 1.49
N SER B 52 -35.60 -35.61 1.05
CA SER B 52 -34.43 -36.19 1.67
C SER B 52 -34.05 -35.46 2.94
N ILE B 53 -34.10 -34.14 2.94
CA ILE B 53 -33.62 -33.46 4.15
C ILE B 53 -34.62 -33.70 5.28
N PRO B 54 -34.15 -33.92 6.51
CA PRO B 54 -35.08 -34.19 7.61
C PRO B 54 -35.81 -32.92 7.99
N TRP B 55 -37.01 -33.10 8.54
CA TRP B 55 -37.89 -31.97 8.71
C TRP B 55 -38.34 -31.73 10.15
N GLY B 56 -38.56 -32.78 10.93
CA GLY B 56 -38.95 -32.56 12.30
C GLY B 56 -38.22 -33.48 13.24
N LYS B 57 -37.36 -34.34 12.70
CA LYS B 57 -36.70 -35.34 13.52
C LYS B 57 -35.42 -34.79 14.12
N TYR B 58 -35.26 -35.02 15.41
CA TYR B 58 -34.08 -34.63 16.16
C TYR B 58 -33.41 -35.88 16.70
N SER B 59 -32.15 -35.74 17.06
CA SER B 59 -31.48 -36.82 17.78
C SER B 59 -31.79 -36.70 19.27
N ASN B 60 -31.90 -37.85 19.93
CA ASN B 60 -32.18 -37.83 21.36
C ASN B 60 -30.92 -37.45 22.11
N GLU B 61 -30.68 -36.15 22.24
CA GLU B 61 -29.41 -35.70 22.79
C GLU B 61 -29.33 -35.97 24.29
N ASN B 62 -28.15 -36.40 24.72
CA ASN B 62 -27.88 -36.61 26.14
C ASN B 62 -28.11 -35.33 26.93
N LEU B 63 -28.65 -35.49 28.14
CA LEU B 63 -28.89 -34.37 29.05
C LEU B 63 -28.50 -34.75 30.47
N ASP B 64 -27.45 -35.53 30.62
CA ASP B 64 -26.94 -35.93 31.93
C ASP B 64 -25.66 -35.17 32.21
N LEU B 65 -25.69 -34.31 33.23
CA LEU B 65 -24.55 -33.44 33.49
C LEU B 65 -23.31 -34.23 33.87
N ALA B 66 -23.45 -35.22 34.75
CA ALA B 66 -22.28 -35.97 35.20
C ALA B 66 -21.71 -36.82 34.07
N ARG B 67 -22.57 -37.47 33.30
CA ARG B 67 -22.10 -38.27 32.17
C ARG B 67 -21.41 -37.40 31.13
N ALA B 68 -22.00 -36.24 30.84
CA ALA B 68 -21.38 -35.33 29.89
C ALA B 68 -20.05 -34.81 30.39
N GLN B 69 -19.95 -34.54 31.69
CA GLN B 69 -18.68 -34.09 32.26
C GLN B 69 -17.63 -35.19 32.16
N ALA B 70 -18.03 -36.44 32.39
CA ALA B 70 -17.09 -37.55 32.28
C ALA B 70 -16.59 -37.71 30.85
N VAL B 71 -17.50 -37.73 29.88
CA VAL B 71 -17.11 -37.90 28.49
C VAL B 71 -16.37 -36.68 27.97
N LEU B 72 -16.57 -35.52 28.58
CA LEU B 72 -15.88 -34.32 28.15
C LEU B 72 -14.47 -34.25 28.74
N GLU B 73 -14.30 -34.75 29.97
CA GLU B 73 -13.00 -34.79 30.61
C GLU B 73 -12.14 -35.93 30.11
N GLU B 74 -12.75 -36.99 29.58
CA GLU B 74 -11.98 -38.12 29.09
C GLU B 74 -11.11 -37.75 27.90
N ASP B 75 -11.57 -36.82 27.08
CA ASP B 75 -10.93 -36.56 25.80
C ASP B 75 -9.83 -35.51 25.87
N HIS B 76 -10.01 -34.44 26.63
CA HIS B 76 -9.03 -33.36 26.70
C HIS B 76 -8.74 -33.03 28.16
N TYR B 77 -7.90 -32.01 28.35
CA TYR B 77 -7.45 -31.62 29.67
C TYR B 77 -7.56 -30.11 29.83
N GLY B 78 -8.40 -29.68 30.75
CA GLY B 78 -8.32 -28.32 31.26
C GLY B 78 -8.72 -27.21 30.31
N MET B 79 -9.72 -27.45 29.47
CA MET B 79 -10.31 -26.37 28.69
C MET B 79 -11.56 -25.88 29.42
N GLU B 80 -11.30 -25.28 30.59
CA GLU B 80 -12.32 -25.18 31.62
C GLU B 80 -13.48 -24.29 31.21
N ASP B 81 -13.20 -23.16 30.57
CA ASP B 81 -14.30 -22.28 30.19
C ASP B 81 -15.14 -22.89 29.08
N VAL B 82 -14.52 -23.65 28.17
CA VAL B 82 -15.29 -24.34 27.14
C VAL B 82 -16.17 -25.42 27.76
N LYS B 83 -15.61 -26.20 28.68
CA LYS B 83 -16.40 -27.24 29.32
C LYS B 83 -17.53 -26.65 30.14
N LYS B 84 -17.28 -25.52 30.81
CA LYS B 84 -18.34 -24.86 31.55
C LYS B 84 -19.42 -24.32 30.61
N ARG B 85 -19.02 -23.79 29.45
CA ARG B 85 -20.02 -23.33 28.50
C ARG B 85 -20.90 -24.48 28.04
N ILE B 86 -20.31 -25.66 27.82
CA ILE B 86 -21.10 -26.79 27.34
C ILE B 86 -22.02 -27.29 28.45
N LEU B 87 -21.52 -27.31 29.69
CA LEU B 87 -22.36 -27.74 30.80
C LEU B 87 -23.52 -26.78 31.02
N GLU B 88 -23.29 -25.47 30.85
CA GLU B 88 -24.37 -24.51 30.94
C GLU B 88 -25.37 -24.69 29.81
N PHE B 89 -24.88 -24.98 28.61
CA PHE B 89 -25.74 -25.36 27.50
C PHE B 89 -26.68 -26.50 27.89
N ILE B 90 -26.12 -27.52 28.55
CA ILE B 90 -26.94 -28.67 28.95
C ILE B 90 -27.92 -28.29 30.04
N ALA B 91 -27.49 -27.45 30.99
CA ALA B 91 -28.39 -27.03 32.06
C ALA B 91 -29.56 -26.22 31.53
N VAL B 92 -29.31 -25.36 30.55
CA VAL B 92 -30.40 -24.60 29.95
C VAL B 92 -31.31 -25.51 29.16
N SER B 93 -30.74 -26.44 28.39
CA SER B 93 -31.54 -27.41 27.67
C SER B 93 -32.34 -28.31 28.61
N GLN B 94 -31.96 -28.39 29.87
CA GLN B 94 -32.77 -29.10 30.86
C GLN B 94 -33.87 -28.23 31.44
N LEU B 95 -33.56 -26.98 31.79
CA LEU B 95 -34.59 -26.11 32.38
C LEU B 95 -35.69 -25.80 31.39
N ARG B 96 -35.35 -25.56 30.13
CA ARG B 96 -36.37 -25.47 29.10
C ARG B 96 -36.55 -26.87 28.53
N GLY B 97 -37.79 -27.31 28.40
CA GLY B 97 -38.03 -28.70 28.06
C GLY B 97 -37.91 -29.00 26.59
N SER B 98 -36.86 -28.52 25.94
CA SER B 98 -36.70 -28.72 24.51
C SER B 98 -35.24 -28.52 24.13
N THR B 99 -34.94 -28.86 22.87
CA THR B 99 -33.59 -28.71 22.34
C THR B 99 -33.26 -27.22 22.22
N GLN B 100 -31.99 -26.93 21.97
CA GLN B 100 -31.54 -25.56 21.90
C GLN B 100 -30.33 -25.46 21.00
N GLY B 101 -30.17 -24.31 20.36
CA GLY B 101 -29.04 -24.07 19.48
C GLY B 101 -28.36 -22.76 19.81
N LYS B 102 -27.05 -22.75 19.69
CA LYS B 102 -26.24 -21.57 19.95
C LYS B 102 -25.23 -21.38 18.83
N ILE B 103 -24.43 -20.32 18.94
CA ILE B 103 -23.39 -20.02 17.97
C ILE B 103 -22.13 -19.59 18.70
N LEU B 104 -21.17 -20.49 18.84
CA LEU B 104 -19.95 -20.22 19.58
C LEU B 104 -18.79 -19.99 18.63
N CYS B 105 -17.79 -19.28 19.11
CA CYS B 105 -16.56 -19.09 18.36
C CYS B 105 -15.38 -19.27 19.31
N PHE B 106 -14.47 -20.15 18.93
CA PHE B 106 -13.28 -20.43 19.71
C PHE B 106 -12.09 -19.77 19.02
N TYR B 107 -11.41 -18.86 19.72
CA TYR B 107 -10.22 -18.23 19.17
C TYR B 107 -9.07 -18.33 20.15
N GLY B 108 -7.88 -18.57 19.62
CA GLY B 108 -6.71 -18.75 20.43
C GLY B 108 -5.50 -19.11 19.59
N PRO B 109 -4.35 -19.23 20.23
CA PRO B 109 -3.13 -19.59 19.50
C PRO B 109 -3.23 -20.97 18.89
N PRO B 110 -2.40 -21.28 17.90
CA PRO B 110 -2.55 -22.56 17.19
C PRO B 110 -2.11 -23.73 18.04
N GLY B 111 -2.88 -24.81 17.98
CA GLY B 111 -2.55 -26.03 18.66
C GLY B 111 -3.05 -26.14 20.09
N VAL B 112 -4.09 -25.40 20.45
CA VAL B 112 -4.61 -25.43 21.81
C VAL B 112 -5.82 -26.33 21.94
N GLY B 113 -6.32 -26.88 20.84
CA GLY B 113 -7.44 -27.78 20.88
C GLY B 113 -8.77 -27.20 20.48
N LYS B 114 -8.79 -26.13 19.67
CA LYS B 114 -10.06 -25.56 19.25
C LYS B 114 -10.80 -26.49 18.31
N THR B 115 -10.13 -26.96 17.25
CA THR B 115 -10.76 -27.88 16.32
C THR B 115 -10.99 -29.25 16.92
N SER B 116 -10.21 -29.63 17.92
CA SER B 116 -10.25 -30.99 18.46
C SER B 116 -11.34 -31.19 19.49
N ILE B 117 -11.76 -30.14 20.19
CA ILE B 117 -12.79 -30.28 21.22
C ILE B 117 -14.19 -30.38 20.64
N ALA B 118 -14.37 -30.05 19.36
CA ALA B 118 -15.72 -30.05 18.80
C ALA B 118 -16.30 -31.45 18.69
N ARG B 119 -15.48 -32.42 18.25
CA ARG B 119 -15.98 -33.78 18.18
C ARG B 119 -16.28 -34.33 19.57
N SER B 120 -15.55 -33.86 20.59
CA SER B 120 -15.81 -34.30 21.94
C SER B 120 -17.09 -33.70 22.48
N ILE B 121 -17.35 -32.43 22.15
CA ILE B 121 -18.63 -31.82 22.52
C ILE B 121 -19.77 -32.57 21.85
N ALA B 122 -19.56 -33.02 20.62
CA ALA B 122 -20.60 -33.79 19.94
C ALA B 122 -20.82 -35.14 20.62
N ARG B 123 -19.74 -35.80 21.02
CA ARG B 123 -19.87 -37.04 21.79
C ARG B 123 -20.62 -36.80 23.09
N ALA B 124 -20.35 -35.68 23.74
CA ALA B 124 -21.03 -35.37 24.99
C ALA B 124 -22.52 -35.19 24.78
N LEU B 125 -22.88 -34.28 23.88
CA LEU B 125 -24.29 -33.96 23.66
C LEU B 125 -25.01 -35.00 22.83
N ASN B 126 -24.34 -36.05 22.37
CA ASN B 126 -24.95 -37.08 21.53
C ASN B 126 -25.52 -36.49 20.24
N ARG B 127 -24.91 -35.42 19.75
CA ARG B 127 -25.29 -34.78 18.50
C ARG B 127 -24.43 -35.31 17.37
N GLU B 128 -24.93 -35.15 16.15
CA GLU B 128 -24.16 -35.52 14.98
C GLU B 128 -23.15 -34.43 14.66
N TYR B 129 -22.07 -34.82 14.01
CA TYR B 129 -20.89 -33.97 13.86
C TYR B 129 -20.56 -33.76 12.39
N PHE B 130 -20.28 -32.50 12.02
CA PHE B 130 -19.94 -32.12 10.66
C PHE B 130 -18.84 -31.08 10.73
N ARG B 131 -17.80 -31.21 9.91
CA ARG B 131 -16.73 -30.21 10.01
C ARG B 131 -16.85 -29.08 9.00
N PHE B 132 -16.66 -29.34 7.71
CA PHE B 132 -16.88 -28.31 6.69
C PHE B 132 -16.00 -27.07 6.95
N SER B 133 -14.70 -27.25 6.75
CA SER B 133 -13.77 -26.12 6.83
C SER B 133 -14.00 -25.13 5.68
N VAL B 134 -13.77 -23.84 5.96
CA VAL B 134 -14.01 -22.79 4.99
C VAL B 134 -12.75 -21.96 4.72
N GLY B 135 -11.58 -22.49 5.03
CA GLY B 135 -10.36 -21.76 4.80
C GLY B 135 -10.09 -21.48 3.33
N GLY B 136 -10.02 -20.20 2.97
CA GLY B 136 -9.75 -19.81 1.61
C GLY B 136 -10.92 -19.87 0.66
N MET B 137 -12.07 -20.39 1.10
CA MET B 137 -13.24 -20.50 0.23
C MET B 137 -13.64 -19.14 -0.32
N THR B 138 -14.00 -19.12 -1.60
CA THR B 138 -14.28 -17.88 -2.30
C THR B 138 -15.71 -17.71 -2.78
N ASP B 139 -16.39 -18.78 -3.18
CA ASP B 139 -17.70 -18.64 -3.82
C ASP B 139 -18.83 -18.93 -2.84
N VAL B 140 -19.89 -18.15 -2.96
CA VAL B 140 -21.07 -18.31 -2.12
C VAL B 140 -21.81 -19.61 -2.40
N ALA B 141 -21.52 -20.24 -3.55
CA ALA B 141 -22.19 -21.47 -3.91
C ALA B 141 -22.01 -22.55 -2.86
N GLU B 142 -20.86 -22.58 -2.19
CA GLU B 142 -20.64 -23.61 -1.18
C GLU B 142 -21.50 -23.40 0.06
N ILE B 143 -22.00 -22.19 0.28
CA ILE B 143 -22.88 -21.95 1.42
C ILE B 143 -24.35 -22.06 1.01
N LYS B 144 -24.70 -21.55 -0.17
CA LYS B 144 -26.10 -21.40 -0.53
C LYS B 144 -26.56 -22.27 -1.69
N GLY B 145 -25.69 -22.60 -2.62
CA GLY B 145 -26.08 -23.44 -3.74
C GLY B 145 -26.46 -22.65 -4.97
N HIS B 146 -26.89 -23.37 -5.98
CA HIS B 146 -27.33 -22.77 -7.23
C HIS B 146 -28.81 -23.02 -7.44
N ARG B 147 -29.43 -22.17 -8.25
CA ARG B 147 -30.83 -22.33 -8.57
C ARG B 147 -31.06 -23.63 -9.33
N ARG B 148 -32.30 -24.12 -9.26
CA ARG B 148 -32.69 -25.31 -10.00
C ARG B 148 -32.44 -25.18 -11.49
N THR B 149 -32.39 -23.94 -12.00
CA THR B 149 -32.33 -23.72 -13.44
C THR B 149 -31.09 -24.34 -14.06
N TYR B 150 -29.96 -24.28 -13.36
CA TYR B 150 -28.70 -24.72 -13.91
C TYR B 150 -28.60 -26.23 -13.90
N VAL B 151 -27.98 -26.77 -14.95
CA VAL B 151 -27.70 -28.20 -14.98
C VAL B 151 -26.61 -28.52 -13.96
N GLY B 152 -26.80 -29.59 -13.22
CA GLY B 152 -25.83 -29.99 -12.23
C GLY B 152 -25.92 -29.27 -10.90
N ALA B 153 -26.96 -28.48 -10.69
CA ALA B 153 -27.08 -27.73 -9.44
C ALA B 153 -27.42 -28.65 -8.28
N MET B 154 -27.08 -28.20 -7.09
CA MET B 154 -27.31 -28.94 -5.86
C MET B 154 -27.18 -27.98 -4.70
N PRO B 155 -27.79 -28.28 -3.55
CA PRO B 155 -27.80 -27.32 -2.44
C PRO B 155 -26.40 -27.08 -1.86
N GLY B 156 -26.33 -26.21 -0.87
CA GLY B 156 -25.06 -25.87 -0.27
C GLY B 156 -24.61 -26.88 0.79
N LYS B 157 -23.48 -26.53 1.41
CA LYS B 157 -22.87 -27.43 2.39
C LYS B 157 -23.78 -27.66 3.58
N ILE B 158 -24.54 -26.64 4.00
CA ILE B 158 -25.38 -26.78 5.18
C ILE B 158 -26.53 -27.75 4.91
N ILE B 159 -27.14 -27.66 3.72
CA ILE B 159 -28.25 -28.54 3.41
C ILE B 159 -27.75 -29.96 3.16
N GLN B 160 -26.58 -30.09 2.54
CA GLN B 160 -25.99 -31.42 2.40
C GLN B 160 -25.67 -32.02 3.75
N CYS B 161 -25.23 -31.18 4.70
CA CYS B 161 -24.98 -31.64 6.06
C CYS B 161 -26.26 -32.13 6.72
N LEU B 162 -27.35 -31.37 6.57
CA LEU B 162 -28.63 -31.81 7.11
C LEU B 162 -29.03 -33.16 6.54
N LYS B 163 -28.93 -33.31 5.23
CA LYS B 163 -29.31 -34.59 4.61
C LYS B 163 -28.42 -35.72 5.09
N LYS B 164 -27.13 -35.46 5.28
CA LYS B 164 -26.20 -36.51 5.66
C LYS B 164 -26.41 -36.93 7.10
N THR B 165 -26.61 -35.98 8.00
CA THR B 165 -26.84 -36.31 9.40
C THR B 165 -28.21 -36.89 9.63
N LYS B 166 -29.16 -36.64 8.72
CA LYS B 166 -30.53 -37.13 8.86
C LYS B 166 -31.17 -36.64 10.14
N THR B 167 -30.82 -35.42 10.55
CA THR B 167 -31.41 -34.83 11.72
C THR B 167 -31.14 -33.33 11.70
N GLU B 168 -32.10 -32.57 12.21
CA GLU B 168 -31.78 -31.24 12.68
C GLU B 168 -30.98 -31.35 13.98
N ASN B 169 -30.67 -30.21 14.56
CA ASN B 169 -29.73 -30.03 15.67
C ASN B 169 -28.43 -30.85 15.60
N PRO B 170 -27.73 -30.92 14.47
CA PRO B 170 -26.39 -31.48 14.49
C PRO B 170 -25.43 -30.46 15.10
N LEU B 171 -24.15 -30.81 15.10
CA LEU B 171 -23.09 -29.88 15.48
C LEU B 171 -22.23 -29.64 14.26
N ILE B 172 -22.16 -28.39 13.83
CA ILE B 172 -21.36 -27.98 12.68
C ILE B 172 -20.17 -27.16 13.18
N LEU B 173 -18.97 -27.54 12.75
CA LEU B 173 -17.74 -26.91 13.20
C LEU B 173 -17.09 -26.22 12.02
N ILE B 174 -17.44 -24.96 11.80
CA ILE B 174 -16.90 -24.20 10.68
C ILE B 174 -15.49 -23.75 11.02
N ASP B 175 -14.48 -24.41 10.45
CA ASP B 175 -13.10 -24.07 10.72
C ASP B 175 -12.64 -22.85 9.94
N GLU B 176 -11.67 -22.15 10.52
CA GLU B 176 -10.99 -21.03 9.86
C GLU B 176 -11.98 -19.97 9.40
N VAL B 177 -12.91 -19.60 10.28
CA VAL B 177 -13.89 -18.57 9.95
C VAL B 177 -13.25 -17.19 9.83
N ASP B 178 -11.96 -17.08 10.12
CA ASP B 178 -11.23 -15.84 9.91
C ASP B 178 -10.40 -15.87 8.65
N LYS B 179 -10.44 -16.97 7.90
CA LYS B 179 -9.64 -17.14 6.69
C LYS B 179 -10.54 -17.38 5.48
N ILE B 180 -11.67 -16.72 5.45
CA ILE B 180 -12.59 -16.85 4.33
C ILE B 180 -12.12 -15.94 3.21
N GLY B 181 -12.33 -16.36 1.97
CA GLY B 181 -12.00 -15.50 0.85
C GLY B 181 -12.90 -14.29 0.83
N ARG B 182 -12.30 -13.12 0.60
CA ARG B 182 -13.03 -11.87 0.42
C ARG B 182 -12.50 -11.13 -0.79
N GLY B 183 -11.97 -11.85 -1.77
CA GLY B 183 -11.30 -11.24 -2.89
C GLY B 183 -12.20 -10.89 -4.05
N TYR B 184 -11.74 -11.19 -5.27
CA TYR B 184 -12.53 -10.87 -6.47
C TYR B 184 -13.79 -11.72 -6.54
N GLN B 185 -13.63 -13.05 -6.61
CA GLN B 185 -14.75 -13.95 -6.81
C GLN B 185 -15.50 -14.09 -5.49
N GLY B 186 -16.74 -13.60 -5.48
CA GLY B 186 -17.63 -13.83 -4.36
C GLY B 186 -17.19 -13.23 -3.04
N ASP B 187 -18.10 -13.24 -2.06
CA ASP B 187 -17.78 -12.83 -0.69
C ASP B 187 -18.67 -13.62 0.24
N PRO B 188 -18.31 -14.87 0.53
CA PRO B 188 -19.20 -15.74 1.32
C PRO B 188 -19.38 -15.29 2.76
N SER B 189 -18.72 -14.20 3.14
CA SER B 189 -18.91 -13.68 4.49
C SER B 189 -20.32 -13.17 4.71
N SER B 190 -20.96 -12.62 3.67
CA SER B 190 -22.35 -12.21 3.82
C SER B 190 -23.28 -13.41 3.95
N ALA B 191 -22.98 -14.49 3.21
CA ALA B 191 -23.76 -15.71 3.37
C ALA B 191 -23.62 -16.26 4.78
N LEU B 192 -22.42 -16.26 5.33
CA LEU B 192 -22.25 -16.67 6.72
C LEU B 192 -22.92 -15.71 7.68
N LEU B 193 -22.96 -14.42 7.35
CA LEU B 193 -23.61 -13.47 8.22
C LEU B 193 -25.12 -13.67 8.24
N GLU B 194 -25.67 -14.19 7.16
CA GLU B 194 -27.08 -14.54 7.14
C GLU B 194 -27.34 -15.91 7.77
N LEU B 195 -26.35 -16.79 7.71
CA LEU B 195 -26.52 -18.15 8.24
C LEU B 195 -26.34 -18.21 9.75
N LEU B 196 -25.36 -17.46 10.26
CA LEU B 196 -25.03 -17.43 11.68
C LEU B 196 -25.72 -16.30 12.42
N ASP B 197 -26.88 -15.85 11.93
CA ASP B 197 -27.66 -14.85 12.62
C ASP B 197 -28.76 -15.54 13.40
N PRO B 198 -28.79 -15.42 14.73
CA PRO B 198 -29.83 -16.14 15.49
C PRO B 198 -31.24 -15.68 15.19
N GLU B 199 -31.43 -14.49 14.64
CA GLU B 199 -32.76 -14.01 14.30
C GLU B 199 -33.20 -14.38 12.90
N GLN B 200 -32.29 -14.91 12.08
CA GLN B 200 -32.63 -15.36 10.73
C GLN B 200 -32.25 -16.81 10.50
N ASN B 201 -31.84 -17.53 11.54
CA ASN B 201 -31.61 -18.96 11.40
C ASN B 201 -32.90 -19.71 11.14
N ALA B 202 -34.03 -19.21 11.67
CA ALA B 202 -35.29 -19.91 11.54
C ALA B 202 -35.78 -20.00 10.11
N ASN B 203 -35.22 -19.21 9.20
CA ASN B 203 -35.59 -19.24 7.78
C ASN B 203 -34.31 -19.02 6.99
N PHE B 204 -33.65 -20.11 6.61
CA PHE B 204 -32.33 -19.97 6.01
C PHE B 204 -32.42 -19.64 4.52
N LEU B 205 -33.23 -20.38 3.76
CA LEU B 205 -33.49 -20.07 2.36
C LEU B 205 -32.21 -20.08 1.53
N ASP B 206 -31.67 -21.27 1.34
CA ASP B 206 -30.60 -21.41 0.36
C ASP B 206 -31.17 -21.30 -1.05
N HIS B 207 -30.27 -21.32 -2.04
CA HIS B 207 -30.70 -21.01 -3.40
C HIS B 207 -31.37 -22.19 -4.09
N TYR B 208 -30.93 -23.41 -3.82
CA TYR B 208 -31.49 -24.55 -4.54
C TYR B 208 -32.93 -24.81 -4.13
N LEU B 209 -33.15 -25.10 -2.86
CA LEU B 209 -34.49 -25.16 -2.31
C LEU B 209 -35.02 -23.75 -2.15
N ASP B 210 -36.16 -23.45 -2.77
CA ASP B 210 -36.79 -22.16 -2.52
C ASP B 210 -37.55 -22.12 -1.20
N VAL B 211 -37.58 -23.22 -0.46
CA VAL B 211 -38.24 -23.23 0.84
C VAL B 211 -37.25 -22.75 1.90
N PRO B 212 -37.73 -22.19 3.02
CA PRO B 212 -36.82 -21.86 4.12
C PRO B 212 -36.75 -22.98 5.14
N VAL B 213 -35.54 -23.25 5.60
CA VAL B 213 -35.27 -24.33 6.56
C VAL B 213 -34.92 -23.70 7.89
N ASP B 214 -35.51 -24.23 8.96
CA ASP B 214 -35.22 -23.76 10.31
C ASP B 214 -33.90 -24.36 10.79
N LEU B 215 -32.96 -23.49 11.14
CA LEU B 215 -31.65 -23.92 11.61
C LEU B 215 -31.37 -23.40 13.02
N SER B 216 -32.41 -23.28 13.83
CA SER B 216 -32.26 -22.70 15.14
C SER B 216 -31.73 -23.68 16.18
N LYS B 217 -31.83 -24.97 15.91
CA LYS B 217 -31.36 -25.98 16.85
C LYS B 217 -29.95 -26.46 16.56
N VAL B 218 -29.38 -26.08 15.42
CA VAL B 218 -28.01 -26.44 15.10
C VAL B 218 -27.06 -25.68 16.02
N LEU B 219 -26.18 -26.41 16.70
CA LEU B 219 -25.14 -25.80 17.52
C LEU B 219 -23.94 -25.55 16.63
N PHE B 220 -23.72 -24.29 16.27
CA PHE B 220 -22.62 -23.90 15.42
C PHE B 220 -21.39 -23.57 16.25
N ILE B 221 -20.23 -23.97 15.76
CA ILE B 221 -18.96 -23.66 16.38
C ILE B 221 -18.00 -23.22 15.30
N CYS B 222 -17.37 -22.07 15.48
CA CYS B 222 -16.45 -21.51 14.49
C CYS B 222 -15.10 -21.26 15.15
N THR B 223 -14.05 -21.87 14.60
CA THR B 223 -12.71 -21.69 15.12
C THR B 223 -12.00 -20.59 14.34
N ALA B 224 -11.25 -19.75 15.05
CA ALA B 224 -10.49 -18.68 14.44
C ALA B 224 -9.18 -18.50 15.18
N ASN B 225 -8.15 -18.09 14.45
CA ASN B 225 -6.87 -17.81 15.07
C ASN B 225 -6.79 -16.38 15.59
N VAL B 226 -7.42 -15.44 14.90
CA VAL B 226 -7.47 -14.04 15.29
C VAL B 226 -8.84 -13.50 14.91
N THR B 227 -9.39 -12.64 15.75
CA THR B 227 -10.69 -12.04 15.48
C THR B 227 -10.59 -10.80 14.60
N ASP B 228 -9.39 -10.24 14.43
CA ASP B 228 -9.25 -8.99 13.69
C ASP B 228 -9.75 -9.13 12.27
N THR B 229 -9.50 -10.27 11.63
CA THR B 229 -9.93 -10.50 10.27
C THR B 229 -11.34 -11.03 10.17
N ILE B 230 -12.15 -10.90 11.21
CA ILE B 230 -13.58 -11.19 11.16
C ILE B 230 -14.32 -9.87 11.10
N PRO B 231 -15.17 -9.64 10.11
CA PRO B 231 -15.94 -8.39 10.07
C PRO B 231 -16.76 -8.20 11.34
N GLU B 232 -16.91 -6.94 11.73
CA GLU B 232 -17.57 -6.64 12.99
C GLU B 232 -19.01 -7.13 13.06
N PRO B 233 -19.86 -7.01 12.02
CA PRO B 233 -21.21 -7.57 12.12
C PRO B 233 -21.22 -9.07 12.29
N LEU B 234 -20.13 -9.76 11.97
CA LEU B 234 -20.05 -11.20 12.17
C LEU B 234 -19.50 -11.54 13.55
N ARG B 235 -18.50 -10.79 14.01
CA ARG B 235 -18.06 -10.96 15.39
C ARG B 235 -19.21 -10.68 16.36
N ASP B 236 -20.09 -9.76 16.01
CA ASP B 236 -21.17 -9.39 16.91
C ASP B 236 -22.24 -10.47 17.00
N ARG B 237 -22.23 -11.45 16.11
CA ARG B 237 -23.23 -12.51 16.11
C ARG B 237 -22.77 -13.77 16.82
N MET B 238 -21.50 -13.86 17.20
CA MET B 238 -20.95 -15.06 17.80
C MET B 238 -20.54 -14.80 19.24
N GLU B 239 -20.60 -15.85 20.05
CA GLU B 239 -20.11 -15.80 21.43
C GLU B 239 -18.61 -16.06 21.39
N MET B 240 -17.82 -15.01 21.52
CA MET B 240 -16.37 -15.14 21.43
C MET B 240 -15.86 -15.77 22.72
N ILE B 241 -15.34 -16.99 22.62
CA ILE B 241 -14.72 -17.69 23.73
C ILE B 241 -13.26 -17.83 23.42
N ASN B 242 -12.40 -17.42 24.35
CA ASN B 242 -10.96 -17.46 24.15
C ASN B 242 -10.40 -18.75 24.72
N VAL B 243 -9.76 -19.54 23.87
CA VAL B 243 -9.08 -20.77 24.28
C VAL B 243 -7.60 -20.45 24.41
N SER B 244 -7.14 -20.19 25.63
CA SER B 244 -5.76 -19.81 25.85
C SER B 244 -4.87 -21.04 25.93
N GLY B 245 -3.57 -20.81 25.95
CA GLY B 245 -2.61 -21.89 25.96
C GLY B 245 -2.45 -22.51 27.33
N TYR B 246 -1.46 -23.40 27.43
CA TYR B 246 -1.21 -24.14 28.65
C TYR B 246 0.16 -23.79 29.20
N VAL B 247 0.27 -23.79 30.53
CA VAL B 247 1.53 -23.59 31.22
C VAL B 247 2.24 -24.94 31.29
N ALA B 248 3.51 -24.92 31.72
CA ALA B 248 4.34 -26.12 31.68
C ALA B 248 3.68 -27.30 32.40
N GLN B 249 2.97 -27.04 33.50
CA GLN B 249 2.36 -28.13 34.24
C GLN B 249 1.19 -28.75 33.48
N GLU B 250 0.34 -27.92 32.88
CA GLU B 250 -0.74 -28.45 32.06
C GLU B 250 -0.19 -29.20 30.86
N LYS B 251 0.90 -28.69 30.28
CA LYS B 251 1.54 -29.39 29.17
C LYS B 251 2.07 -30.74 29.62
N LEU B 252 2.60 -30.82 30.83
CA LEU B 252 3.09 -32.10 31.32
C LEU B 252 1.95 -33.08 31.53
N ALA B 253 0.83 -32.61 32.07
CA ALA B 253 -0.32 -33.49 32.22
C ALA B 253 -0.81 -33.98 30.87
N ILE B 254 -0.89 -33.08 29.89
CA ILE B 254 -1.30 -33.45 28.54
C ILE B 254 -0.34 -34.49 27.95
N ALA B 255 0.96 -34.29 28.15
CA ALA B 255 1.94 -35.21 27.59
C ALA B 255 1.81 -36.58 28.23
N GLU B 256 1.67 -36.64 29.55
CA GLU B 256 1.58 -37.93 30.22
C GLU B 256 0.30 -38.67 29.83
N ARG B 257 -0.82 -37.95 29.72
CA ARG B 257 -2.10 -38.61 29.56
C ARG B 257 -2.49 -38.88 28.10
N TYR B 258 -2.11 -37.99 27.18
CA TYR B 258 -2.53 -38.11 25.80
C TYR B 258 -1.37 -38.26 24.82
N LEU B 259 -0.39 -37.35 24.87
CA LEU B 259 0.61 -37.29 23.81
C LEU B 259 1.46 -38.56 23.77
N VAL B 260 2.06 -38.92 24.89
CA VAL B 260 2.98 -40.06 24.94
C VAL B 260 2.23 -41.37 24.67
N PRO B 261 1.05 -41.60 25.25
CA PRO B 261 0.32 -42.84 24.87
C PRO B 261 -0.04 -42.91 23.41
N GLN B 262 -0.56 -41.82 22.83
CA GLN B 262 -0.92 -41.86 21.42
C GLN B 262 0.30 -42.07 20.54
N ALA B 263 1.43 -41.46 20.91
CA ALA B 263 2.64 -41.66 20.12
C ALA B 263 3.17 -43.08 20.27
N ARG B 264 3.09 -43.65 21.47
CA ARG B 264 3.42 -45.06 21.65
C ARG B 264 2.59 -45.93 20.72
N ALA B 265 1.30 -45.66 20.64
CA ALA B 265 0.44 -46.47 19.77
C ALA B 265 0.80 -46.29 18.32
N LEU B 266 1.11 -45.06 17.91
CA LEU B 266 1.42 -44.79 16.51
C LEU B 266 2.80 -45.28 16.10
N CYS B 267 3.70 -45.53 17.05
CA CYS B 267 5.04 -46.00 16.73
C CYS B 267 5.31 -47.44 17.12
N GLY B 268 4.39 -48.09 17.81
CA GLY B 268 4.57 -49.49 18.14
C GLY B 268 5.54 -49.77 19.26
N LEU B 269 5.66 -48.88 20.23
CA LEU B 269 6.52 -49.06 21.37
C LEU B 269 5.69 -49.07 22.65
N ASP B 270 6.29 -49.53 23.73
CA ASP B 270 5.62 -49.52 25.03
C ASP B 270 6.51 -48.87 26.08
N GLU B 271 6.11 -49.01 27.35
CA GLU B 271 6.90 -48.44 28.43
C GLU B 271 8.19 -49.23 28.66
N SER B 272 8.15 -50.55 28.44
CA SER B 272 9.34 -51.35 28.72
C SER B 272 10.41 -51.18 27.67
N LYS B 273 10.04 -50.80 26.44
CA LYS B 273 11.03 -50.60 25.39
C LYS B 273 11.63 -49.21 25.43
N ALA B 274 10.83 -48.19 25.75
CA ALA B 274 11.32 -46.81 25.80
C ALA B 274 10.52 -46.07 26.86
N LYS B 275 11.20 -45.64 27.91
CA LYS B 275 10.56 -45.05 29.07
C LYS B 275 10.78 -43.54 29.08
N LEU B 276 9.70 -42.78 28.94
CA LEU B 276 9.71 -41.33 29.08
C LEU B 276 9.17 -41.02 30.47
N SER B 277 10.06 -40.55 31.34
CA SER B 277 9.65 -40.27 32.71
C SER B 277 9.15 -38.84 32.84
N SER B 278 8.55 -38.55 34.00
CA SER B 278 7.99 -37.22 34.21
C SER B 278 9.08 -36.16 34.30
N ASP B 279 10.25 -36.50 34.83
CA ASP B 279 11.31 -35.50 34.94
C ASP B 279 11.95 -35.21 33.60
N VAL B 280 12.18 -36.24 32.77
CA VAL B 280 12.71 -35.97 31.45
C VAL B 280 11.68 -35.23 30.60
N LEU B 281 10.39 -35.52 30.81
CA LEU B 281 9.36 -34.76 30.11
C LEU B 281 9.32 -33.31 30.56
N THR B 282 9.49 -33.08 31.87
CA THR B 282 9.58 -31.71 32.38
C THR B 282 10.76 -30.99 31.75
N LEU B 283 11.90 -31.66 31.65
CA LEU B 283 13.06 -31.02 31.04
C LEU B 283 12.83 -30.72 29.57
N LEU B 284 12.20 -31.64 28.85
CA LEU B 284 11.86 -31.40 27.45
C LEU B 284 10.97 -30.18 27.31
N ILE B 285 9.90 -30.11 28.13
CA ILE B 285 8.98 -28.98 28.05
C ILE B 285 9.68 -27.68 28.41
N LYS B 286 10.63 -27.73 29.35
CA LYS B 286 11.27 -26.51 29.82
C LYS B 286 12.27 -25.98 28.82
N GLN B 287 13.07 -26.85 28.22
CA GLN B 287 14.14 -26.40 27.35
C GLN B 287 13.75 -26.31 25.88
N TYR B 288 12.70 -27.00 25.44
CA TYR B 288 12.40 -27.04 24.02
C TYR B 288 11.03 -26.52 23.69
N CYS B 289 9.98 -26.97 24.39
CA CYS B 289 8.60 -26.68 24.00
C CYS B 289 8.05 -25.51 24.82
N ARG B 290 8.65 -24.34 24.63
CA ARG B 290 8.28 -23.16 25.39
C ARG B 290 7.21 -22.33 24.70
N GLU B 291 6.14 -22.98 24.26
CA GLU B 291 5.11 -22.30 23.50
C GLU B 291 3.77 -22.35 24.20
N SER B 292 2.73 -21.89 23.52
CA SER B 292 1.39 -21.89 24.07
C SER B 292 0.59 -23.12 23.68
N GLY B 293 0.86 -23.69 22.51
CA GLY B 293 0.14 -24.86 22.04
C GLY B 293 0.86 -26.14 22.38
N VAL B 294 0.41 -27.22 21.75
CA VAL B 294 0.85 -28.57 22.09
C VAL B 294 1.53 -29.29 20.93
N ARG B 295 1.38 -28.80 19.70
CA ARG B 295 1.88 -29.53 18.54
C ARG B 295 3.39 -29.70 18.59
N ASN B 296 4.11 -28.71 19.08
CA ASN B 296 5.56 -28.83 19.13
C ASN B 296 6.00 -29.84 20.17
N LEU B 297 5.34 -29.86 21.33
CA LEU B 297 5.64 -30.90 22.31
C LEU B 297 5.35 -32.28 21.75
N GLN B 298 4.27 -32.41 20.99
CA GLN B 298 3.98 -33.68 20.33
C GLN B 298 5.07 -34.04 19.34
N LYS B 299 5.59 -33.05 18.62
CA LYS B 299 6.68 -33.32 17.67
C LYS B 299 7.92 -33.82 18.38
N GLN B 300 8.25 -33.22 19.52
CA GLN B 300 9.41 -33.66 20.27
C GLN B 300 9.22 -35.07 20.82
N VAL B 301 8.03 -35.36 21.33
CA VAL B 301 7.74 -36.70 21.84
C VAL B 301 7.87 -37.73 20.72
N GLU B 302 7.31 -37.42 19.54
CA GLU B 302 7.44 -38.32 18.41
C GLU B 302 8.90 -38.47 17.99
N LYS B 303 9.68 -37.39 18.08
CA LYS B 303 11.10 -37.47 17.73
C LYS B 303 11.85 -38.44 18.64
N VAL B 304 11.63 -38.31 19.94
CA VAL B 304 12.31 -39.19 20.90
C VAL B 304 11.92 -40.64 20.66
N LEU B 305 10.62 -40.91 20.58
CA LEU B 305 10.19 -42.29 20.39
C LEU B 305 10.63 -42.84 19.04
N ARG B 306 10.77 -41.97 18.04
CA ARG B 306 11.14 -42.41 16.70
C ARG B 306 12.61 -42.80 16.64
N LYS B 307 13.48 -41.99 17.22
CA LYS B 307 14.88 -42.35 17.29
C LYS B 307 15.07 -43.60 18.14
N SER B 308 14.26 -43.75 19.21
CA SER B 308 14.28 -45.00 19.97
C SER B 308 13.93 -46.19 19.10
N ALA B 309 12.88 -46.07 18.30
CA ALA B 309 12.47 -47.19 17.44
C ALA B 309 13.55 -47.52 16.43
N TYR B 310 14.23 -46.51 15.91
CA TYR B 310 15.31 -46.78 14.95
C TYR B 310 16.46 -47.50 15.63
N LYS B 311 16.82 -47.08 16.84
CA LYS B 311 17.87 -47.78 17.57
C LYS B 311 17.50 -49.23 17.82
N ILE B 312 16.22 -49.50 18.14
CA ILE B 312 15.81 -50.86 18.39
C ILE B 312 15.83 -51.69 17.11
N VAL B 313 15.21 -51.21 16.04
CA VAL B 313 15.12 -52.00 14.83
C VAL B 313 16.48 -52.30 14.23
N SER B 314 17.37 -51.32 14.16
CA SER B 314 18.70 -51.51 13.60
C SER B 314 19.56 -52.46 14.41
N GLY B 315 19.06 -52.97 15.54
CA GLY B 315 19.80 -53.92 16.33
C GLY B 315 20.81 -53.33 17.29
N GLU B 316 20.86 -52.01 17.41
CA GLU B 316 21.80 -51.40 18.35
C GLU B 316 21.45 -51.78 19.79
N ALA B 317 20.19 -51.60 20.18
CA ALA B 317 19.77 -51.87 21.53
C ALA B 317 18.44 -52.62 21.50
N GLU B 318 18.01 -53.06 22.67
CA GLU B 318 16.71 -53.69 22.85
C GLU B 318 15.81 -52.95 23.82
N SER B 319 16.35 -51.95 24.52
CA SER B 319 15.55 -51.12 25.43
C SER B 319 16.28 -49.81 25.61
N VAL B 320 15.68 -48.73 25.16
CA VAL B 320 16.27 -47.41 25.23
C VAL B 320 15.86 -46.74 26.54
N GLU B 321 16.76 -45.94 27.11
CA GLU B 321 16.49 -45.22 28.34
C GLU B 321 16.84 -43.75 28.12
N VAL B 322 15.82 -42.90 28.13
CA VAL B 322 16.00 -41.47 27.93
C VAL B 322 16.13 -40.82 29.29
N THR B 323 17.32 -40.35 29.62
CA THR B 323 17.60 -39.68 30.87
C THR B 323 17.90 -38.21 30.64
N PRO B 324 17.70 -37.36 31.66
CA PRO B 324 17.97 -35.92 31.47
C PRO B 324 19.39 -35.59 31.05
N GLU B 325 20.29 -36.56 30.98
CA GLU B 325 21.61 -36.37 30.41
C GLU B 325 21.68 -36.91 28.99
N ASN B 326 20.91 -37.97 28.72
CA ASN B 326 20.83 -38.59 27.42
C ASN B 326 19.77 -37.97 26.52
N LEU B 327 19.11 -36.90 26.94
CA LEU B 327 18.12 -36.27 26.09
C LEU B 327 18.76 -35.49 24.95
N GLN B 328 19.98 -34.99 25.17
CA GLN B 328 20.60 -34.06 24.23
C GLN B 328 20.75 -34.69 22.84
N ASP B 329 21.22 -35.93 22.79
CA ASP B 329 21.44 -36.60 21.52
C ASP B 329 20.17 -37.19 20.92
N PHE B 330 19.01 -36.81 21.45
CA PHE B 330 17.73 -37.21 20.88
C PHE B 330 16.98 -36.07 20.24
N VAL B 331 16.94 -34.91 20.88
CA VAL B 331 16.20 -33.76 20.37
C VAL B 331 17.11 -32.62 19.94
N GLY B 332 18.42 -32.77 20.13
CA GLY B 332 19.37 -31.78 19.62
C GLY B 332 19.85 -30.80 20.65
N LYS B 333 20.14 -29.58 20.22
CA LYS B 333 20.60 -28.54 21.12
C LYS B 333 19.41 -27.88 21.79
N PRO B 334 19.44 -27.67 23.11
CA PRO B 334 18.28 -27.09 23.79
C PRO B 334 18.04 -25.67 23.34
N VAL B 335 16.79 -25.38 22.98
CA VAL B 335 16.44 -24.07 22.45
C VAL B 335 16.63 -23.00 23.50
N PHE B 336 16.54 -23.37 24.78
CA PHE B 336 16.70 -22.44 25.88
C PHE B 336 17.69 -23.00 26.89
N THR B 337 18.42 -22.10 27.53
CA THR B 337 19.51 -22.47 28.44
C THR B 337 19.02 -22.43 29.87
N VAL B 338 19.31 -23.49 30.63
CA VAL B 338 18.96 -23.49 32.05
C VAL B 338 19.98 -22.71 32.88
N GLU B 339 21.26 -22.74 32.47
CA GLU B 339 22.27 -22.02 33.21
C GLU B 339 22.07 -20.52 33.07
N ARG B 340 22.23 -19.81 34.18
CA ARG B 340 22.06 -18.36 34.21
C ARG B 340 23.42 -17.67 34.26
N MET B 341 23.39 -16.35 34.13
CA MET B 341 24.64 -15.60 34.04
C MET B 341 25.45 -15.71 35.32
N TYR B 342 24.79 -15.81 36.46
CA TYR B 342 25.47 -15.85 37.75
C TYR B 342 24.70 -16.76 38.68
N ASP B 343 25.30 -17.89 39.06
CA ASP B 343 24.68 -18.71 40.09
C ASP B 343 24.90 -18.13 41.47
N VAL B 344 25.97 -17.35 41.64
CA VAL B 344 26.22 -16.56 42.85
C VAL B 344 26.57 -15.16 42.41
N THR B 345 25.83 -14.17 42.89
CA THR B 345 25.97 -12.82 42.36
C THR B 345 27.01 -12.03 43.17
N PRO B 346 27.96 -11.40 42.50
CA PRO B 346 28.93 -10.54 43.20
C PRO B 346 28.29 -9.21 43.58
N PRO B 347 29.02 -8.31 44.24
CA PRO B 347 28.45 -6.99 44.52
C PRO B 347 28.12 -6.24 43.25
N GLY B 348 27.00 -5.52 43.28
CA GLY B 348 26.60 -4.66 42.19
C GLY B 348 25.53 -5.24 41.29
N VAL B 349 25.44 -6.55 41.17
CA VAL B 349 24.49 -7.20 40.28
C VAL B 349 23.40 -7.88 41.11
N VAL B 350 22.15 -7.61 40.76
CA VAL B 350 21.00 -8.16 41.45
C VAL B 350 20.06 -8.75 40.43
N MET B 351 19.47 -9.90 40.76
CA MET B 351 18.61 -10.62 39.83
C MET B 351 17.19 -10.07 39.92
N GLY B 352 16.70 -9.50 38.82
CA GLY B 352 15.34 -9.08 38.73
C GLY B 352 14.63 -9.78 37.59
N LEU B 353 13.34 -10.00 37.71
CA LEU B 353 12.60 -10.70 36.68
C LEU B 353 11.58 -9.77 36.01
N ALA B 354 11.42 -9.95 34.70
CA ALA B 354 10.68 -9.01 33.86
C ALA B 354 9.64 -9.76 33.05
N TRP B 355 8.90 -8.99 32.25
CA TRP B 355 7.80 -9.49 31.45
C TRP B 355 8.00 -9.04 30.00
N THR B 356 8.24 -9.99 29.11
CA THR B 356 8.46 -9.72 27.70
C THR B 356 7.23 -10.08 26.89
N ALA B 357 7.29 -9.81 25.58
CA ALA B 357 6.21 -10.19 24.68
C ALA B 357 6.09 -11.71 24.58
N MET B 358 7.18 -12.42 24.81
CA MET B 358 7.11 -13.86 25.01
C MET B 358 6.78 -14.21 26.46
N GLY B 359 6.98 -13.29 27.38
CA GLY B 359 6.60 -13.46 28.77
C GLY B 359 7.64 -14.23 29.56
N GLY B 360 7.80 -13.84 30.82
CA GLY B 360 8.61 -14.60 31.75
C GLY B 360 10.10 -14.55 31.51
N SER B 361 10.73 -13.41 31.76
CA SER B 361 12.16 -13.27 31.60
C SER B 361 12.81 -12.86 32.92
N THR B 362 14.02 -13.34 33.15
CA THR B 362 14.83 -12.98 34.31
C THR B 362 16.11 -12.32 33.85
N LEU B 363 16.47 -11.23 34.51
CA LEU B 363 17.59 -10.41 34.07
C LEU B 363 18.43 -9.98 35.28
N PHE B 364 19.73 -9.81 35.03
CA PHE B 364 20.66 -9.37 36.08
C PHE B 364 20.98 -7.90 35.86
N VAL B 365 20.43 -7.06 36.73
CA VAL B 365 20.76 -5.64 36.70
C VAL B 365 22.16 -5.48 37.26
N GLU B 366 23.05 -4.86 36.48
CA GLU B 366 24.46 -4.81 36.81
C GLU B 366 24.90 -3.38 37.07
N THR B 367 25.91 -3.24 37.92
CA THR B 367 26.43 -1.92 38.26
C THR B 367 27.91 -2.05 38.54
N SER B 368 28.68 -1.15 37.94
CA SER B 368 30.12 -1.09 38.13
C SER B 368 30.52 0.36 38.32
N LEU B 369 31.82 0.63 38.32
CA LEU B 369 32.31 2.00 38.42
C LEU B 369 33.30 2.26 37.29
N ARG B 370 33.25 3.47 36.75
CA ARG B 370 34.08 3.84 35.60
C ARG B 370 35.40 4.45 36.04
N ARG B 371 35.34 5.53 36.76
CA ARG B 371 36.52 6.27 37.13
C ARG B 371 37.01 5.86 38.51
N PRO B 372 38.30 6.04 38.80
CA PRO B 372 38.86 5.78 40.13
C PRO B 372 38.32 6.73 41.18
N LYS B 381 34.05 14.68 42.46
CA LYS B 381 33.65 15.08 43.80
C LYS B 381 32.14 15.24 43.90
N ASP B 382 31.45 14.92 42.82
CA ASP B 382 30.00 14.90 42.79
C ASP B 382 29.42 13.55 42.40
N GLY B 383 30.13 12.76 41.61
CA GLY B 383 29.63 11.46 41.21
C GLY B 383 28.58 11.54 40.13
N SER B 384 28.49 10.51 39.29
CA SER B 384 27.54 10.52 38.19
C SER B 384 27.11 9.09 37.88
N LEU B 385 25.99 8.98 37.16
CA LEU B 385 25.41 7.70 36.79
C LEU B 385 25.33 7.62 35.27
N GLU B 386 25.86 6.55 34.71
CA GLU B 386 25.80 6.28 33.27
C GLU B 386 24.98 5.01 33.08
N VAL B 387 23.91 5.10 32.30
CA VAL B 387 22.92 4.03 32.20
C VAL B 387 22.88 3.52 30.77
N THR B 388 22.89 2.20 30.61
CA THR B 388 22.76 1.56 29.31
C THR B 388 21.71 0.46 29.40
N GLY B 389 21.18 0.09 28.24
CA GLY B 389 20.22 -0.99 28.17
C GLY B 389 19.01 -0.66 27.32
N GLN B 390 17.82 -0.88 27.86
CA GLN B 390 16.57 -0.61 27.14
C GLN B 390 16.31 0.89 27.21
N LEU B 391 16.92 1.64 26.29
CA LEU B 391 16.78 3.09 26.31
C LEU B 391 15.34 3.50 26.00
N GLY B 392 14.60 3.88 27.03
CA GLY B 392 13.26 4.40 26.87
C GLY B 392 13.13 5.69 27.67
N GLU B 393 12.39 6.66 27.12
CA GLU B 393 12.38 7.99 27.71
C GLU B 393 11.86 7.98 29.13
N VAL B 394 10.88 7.14 29.43
CA VAL B 394 10.38 7.05 30.80
C VAL B 394 11.32 6.23 31.68
N MET B 395 11.96 5.20 31.13
CA MET B 395 12.93 4.42 31.90
C MET B 395 14.11 5.28 32.31
N LYS B 396 14.44 6.30 31.51
CA LYS B 396 15.51 7.22 31.91
C LYS B 396 15.19 7.86 33.25
N GLU B 397 14.03 8.51 33.34
CA GLU B 397 13.62 9.13 34.59
C GLU B 397 13.43 8.10 35.69
N SER B 398 12.98 6.90 35.35
CA SER B 398 12.82 5.85 36.34
C SER B 398 14.15 5.53 37.01
N ALA B 399 15.17 5.23 36.20
CA ALA B 399 16.49 4.96 36.74
C ALA B 399 17.07 6.16 37.46
N ARG B 400 16.78 7.37 36.98
CA ARG B 400 17.25 8.57 37.66
C ARG B 400 16.73 8.65 39.08
N ILE B 401 15.41 8.53 39.25
CA ILE B 401 14.84 8.68 40.58
C ILE B 401 15.18 7.46 41.44
N ALA B 402 15.37 6.29 40.83
CA ALA B 402 15.83 5.14 41.59
C ALA B 402 17.23 5.40 42.15
N TYR B 403 18.10 5.98 41.34
CA TYR B 403 19.45 6.33 41.80
C TYR B 403 19.40 7.39 42.89
N THR B 404 18.52 8.39 42.73
CA THR B 404 18.41 9.43 43.75
C THR B 404 17.94 8.85 45.08
N PHE B 405 16.87 8.05 45.05
CA PHE B 405 16.41 7.41 46.27
C PHE B 405 17.47 6.51 46.87
N ALA B 406 18.24 5.82 46.03
CA ALA B 406 19.32 4.98 46.55
C ALA B 406 20.34 5.83 47.30
N ARG B 407 20.73 6.96 46.71
CA ARG B 407 21.71 7.82 47.37
C ARG B 407 21.19 8.34 48.70
N ALA B 408 19.93 8.79 48.73
CA ALA B 408 19.35 9.31 49.96
C ALA B 408 19.22 8.21 51.02
N PHE B 409 18.74 7.05 50.61
CA PHE B 409 18.60 5.94 51.54
C PHE B 409 19.94 5.54 52.12
N LEU B 410 20.99 5.55 51.29
CA LEU B 410 22.31 5.21 51.79
C LEU B 410 22.79 6.24 52.80
N MET B 411 22.66 7.53 52.47
CA MET B 411 23.14 8.56 53.38
C MET B 411 22.36 8.58 54.69
N GLN B 412 21.12 8.11 54.70
CA GLN B 412 20.38 8.04 55.96
C GLN B 412 20.64 6.75 56.73
N HIS B 413 20.92 5.65 56.02
CA HIS B 413 21.11 4.36 56.69
C HIS B 413 22.53 4.23 57.23
N ALA B 414 23.53 4.47 56.39
CA ALA B 414 24.93 4.48 56.80
C ALA B 414 25.51 5.83 56.42
N PRO B 415 25.63 6.77 57.37
CA PRO B 415 26.05 8.13 57.00
C PRO B 415 27.53 8.27 56.72
N ALA B 416 28.40 7.51 57.39
CA ALA B 416 29.83 7.61 57.19
C ALA B 416 30.30 6.97 55.89
N ASN B 417 29.39 6.57 55.01
CA ASN B 417 29.73 5.99 53.72
C ASN B 417 29.41 7.00 52.63
N ASP B 418 30.42 7.31 51.80
CA ASP B 418 30.30 8.35 50.79
C ASP B 418 30.46 7.81 49.36
N TYR B 419 30.43 6.48 49.19
CA TYR B 419 30.64 5.88 47.88
C TYR B 419 29.64 6.40 46.87
N LEU B 420 28.35 6.21 47.13
CA LEU B 420 27.31 6.53 46.16
C LEU B 420 27.17 8.04 45.94
N VAL B 421 27.96 8.85 46.63
CA VAL B 421 27.94 10.29 46.42
C VAL B 421 29.20 10.78 45.71
N THR B 422 30.38 10.28 46.06
CA THR B 422 31.62 10.76 45.47
C THR B 422 32.13 9.88 44.34
N SER B 423 31.41 8.81 43.98
CA SER B 423 31.88 7.88 42.98
C SER B 423 31.09 8.01 41.68
N HIS B 424 31.77 7.77 40.56
CA HIS B 424 31.14 7.71 39.25
C HIS B 424 30.89 6.24 38.91
N ILE B 425 29.64 5.91 38.58
CA ILE B 425 29.25 4.52 38.41
C ILE B 425 28.52 4.35 37.09
N HIS B 426 28.33 3.09 36.71
CA HIS B 426 27.68 2.68 35.48
C HIS B 426 26.62 1.66 35.81
N LEU B 427 25.41 1.88 35.30
CA LEU B 427 24.27 1.00 35.51
C LEU B 427 23.89 0.36 34.18
N HIS B 428 23.51 -0.91 34.23
CA HIS B 428 23.10 -1.63 33.03
C HIS B 428 21.86 -2.46 33.34
N VAL B 429 20.83 -2.28 32.52
CA VAL B 429 19.55 -2.96 32.67
C VAL B 429 19.28 -3.76 31.40
N PRO B 430 19.16 -5.08 31.46
CA PRO B 430 18.89 -5.86 30.25
C PRO B 430 17.53 -5.53 29.67
N GLU B 431 17.41 -5.79 28.37
CA GLU B 431 16.36 -5.20 27.54
C GLU B 431 15.16 -6.12 27.32
N GLY B 432 14.78 -6.91 28.32
CA GLY B 432 13.65 -7.81 28.13
C GLY B 432 12.31 -7.10 28.28
N ALA B 433 12.18 -6.25 29.29
CA ALA B 433 10.88 -5.74 29.69
C ALA B 433 10.30 -4.80 28.65
N THR B 434 9.00 -4.98 28.37
CA THR B 434 8.30 -4.10 27.45
C THR B 434 8.16 -2.71 28.07
N PRO B 435 7.97 -1.68 27.24
CA PRO B 435 7.93 -0.31 27.79
C PRO B 435 7.04 -0.15 29.02
N LYS B 436 5.83 -0.71 28.98
CA LYS B 436 4.92 -0.64 30.11
C LYS B 436 5.63 -0.98 31.42
N ASP B 437 6.29 -2.14 31.46
CA ASP B 437 6.99 -2.58 32.65
C ASP B 437 8.49 -2.34 32.57
N GLY B 438 8.94 -1.54 31.61
CA GLY B 438 10.31 -1.09 31.58
C GLY B 438 10.74 -0.49 32.90
N PRO B 439 9.99 0.50 33.39
CA PRO B 439 10.30 1.12 34.68
C PRO B 439 10.02 0.24 35.90
N SER B 440 9.50 -0.98 35.72
CA SER B 440 9.23 -1.85 36.84
C SER B 440 10.47 -2.38 37.53
N ALA B 441 11.67 -1.97 37.13
CA ALA B 441 12.91 -2.50 37.68
C ALA B 441 13.53 -1.59 38.72
N GLY B 442 12.80 -0.58 39.19
CA GLY B 442 13.39 0.39 40.11
C GLY B 442 13.87 -0.24 41.41
N CYS B 443 13.09 -1.18 41.94
CA CYS B 443 13.51 -1.91 43.13
C CYS B 443 14.86 -2.58 42.93
N THR B 444 15.01 -3.30 41.81
CA THR B 444 16.26 -4.01 41.55
C THR B 444 17.40 -3.02 41.32
N ILE B 445 17.12 -1.88 40.68
CA ILE B 445 18.16 -0.89 40.43
C ILE B 445 18.68 -0.33 41.74
N VAL B 446 17.77 0.04 42.65
CA VAL B 446 18.18 0.55 43.94
C VAL B 446 18.95 -0.50 44.72
N THR B 447 18.48 -1.75 44.68
CA THR B 447 19.19 -2.82 45.36
C THR B 447 20.60 -3.00 44.80
N ALA B 448 20.74 -2.88 43.48
CA ALA B 448 22.06 -3.03 42.87
C ALA B 448 22.99 -1.91 43.28
N LEU B 449 22.51 -0.67 43.20
CA LEU B 449 23.35 0.47 43.58
C LEU B 449 23.77 0.36 45.04
N LEU B 450 22.84 -0.01 45.93
CA LEU B 450 23.17 -0.13 47.34
C LEU B 450 24.11 -1.30 47.61
N SER B 451 23.91 -2.42 46.91
CA SER B 451 24.79 -3.56 47.09
C SER B 451 26.21 -3.23 46.66
N LEU B 452 26.36 -2.47 45.57
CA LEU B 452 27.68 -2.05 45.15
C LEU B 452 28.30 -1.09 46.16
N ALA B 453 27.53 -0.09 46.59
CA ALA B 453 28.08 0.91 47.50
C ALA B 453 28.45 0.29 48.84
N MET B 454 27.74 -0.74 49.27
CA MET B 454 28.03 -1.39 50.54
C MET B 454 29.04 -2.52 50.41
N GLY B 455 29.31 -3.00 49.20
CA GLY B 455 30.24 -4.09 49.03
C GLY B 455 29.74 -5.43 49.52
N ARG B 456 28.48 -5.52 49.93
CA ARG B 456 27.91 -6.77 50.43
C ARG B 456 27.02 -7.38 49.38
N PRO B 457 27.28 -8.60 48.92
CA PRO B 457 26.42 -9.21 47.90
C PRO B 457 25.02 -9.46 48.44
N VAL B 458 24.05 -9.45 47.54
CA VAL B 458 22.68 -9.78 47.91
C VAL B 458 22.56 -11.29 48.07
N ARG B 459 21.64 -11.71 48.93
CA ARG B 459 21.46 -13.13 49.18
C ARG B 459 20.99 -13.84 47.92
N GLN B 460 21.32 -15.12 47.82
CA GLN B 460 21.16 -15.87 46.60
C GLN B 460 19.69 -16.21 46.35
N ASN B 461 19.39 -16.52 45.09
CA ASN B 461 18.06 -16.96 44.67
C ASN B 461 16.97 -15.96 45.06
N LEU B 462 17.30 -14.67 44.96
CA LEU B 462 16.37 -13.61 45.30
C LEU B 462 16.11 -12.75 44.07
N ALA B 463 14.87 -12.79 43.58
CA ALA B 463 14.44 -11.94 42.49
C ALA B 463 13.37 -10.98 42.98
N MET B 464 13.36 -9.78 42.42
CA MET B 464 12.50 -8.72 42.94
C MET B 464 11.86 -7.95 41.81
N THR B 465 10.73 -7.31 42.12
CA THR B 465 10.02 -6.43 41.20
C THR B 465 9.44 -5.27 41.99
N GLY B 466 9.01 -4.24 41.25
CA GLY B 466 8.34 -3.12 41.87
C GLY B 466 8.93 -1.78 41.51
N GLU B 467 8.09 -0.86 41.09
CA GLU B 467 8.50 0.53 40.85
C GLU B 467 8.51 1.27 42.18
N VAL B 468 9.51 2.14 42.36
CA VAL B 468 9.62 2.96 43.55
C VAL B 468 9.18 4.38 43.24
N SER B 469 8.54 5.02 44.21
CA SER B 469 8.27 6.45 44.15
C SER B 469 9.46 7.19 44.76
N LEU B 470 9.29 8.50 44.99
CA LEU B 470 10.38 9.25 45.60
C LEU B 470 10.54 8.88 47.07
N THR B 471 9.43 8.81 47.80
CA THR B 471 9.49 8.46 49.21
C THR B 471 9.83 7.00 49.42
N GLY B 472 9.84 6.19 48.37
CA GLY B 472 10.06 4.77 48.48
C GLY B 472 8.81 3.92 48.39
N LYS B 473 7.70 4.49 47.95
CA LYS B 473 6.48 3.71 47.79
C LYS B 473 6.64 2.72 46.66
N ILE B 474 6.18 1.49 46.86
CA ILE B 474 6.32 0.44 45.88
C ILE B 474 4.98 0.28 45.17
N LEU B 475 4.93 0.74 43.92
CA LEU B 475 3.72 0.77 43.13
C LEU B 475 3.50 -0.56 42.42
N PRO B 476 2.25 -0.91 42.10
CA PRO B 476 1.96 -2.25 41.58
C PRO B 476 2.57 -2.47 40.20
N VAL B 477 2.86 -3.73 39.92
CA VAL B 477 3.45 -4.14 38.65
C VAL B 477 2.55 -5.18 38.00
N GLY B 478 2.72 -5.32 36.68
CA GLY B 478 1.90 -6.23 35.91
C GLY B 478 2.64 -7.48 35.46
N GLY B 479 1.89 -8.40 34.88
CA GLY B 479 2.44 -9.65 34.39
C GLY B 479 2.94 -10.56 35.50
N ILE B 480 2.20 -10.65 36.60
CA ILE B 480 2.67 -11.43 37.75
C ILE B 480 2.70 -12.92 37.42
N LYS B 481 1.78 -13.39 36.57
CA LYS B 481 1.80 -14.80 36.18
C LYS B 481 3.10 -15.14 35.43
N GLU B 482 3.45 -14.33 34.44
CA GLU B 482 4.68 -14.55 33.68
C GLU B 482 5.90 -14.38 34.57
N LYS B 483 5.89 -13.37 35.43
CA LYS B 483 7.02 -13.14 36.31
C LYS B 483 7.23 -14.30 37.26
N THR B 484 6.15 -14.89 37.76
CA THR B 484 6.25 -16.04 38.65
C THR B 484 6.75 -17.27 37.91
N ILE B 485 6.25 -17.50 36.69
CA ILE B 485 6.74 -18.64 35.91
C ILE B 485 8.23 -18.48 35.62
N ALA B 486 8.67 -17.25 35.34
CA ALA B 486 10.09 -17.01 35.12
C ALA B 486 10.89 -17.26 36.39
N ALA B 487 10.41 -16.79 37.53
CA ALA B 487 11.06 -17.07 38.80
C ALA B 487 11.25 -18.56 38.98
N LYS B 488 10.20 -19.34 38.70
CA LYS B 488 10.30 -20.79 38.84
C LYS B 488 11.35 -21.36 37.90
N ARG B 489 11.30 -21.00 36.63
CA ARG B 489 12.22 -21.58 35.65
C ARG B 489 13.67 -21.22 35.94
N ALA B 490 13.91 -20.06 36.53
CA ALA B 490 15.27 -19.61 36.77
C ALA B 490 15.81 -20.05 38.14
N GLY B 491 15.23 -21.08 38.73
CA GLY B 491 15.74 -21.61 39.99
C GLY B 491 15.62 -20.66 41.17
N VAL B 492 14.72 -19.69 41.10
CA VAL B 492 14.53 -18.73 42.18
C VAL B 492 13.59 -19.35 43.21
N THR B 493 13.77 -18.97 44.47
CA THR B 493 12.89 -19.41 45.55
C THR B 493 12.07 -18.28 46.14
N CYS B 494 12.72 -17.22 46.60
CA CYS B 494 12.05 -16.13 47.30
C CYS B 494 12.00 -14.90 46.41
N ILE B 495 10.81 -14.56 45.94
CA ILE B 495 10.60 -13.38 45.12
C ILE B 495 9.98 -12.30 45.99
N VAL B 496 10.09 -11.06 45.53
CA VAL B 496 9.59 -9.89 46.25
C VAL B 496 8.67 -9.12 45.33
N LEU B 497 7.45 -8.87 45.78
CA LEU B 497 6.42 -8.24 44.97
C LEU B 497 5.84 -7.04 45.71
N PRO B 498 5.24 -6.11 44.99
CA PRO B 498 4.50 -5.03 45.65
C PRO B 498 3.35 -5.59 46.48
N ALA B 499 3.00 -4.85 47.53
CA ALA B 499 1.96 -5.32 48.44
C ALA B 499 0.61 -5.44 47.75
N GLU B 500 0.29 -4.48 46.89
CA GLU B 500 -1.01 -4.45 46.24
C GLU B 500 -1.12 -5.40 45.06
N ASN B 501 -0.11 -6.24 44.83
CA ASN B 501 -0.23 -7.38 43.93
C ASN B 501 -0.56 -8.66 44.69
N LYS B 502 -1.01 -8.53 45.94
CA LYS B 502 -1.36 -9.69 46.75
C LYS B 502 -2.51 -10.46 46.13
N LYS B 503 -3.56 -9.74 45.72
CA LYS B 503 -4.70 -10.41 45.09
C LYS B 503 -4.33 -10.93 43.71
N ASP B 504 -3.51 -10.18 42.97
CA ASP B 504 -3.04 -10.67 41.66
C ASP B 504 -2.23 -11.95 41.79
N PHE B 505 -1.53 -12.12 42.92
CA PHE B 505 -0.70 -13.31 43.09
C PHE B 505 -1.50 -14.48 43.63
N TYR B 506 -2.35 -14.23 44.62
CA TYR B 506 -3.04 -15.32 45.29
C TYR B 506 -4.23 -15.84 44.50
N ASP B 507 -4.34 -15.48 43.22
CA ASP B 507 -5.25 -16.14 42.29
C ASP B 507 -4.51 -16.97 41.25
N LEU B 508 -3.20 -17.17 41.44
CA LEU B 508 -2.41 -18.05 40.59
C LEU B 508 -2.41 -19.45 41.18
N ALA B 509 -2.50 -20.45 40.29
CA ALA B 509 -2.69 -21.82 40.72
C ALA B 509 -1.54 -22.31 41.60
N ALA B 510 -1.81 -23.38 42.34
CA ALA B 510 -0.84 -23.89 43.29
C ALA B 510 0.38 -24.50 42.59
N PHE B 511 0.20 -25.09 41.42
CA PHE B 511 1.37 -25.59 40.71
C PHE B 511 2.22 -24.46 40.18
N ILE B 512 1.65 -23.26 40.02
CA ILE B 512 2.43 -22.10 39.64
C ILE B 512 3.14 -21.51 40.86
N THR B 513 2.44 -21.40 42.00
CA THR B 513 3.04 -20.90 43.24
C THR B 513 2.76 -21.86 44.38
N GLU B 514 3.55 -22.93 44.45
CA GLU B 514 3.61 -23.79 45.62
C GLU B 514 4.94 -23.70 46.36
N GLY B 515 6.06 -23.90 45.67
CA GLY B 515 7.35 -23.92 46.34
C GLY B 515 7.97 -22.55 46.53
N LEU B 516 7.23 -21.51 46.16
CA LEU B 516 7.73 -20.14 46.26
C LEU B 516 7.35 -19.56 47.62
N GLU B 517 8.33 -18.97 48.30
CA GLU B 517 8.06 -18.15 49.47
C GLU B 517 8.07 -16.69 49.04
N VAL B 518 6.96 -15.99 49.26
CA VAL B 518 6.77 -14.64 48.76
C VAL B 518 6.76 -13.67 49.92
N HIS B 519 7.40 -12.53 49.73
CA HIS B 519 7.38 -11.42 50.68
C HIS B 519 6.71 -10.24 49.98
N PHE B 520 5.67 -9.70 50.61
CA PHE B 520 4.97 -8.54 50.08
C PHE B 520 5.37 -7.32 50.88
N VAL B 521 5.74 -6.26 50.18
CA VAL B 521 6.37 -5.09 50.78
C VAL B 521 5.63 -3.83 50.37
N GLU B 522 5.54 -2.89 51.31
CA GLU B 522 4.92 -1.58 51.07
C GLU B 522 5.94 -0.45 51.19
N HIS B 523 7.22 -0.77 51.27
CA HIS B 523 8.27 0.23 51.43
C HIS B 523 9.61 -0.43 51.13
N TYR B 524 10.63 0.38 50.90
CA TYR B 524 11.94 -0.16 50.54
C TYR B 524 12.76 -0.62 51.74
N ARG B 525 12.44 -0.14 52.95
CA ARG B 525 13.11 -0.65 54.14
C ARG B 525 12.91 -2.15 54.27
N GLU B 526 11.72 -2.64 53.92
CA GLU B 526 11.43 -4.05 54.05
C GLU B 526 12.21 -4.88 53.04
N ILE B 527 12.38 -4.36 51.82
CA ILE B 527 13.21 -5.05 50.84
C ILE B 527 14.67 -5.06 51.30
N PHE B 528 15.11 -3.95 51.89
CA PHE B 528 16.45 -3.91 52.46
C PHE B 528 16.64 -5.01 53.50
N ASP B 529 15.63 -5.20 54.35
CA ASP B 529 15.70 -6.28 55.34
C ASP B 529 15.70 -7.64 54.65
N ILE B 530 14.91 -7.80 53.60
CA ILE B 530 14.82 -9.06 52.87
C ILE B 530 16.12 -9.43 52.18
N ALA B 531 16.95 -8.46 51.84
CA ALA B 531 18.30 -8.71 51.33
C ALA B 531 19.31 -8.68 52.47
N PHE B 532 18.88 -9.13 53.65
CA PHE B 532 19.60 -9.00 54.92
C PHE B 532 20.00 -7.55 55.21
N ALA C 1 -23.99 -52.16 -18.50
CA ALA C 1 -23.42 -51.18 -19.43
C ALA C 1 -22.20 -50.50 -18.80
N ILE C 2 -22.23 -49.16 -18.78
CA ILE C 2 -21.20 -48.40 -18.10
C ILE C 2 -21.25 -48.64 -16.60
N GLU C 3 -22.44 -48.90 -16.06
CA GLU C 3 -22.56 -49.22 -14.65
C GLU C 3 -21.75 -50.46 -14.30
N GLU C 4 -21.74 -51.46 -15.19
CA GLU C 4 -20.91 -52.64 -14.98
C GLU C 4 -19.43 -52.27 -14.97
N LYS C 5 -19.02 -51.34 -15.85
CA LYS C 5 -17.63 -50.92 -15.87
C LYS C 5 -17.23 -50.25 -14.56
N PHE C 6 -18.09 -49.39 -14.03
CA PHE C 6 -17.78 -48.73 -12.77
C PHE C 6 -17.74 -49.71 -11.61
N ARG C 7 -18.68 -50.65 -11.57
CA ARG C 7 -18.64 -51.66 -10.52
C ARG C 7 -17.38 -52.51 -10.61
N GLU C 8 -16.95 -52.84 -11.84
CA GLU C 8 -15.74 -53.63 -12.00
C GLU C 8 -14.49 -52.83 -11.63
N ARG C 9 -14.53 -51.51 -11.85
CA ARG C 9 -13.46 -50.67 -11.32
C ARG C 9 -13.43 -50.75 -9.80
N LEU C 10 -14.59 -50.65 -9.16
CA LEU C 10 -14.64 -50.56 -7.71
C LEU C 10 -14.31 -51.89 -7.04
N LYS C 11 -14.47 -53.01 -7.75
CA LYS C 11 -14.36 -54.32 -7.11
C LYS C 11 -13.02 -54.50 -6.39
N GLU C 12 -11.91 -54.19 -7.05
CA GLU C 12 -10.61 -54.43 -6.43
C GLU C 12 -10.35 -53.49 -5.25
N LEU C 13 -10.79 -52.24 -5.34
CA LEU C 13 -10.56 -51.28 -4.28
C LEU C 13 -11.33 -51.66 -3.03
N VAL C 14 -10.85 -51.17 -1.90
CA VAL C 14 -11.61 -51.29 -0.66
C VAL C 14 -12.17 -49.93 -0.31
N VAL C 15 -13.39 -49.65 -0.75
CA VAL C 15 -13.98 -48.33 -0.64
C VAL C 15 -14.61 -48.17 0.73
N PRO C 16 -14.66 -46.96 1.28
CA PRO C 16 -15.38 -46.75 2.54
C PRO C 16 -16.87 -46.58 2.30
N LYS C 17 -17.61 -46.60 3.41
CA LYS C 17 -19.07 -46.74 3.33
C LYS C 17 -19.73 -45.51 2.73
N HIS C 18 -19.31 -44.30 3.16
CA HIS C 18 -19.93 -43.09 2.63
C HIS C 18 -19.65 -42.94 1.15
N VAL C 19 -18.46 -43.32 0.71
CA VAL C 19 -18.14 -43.27 -0.71
C VAL C 19 -19.00 -44.26 -1.47
N MET C 20 -19.15 -45.47 -0.96
CA MET C 20 -20.00 -46.44 -1.64
C MET C 20 -21.45 -46.00 -1.69
N ASP C 21 -21.91 -45.29 -0.65
CA ASP C 21 -23.27 -44.77 -0.66
C ASP C 21 -23.45 -43.71 -1.75
N VAL C 22 -22.51 -42.77 -1.83
CA VAL C 22 -22.60 -41.75 -2.89
C VAL C 22 -22.55 -42.41 -4.26
N VAL C 23 -21.72 -43.44 -4.41
CA VAL C 23 -21.62 -44.12 -5.71
C VAL C 23 -22.94 -44.79 -6.06
N ASP C 24 -23.57 -45.44 -5.08
CA ASP C 24 -24.86 -46.09 -5.34
C ASP C 24 -25.90 -45.06 -5.75
N GLU C 25 -25.96 -43.93 -5.04
CA GLU C 25 -26.90 -42.88 -5.41
C GLU C 25 -26.66 -42.42 -6.83
N GLU C 26 -25.39 -42.23 -7.21
CA GLU C 26 -25.10 -41.70 -8.54
C GLU C 26 -25.43 -42.72 -9.62
N LEU C 27 -25.19 -44.00 -9.37
CA LEU C 27 -25.55 -45.01 -10.34
C LEU C 27 -27.07 -45.11 -10.49
N SER C 28 -27.80 -45.01 -9.37
CA SER C 28 -29.25 -45.01 -9.44
C SER C 28 -29.79 -43.80 -10.16
N LYS C 29 -29.09 -42.66 -10.07
CA LYS C 29 -29.53 -41.48 -10.79
C LYS C 29 -29.18 -41.57 -12.27
N LEU C 30 -28.02 -42.13 -12.59
CA LEU C 30 -27.61 -42.31 -13.98
C LEU C 30 -28.49 -43.31 -14.71
N GLY C 31 -29.02 -44.31 -14.00
CA GLY C 31 -29.82 -45.32 -14.66
C GLY C 31 -31.06 -44.76 -15.33
N LEU C 32 -31.62 -43.67 -14.80
CA LEU C 32 -32.86 -43.11 -15.28
C LEU C 32 -32.67 -41.80 -16.05
N LEU C 33 -31.54 -41.63 -16.71
CA LEU C 33 -31.19 -40.37 -17.36
C LEU C 33 -30.88 -40.64 -18.83
N ASP C 34 -31.45 -39.84 -19.71
CA ASP C 34 -31.31 -40.06 -21.14
C ASP C 34 -29.93 -39.63 -21.63
N ASN C 35 -29.33 -40.45 -22.50
CA ASN C 35 -27.98 -40.18 -22.96
C ASN C 35 -27.86 -38.85 -23.68
N HIS C 36 -28.95 -38.37 -24.28
CA HIS C 36 -28.91 -37.10 -25.02
C HIS C 36 -28.74 -35.91 -24.10
N SER C 37 -29.00 -36.05 -22.81
CA SER C 37 -28.99 -34.92 -21.91
C SER C 37 -27.58 -34.62 -21.43
N SER C 38 -27.42 -33.43 -20.84
CA SER C 38 -26.14 -33.04 -20.27
C SER C 38 -26.02 -33.44 -18.80
N GLU C 39 -27.14 -33.58 -18.11
CA GLU C 39 -27.09 -34.14 -16.76
C GLU C 39 -26.46 -35.53 -16.80
N PHE C 40 -26.72 -36.28 -17.87
CA PHE C 40 -26.15 -37.61 -17.97
C PHE C 40 -24.64 -37.58 -17.91
N ASN C 41 -24.01 -36.76 -18.74
CA ASN C 41 -22.55 -36.79 -18.77
C ASN C 41 -21.95 -36.06 -17.58
N VAL C 42 -22.68 -35.12 -16.97
CA VAL C 42 -22.26 -34.59 -15.68
C VAL C 42 -22.11 -35.72 -14.67
N THR C 43 -23.17 -36.53 -14.50
CA THR C 43 -23.11 -37.65 -13.58
C THR C 43 -22.11 -38.70 -14.02
N ARG C 44 -21.94 -38.90 -15.32
CA ARG C 44 -20.99 -39.88 -15.82
C ARG C 44 -19.56 -39.47 -15.48
N ASN C 45 -19.24 -38.18 -15.63
CA ASN C 45 -17.91 -37.72 -15.27
C ASN C 45 -17.69 -37.77 -13.77
N TYR C 46 -18.75 -37.49 -13.00
CA TYR C 46 -18.63 -37.62 -11.55
C TYR C 46 -18.31 -39.05 -11.15
N LEU C 47 -19.01 -40.02 -11.75
CA LEU C 47 -18.72 -41.42 -11.43
C LEU C 47 -17.34 -41.82 -11.92
N ASP C 48 -16.92 -41.29 -13.06
CA ASP C 48 -15.56 -41.49 -13.53
C ASP C 48 -14.54 -41.09 -12.47
N TRP C 49 -14.68 -39.87 -11.93
CA TRP C 49 -13.74 -39.40 -10.93
C TRP C 49 -13.85 -40.22 -9.64
N LEU C 50 -15.07 -40.55 -9.22
CA LEU C 50 -15.25 -41.28 -7.98
C LEU C 50 -14.65 -42.67 -8.04
N THR C 51 -14.67 -43.31 -9.21
CA THR C 51 -14.12 -44.65 -9.30
C THR C 51 -12.66 -44.68 -9.72
N SER C 52 -12.12 -43.60 -10.28
CA SER C 52 -10.71 -43.62 -10.66
C SER C 52 -9.77 -43.30 -9.52
N ILE C 53 -10.28 -43.03 -8.33
CA ILE C 53 -9.46 -42.66 -7.18
C ILE C 53 -9.17 -43.93 -6.38
N PRO C 54 -7.91 -44.22 -6.05
CA PRO C 54 -7.59 -45.49 -5.39
C PRO C 54 -7.97 -45.42 -3.92
N TRP C 55 -9.06 -46.10 -3.57
CA TRP C 55 -9.63 -45.91 -2.25
C TRP C 55 -8.92 -46.70 -1.17
N GLY C 56 -8.23 -47.78 -1.52
CA GLY C 56 -7.49 -48.51 -0.51
C GLY C 56 -6.17 -49.03 -1.01
N LYS C 57 -5.83 -48.69 -2.25
CA LYS C 57 -4.63 -49.19 -2.88
C LYS C 57 -3.41 -48.48 -2.30
N TYR C 58 -2.49 -49.27 -1.74
CA TYR C 58 -1.27 -48.75 -1.14
C TYR C 58 -0.07 -49.29 -1.89
N SER C 59 0.99 -48.51 -1.92
CA SER C 59 2.21 -48.95 -2.57
C SER C 59 2.89 -50.05 -1.74
N ASN C 60 3.63 -50.92 -2.42
CA ASN C 60 4.37 -51.98 -1.76
C ASN C 60 5.67 -51.38 -1.25
N GLU C 61 5.64 -50.89 -0.01
CA GLU C 61 6.71 -50.06 0.51
C GLU C 61 7.94 -50.88 0.87
N ASN C 62 9.11 -50.33 0.61
CA ASN C 62 10.37 -50.97 0.96
C ASN C 62 10.67 -50.72 2.44
N LEU C 63 10.86 -51.79 3.20
CA LEU C 63 11.15 -51.68 4.62
C LEU C 63 12.49 -52.29 4.99
N ASP C 64 13.44 -52.30 4.06
CA ASP C 64 14.79 -52.77 4.33
C ASP C 64 15.69 -51.57 4.50
N LEU C 65 16.23 -51.39 5.70
CA LEU C 65 17.07 -50.23 5.97
C LEU C 65 18.37 -50.28 5.18
N ALA C 66 18.90 -51.47 4.95
CA ALA C 66 20.13 -51.59 4.16
C ALA C 66 19.93 -51.04 2.76
N ARG C 67 18.92 -51.54 2.05
CA ARG C 67 18.65 -51.06 0.70
C ARG C 67 18.27 -49.58 0.71
N ALA C 68 17.47 -49.16 1.67
CA ALA C 68 17.08 -47.75 1.74
C ALA C 68 18.29 -46.86 1.91
N GLN C 69 19.21 -47.22 2.81
CA GLN C 69 20.39 -46.42 3.01
C GLN C 69 21.29 -46.43 1.79
N ALA C 70 21.38 -47.57 1.09
CA ALA C 70 22.18 -47.64 -0.12
C ALA C 70 21.65 -46.67 -1.17
N VAL C 71 20.36 -46.78 -1.49
CA VAL C 71 19.78 -45.92 -2.51
C VAL C 71 19.77 -44.47 -2.06
N LEU C 72 19.75 -44.23 -0.76
CA LEU C 72 19.75 -42.87 -0.26
C LEU C 72 21.14 -42.25 -0.32
N GLU C 73 22.19 -43.05 -0.19
CA GLU C 73 23.55 -42.55 -0.18
C GLU C 73 24.22 -42.60 -1.54
N GLU C 74 23.62 -43.25 -2.53
CA GLU C 74 24.23 -43.27 -3.86
C GLU C 74 23.79 -42.10 -4.72
N ASP C 75 23.06 -41.12 -4.17
CA ASP C 75 22.59 -40.01 -4.98
C ASP C 75 22.80 -38.63 -4.37
N HIS C 76 23.04 -38.53 -3.06
CA HIS C 76 23.34 -37.25 -2.44
C HIS C 76 24.37 -37.46 -1.34
N TYR C 77 25.33 -36.56 -1.25
CA TYR C 77 26.50 -36.80 -0.41
C TYR C 77 26.18 -36.67 1.08
N GLY C 78 25.80 -35.48 1.52
CA GLY C 78 25.68 -35.23 2.94
C GLY C 78 24.29 -35.46 3.47
N MET C 79 23.65 -34.40 3.95
CA MET C 79 22.24 -34.42 4.34
C MET C 79 21.96 -35.52 5.37
N GLU C 80 22.79 -35.54 6.42
CA GLU C 80 22.62 -36.58 7.42
C GLU C 80 21.28 -36.44 8.15
N ASP C 81 20.83 -35.21 8.40
CA ASP C 81 19.55 -35.03 9.06
C ASP C 81 18.41 -35.62 8.23
N VAL C 82 18.41 -35.34 6.93
CA VAL C 82 17.35 -35.84 6.07
C VAL C 82 17.40 -37.36 5.97
N LYS C 83 18.60 -37.90 5.77
CA LYS C 83 18.71 -39.35 5.61
C LYS C 83 18.33 -40.07 6.91
N LYS C 84 18.71 -39.51 8.06
CA LYS C 84 18.34 -40.11 9.32
C LYS C 84 16.84 -40.02 9.55
N ARG C 85 16.22 -38.90 9.18
CA ARG C 85 14.77 -38.80 9.33
C ARG C 85 14.07 -39.85 8.49
N ILE C 86 14.55 -40.09 7.27
CA ILE C 86 13.91 -41.09 6.43
C ILE C 86 14.12 -42.49 6.99
N LEU C 87 15.33 -42.79 7.48
CA LEU C 87 15.58 -44.10 8.04
C LEU C 87 14.74 -44.35 9.27
N GLU C 88 14.54 -43.32 10.09
CA GLU C 88 13.68 -43.47 11.25
C GLU C 88 12.22 -43.63 10.84
N PHE C 89 11.80 -42.91 9.81
CA PHE C 89 10.46 -43.12 9.25
C PHE C 89 10.26 -44.57 8.88
N ILE C 90 11.26 -45.17 8.23
CA ILE C 90 11.17 -46.57 7.83
C ILE C 90 11.10 -47.47 9.06
N ALA C 91 12.01 -47.26 10.02
CA ALA C 91 12.03 -48.08 11.22
C ALA C 91 10.69 -48.03 11.95
N VAL C 92 10.06 -46.87 11.99
CA VAL C 92 8.77 -46.75 12.66
C VAL C 92 7.69 -47.47 11.86
N SER C 93 7.67 -47.26 10.54
CA SER C 93 6.69 -47.95 9.71
C SER C 93 6.81 -49.45 9.84
N GLN C 94 8.01 -49.94 10.16
CA GLN C 94 8.24 -51.37 10.31
C GLN C 94 7.88 -51.87 11.70
N LEU C 95 8.22 -51.11 12.74
CA LEU C 95 7.87 -51.50 14.11
C LEU C 95 6.36 -51.48 14.32
N ARG C 96 5.68 -50.51 13.72
CA ARG C 96 4.23 -50.54 13.67
C ARG C 96 3.84 -51.53 12.58
N GLY C 97 2.57 -51.56 12.21
CA GLY C 97 2.16 -52.58 11.27
C GLY C 97 2.14 -52.13 9.83
N SER C 98 1.57 -50.96 9.58
CA SER C 98 1.20 -50.53 8.24
C SER C 98 1.95 -49.26 7.86
N THR C 99 1.65 -48.78 6.65
CA THR C 99 2.23 -47.54 6.16
C THR C 99 1.72 -46.36 6.97
N GLN C 100 2.42 -45.24 6.85
CA GLN C 100 2.07 -44.05 7.61
C GLN C 100 2.40 -42.82 6.78
N GLY C 101 1.99 -41.66 7.29
CA GLY C 101 2.21 -40.40 6.61
C GLY C 101 2.71 -39.34 7.56
N LYS C 102 3.41 -38.36 6.99
CA LYS C 102 4.01 -37.30 7.77
C LYS C 102 3.91 -36.01 6.97
N ILE C 103 4.30 -34.90 7.62
CA ILE C 103 4.33 -33.58 6.99
C ILE C 103 5.65 -32.94 7.38
N LEU C 104 6.61 -32.94 6.47
CA LEU C 104 7.93 -32.40 6.72
C LEU C 104 8.14 -31.12 5.93
N CYS C 105 9.08 -30.30 6.39
CA CYS C 105 9.49 -29.11 5.65
C CYS C 105 11.00 -29.02 5.69
N PHE C 106 11.62 -28.97 4.51
CA PHE C 106 13.06 -28.77 4.38
C PHE C 106 13.31 -27.31 4.07
N TYR C 107 14.10 -26.65 4.90
CA TYR C 107 14.44 -25.26 4.66
C TYR C 107 15.94 -25.07 4.81
N GLY C 108 16.46 -24.11 4.05
CA GLY C 108 17.88 -23.87 4.02
C GLY C 108 18.23 -22.95 2.88
N PRO C 109 19.52 -22.64 2.73
CA PRO C 109 19.94 -21.73 1.69
C PRO C 109 19.67 -22.31 0.31
N PRO C 110 19.72 -21.50 -0.74
CA PRO C 110 19.53 -22.05 -2.08
C PRO C 110 20.74 -22.84 -2.53
N GLY C 111 20.46 -23.91 -3.28
CA GLY C 111 21.50 -24.69 -3.90
C GLY C 111 21.77 -26.03 -3.24
N VAL C 112 21.39 -26.19 -1.98
CA VAL C 112 21.50 -27.47 -1.30
C VAL C 112 20.41 -28.36 -1.87
N GLY C 113 20.46 -29.66 -1.58
CA GLY C 113 19.55 -30.56 -2.26
C GLY C 113 18.14 -30.65 -1.71
N LYS C 114 17.47 -29.52 -1.49
CA LYS C 114 16.14 -29.55 -0.90
C LYS C 114 15.11 -30.14 -1.86
N THR C 115 15.15 -29.73 -3.13
CA THR C 115 14.21 -30.27 -4.10
C THR C 115 14.67 -31.62 -4.64
N SER C 116 15.96 -31.78 -4.89
CA SER C 116 16.44 -32.99 -5.54
C SER C 116 16.46 -34.20 -4.61
N ILE C 117 16.35 -34.00 -3.30
CA ILE C 117 16.35 -35.14 -2.39
C ILE C 117 15.01 -35.84 -2.34
N ALA C 118 13.93 -35.18 -2.75
CA ALA C 118 12.61 -35.76 -2.61
C ALA C 118 12.40 -36.94 -3.54
N ARG C 119 12.87 -36.83 -4.78
CA ARG C 119 12.74 -37.94 -5.72
C ARG C 119 13.56 -39.13 -5.24
N SER C 120 14.73 -38.87 -4.69
CA SER C 120 15.54 -39.95 -4.13
C SER C 120 14.86 -40.60 -2.95
N ILE C 121 14.21 -39.80 -2.10
CA ILE C 121 13.48 -40.35 -0.96
C ILE C 121 12.33 -41.22 -1.43
N ALA C 122 11.63 -40.78 -2.48
CA ALA C 122 10.56 -41.59 -3.05
C ALA C 122 11.09 -42.91 -3.58
N ARG C 123 12.18 -42.87 -4.34
CA ARG C 123 12.77 -44.10 -4.85
C ARG C 123 13.23 -45.02 -3.72
N ALA C 124 13.71 -44.42 -2.63
CA ALA C 124 14.19 -45.21 -1.49
C ALA C 124 13.04 -45.92 -0.80
N LEU C 125 11.97 -45.19 -0.50
CA LEU C 125 10.81 -45.80 0.15
C LEU C 125 9.98 -46.65 -0.81
N ASN C 126 10.28 -46.62 -2.10
CA ASN C 126 9.46 -47.28 -3.11
C ASN C 126 8.03 -46.74 -3.07
N ARG C 127 7.90 -45.46 -2.80
CA ARG C 127 6.63 -44.76 -2.88
C ARG C 127 6.53 -44.04 -4.23
N GLU C 128 5.33 -43.60 -4.55
CA GLU C 128 5.14 -42.85 -5.78
C GLU C 128 5.46 -41.38 -5.55
N TYR C 129 5.93 -40.72 -6.60
CA TYR C 129 6.42 -39.36 -6.51
C TYR C 129 5.55 -38.42 -7.34
N PHE C 130 5.41 -37.19 -6.87
CA PHE C 130 4.62 -36.18 -7.54
C PHE C 130 5.07 -34.82 -7.02
N ARG C 131 5.38 -33.90 -7.93
CA ARG C 131 5.86 -32.58 -7.56
C ARG C 131 4.82 -31.54 -7.93
N PHE C 132 4.31 -30.85 -6.91
CA PHE C 132 3.34 -29.77 -7.07
C PHE C 132 4.05 -28.48 -6.67
N SER C 133 4.16 -27.56 -7.62
CA SER C 133 4.91 -26.32 -7.42
C SER C 133 3.94 -25.18 -7.16
N VAL C 134 4.03 -24.59 -5.98
CA VAL C 134 3.10 -23.56 -5.56
C VAL C 134 3.73 -22.17 -5.62
N GLY C 135 4.85 -22.04 -6.32
CA GLY C 135 5.53 -20.75 -6.39
C GLY C 135 4.70 -19.68 -7.05
N GLY C 136 4.25 -18.71 -6.26
CA GLY C 136 3.55 -17.56 -6.79
C GLY C 136 2.10 -17.77 -7.13
N MET C 137 1.56 -18.98 -6.96
CA MET C 137 0.20 -19.26 -7.36
C MET C 137 -0.80 -18.69 -6.35
N THR C 138 -1.94 -18.23 -6.88
CA THR C 138 -2.97 -17.62 -6.07
C THR C 138 -4.32 -18.30 -6.19
N ASP C 139 -4.43 -19.36 -6.97
CA ASP C 139 -5.70 -20.03 -7.22
C ASP C 139 -5.94 -21.06 -6.12
N VAL C 140 -6.92 -20.79 -5.26
CA VAL C 140 -7.31 -21.80 -4.28
C VAL C 140 -7.95 -23.00 -4.97
N ALA C 141 -8.45 -22.80 -6.19
CA ALA C 141 -9.05 -23.89 -6.94
C ALA C 141 -8.02 -24.96 -7.29
N GLU C 142 -6.75 -24.59 -7.38
CA GLU C 142 -5.74 -25.61 -7.66
C GLU C 142 -5.51 -26.53 -6.48
N ILE C 143 -6.07 -26.22 -5.31
CA ILE C 143 -5.99 -27.09 -4.16
C ILE C 143 -7.33 -27.71 -3.80
N LYS C 144 -8.43 -27.00 -3.99
CA LYS C 144 -9.73 -27.50 -3.57
C LYS C 144 -10.67 -27.83 -4.70
N GLY C 145 -10.31 -27.57 -5.95
CA GLY C 145 -11.18 -27.86 -7.07
C GLY C 145 -12.39 -26.95 -7.15
N HIS C 146 -13.24 -27.23 -8.11
CA HIS C 146 -14.48 -26.50 -8.31
C HIS C 146 -15.68 -27.43 -8.15
N ARG C 147 -16.84 -26.84 -7.93
CA ARG C 147 -18.08 -27.58 -7.81
C ARG C 147 -18.48 -28.17 -9.16
N ARG C 148 -19.30 -29.24 -9.12
CA ARG C 148 -19.69 -29.92 -10.34
C ARG C 148 -20.55 -29.05 -11.24
N THR C 149 -21.26 -28.07 -10.67
CA THR C 149 -22.21 -27.29 -11.45
C THR C 149 -21.54 -26.59 -12.61
N TYR C 150 -20.31 -26.14 -12.45
CA TYR C 150 -19.59 -25.44 -13.49
C TYR C 150 -19.19 -26.40 -14.60
N VAL C 151 -18.90 -25.83 -15.77
CA VAL C 151 -18.76 -26.62 -16.98
C VAL C 151 -17.49 -27.46 -16.94
N GLY C 152 -16.34 -26.81 -16.85
CA GLY C 152 -15.09 -27.54 -16.93
C GLY C 152 -14.52 -27.87 -15.57
N ALA C 153 -15.39 -28.30 -14.65
CA ALA C 153 -14.98 -28.54 -13.28
C ALA C 153 -13.95 -29.67 -13.20
N MET C 154 -13.04 -29.54 -12.25
CA MET C 154 -11.98 -30.51 -12.03
C MET C 154 -11.67 -30.54 -10.54
N PRO C 155 -11.13 -31.64 -10.04
CA PRO C 155 -11.07 -31.84 -8.59
C PRO C 155 -9.96 -31.10 -7.86
N GLY C 156 -8.86 -30.79 -8.52
CA GLY C 156 -7.75 -30.19 -7.80
C GLY C 156 -6.50 -31.06 -7.87
N LYS C 157 -5.34 -30.47 -7.61
CA LYS C 157 -4.09 -31.16 -7.92
C LYS C 157 -3.84 -32.35 -7.01
N ILE C 158 -4.34 -32.33 -5.78
CA ILE C 158 -4.10 -33.46 -4.89
C ILE C 158 -4.90 -34.68 -5.35
N ILE C 159 -6.16 -34.47 -5.71
CA ILE C 159 -6.98 -35.58 -6.19
C ILE C 159 -6.48 -36.06 -7.55
N GLN C 160 -6.04 -35.13 -8.40
CA GLN C 160 -5.44 -35.54 -9.67
C GLN C 160 -4.14 -36.30 -9.44
N CYS C 161 -3.39 -35.95 -8.39
CA CYS C 161 -2.23 -36.73 -7.99
C CYS C 161 -2.61 -38.16 -7.66
N LEU C 162 -3.63 -38.33 -6.81
CA LEU C 162 -4.05 -39.68 -6.44
C LEU C 162 -4.48 -40.47 -7.66
N LYS C 163 -5.28 -39.86 -8.54
CA LYS C 163 -5.74 -40.57 -9.72
C LYS C 163 -4.57 -40.95 -10.64
N LYS C 164 -3.65 -40.02 -10.84
CA LYS C 164 -2.54 -40.26 -11.76
C LYS C 164 -1.48 -41.19 -11.19
N THR C 165 -1.46 -41.36 -9.87
CA THR C 165 -0.45 -42.20 -9.25
C THR C 165 -1.01 -43.56 -8.82
N LYS C 166 -2.33 -43.71 -8.79
CA LYS C 166 -2.99 -45.00 -8.57
C LYS C 166 -2.70 -45.58 -7.20
N THR C 167 -2.35 -44.77 -6.22
CA THR C 167 -2.10 -45.29 -4.89
C THR C 167 -2.39 -44.19 -3.88
N GLU C 168 -2.68 -44.61 -2.65
CA GLU C 168 -2.88 -43.67 -1.55
C GLU C 168 -1.63 -43.51 -0.70
N ASN C 169 -0.47 -43.96 -1.19
CA ASN C 169 0.82 -43.75 -0.54
C ASN C 169 1.78 -42.93 -1.37
N PRO C 170 1.44 -41.73 -1.81
CA PRO C 170 2.42 -40.97 -2.58
C PRO C 170 3.31 -40.12 -1.71
N LEU C 171 4.42 -39.67 -2.28
CA LEU C 171 5.28 -38.67 -1.69
C LEU C 171 5.03 -37.40 -2.47
N ILE C 172 4.23 -36.50 -1.90
CA ILE C 172 3.87 -35.26 -2.57
C ILE C 172 4.85 -34.18 -2.16
N LEU C 173 5.55 -33.63 -3.14
CA LEU C 173 6.50 -32.55 -2.92
C LEU C 173 5.82 -31.22 -3.22
N ILE C 174 5.84 -30.31 -2.24
CA ILE C 174 5.29 -28.99 -2.42
C ILE C 174 6.45 -28.00 -2.48
N ASP C 175 6.77 -27.56 -3.69
CA ASP C 175 7.99 -26.83 -3.91
C ASP C 175 7.75 -25.33 -3.74
N GLU C 176 8.69 -24.66 -3.08
CA GLU C 176 8.64 -23.22 -2.82
C GLU C 176 7.34 -22.84 -2.13
N VAL C 177 7.15 -23.42 -0.94
CA VAL C 177 5.92 -23.18 -0.18
C VAL C 177 5.90 -21.86 0.55
N ASP C 178 7.04 -21.17 0.64
CA ASP C 178 7.08 -19.85 1.22
C ASP C 178 6.91 -18.75 0.18
N LYS C 179 6.82 -19.11 -1.09
CA LYS C 179 6.62 -18.15 -2.17
C LYS C 179 5.20 -18.18 -2.72
N ILE C 180 4.26 -18.76 -1.98
CA ILE C 180 2.88 -18.91 -2.43
C ILE C 180 2.25 -17.52 -2.55
N GLY C 181 1.10 -17.44 -3.21
CA GLY C 181 0.58 -16.17 -3.67
C GLY C 181 0.16 -15.14 -2.64
N ARG C 182 -0.95 -15.38 -1.94
CA ARG C 182 -1.49 -14.44 -0.95
C ARG C 182 -1.76 -13.07 -1.60
N GLY C 183 -2.76 -13.07 -2.47
CA GLY C 183 -3.13 -11.85 -3.18
C GLY C 183 -4.63 -11.65 -3.26
N TYR C 184 -5.00 -10.57 -3.94
CA TYR C 184 -6.42 -10.28 -4.17
C TYR C 184 -7.12 -11.43 -4.89
N GLN C 185 -6.40 -12.14 -5.75
CA GLN C 185 -6.99 -13.21 -6.54
C GLN C 185 -7.22 -14.49 -5.75
N GLY C 186 -6.77 -14.55 -4.51
CA GLY C 186 -6.95 -15.72 -3.69
C GLY C 186 -5.81 -15.88 -2.73
N ASP C 187 -6.07 -16.64 -1.66
CA ASP C 187 -5.09 -16.91 -0.62
C ASP C 187 -5.02 -18.42 -0.42
N PRO C 188 -4.32 -19.14 -1.30
CA PRO C 188 -4.30 -20.60 -1.21
C PRO C 188 -3.61 -21.15 0.03
N SER C 189 -2.93 -20.30 0.81
CA SER C 189 -2.26 -20.79 2.00
C SER C 189 -3.26 -21.32 3.02
N SER C 190 -4.47 -20.80 3.03
CA SER C 190 -5.48 -21.28 3.97
C SER C 190 -6.01 -22.65 3.57
N ALA C 191 -6.23 -22.88 2.27
CA ALA C 191 -6.57 -24.23 1.84
C ALA C 191 -5.43 -25.18 2.15
N LEU C 192 -4.19 -24.71 2.00
CA LEU C 192 -3.05 -25.53 2.36
C LEU C 192 -3.04 -25.83 3.86
N LEU C 193 -3.57 -24.89 4.64
CA LEU C 193 -3.73 -25.11 6.08
C LEU C 193 -4.69 -26.25 6.33
N GLU C 194 -5.80 -26.27 5.60
CA GLU C 194 -6.77 -27.35 5.77
C GLU C 194 -6.23 -28.67 5.26
N LEU C 195 -5.35 -28.64 4.27
CA LEU C 195 -4.80 -29.86 3.68
C LEU C 195 -3.73 -30.47 4.58
N LEU C 196 -2.77 -29.68 5.03
CA LEU C 196 -1.66 -30.18 5.82
C LEU C 196 -1.95 -30.11 7.31
N ASP C 197 -3.09 -30.64 7.74
CA ASP C 197 -3.42 -30.69 9.16
C ASP C 197 -3.19 -32.09 9.67
N PRO C 198 -2.28 -32.32 10.61
CA PRO C 198 -1.91 -33.71 10.95
C PRO C 198 -3.05 -34.54 11.50
N GLU C 199 -4.16 -33.93 11.89
CA GLU C 199 -5.28 -34.67 12.46
C GLU C 199 -6.53 -34.68 11.60
N GLN C 200 -6.82 -33.60 10.89
CA GLN C 200 -7.97 -33.53 10.00
C GLN C 200 -7.63 -33.94 8.58
N ASN C 201 -6.36 -34.13 8.27
CA ASN C 201 -5.96 -34.61 6.95
C ASN C 201 -6.61 -35.95 6.64
N ALA C 202 -7.05 -36.66 7.68
CA ALA C 202 -7.71 -37.94 7.48
C ALA C 202 -9.03 -37.78 6.73
N ASN C 203 -9.66 -36.61 6.82
CA ASN C 203 -10.90 -36.37 6.08
C ASN C 203 -10.81 -35.00 5.44
N PHE C 204 -10.21 -34.95 4.25
CA PHE C 204 -10.03 -33.74 3.47
C PHE C 204 -10.94 -33.83 2.27
N LEU C 205 -11.87 -32.90 2.13
CA LEU C 205 -12.79 -32.91 1.00
C LEU C 205 -12.53 -31.69 0.14
N ASP C 206 -12.32 -31.92 -1.15
CA ASP C 206 -12.30 -30.84 -2.12
C ASP C 206 -13.72 -30.59 -2.62
N HIS C 207 -13.86 -29.56 -3.44
CA HIS C 207 -15.19 -29.08 -3.80
C HIS C 207 -15.78 -29.79 -5.01
N TYR C 208 -15.03 -30.68 -5.66
CA TYR C 208 -15.60 -31.47 -6.74
C TYR C 208 -16.18 -32.77 -6.23
N LEU C 209 -15.35 -33.58 -5.57
CA LEU C 209 -15.82 -34.72 -4.80
C LEU C 209 -16.41 -34.20 -3.51
N ASP C 210 -17.71 -34.29 -3.35
CA ASP C 210 -18.15 -33.85 -2.03
C ASP C 210 -17.87 -34.86 -0.94
N VAL C 211 -17.11 -35.92 -1.21
CA VAL C 211 -16.81 -36.92 -0.20
C VAL C 211 -15.39 -36.70 0.29
N PRO C 212 -15.09 -36.99 1.55
CA PRO C 212 -13.72 -36.78 2.05
C PRO C 212 -12.80 -37.91 1.68
N VAL C 213 -11.53 -37.55 1.45
CA VAL C 213 -10.49 -38.50 1.10
C VAL C 213 -9.49 -38.56 2.25
N ASP C 214 -9.01 -39.76 2.54
CA ASP C 214 -8.08 -39.99 3.64
C ASP C 214 -6.65 -39.80 3.14
N LEU C 215 -6.09 -38.62 3.40
CA LEU C 215 -4.72 -38.32 3.03
C LEU C 215 -3.75 -38.48 4.18
N SER C 216 -4.14 -39.23 5.21
CA SER C 216 -3.28 -39.35 6.38
C SER C 216 -2.02 -40.15 6.06
N LYS C 217 -2.13 -41.13 5.18
CA LYS C 217 -0.96 -41.92 4.77
C LYS C 217 -0.35 -41.41 3.48
N VAL C 218 -0.09 -40.10 3.44
CA VAL C 218 0.59 -39.45 2.34
C VAL C 218 1.80 -38.74 2.92
N LEU C 219 2.96 -38.91 2.29
CA LEU C 219 4.17 -38.26 2.77
C LEU C 219 4.28 -36.89 2.12
N PHE C 220 3.99 -35.85 2.88
CA PHE C 220 4.08 -34.48 2.36
C PHE C 220 5.46 -33.93 2.70
N ILE C 221 6.15 -33.40 1.69
CA ILE C 221 7.44 -32.75 1.89
C ILE C 221 7.36 -31.37 1.26
N CYS C 222 7.32 -30.34 2.09
CA CYS C 222 7.35 -28.97 1.62
C CYS C 222 8.79 -28.50 1.61
N THR C 223 9.15 -27.70 0.63
CA THR C 223 10.50 -27.13 0.57
C THR C 223 10.41 -25.62 0.59
N ALA C 224 10.98 -25.02 1.62
CA ALA C 224 11.01 -23.57 1.75
C ALA C 224 12.45 -23.10 1.82
N ASN C 225 12.64 -21.81 1.60
CA ASN C 225 13.95 -21.20 1.67
C ASN C 225 14.12 -20.37 2.94
N VAL C 226 13.20 -19.45 3.19
CA VAL C 226 13.12 -18.76 4.46
C VAL C 226 11.85 -19.20 5.16
N THR C 227 11.79 -18.95 6.46
CA THR C 227 10.69 -19.41 7.29
C THR C 227 9.74 -18.31 7.71
N ASP C 228 10.22 -17.08 7.90
CA ASP C 228 9.37 -16.00 8.37
C ASP C 228 8.23 -15.69 7.41
N THR C 229 8.32 -16.14 6.16
CA THR C 229 7.23 -15.89 5.22
C THR C 229 6.06 -16.82 5.45
N ILE C 230 6.32 -18.04 5.88
CA ILE C 230 5.25 -19.03 6.11
C ILE C 230 4.43 -18.57 7.32
N PRO C 231 3.10 -18.56 7.23
CA PRO C 231 2.29 -18.20 8.39
C PRO C 231 2.45 -19.19 9.54
N GLU C 232 2.07 -18.72 10.72
CA GLU C 232 2.32 -19.41 11.97
C GLU C 232 1.59 -20.75 12.07
N PRO C 233 0.31 -20.85 11.69
CA PRO C 233 -0.33 -22.18 11.74
C PRO C 233 0.26 -23.19 10.78
N LEU C 234 0.72 -22.78 9.60
CA LEU C 234 1.46 -23.72 8.75
C LEU C 234 2.77 -24.14 9.40
N ARG C 235 3.56 -23.18 9.87
CA ARG C 235 4.79 -23.53 10.56
C ARG C 235 4.54 -24.48 11.71
N ASP C 236 3.37 -24.37 12.34
CA ASP C 236 2.98 -25.27 13.42
C ASP C 236 2.63 -26.65 12.88
N ARG C 237 1.96 -26.71 11.73
CA ARG C 237 1.54 -27.99 11.18
C ARG C 237 2.69 -28.79 10.61
N MET C 238 3.75 -28.14 10.15
CA MET C 238 4.86 -28.83 9.50
C MET C 238 5.99 -29.06 10.49
N GLU C 239 6.84 -30.03 10.16
CA GLU C 239 8.03 -30.34 10.95
C GLU C 239 9.23 -29.74 10.24
N MET C 240 9.73 -28.61 10.74
CA MET C 240 10.81 -27.91 10.07
C MET C 240 12.12 -28.64 10.29
N ILE C 241 12.75 -29.04 9.19
CA ILE C 241 14.07 -29.66 9.19
C ILE C 241 15.02 -28.77 8.41
N ASN C 242 16.13 -28.41 9.03
CA ASN C 242 17.08 -27.50 8.41
C ASN C 242 18.09 -28.29 7.59
N VAL C 243 18.20 -27.94 6.32
CA VAL C 243 19.22 -28.52 5.43
C VAL C 243 20.24 -27.43 5.19
N SER C 244 21.31 -27.41 6.00
CA SER C 244 22.32 -26.39 5.89
C SER C 244 23.18 -26.61 4.65
N GLY C 245 24.20 -25.78 4.48
CA GLY C 245 25.03 -25.86 3.30
C GLY C 245 26.14 -26.89 3.41
N TYR C 246 27.30 -26.57 2.85
CA TYR C 246 28.44 -27.49 2.84
C TYR C 246 29.72 -26.73 3.08
N VAL C 247 30.65 -27.37 3.78
CA VAL C 247 32.00 -26.86 3.95
C VAL C 247 32.81 -27.25 2.73
N ALA C 248 34.03 -26.73 2.63
CA ALA C 248 34.86 -26.99 1.45
C ALA C 248 35.10 -28.48 1.23
N GLN C 249 35.27 -29.25 2.32
CA GLN C 249 35.53 -30.67 2.16
C GLN C 249 34.33 -31.38 1.54
N GLU C 250 33.14 -31.10 2.05
CA GLU C 250 31.94 -31.72 1.50
C GLU C 250 31.70 -31.25 0.07
N LYS C 251 32.01 -30.00 -0.23
CA LYS C 251 31.88 -29.51 -1.59
C LYS C 251 32.83 -30.24 -2.52
N LEU C 252 34.04 -30.53 -2.06
CA LEU C 252 34.98 -31.29 -2.88
C LEU C 252 34.50 -32.72 -3.10
N ALA C 253 33.97 -33.35 -2.06
CA ALA C 253 33.44 -34.70 -2.22
C ALA C 253 32.28 -34.71 -3.21
N ILE C 254 31.37 -33.74 -3.10
CA ILE C 254 30.28 -33.64 -4.06
C ILE C 254 30.80 -33.46 -5.47
N ALA C 255 31.77 -32.55 -5.64
CA ALA C 255 32.31 -32.29 -6.96
C ALA C 255 32.91 -33.54 -7.57
N GLU C 256 33.70 -34.29 -6.80
CA GLU C 256 34.33 -35.48 -7.32
C GLU C 256 33.31 -36.57 -7.64
N ARG C 257 32.30 -36.73 -6.79
CA ARG C 257 31.47 -37.92 -6.92
C ARG C 257 30.25 -37.73 -7.81
N TYR C 258 29.68 -36.53 -7.87
CA TYR C 258 28.50 -36.29 -8.69
C TYR C 258 28.70 -35.22 -9.74
N LEU C 259 29.16 -34.02 -9.35
CA LEU C 259 29.11 -32.88 -10.25
C LEU C 259 29.98 -33.08 -11.49
N VAL C 260 31.25 -33.42 -11.29
CA VAL C 260 32.18 -33.58 -12.40
C VAL C 260 31.79 -34.77 -13.28
N PRO C 261 31.44 -35.94 -12.73
CA PRO C 261 30.99 -37.02 -13.60
C PRO C 261 29.77 -36.66 -14.43
N GLN C 262 28.77 -36.00 -13.84
CA GLN C 262 27.58 -35.64 -14.61
C GLN C 262 27.91 -34.60 -15.67
N ALA C 263 28.77 -33.64 -15.35
CA ALA C 263 29.15 -32.65 -16.34
C ALA C 263 29.90 -33.30 -17.50
N ARG C 264 30.75 -34.27 -17.21
CA ARG C 264 31.41 -35.03 -18.26
C ARG C 264 30.41 -35.76 -19.11
N ALA C 265 29.44 -36.44 -18.48
CA ALA C 265 28.42 -37.16 -19.24
C ALA C 265 27.67 -36.22 -20.17
N LEU C 266 27.38 -35.00 -19.71
CA LEU C 266 26.65 -34.06 -20.56
C LEU C 266 27.50 -33.54 -21.70
N CYS C 267 28.70 -33.04 -21.42
CA CYS C 267 29.50 -32.44 -22.49
C CYS C 267 30.04 -33.49 -23.46
N GLY C 268 30.15 -34.74 -23.02
CA GLY C 268 30.71 -35.79 -23.84
C GLY C 268 32.16 -36.11 -23.57
N LEU C 269 32.84 -35.32 -22.76
CA LEU C 269 34.27 -35.52 -22.54
C LEU C 269 34.53 -36.62 -21.53
N ASP C 270 35.72 -37.19 -21.61
CA ASP C 270 36.19 -38.22 -20.69
C ASP C 270 37.48 -37.75 -20.02
N GLU C 271 38.01 -38.60 -19.13
CA GLU C 271 39.15 -38.21 -18.33
C GLU C 271 40.42 -38.08 -19.16
N SER C 272 40.47 -38.70 -20.34
CA SER C 272 41.66 -38.57 -21.18
C SER C 272 41.76 -37.17 -21.76
N LYS C 273 40.69 -36.68 -22.37
CA LYS C 273 40.74 -35.39 -23.04
C LYS C 273 40.88 -34.25 -22.05
N ALA C 274 40.03 -34.21 -21.03
CA ALA C 274 40.05 -33.13 -20.05
C ALA C 274 40.03 -33.74 -18.67
N LYS C 275 41.07 -33.48 -17.88
CA LYS C 275 41.19 -34.03 -16.54
C LYS C 275 41.17 -32.90 -15.51
N LEU C 276 40.34 -33.06 -14.49
CA LEU C 276 40.28 -32.16 -13.35
C LEU C 276 40.75 -32.92 -12.12
N SER C 277 41.92 -32.55 -11.62
CA SER C 277 42.46 -33.22 -10.45
C SER C 277 41.75 -32.74 -9.19
N SER C 278 41.88 -33.54 -8.13
CA SER C 278 41.34 -33.13 -6.84
C SER C 278 41.97 -31.84 -6.35
N ASP C 279 43.24 -31.60 -6.70
CA ASP C 279 43.91 -30.39 -6.26
C ASP C 279 43.37 -29.16 -6.97
N VAL C 280 43.13 -29.25 -8.27
CA VAL C 280 42.57 -28.11 -8.97
C VAL C 280 41.11 -27.92 -8.57
N LEU C 281 40.41 -28.99 -8.19
CA LEU C 281 39.07 -28.81 -7.65
C LEU C 281 39.11 -28.08 -6.32
N THR C 282 40.02 -28.47 -5.44
CA THR C 282 40.17 -27.78 -4.16
C THR C 282 40.51 -26.30 -4.37
N LEU C 283 41.40 -26.02 -5.31
CA LEU C 283 41.74 -24.63 -5.60
C LEU C 283 40.53 -23.87 -6.13
N LEU C 284 39.79 -24.47 -7.06
CA LEU C 284 38.60 -23.81 -7.60
C LEU C 284 37.61 -23.49 -6.50
N ILE C 285 37.34 -24.46 -5.62
CA ILE C 285 36.41 -24.21 -4.52
C ILE C 285 36.92 -23.09 -3.64
N LYS C 286 38.17 -23.20 -3.16
CA LYS C 286 38.72 -22.20 -2.25
C LYS C 286 38.66 -20.80 -2.84
N GLN C 287 39.03 -20.64 -4.11
CA GLN C 287 39.18 -19.31 -4.70
C GLN C 287 37.89 -18.76 -5.29
N TYR C 288 36.92 -19.60 -5.65
CA TYR C 288 35.75 -19.11 -6.37
C TYR C 288 34.43 -19.47 -5.73
N CYS C 289 34.31 -20.62 -5.08
CA CYS C 289 33.03 -21.12 -4.57
C CYS C 289 33.05 -21.08 -3.05
N ARG C 290 32.36 -20.11 -2.47
CA ARG C 290 32.24 -19.98 -1.02
C ARG C 290 30.80 -19.70 -0.64
N GLU C 291 29.88 -20.48 -1.20
CA GLU C 291 28.48 -20.44 -0.85
C GLU C 291 28.07 -21.75 -0.19
N SER C 292 26.84 -21.77 0.31
CA SER C 292 26.34 -22.97 0.97
C SER C 292 25.89 -24.02 -0.04
N GLY C 293 25.27 -23.59 -1.14
CA GLY C 293 24.85 -24.51 -2.18
C GLY C 293 25.98 -24.89 -3.11
N VAL C 294 25.66 -25.75 -4.06
CA VAL C 294 26.63 -26.27 -5.01
C VAL C 294 26.36 -25.84 -6.44
N ARG C 295 25.37 -24.97 -6.67
CA ARG C 295 25.04 -24.59 -8.04
C ARG C 295 26.16 -23.79 -8.68
N ASN C 296 26.82 -22.93 -7.92
CA ASN C 296 27.93 -22.17 -8.46
C ASN C 296 29.10 -23.08 -8.81
N LEU C 297 29.36 -24.08 -7.96
CA LEU C 297 30.42 -25.02 -8.27
C LEU C 297 30.08 -25.83 -9.51
N GLN C 298 28.81 -26.21 -9.67
CA GLN C 298 28.37 -26.89 -10.88
C GLN C 298 28.62 -26.04 -12.11
N LYS C 299 28.32 -24.75 -12.01
CA LYS C 299 28.53 -23.86 -13.14
C LYS C 299 30.01 -23.68 -13.45
N GLN C 300 30.85 -23.61 -12.42
CA GLN C 300 32.29 -23.47 -12.67
C GLN C 300 32.86 -24.72 -13.31
N VAL C 301 32.42 -25.89 -12.85
CA VAL C 301 32.89 -27.14 -13.43
C VAL C 301 32.50 -27.22 -14.90
N GLU C 302 31.22 -26.92 -15.19
CA GLU C 302 30.80 -26.93 -16.59
C GLU C 302 31.50 -25.87 -17.41
N LYS C 303 31.90 -24.76 -16.78
CA LYS C 303 32.67 -23.75 -17.49
C LYS C 303 34.02 -24.30 -17.93
N VAL C 304 34.75 -24.89 -16.99
CA VAL C 304 36.03 -25.51 -17.33
C VAL C 304 35.84 -26.53 -18.45
N LEU C 305 34.76 -27.31 -18.37
CA LEU C 305 34.58 -28.38 -19.35
C LEU C 305 34.19 -27.85 -20.73
N ARG C 306 33.37 -26.80 -20.79
CA ARG C 306 33.07 -26.18 -22.08
C ARG C 306 34.33 -25.59 -22.69
N LYS C 307 35.12 -24.90 -21.89
CA LYS C 307 36.35 -24.32 -22.41
C LYS C 307 37.28 -25.40 -22.95
N SER C 308 37.39 -26.52 -22.23
CA SER C 308 38.17 -27.65 -22.73
C SER C 308 37.61 -28.17 -24.05
N ALA C 309 36.32 -28.48 -24.07
CA ALA C 309 35.69 -29.05 -25.25
C ALA C 309 35.78 -28.15 -26.46
N TYR C 310 35.86 -26.84 -26.28
CA TYR C 310 35.97 -25.96 -27.43
C TYR C 310 37.32 -26.09 -28.12
N LYS C 311 38.38 -26.35 -27.35
CA LYS C 311 39.68 -26.58 -27.95
C LYS C 311 39.73 -27.90 -28.69
N ILE C 312 38.94 -28.88 -28.27
CA ILE C 312 38.98 -30.19 -28.91
C ILE C 312 38.32 -30.14 -30.28
N VAL C 313 37.16 -29.49 -30.39
CA VAL C 313 36.44 -29.54 -31.66
C VAL C 313 37.12 -28.69 -32.71
N SER C 314 37.83 -27.65 -32.30
CA SER C 314 38.71 -26.93 -33.21
C SER C 314 40.09 -27.57 -33.14
N GLY C 315 41.11 -26.89 -33.63
CA GLY C 315 42.42 -27.48 -33.67
C GLY C 315 43.37 -27.05 -32.57
N GLU C 316 42.83 -26.49 -31.48
CA GLU C 316 43.71 -25.93 -30.46
C GLU C 316 44.52 -27.01 -29.74
N ALA C 317 43.94 -28.20 -29.58
CA ALA C 317 44.64 -29.29 -28.91
C ALA C 317 43.87 -30.58 -29.17
N GLU C 318 44.45 -31.69 -28.72
CA GLU C 318 43.75 -32.97 -28.69
C GLU C 318 43.36 -33.40 -27.28
N SER C 319 44.06 -32.90 -26.26
CA SER C 319 43.68 -33.10 -24.88
C SER C 319 43.99 -31.82 -24.12
N VAL C 320 43.14 -31.51 -23.14
CA VAL C 320 43.30 -30.33 -22.30
C VAL C 320 43.64 -30.79 -20.89
N GLU C 321 44.64 -30.18 -20.29
CA GLU C 321 45.11 -30.58 -18.97
C GLU C 321 45.13 -29.36 -18.08
N VAL C 322 44.32 -29.38 -17.02
CA VAL C 322 44.10 -28.23 -16.16
C VAL C 322 45.00 -28.35 -14.93
N THR C 323 45.75 -27.30 -14.64
CA THR C 323 46.66 -27.24 -13.51
C THR C 323 46.34 -26.02 -12.67
N PRO C 324 46.76 -26.01 -11.40
CA PRO C 324 46.53 -24.82 -10.56
C PRO C 324 47.19 -23.55 -11.08
N GLU C 325 47.93 -23.62 -12.18
CA GLU C 325 48.58 -22.43 -12.72
C GLU C 325 47.78 -21.78 -13.83
N ASN C 326 47.03 -22.55 -14.60
CA ASN C 326 46.23 -22.02 -15.70
C ASN C 326 44.74 -22.13 -15.42
N LEU C 327 44.35 -22.01 -14.15
CA LEU C 327 42.93 -21.98 -13.83
C LEU C 327 42.33 -20.61 -14.13
N GLN C 328 43.13 -19.56 -14.03
CA GLN C 328 42.65 -18.23 -14.42
C GLN C 328 42.26 -18.18 -15.89
N ASP C 329 42.88 -19.02 -16.72
CA ASP C 329 42.53 -19.03 -18.13
C ASP C 329 41.10 -19.51 -18.33
N PHE C 330 40.67 -20.48 -17.55
CA PHE C 330 39.34 -21.05 -17.74
C PHE C 330 38.28 -20.24 -17.01
N VAL C 331 38.35 -20.17 -15.68
CA VAL C 331 37.27 -19.59 -14.90
C VAL C 331 37.48 -18.12 -14.58
N GLY C 332 38.55 -17.50 -15.08
CA GLY C 332 38.74 -16.09 -14.87
C GLY C 332 39.55 -15.79 -13.63
N LYS C 333 39.50 -14.52 -13.24
CA LYS C 333 40.27 -14.08 -12.09
C LYS C 333 39.66 -14.62 -10.80
N PRO C 334 40.48 -14.98 -9.81
CA PRO C 334 39.95 -15.42 -8.53
C PRO C 334 39.11 -14.33 -7.86
N VAL C 335 38.20 -14.76 -7.01
CA VAL C 335 37.30 -13.86 -6.30
C VAL C 335 37.76 -13.62 -4.87
N PHE C 336 38.25 -14.65 -4.20
CA PHE C 336 38.75 -14.56 -2.83
C PHE C 336 40.24 -14.84 -2.83
N THR C 337 41.04 -13.84 -2.43
CA THR C 337 42.49 -13.91 -2.56
C THR C 337 43.20 -13.96 -1.21
N VAL C 338 43.02 -12.95 -0.37
CA VAL C 338 43.74 -12.85 0.88
C VAL C 338 42.73 -12.73 2.02
N GLU C 339 43.13 -13.21 3.19
CA GLU C 339 42.27 -13.26 4.36
C GLU C 339 42.67 -12.28 5.44
N ARG C 340 43.98 -12.11 5.66
CA ARG C 340 44.50 -11.23 6.69
C ARG C 340 44.92 -9.92 6.05
N MET C 341 44.60 -8.80 6.68
CA MET C 341 45.20 -7.53 6.34
C MET C 341 46.41 -7.21 7.20
N TYR C 342 46.62 -7.95 8.27
CA TYR C 342 47.75 -7.77 9.17
C TYR C 342 48.40 -9.13 9.40
N ASP C 343 49.68 -9.25 9.02
CA ASP C 343 50.40 -10.47 9.32
C ASP C 343 50.99 -10.43 10.72
N VAL C 344 51.32 -9.24 11.22
CA VAL C 344 51.71 -9.05 12.61
C VAL C 344 50.90 -7.89 13.15
N THR C 345 50.12 -8.15 14.20
CA THR C 345 49.21 -7.14 14.72
C THR C 345 49.97 -6.07 15.49
N PRO C 346 49.84 -4.80 15.12
CA PRO C 346 50.41 -3.72 15.94
C PRO C 346 49.78 -3.70 17.32
N PRO C 347 50.28 -2.85 18.23
CA PRO C 347 49.77 -2.88 19.61
C PRO C 347 48.27 -2.74 19.75
N GLY C 348 47.61 -1.97 18.89
CA GLY C 348 46.23 -1.65 19.15
C GLY C 348 45.18 -2.50 18.49
N VAL C 349 45.55 -3.39 17.58
CA VAL C 349 44.57 -4.12 16.80
C VAL C 349 44.47 -5.54 17.32
N VAL C 350 43.29 -6.14 17.14
CA VAL C 350 43.01 -7.48 17.64
C VAL C 350 42.08 -8.15 16.65
N MET C 351 42.29 -9.44 16.44
CA MET C 351 41.53 -10.19 15.47
C MET C 351 40.40 -10.95 16.16
N GLY C 352 39.17 -10.61 15.80
CA GLY C 352 38.02 -11.30 16.32
C GLY C 352 37.28 -12.01 15.22
N LEU C 353 36.44 -12.96 15.63
CA LEU C 353 35.61 -13.70 14.69
C LEU C 353 34.24 -13.04 14.60
N ALA C 354 33.61 -13.15 13.44
CA ALA C 354 32.33 -12.51 13.20
C ALA C 354 31.48 -13.43 12.33
N TRP C 355 30.20 -13.53 12.67
CA TRP C 355 29.26 -14.36 11.91
C TRP C 355 28.47 -13.43 11.00
N THR C 356 28.93 -13.31 9.76
CA THR C 356 28.25 -12.46 8.80
C THR C 356 27.11 -13.23 8.14
N ALA C 357 26.39 -12.56 7.25
CA ALA C 357 25.33 -13.21 6.51
C ALA C 357 25.94 -14.16 5.48
N MET C 358 25.67 -15.46 5.66
CA MET C 358 26.22 -16.51 4.79
C MET C 358 27.74 -16.48 4.78
N GLY C 359 28.33 -16.72 5.95
CA GLY C 359 29.77 -16.75 6.07
C GLY C 359 30.19 -16.33 7.46
N GLY C 360 31.50 -16.31 7.67
CA GLY C 360 32.04 -15.97 8.96
C GLY C 360 33.31 -15.15 8.94
N SER C 361 33.56 -14.40 7.87
CA SER C 361 34.85 -13.75 7.68
C SER C 361 35.31 -13.01 8.93
N THR C 362 36.56 -13.26 9.31
CA THR C 362 37.15 -12.68 10.51
C THR C 362 37.44 -11.19 10.30
N LEU C 363 37.38 -10.45 11.41
CA LEU C 363 37.53 -9.01 11.37
C LEU C 363 38.66 -8.60 12.29
N PHE C 364 39.19 -7.41 12.06
CA PHE C 364 40.20 -6.80 12.92
C PHE C 364 39.58 -5.56 13.54
N VAL C 365 39.51 -5.53 14.86
CA VAL C 365 39.11 -4.30 15.54
C VAL C 365 40.38 -3.52 15.83
N GLU C 366 40.31 -2.21 15.70
CA GLU C 366 41.50 -1.40 15.90
C GLU C 366 41.18 -0.18 16.73
N THR C 367 42.23 0.37 17.34
CA THR C 367 42.13 1.46 18.30
C THR C 367 43.25 2.46 18.05
N SER C 368 43.04 3.68 18.52
CA SER C 368 44.01 4.77 18.35
C SER C 368 43.64 5.97 19.20
N ARG C 371 42.70 10.79 17.94
CA ARG C 371 42.10 11.61 18.99
C ARG C 371 43.20 12.37 19.72
N PRO C 372 42.84 13.37 20.55
CA PRO C 372 43.87 14.19 21.19
C PRO C 372 44.93 13.36 21.89
N GLN C 373 46.13 13.91 21.93
CA GLN C 373 47.27 13.27 22.59
C GLN C 373 47.20 13.48 24.09
N ASP C 374 47.90 12.59 24.81
CA ASP C 374 47.90 12.64 26.27
C ASP C 374 48.38 14.00 26.76
N LYS C 375 47.51 14.69 27.50
CA LYS C 375 47.82 16.04 27.96
C LYS C 375 48.92 16.03 29.02
N ASP C 376 48.83 15.11 29.97
CA ASP C 376 49.82 14.94 31.05
C ASP C 376 49.94 16.17 31.93
N ALA C 377 48.90 17.01 31.98
CA ALA C 377 48.91 18.23 32.78
C ALA C 377 48.10 18.10 34.06
N LYS C 378 46.90 17.52 33.98
CA LYS C 378 46.04 17.40 35.15
C LYS C 378 45.19 16.14 35.01
N GLY C 379 45.12 15.36 36.10
CA GLY C 379 44.39 14.11 36.08
C GLY C 379 42.98 14.22 36.60
N ASP C 380 42.28 15.29 36.22
CA ASP C 380 40.90 15.49 36.62
C ASP C 380 39.91 15.18 35.51
N LYS C 381 40.36 14.99 34.28
CA LYS C 381 39.50 14.75 33.15
C LYS C 381 39.03 13.30 33.13
N ASP C 382 38.17 12.98 32.16
CA ASP C 382 37.55 11.65 32.10
C ASP C 382 38.04 10.80 30.94
N GLY C 383 38.48 11.41 29.84
CA GLY C 383 38.82 10.61 28.67
C GLY C 383 37.58 10.07 27.99
N SER C 384 37.68 9.69 26.73
CA SER C 384 36.47 9.35 25.99
C SER C 384 36.78 8.29 24.94
N LEU C 385 35.71 7.64 24.47
CA LEU C 385 35.79 6.60 23.46
C LEU C 385 34.84 6.95 22.34
N GLU C 386 35.38 7.16 21.14
CA GLU C 386 34.59 7.32 19.94
C GLU C 386 34.54 5.97 19.23
N VAL C 387 33.34 5.48 18.96
CA VAL C 387 33.17 4.16 18.36
C VAL C 387 32.53 4.33 17.00
N THR C 388 33.04 3.56 16.03
CA THR C 388 32.48 3.53 14.69
C THR C 388 32.35 2.09 14.24
N GLY C 389 31.67 1.89 13.11
CA GLY C 389 31.45 0.57 12.59
C GLY C 389 29.99 0.25 12.34
N GLN C 390 29.18 1.29 12.13
CA GLN C 390 27.76 1.16 11.82
C GLN C 390 27.06 0.25 12.82
N LEU C 391 27.11 0.66 14.08
CA LEU C 391 26.54 -0.15 15.15
C LEU C 391 25.06 0.14 15.31
N GLY C 392 24.29 -0.90 15.52
CA GLY C 392 22.95 -0.72 16.02
C GLY C 392 22.98 -0.20 17.44
N GLU C 393 21.78 0.08 17.97
CA GLU C 393 21.69 0.57 19.33
C GLU C 393 22.29 -0.42 20.32
N VAL C 394 21.93 -1.70 20.17
CA VAL C 394 22.44 -2.72 21.09
C VAL C 394 23.95 -2.84 20.96
N MET C 395 24.47 -2.73 19.74
CA MET C 395 25.92 -2.85 19.55
C MET C 395 26.65 -1.69 20.18
N LYS C 396 26.10 -0.47 20.09
CA LYS C 396 26.75 0.67 20.73
C LYS C 396 26.71 0.55 22.25
N GLU C 397 25.58 0.09 22.80
CA GLU C 397 25.51 -0.10 24.24
C GLU C 397 26.50 -1.17 24.70
N SER C 398 26.68 -2.22 23.91
CA SER C 398 27.61 -3.27 24.30
C SER C 398 29.05 -2.79 24.22
N ALA C 399 29.37 -1.98 23.21
CA ALA C 399 30.72 -1.42 23.13
C ALA C 399 30.98 -0.48 24.30
N ARG C 400 29.94 0.24 24.75
CA ARG C 400 30.09 1.07 25.94
C ARG C 400 30.32 0.23 27.19
N ILE C 401 29.60 -0.88 27.32
CA ILE C 401 29.80 -1.79 28.44
C ILE C 401 31.22 -2.35 28.43
N ALA C 402 31.72 -2.70 27.24
CA ALA C 402 33.07 -3.23 27.13
C ALA C 402 34.10 -2.17 27.48
N TYR C 403 33.87 -0.93 27.06
CA TYR C 403 34.71 0.17 27.48
C TYR C 403 34.78 0.27 29.00
N THR C 404 33.62 0.30 29.64
CA THR C 404 33.58 0.41 31.10
C THR C 404 34.29 -0.76 31.76
N PHE C 405 34.13 -1.97 31.23
CA PHE C 405 34.76 -3.12 31.85
C PHE C 405 36.27 -3.10 31.66
N ALA C 406 36.75 -2.63 30.51
CA ALA C 406 38.20 -2.50 30.36
C ALA C 406 38.74 -1.47 31.33
N ARG C 407 38.02 -0.36 31.49
CA ARG C 407 38.45 0.66 32.44
C ARG C 407 38.50 0.11 33.86
N ALA C 408 37.53 -0.72 34.24
CA ALA C 408 37.51 -1.27 35.58
C ALA C 408 38.55 -2.38 35.75
N PHE C 409 38.72 -3.23 34.75
CA PHE C 409 39.74 -4.26 34.79
C PHE C 409 41.11 -3.65 34.97
N LEU C 410 41.41 -2.58 34.26
CA LEU C 410 42.71 -1.94 34.42
C LEU C 410 42.69 -1.02 35.62
N MET C 411 42.34 -1.56 36.77
CA MET C 411 42.40 -0.81 38.03
C MET C 411 43.84 -0.64 38.52
N GLN C 412 44.81 -1.23 37.85
CA GLN C 412 46.17 -1.32 38.34
C GLN C 412 46.97 -0.06 38.05
N ASN C 417 48.38 2.45 33.08
CA ASN C 417 47.67 2.66 34.34
C ASN C 417 46.41 3.48 34.12
N ASP C 418 46.58 4.80 33.99
CA ASP C 418 45.47 5.71 33.73
C ASP C 418 45.21 5.92 32.25
N TYR C 419 45.61 4.96 31.41
CA TYR C 419 45.48 5.13 29.97
C TYR C 419 44.03 5.10 29.55
N LEU C 420 43.20 4.29 30.20
CA LEU C 420 41.78 4.25 29.84
C LEU C 420 41.00 5.42 30.41
N VAL C 421 41.48 6.02 31.50
CA VAL C 421 40.73 7.07 32.18
C VAL C 421 41.18 8.47 31.79
N THR C 422 42.37 8.62 31.22
CA THR C 422 42.89 9.93 30.87
C THR C 422 43.39 9.99 29.43
N SER C 423 42.69 9.31 28.52
CA SER C 423 43.02 9.37 27.11
C SER C 423 41.75 9.30 26.29
N HIS C 424 41.77 9.97 25.15
CA HIS C 424 40.66 9.94 24.21
C HIS C 424 41.02 8.98 23.09
N ILE C 425 40.12 8.03 22.84
CA ILE C 425 40.41 6.86 22.01
C ILE C 425 39.36 6.76 20.92
N HIS C 426 39.75 6.18 19.79
CA HIS C 426 38.83 5.82 18.72
C HIS C 426 38.83 4.31 18.59
N LEU C 427 37.63 3.73 18.48
CA LEU C 427 37.44 2.30 18.34
C LEU C 427 36.76 2.03 17.01
N HIS C 428 37.31 1.10 16.23
CA HIS C 428 36.69 0.72 14.97
C HIS C 428 36.49 -0.79 14.96
N VAL C 429 35.25 -1.22 14.87
CA VAL C 429 34.87 -2.61 14.65
C VAL C 429 34.25 -2.71 13.26
N PRO C 430 34.84 -3.47 12.34
CA PRO C 430 34.37 -3.44 10.94
C PRO C 430 32.96 -3.99 10.80
N GLU C 431 32.33 -3.60 9.70
CA GLU C 431 30.97 -4.04 9.43
C GLU C 431 30.95 -5.45 8.88
N GLY C 432 29.83 -6.12 9.06
CA GLY C 432 29.67 -7.47 8.57
C GLY C 432 28.99 -8.41 9.55
N ALA C 433 29.24 -8.22 10.84
CA ALA C 433 28.58 -9.02 11.85
C ALA C 433 27.08 -8.73 11.85
N THR C 434 26.28 -9.78 11.69
CA THR C 434 24.83 -9.62 11.63
C THR C 434 24.32 -9.00 12.93
N PRO C 435 23.21 -8.26 12.88
CA PRO C 435 22.72 -7.57 14.08
C PRO C 435 22.52 -8.48 15.28
N LYS C 436 22.11 -9.72 15.07
CA LYS C 436 22.04 -10.67 16.18
C LYS C 436 23.42 -10.94 16.75
N ASP C 437 24.42 -11.09 15.88
CA ASP C 437 25.80 -11.37 16.27
C ASP C 437 26.58 -10.11 16.59
N GLY C 438 25.89 -9.02 16.91
CA GLY C 438 26.52 -7.76 17.20
C GLY C 438 27.46 -7.80 18.39
N PRO C 439 26.93 -8.01 19.59
CA PRO C 439 27.75 -7.91 20.81
C PRO C 439 28.72 -9.06 21.02
N SER C 440 28.88 -9.95 20.05
CA SER C 440 29.85 -11.03 20.17
C SER C 440 31.28 -10.56 20.06
N ALA C 441 31.51 -9.26 19.87
CA ALA C 441 32.85 -8.69 19.81
C ALA C 441 33.26 -8.05 21.12
N GLY C 442 32.62 -8.42 22.23
CA GLY C 442 32.92 -7.75 23.50
C GLY C 442 34.32 -8.03 23.99
N CYS C 443 34.70 -9.30 24.05
CA CYS C 443 36.05 -9.64 24.52
C CYS C 443 37.10 -9.12 23.56
N THR C 444 36.78 -9.08 22.26
CA THR C 444 37.72 -8.53 21.29
C THR C 444 37.94 -7.04 21.54
N ILE C 445 36.85 -6.31 21.84
CA ILE C 445 36.97 -4.88 22.12
C ILE C 445 37.77 -4.65 23.38
N VAL C 446 37.48 -5.41 24.43
CA VAL C 446 38.22 -5.26 25.68
C VAL C 446 39.69 -5.54 25.47
N THR C 447 40.00 -6.58 24.69
CA THR C 447 41.40 -6.91 24.45
C THR C 447 42.09 -5.83 23.62
N ALA C 448 41.39 -5.27 22.64
CA ALA C 448 41.95 -4.17 21.85
C ALA C 448 42.31 -2.99 22.74
N LEU C 449 41.37 -2.57 23.58
CA LEU C 449 41.61 -1.45 24.47
C LEU C 449 42.78 -1.75 25.42
N LEU C 450 42.79 -2.95 26.01
CA LEU C 450 43.84 -3.28 26.96
C LEU C 450 45.20 -3.32 26.29
N SER C 451 45.26 -3.84 25.07
CA SER C 451 46.54 -3.91 24.37
C SER C 451 47.03 -2.53 23.98
N LEU C 452 46.12 -1.66 23.54
CA LEU C 452 46.51 -0.28 23.25
C LEU C 452 47.04 0.41 24.50
N ALA C 453 46.37 0.21 25.63
CA ALA C 453 46.81 0.84 26.87
C ALA C 453 48.18 0.32 27.29
N MET C 454 48.30 -1.00 27.45
CA MET C 454 49.55 -1.59 27.90
C MET C 454 50.68 -1.44 26.90
N GLY C 455 50.39 -1.10 25.65
CA GLY C 455 51.44 -0.89 24.67
C GLY C 455 52.10 -2.16 24.18
N ARG C 456 51.38 -3.27 24.11
CA ARG C 456 51.94 -4.52 23.63
C ARG C 456 50.90 -5.28 22.82
N PRO C 457 51.32 -5.91 21.72
CA PRO C 457 50.36 -6.64 20.88
C PRO C 457 49.84 -7.89 21.57
N VAL C 458 48.76 -8.43 20.99
CA VAL C 458 48.22 -9.73 21.39
C VAL C 458 49.00 -10.82 20.68
N ARG C 459 48.78 -12.06 21.08
CA ARG C 459 49.36 -13.21 20.37
C ARG C 459 49.12 -13.08 18.88
N GLN C 460 50.06 -13.58 18.09
CA GLN C 460 50.08 -13.24 16.67
C GLN C 460 48.97 -13.92 15.89
N ASN C 461 48.69 -15.19 16.18
CA ASN C 461 47.60 -15.90 15.53
C ASN C 461 46.63 -16.33 16.62
N LEU C 462 45.73 -15.41 16.98
CA LEU C 462 44.80 -15.62 18.08
C LEU C 462 43.49 -14.95 17.72
N ALA C 463 42.41 -15.71 17.71
CA ALA C 463 41.09 -15.16 17.44
C ALA C 463 40.16 -15.48 18.61
N MET C 464 39.20 -14.58 18.83
CA MET C 464 38.28 -14.73 19.95
C MET C 464 36.91 -14.25 19.56
N THR C 465 35.94 -14.58 20.42
CA THR C 465 34.55 -14.17 20.26
C THR C 465 33.85 -14.42 21.58
N GLY C 466 32.78 -13.67 21.82
CA GLY C 466 32.03 -13.85 23.04
C GLY C 466 31.59 -12.56 23.72
N GLU C 467 30.30 -12.47 24.05
CA GLU C 467 29.78 -11.29 24.71
C GLU C 467 30.31 -11.18 26.13
N VAL C 468 30.54 -9.94 26.56
CA VAL C 468 31.04 -9.66 27.90
C VAL C 468 30.00 -8.79 28.61
N SER C 469 29.70 -9.15 29.85
CA SER C 469 28.80 -8.36 30.67
C SER C 469 29.59 -7.32 31.45
N LEU C 470 28.89 -6.47 32.18
CA LEU C 470 29.52 -5.34 32.85
C LEU C 470 30.56 -5.78 33.87
N THR C 471 30.44 -7.02 34.37
CA THR C 471 31.31 -7.50 35.44
C THR C 471 32.34 -8.51 34.97
N GLY C 472 32.29 -8.96 33.73
CA GLY C 472 33.28 -9.87 33.19
C GLY C 472 32.77 -11.24 32.82
N LYS C 473 31.49 -11.51 32.97
CA LYS C 473 30.93 -12.80 32.61
C LYS C 473 30.82 -12.91 31.10
N ILE C 474 31.25 -14.03 30.55
CA ILE C 474 31.25 -14.26 29.11
C ILE C 474 30.03 -15.08 28.73
N LEU C 475 29.26 -14.59 27.80
CA LEU C 475 28.00 -15.16 27.37
C LEU C 475 28.16 -15.94 26.08
N PRO C 476 27.37 -16.98 25.87
CA PRO C 476 27.51 -17.79 24.66
C PRO C 476 27.09 -17.03 23.42
N VAL C 477 27.67 -17.42 22.29
CA VAL C 477 27.39 -16.80 21.01
C VAL C 477 26.94 -17.87 20.03
N GLY C 478 26.58 -17.44 18.83
CA GLY C 478 26.14 -18.32 17.77
C GLY C 478 27.11 -18.34 16.60
N GLY C 479 26.83 -19.25 15.68
CA GLY C 479 27.70 -19.39 14.51
C GLY C 479 29.09 -19.88 14.84
N ILE C 480 29.22 -20.82 15.79
CA ILE C 480 30.53 -21.34 16.12
C ILE C 480 31.16 -22.04 14.93
N LYS C 481 30.35 -22.76 14.15
CA LYS C 481 30.86 -23.46 12.97
C LYS C 481 31.43 -22.49 11.96
N GLU C 482 30.68 -21.43 11.65
CA GLU C 482 31.12 -20.46 10.65
C GLU C 482 32.36 -19.71 11.14
N LYS C 483 32.35 -19.26 12.40
CA LYS C 483 33.50 -18.56 12.93
C LYS C 483 34.73 -19.46 12.94
N THR C 484 34.54 -20.76 13.20
CA THR C 484 35.67 -21.67 13.23
C THR C 484 36.25 -21.89 11.84
N ILE C 485 35.37 -22.06 10.85
CA ILE C 485 35.82 -22.21 9.48
C ILE C 485 36.62 -21.00 9.05
N ALA C 486 36.11 -19.81 9.35
CA ALA C 486 36.81 -18.58 8.98
C ALA C 486 38.14 -18.45 9.70
N ALA C 487 38.17 -18.80 10.99
CA ALA C 487 39.42 -18.75 11.74
C ALA C 487 40.46 -19.66 11.12
N LYS C 488 40.07 -20.87 10.77
CA LYS C 488 41.02 -21.81 10.18
C LYS C 488 41.50 -21.31 8.82
N ARG C 489 40.61 -20.70 8.03
CA ARG C 489 41.07 -20.22 6.73
C ARG C 489 41.88 -18.94 6.83
N ALA C 490 41.83 -18.24 7.95
CA ALA C 490 42.58 -17.00 8.12
C ALA C 490 43.93 -17.22 8.79
N GLY C 491 44.37 -18.46 8.93
CA GLY C 491 45.65 -18.74 9.55
C GLY C 491 45.68 -18.72 11.06
N VAL C 492 44.51 -18.75 11.70
CA VAL C 492 44.43 -18.68 13.15
C VAL C 492 44.75 -20.04 13.74
N THR C 493 45.64 -20.06 14.73
CA THR C 493 46.04 -21.29 15.40
C THR C 493 45.51 -21.43 16.82
N CYS C 494 45.14 -20.33 17.46
CA CYS C 494 44.57 -20.37 18.80
C CYS C 494 43.26 -19.60 18.81
N ILE C 495 42.25 -20.19 19.44
CA ILE C 495 40.90 -19.64 19.40
C ILE C 495 40.30 -19.71 20.79
N VAL C 496 39.65 -18.62 21.20
CA VAL C 496 39.13 -18.47 22.55
C VAL C 496 37.62 -18.33 22.47
N LEU C 497 36.90 -19.21 23.14
CA LEU C 497 35.45 -19.29 23.07
C LEU C 497 34.86 -19.24 24.47
N PRO C 498 33.59 -18.87 24.59
CA PRO C 498 32.91 -19.00 25.88
C PRO C 498 32.79 -20.46 26.28
N ALA C 499 32.47 -20.68 27.55
CA ALA C 499 32.40 -22.04 28.05
C ALA C 499 31.14 -22.75 27.58
N GLU C 500 30.02 -22.05 27.51
CA GLU C 500 28.74 -22.67 27.19
C GLU C 500 28.65 -23.09 25.74
N ASN C 501 29.70 -22.81 24.96
CA ASN C 501 29.76 -23.22 23.56
C ASN C 501 30.70 -24.39 23.35
N LYS C 502 31.08 -25.09 24.41
CA LYS C 502 31.98 -26.24 24.28
C LYS C 502 31.31 -27.39 23.56
N LYS C 503 30.07 -27.71 23.95
CA LYS C 503 29.32 -28.73 23.25
C LYS C 503 29.05 -28.32 21.80
N ASP C 504 28.74 -27.03 21.60
CA ASP C 504 28.53 -26.53 20.24
C ASP C 504 29.78 -26.67 19.38
N PHE C 505 30.96 -26.54 20.00
CA PHE C 505 32.21 -26.63 19.24
C PHE C 505 32.61 -28.07 19.00
N TYR C 506 32.34 -28.96 19.96
CA TYR C 506 32.68 -30.36 19.78
C TYR C 506 31.61 -31.12 19.00
N ASP C 507 30.51 -30.47 18.66
CA ASP C 507 29.57 -31.06 17.71
C ASP C 507 29.99 -30.81 16.27
N LEU C 508 31.24 -30.41 16.03
CA LEU C 508 31.73 -30.14 14.71
C LEU C 508 32.33 -31.39 14.09
N ALA C 509 32.62 -31.32 12.79
CA ALA C 509 33.31 -32.41 12.13
C ALA C 509 34.75 -32.50 12.63
N ALA C 510 35.45 -33.54 12.19
CA ALA C 510 36.82 -33.74 12.63
C ALA C 510 37.83 -32.94 11.83
N PHE C 511 37.44 -32.40 10.68
CA PHE C 511 38.33 -31.57 9.90
C PHE C 511 38.08 -30.09 10.06
N ILE C 512 36.94 -29.69 10.62
CA ILE C 512 36.73 -28.28 10.95
C ILE C 512 37.67 -27.86 12.07
N THR C 513 38.28 -28.82 12.75
CA THR C 513 39.28 -28.53 13.78
C THR C 513 40.31 -29.64 13.78
N GLU C 514 41.51 -29.35 13.29
CA GLU C 514 42.59 -30.33 13.35
C GLU C 514 43.80 -29.85 14.14
N GLY C 515 44.32 -28.67 13.83
CA GLY C 515 45.47 -28.15 14.54
C GLY C 515 45.13 -26.83 15.17
N LEU C 516 43.92 -26.75 15.71
CA LEU C 516 43.34 -25.51 16.20
C LEU C 516 43.31 -25.58 17.72
N GLU C 517 44.21 -24.86 18.37
CA GLU C 517 44.25 -24.84 19.82
C GLU C 517 43.05 -24.07 20.35
N VAL C 518 42.36 -24.62 21.33
CA VAL C 518 41.09 -24.05 21.78
C VAL C 518 41.18 -23.76 23.28
N HIS C 519 40.49 -22.70 23.69
CA HIS C 519 40.36 -22.36 25.10
C HIS C 519 38.92 -21.94 25.39
N PHE C 520 38.23 -22.69 26.23
CA PHE C 520 36.89 -22.31 26.67
C PHE C 520 36.99 -21.58 28.00
N VAL C 521 36.28 -20.45 28.11
CA VAL C 521 36.45 -19.56 29.26
C VAL C 521 35.09 -19.09 29.74
N GLU C 522 35.07 -18.59 30.98
CA GLU C 522 33.87 -18.05 31.59
C GLU C 522 34.02 -16.60 32.04
N HIS C 523 35.23 -16.20 32.45
CA HIS C 523 35.48 -14.83 32.87
C HIS C 523 36.69 -14.29 32.12
N TYR C 524 36.67 -12.98 31.86
CA TYR C 524 37.64 -12.38 30.96
C TYR C 524 39.07 -12.45 31.48
N ARG C 525 39.26 -12.70 32.77
CA ARG C 525 40.62 -12.77 33.29
C ARG C 525 41.41 -13.87 32.59
N GLU C 526 40.74 -14.97 32.24
CA GLU C 526 41.41 -16.08 31.58
C GLU C 526 41.78 -15.72 30.14
N ILE C 527 40.87 -15.03 29.44
CA ILE C 527 41.20 -14.51 28.12
C ILE C 527 42.41 -13.60 28.19
N PHE C 528 42.46 -12.73 29.20
CA PHE C 528 43.60 -11.84 29.37
C PHE C 528 44.88 -12.65 29.57
N ASP C 529 44.81 -13.68 30.41
CA ASP C 529 45.99 -14.50 30.68
C ASP C 529 46.51 -15.16 29.41
N ILE C 530 45.61 -15.70 28.58
CA ILE C 530 46.07 -16.42 27.40
C ILE C 530 46.35 -15.49 26.23
N ALA C 531 45.85 -14.26 26.26
CA ALA C 531 46.19 -13.28 25.24
C ALA C 531 47.50 -12.57 25.55
N PHE C 532 47.91 -12.57 26.81
CA PHE C 532 49.19 -11.97 27.17
C PHE C 532 50.03 -12.97 27.99
N ILE D 2 -13.26 -35.28 -36.78
CA ILE D 2 -12.67 -34.39 -35.78
C ILE D 2 -11.67 -35.16 -34.92
N GLU D 3 -12.00 -36.40 -34.56
CA GLU D 3 -11.06 -37.23 -33.83
C GLU D 3 -9.88 -37.64 -34.70
N GLU D 4 -10.06 -37.63 -36.02
CA GLU D 4 -9.05 -38.09 -36.94
C GLU D 4 -8.01 -37.03 -37.26
N LYS D 5 -8.44 -35.76 -37.32
CA LYS D 5 -7.50 -34.67 -37.51
C LYS D 5 -6.47 -34.64 -36.40
N PHE D 6 -6.92 -34.80 -35.15
CA PHE D 6 -6.00 -34.82 -34.02
C PHE D 6 -5.00 -35.96 -34.14
N ARG D 7 -5.47 -37.13 -34.57
CA ARG D 7 -4.57 -38.27 -34.71
C ARG D 7 -3.51 -38.02 -35.77
N GLU D 8 -3.93 -37.59 -36.97
CA GLU D 8 -2.95 -37.37 -38.02
C GLU D 8 -2.03 -36.22 -37.69
N ARG D 9 -2.49 -35.28 -36.85
CA ARG D 9 -1.65 -34.19 -36.39
C ARG D 9 -0.62 -34.68 -35.39
N LEU D 10 -0.98 -35.70 -34.62
CA LEU D 10 -0.10 -36.29 -33.62
C LEU D 10 0.83 -37.36 -34.18
N LYS D 11 0.58 -37.80 -35.41
CA LYS D 11 1.38 -38.88 -35.99
C LYS D 11 2.87 -38.56 -36.00
N GLU D 12 3.24 -37.40 -36.52
CA GLU D 12 4.64 -37.10 -36.83
C GLU D 12 5.45 -36.63 -35.64
N LEU D 13 4.97 -36.80 -34.42
CA LEU D 13 5.73 -36.45 -33.22
C LEU D 13 6.17 -37.70 -32.49
N VAL D 14 7.05 -37.51 -31.51
CA VAL D 14 7.27 -38.51 -30.47
C VAL D 14 6.62 -37.97 -29.20
N VAL D 15 5.65 -38.70 -28.68
CA VAL D 15 4.74 -38.20 -27.66
C VAL D 15 4.96 -39.02 -26.39
N PRO D 16 5.29 -38.39 -25.27
CA PRO D 16 5.45 -39.15 -24.02
C PRO D 16 4.16 -39.87 -23.63
N LYS D 17 4.34 -40.90 -22.79
CA LYS D 17 3.24 -41.79 -22.49
C LYS D 17 2.15 -41.10 -21.68
N HIS D 18 2.52 -40.22 -20.75
CA HIS D 18 1.50 -39.53 -19.96
C HIS D 18 0.64 -38.63 -20.85
N VAL D 19 1.29 -37.91 -21.77
CA VAL D 19 0.53 -37.09 -22.70
C VAL D 19 -0.36 -37.95 -23.57
N MET D 20 0.15 -39.10 -24.03
CA MET D 20 -0.65 -39.99 -24.85
C MET D 20 -1.86 -40.51 -24.08
N ASP D 21 -1.69 -40.78 -22.79
CA ASP D 21 -2.80 -41.24 -21.97
C ASP D 21 -3.87 -40.16 -21.85
N VAL D 22 -3.45 -38.94 -21.54
CA VAL D 22 -4.41 -37.83 -21.46
C VAL D 22 -5.15 -37.67 -22.78
N VAL D 23 -4.44 -37.79 -23.89
CA VAL D 23 -5.06 -37.59 -25.19
C VAL D 23 -6.07 -38.69 -25.48
N ASP D 24 -5.72 -39.94 -25.18
CA ASP D 24 -6.65 -41.05 -25.40
C ASP D 24 -7.91 -40.87 -24.58
N GLU D 25 -7.75 -40.52 -23.30
CA GLU D 25 -8.90 -40.34 -22.44
C GLU D 25 -9.79 -39.21 -22.93
N GLU D 26 -9.19 -38.07 -23.29
CA GLU D 26 -9.99 -36.95 -23.77
C GLU D 26 -10.64 -37.27 -25.11
N LEU D 27 -10.02 -38.12 -25.93
CA LEU D 27 -10.64 -38.46 -27.21
C LEU D 27 -11.83 -39.38 -27.01
N SER D 28 -11.76 -40.29 -26.05
CA SER D 28 -12.95 -41.06 -25.69
C SER D 28 -14.06 -40.16 -25.16
N LYS D 29 -13.67 -39.17 -24.34
CA LYS D 29 -14.65 -38.22 -23.84
C LYS D 29 -15.31 -37.44 -24.98
N LEU D 30 -14.52 -36.99 -25.94
CA LEU D 30 -15.06 -36.29 -27.10
C LEU D 30 -15.97 -37.20 -27.91
N GLY D 31 -15.62 -38.49 -27.99
CA GLY D 31 -16.49 -39.43 -28.65
C GLY D 31 -17.87 -39.49 -28.02
N LEU D 32 -17.91 -39.59 -26.69
CA LEU D 32 -19.19 -39.80 -26.02
C LEU D 32 -19.90 -38.49 -25.65
N LEU D 33 -19.32 -37.35 -25.96
CA LEU D 33 -19.99 -36.07 -25.73
C LEU D 33 -20.87 -35.71 -26.92
N ASP D 34 -21.77 -34.76 -26.71
CA ASP D 34 -22.53 -34.18 -27.81
C ASP D 34 -21.63 -33.29 -28.65
N ASN D 35 -22.14 -32.85 -29.78
CA ASN D 35 -21.34 -31.98 -30.64
C ASN D 35 -21.61 -30.49 -30.43
N HIS D 36 -22.51 -30.14 -29.50
CA HIS D 36 -22.77 -28.74 -29.20
C HIS D 36 -22.94 -28.49 -27.71
N SER D 37 -22.66 -29.49 -26.87
CA SER D 37 -22.57 -29.28 -25.45
C SER D 37 -21.52 -28.21 -25.14
N SER D 38 -21.66 -27.56 -23.99
CA SER D 38 -20.65 -26.61 -23.57
C SER D 38 -19.37 -27.31 -23.13
N GLU D 39 -19.46 -28.58 -22.76
CA GLU D 39 -18.29 -29.39 -22.44
C GLU D 39 -17.53 -29.84 -23.67
N PHE D 40 -18.24 -30.12 -24.76
CA PHE D 40 -17.58 -30.51 -26.00
C PHE D 40 -16.59 -29.44 -26.44
N ASN D 41 -16.92 -28.18 -26.23
CA ASN D 41 -16.05 -27.12 -26.70
C ASN D 41 -14.79 -27.01 -25.85
N VAL D 42 -14.91 -27.12 -24.53
CA VAL D 42 -13.70 -27.06 -23.71
C VAL D 42 -12.83 -28.27 -23.97
N THR D 43 -13.43 -29.44 -24.22
CA THR D 43 -12.61 -30.61 -24.51
C THR D 43 -11.95 -30.51 -25.88
N ARG D 44 -12.67 -29.97 -26.87
CA ARG D 44 -12.08 -29.82 -28.18
C ARG D 44 -10.94 -28.81 -28.16
N ASN D 45 -11.12 -27.70 -27.44
CA ASN D 45 -10.04 -26.72 -27.33
C ASN D 45 -8.85 -27.31 -26.60
N TYR D 46 -9.10 -28.06 -25.53
CA TYR D 46 -8.02 -28.69 -24.78
C TYR D 46 -7.24 -29.65 -25.67
N LEU D 47 -7.94 -30.48 -26.43
CA LEU D 47 -7.26 -31.41 -27.30
C LEU D 47 -6.52 -30.71 -28.43
N ASP D 48 -7.07 -29.60 -28.93
CA ASP D 48 -6.36 -28.83 -29.94
C ASP D 48 -5.03 -28.31 -29.40
N TRP D 49 -5.05 -27.79 -28.17
CA TRP D 49 -3.79 -27.37 -27.55
C TRP D 49 -2.86 -28.55 -27.34
N LEU D 50 -3.37 -29.66 -26.82
CA LEU D 50 -2.53 -30.82 -26.53
C LEU D 50 -1.90 -31.39 -27.78
N THR D 51 -2.53 -31.21 -28.93
CA THR D 51 -2.03 -31.75 -30.17
C THR D 51 -1.23 -30.75 -30.99
N SER D 52 -1.31 -29.46 -30.67
CA SER D 52 -0.52 -28.46 -31.37
C SER D 52 0.77 -28.13 -30.64
N ILE D 53 1.25 -29.01 -29.78
CA ILE D 53 2.53 -28.84 -29.11
C ILE D 53 3.57 -29.69 -29.84
N PRO D 54 4.71 -29.14 -30.22
CA PRO D 54 5.75 -29.97 -30.82
C PRO D 54 6.40 -30.86 -29.77
N TRP D 55 6.11 -32.16 -29.79
CA TRP D 55 6.50 -33.00 -28.68
C TRP D 55 7.87 -33.63 -28.84
N GLY D 56 8.40 -33.69 -30.05
CA GLY D 56 9.74 -34.19 -30.22
C GLY D 56 10.46 -33.50 -31.35
N LYS D 57 9.88 -32.41 -31.84
CA LYS D 57 10.39 -31.71 -33.01
C LYS D 57 11.43 -30.68 -32.61
N TYR D 58 12.53 -30.65 -33.36
CA TYR D 58 13.61 -29.69 -33.16
C TYR D 58 13.98 -29.05 -34.49
N SER D 59 14.37 -27.80 -34.44
CA SER D 59 14.98 -27.16 -35.60
C SER D 59 16.41 -27.66 -35.75
N ASN D 60 16.82 -27.90 -37.00
CA ASN D 60 18.16 -28.41 -37.27
C ASN D 60 19.16 -27.27 -37.07
N GLU D 61 19.77 -27.21 -35.90
CA GLU D 61 20.79 -26.22 -35.66
C GLU D 61 22.00 -26.49 -36.53
N ASN D 62 22.75 -25.43 -36.85
CA ASN D 62 24.02 -25.57 -37.53
C ASN D 62 25.13 -25.43 -36.50
N LEU D 63 26.07 -26.37 -36.53
CA LEU D 63 27.13 -26.44 -35.54
C LEU D 63 28.50 -26.13 -36.14
N ASP D 64 28.52 -25.34 -37.21
CA ASP D 64 29.77 -24.93 -37.82
C ASP D 64 30.34 -23.73 -37.04
N LEU D 65 31.49 -23.95 -36.40
CA LEU D 65 32.08 -22.91 -35.57
C LEU D 65 32.40 -21.67 -36.39
N ALA D 66 32.99 -21.85 -37.57
CA ALA D 66 33.40 -20.72 -38.39
C ALA D 66 32.20 -19.90 -38.84
N ARG D 67 31.15 -20.58 -39.31
CA ARG D 67 29.98 -19.84 -39.79
C ARG D 67 29.27 -19.14 -38.66
N ALA D 68 29.18 -19.78 -37.49
CA ALA D 68 28.56 -19.11 -36.35
C ALA D 68 29.38 -17.91 -35.90
N GLN D 69 30.71 -18.04 -35.93
CA GLN D 69 31.57 -16.92 -35.58
C GLN D 69 31.35 -15.75 -36.53
N ALA D 70 31.28 -16.02 -37.82
CA ALA D 70 31.03 -14.96 -38.80
C ALA D 70 29.68 -14.32 -38.58
N VAL D 71 28.65 -15.14 -38.32
CA VAL D 71 27.31 -14.60 -38.12
C VAL D 71 27.27 -13.71 -36.90
N LEU D 72 27.97 -14.12 -35.83
CA LEU D 72 28.00 -13.30 -34.63
C LEU D 72 28.77 -12.01 -34.85
N GLU D 73 29.82 -12.05 -35.66
CA GLU D 73 30.61 -10.85 -35.91
C GLU D 73 29.90 -9.88 -36.86
N GLU D 74 28.96 -10.36 -37.67
CA GLU D 74 28.28 -9.48 -38.62
C GLU D 74 27.62 -8.29 -37.95
N ASP D 75 27.10 -8.45 -36.74
CA ASP D 75 26.22 -7.45 -36.16
C ASP D 75 26.74 -6.76 -34.91
N HIS D 76 27.76 -7.30 -34.24
CA HIS D 76 28.17 -6.74 -32.96
C HIS D 76 29.68 -6.75 -32.84
N TYR D 77 30.26 -5.59 -32.55
CA TYR D 77 31.67 -5.48 -32.23
C TYR D 77 31.90 -5.92 -30.78
N GLY D 78 33.05 -6.52 -30.54
CA GLY D 78 33.40 -6.86 -29.17
C GLY D 78 32.50 -7.96 -28.63
N MET D 79 32.12 -7.81 -27.36
CA MET D 79 31.25 -8.77 -26.67
C MET D 79 31.86 -10.17 -26.71
N GLU D 80 33.16 -10.22 -26.40
CA GLU D 80 33.89 -11.48 -26.51
C GLU D 80 33.42 -12.49 -25.48
N ASP D 81 33.12 -12.05 -24.26
CA ASP D 81 32.71 -13.01 -23.25
C ASP D 81 31.34 -13.62 -23.53
N VAL D 82 30.58 -13.04 -24.44
CA VAL D 82 29.31 -13.62 -24.87
C VAL D 82 29.51 -14.49 -26.10
N LYS D 83 30.29 -14.01 -27.06
CA LYS D 83 30.47 -14.78 -28.28
C LYS D 83 31.30 -16.04 -28.02
N LYS D 84 32.26 -15.98 -27.09
CA LYS D 84 32.94 -17.19 -26.66
C LYS D 84 31.98 -18.17 -26.00
N ARG D 85 31.04 -17.65 -25.21
CA ARG D 85 30.06 -18.52 -24.58
C ARG D 85 29.23 -19.25 -25.62
N ILE D 86 28.81 -18.54 -26.66
CA ILE D 86 28.00 -19.18 -27.70
C ILE D 86 28.84 -20.18 -28.49
N LEU D 87 30.10 -19.85 -28.76
CA LEU D 87 30.94 -20.78 -29.49
C LEU D 87 31.19 -22.04 -28.67
N GLU D 88 31.34 -21.90 -27.35
CA GLU D 88 31.45 -23.06 -26.48
C GLU D 88 30.17 -23.88 -26.48
N PHE D 89 29.02 -23.20 -26.48
CA PHE D 89 27.74 -23.86 -26.60
C PHE D 89 27.70 -24.74 -27.85
N ILE D 90 28.12 -24.19 -28.98
CA ILE D 90 28.12 -24.94 -30.24
C ILE D 90 29.09 -26.10 -30.17
N ALA D 91 30.28 -25.88 -29.63
CA ALA D 91 31.26 -26.95 -29.51
C ALA D 91 30.71 -28.09 -28.69
N VAL D 92 30.05 -27.78 -27.58
CA VAL D 92 29.51 -28.82 -26.71
C VAL D 92 28.40 -29.59 -27.41
N SER D 93 27.49 -28.87 -28.09
CA SER D 93 26.42 -29.56 -28.81
C SER D 93 26.98 -30.47 -29.89
N GLN D 94 27.96 -29.99 -30.65
CA GLN D 94 28.59 -30.83 -31.66
C GLN D 94 29.23 -32.06 -31.03
N LEU D 95 29.94 -31.87 -29.92
CA LEU D 95 30.70 -32.97 -29.33
C LEU D 95 29.78 -34.02 -28.74
N ARG D 96 28.64 -33.61 -28.18
CA ARG D 96 27.71 -34.59 -27.65
C ARG D 96 26.69 -35.07 -28.69
N GLY D 97 26.74 -34.53 -29.90
CA GLY D 97 25.89 -35.00 -30.96
C GLY D 97 24.41 -34.73 -30.80
N SER D 98 24.00 -34.12 -29.68
CA SER D 98 22.60 -33.85 -29.41
C SER D 98 22.44 -32.39 -29.04
N THR D 99 21.22 -31.90 -29.20
CA THR D 99 20.91 -30.54 -28.81
C THR D 99 20.97 -30.39 -27.29
N GLN D 100 20.81 -29.16 -26.83
CA GLN D 100 20.87 -28.85 -25.40
C GLN D 100 20.37 -27.43 -25.20
N GLY D 101 20.34 -27.01 -23.94
CA GLY D 101 19.88 -25.69 -23.61
C GLY D 101 20.33 -25.25 -22.24
N LYS D 102 20.66 -23.97 -22.10
CA LYS D 102 21.19 -23.43 -20.86
C LYS D 102 20.32 -22.26 -20.41
N ILE D 103 20.73 -21.62 -19.34
CA ILE D 103 20.00 -20.49 -18.77
C ILE D 103 21.03 -19.41 -18.47
N LEU D 104 21.16 -18.45 -19.38
CA LEU D 104 22.15 -17.39 -19.26
C LEU D 104 21.47 -16.07 -18.95
N CYS D 105 22.24 -15.14 -18.39
CA CYS D 105 21.73 -13.83 -18.04
C CYS D 105 22.81 -12.81 -18.32
N PHE D 106 22.64 -12.03 -19.39
CA PHE D 106 23.55 -10.95 -19.69
C PHE D 106 23.22 -9.73 -18.86
N TYR D 107 24.20 -9.20 -18.15
CA TYR D 107 23.98 -8.00 -17.35
C TYR D 107 25.07 -6.98 -17.63
N GLY D 108 24.67 -5.71 -17.66
CA GLY D 108 25.58 -4.63 -17.92
C GLY D 108 24.88 -3.30 -18.08
N PRO D 109 25.62 -2.27 -18.45
CA PRO D 109 25.05 -0.92 -18.57
C PRO D 109 24.01 -0.86 -19.67
N PRO D 110 23.28 0.26 -19.79
CA PRO D 110 22.35 0.39 -20.91
C PRO D 110 23.06 0.62 -22.23
N GLY D 111 22.45 0.09 -23.29
CA GLY D 111 22.95 0.32 -24.63
C GLY D 111 24.27 -0.33 -24.98
N VAL D 112 24.57 -1.50 -24.41
CA VAL D 112 25.81 -2.18 -24.68
C VAL D 112 25.61 -3.41 -25.56
N GLY D 113 24.41 -3.60 -26.09
CA GLY D 113 24.16 -4.69 -27.01
C GLY D 113 23.57 -5.93 -26.41
N LYS D 114 22.93 -5.85 -25.24
CA LYS D 114 22.39 -7.03 -24.60
C LYS D 114 21.17 -7.55 -25.34
N THR D 115 20.18 -6.69 -25.57
CA THR D 115 18.94 -7.15 -26.19
C THR D 115 19.13 -7.51 -27.65
N SER D 116 20.03 -6.82 -28.33
CA SER D 116 20.18 -7.02 -29.77
C SER D 116 21.00 -8.25 -30.12
N ILE D 117 21.94 -8.63 -29.26
CA ILE D 117 22.78 -9.79 -29.55
C ILE D 117 21.97 -11.09 -29.53
N ALA D 118 20.76 -11.08 -28.98
CA ALA D 118 19.98 -12.30 -28.91
C ALA D 118 19.48 -12.72 -30.29
N ARG D 119 19.11 -11.75 -31.13
CA ARG D 119 18.78 -12.08 -32.51
C ARG D 119 19.96 -12.70 -33.23
N SER D 120 21.16 -12.16 -33.01
CA SER D 120 22.35 -12.73 -33.66
C SER D 120 22.61 -14.14 -33.17
N ILE D 121 22.41 -14.38 -31.87
CA ILE D 121 22.60 -15.72 -31.35
C ILE D 121 21.59 -16.68 -31.96
N ALA D 122 20.33 -16.26 -32.09
CA ALA D 122 19.33 -17.11 -32.73
C ALA D 122 19.69 -17.39 -34.17
N ARG D 123 20.17 -16.40 -34.91
CA ARG D 123 20.56 -16.63 -36.29
C ARG D 123 21.77 -17.55 -36.40
N ALA D 124 22.75 -17.40 -35.49
CA ALA D 124 23.93 -18.23 -35.54
C ALA D 124 23.61 -19.67 -35.19
N LEU D 125 22.75 -19.88 -34.20
CA LEU D 125 22.40 -21.22 -33.79
C LEU D 125 21.27 -21.83 -34.61
N ASN D 126 20.66 -21.05 -35.50
CA ASN D 126 19.52 -21.43 -36.32
C ASN D 126 18.25 -21.66 -35.51
N ARG D 127 18.30 -21.53 -34.19
CA ARG D 127 17.11 -21.67 -33.37
C ARG D 127 16.06 -20.65 -33.77
N GLU D 128 14.82 -20.91 -33.37
CA GLU D 128 13.80 -19.89 -33.50
C GLU D 128 13.98 -18.86 -32.40
N TYR D 129 13.27 -17.76 -32.50
CA TYR D 129 13.46 -16.64 -31.59
C TYR D 129 12.10 -16.14 -31.12
N PHE D 130 11.97 -16.01 -29.81
CA PHE D 130 10.77 -15.43 -29.20
C PHE D 130 11.21 -14.55 -28.06
N ARG D 131 10.69 -13.33 -28.01
CA ARG D 131 11.03 -12.36 -26.98
C ARG D 131 9.88 -12.24 -26.00
N PHE D 132 10.16 -12.49 -24.73
CA PHE D 132 9.16 -12.41 -23.67
C PHE D 132 9.56 -11.23 -22.79
N SER D 133 8.99 -10.06 -23.06
CA SER D 133 9.34 -8.86 -22.33
C SER D 133 8.54 -8.80 -21.04
N VAL D 134 9.24 -8.79 -19.91
CA VAL D 134 8.64 -8.92 -18.60
C VAL D 134 8.80 -7.66 -17.76
N GLY D 135 9.14 -6.53 -18.39
CA GLY D 135 9.29 -5.29 -17.65
C GLY D 135 7.95 -4.82 -17.13
N GLY D 136 7.83 -4.71 -15.80
CA GLY D 136 6.60 -4.27 -15.18
C GLY D 136 5.51 -5.31 -15.12
N MET D 137 5.73 -6.51 -15.64
CA MET D 137 4.68 -7.53 -15.66
C MET D 137 4.37 -8.01 -14.25
N THR D 138 3.08 -8.17 -13.95
CA THR D 138 2.65 -8.48 -12.59
C THR D 138 2.00 -9.84 -12.42
N ASP D 139 1.17 -10.30 -13.37
CA ASP D 139 0.37 -11.49 -13.14
C ASP D 139 1.13 -12.75 -13.56
N VAL D 140 1.04 -13.79 -12.74
CA VAL D 140 1.73 -15.05 -12.99
C VAL D 140 0.96 -15.84 -14.03
N ALA D 141 -0.12 -15.27 -14.54
CA ALA D 141 -0.89 -15.93 -15.58
C ALA D 141 -0.09 -16.03 -16.87
N GLU D 142 0.71 -15.01 -17.19
CA GLU D 142 1.49 -15.06 -18.42
C GLU D 142 2.53 -16.17 -18.40
N ILE D 143 2.85 -16.71 -17.23
CA ILE D 143 3.82 -17.80 -17.13
C ILE D 143 3.13 -19.14 -16.96
N LYS D 144 2.12 -19.23 -16.09
CA LYS D 144 1.55 -20.53 -15.76
C LYS D 144 0.22 -20.80 -16.43
N GLY D 145 -0.45 -19.81 -16.99
CA GLY D 145 -1.75 -20.03 -17.58
C GLY D 145 -2.85 -20.11 -16.55
N HIS D 146 -4.07 -20.29 -17.03
CA HIS D 146 -5.22 -20.48 -16.17
C HIS D 146 -5.80 -21.87 -16.42
N ARG D 147 -6.44 -22.41 -15.39
CA ARG D 147 -7.08 -23.71 -15.49
C ARG D 147 -8.19 -23.66 -16.54
N ARG D 148 -8.40 -24.77 -17.23
CA ARG D 148 -9.34 -24.69 -18.35
C ARG D 148 -10.79 -24.63 -17.92
N THR D 149 -11.10 -24.41 -16.66
CA THR D 149 -12.49 -24.27 -16.24
C THR D 149 -13.05 -22.90 -16.60
N TYR D 150 -12.23 -21.86 -16.48
CA TYR D 150 -12.69 -20.50 -16.71
C TYR D 150 -12.91 -20.24 -18.20
N VAL D 151 -13.86 -19.35 -18.50
CA VAL D 151 -14.23 -19.09 -19.88
C VAL D 151 -13.12 -18.31 -20.57
N GLY D 152 -12.56 -18.90 -21.62
CA GLY D 152 -11.48 -18.28 -22.35
C GLY D 152 -10.16 -18.31 -21.63
N ALA D 153 -9.73 -19.49 -21.18
CA ALA D 153 -8.45 -19.66 -20.52
C ALA D 153 -7.43 -20.20 -21.51
N MET D 154 -6.19 -19.76 -21.36
CA MET D 154 -5.12 -20.09 -22.29
C MET D 154 -3.85 -20.47 -21.56
N PRO D 155 -3.01 -21.30 -22.14
CA PRO D 155 -1.79 -21.80 -21.47
C PRO D 155 -0.57 -20.90 -21.51
N GLY D 156 -0.51 -19.97 -20.56
CA GLY D 156 0.70 -19.21 -20.31
C GLY D 156 1.23 -18.51 -21.56
N LYS D 157 2.54 -18.33 -21.59
CA LYS D 157 3.20 -17.76 -22.75
C LYS D 157 4.32 -18.63 -23.29
N ILE D 158 4.97 -19.43 -22.44
CA ILE D 158 5.98 -20.35 -22.94
C ILE D 158 5.35 -21.44 -23.78
N ILE D 159 4.16 -21.89 -23.39
CA ILE D 159 3.46 -22.90 -24.17
C ILE D 159 2.99 -22.33 -25.49
N GLN D 160 2.50 -21.10 -25.48
CA GLN D 160 2.13 -20.44 -26.73
C GLN D 160 3.35 -20.24 -27.61
N CYS D 161 4.51 -20.00 -27.00
CA CYS D 161 5.75 -19.91 -27.76
C CYS D 161 6.10 -21.24 -28.42
N LEU D 162 6.00 -22.34 -27.67
CA LEU D 162 6.27 -23.64 -28.26
C LEU D 162 5.32 -23.93 -29.41
N LYS D 163 4.04 -23.58 -29.24
CA LYS D 163 3.07 -23.81 -30.31
C LYS D 163 3.39 -22.96 -31.53
N LYS D 164 3.74 -21.70 -31.33
CA LYS D 164 3.95 -20.79 -32.46
C LYS D 164 5.25 -21.05 -33.19
N THR D 165 6.29 -21.51 -32.49
CA THR D 165 7.55 -21.80 -33.17
C THR D 165 7.63 -23.24 -33.67
N LYS D 166 6.76 -24.12 -33.18
CA LYS D 166 6.71 -25.51 -33.63
C LYS D 166 8.03 -26.24 -33.39
N THR D 167 8.69 -25.95 -32.27
CA THR D 167 9.95 -26.59 -31.96
C THR D 167 10.15 -26.59 -30.46
N GLU D 168 10.85 -27.59 -29.97
CA GLU D 168 11.11 -27.72 -28.54
C GLU D 168 12.41 -27.06 -28.10
N ASN D 169 13.19 -26.54 -29.03
CA ASN D 169 14.42 -25.81 -28.71
C ASN D 169 14.39 -24.46 -29.41
N PRO D 170 13.57 -23.54 -28.94
CA PRO D 170 13.67 -22.17 -29.44
C PRO D 170 14.65 -21.39 -28.57
N LEU D 171 14.82 -20.11 -28.86
CA LEU D 171 15.58 -19.21 -28.00
C LEU D 171 14.59 -18.24 -27.38
N ILE D 172 14.47 -18.28 -26.06
CA ILE D 172 13.58 -17.39 -25.34
C ILE D 172 14.41 -16.26 -24.76
N LEU D 173 14.00 -15.03 -25.01
CA LEU D 173 14.66 -13.85 -24.48
C LEU D 173 13.71 -13.24 -23.46
N ILE D 174 14.03 -13.42 -22.18
CA ILE D 174 13.27 -12.78 -21.12
C ILE D 174 13.86 -11.41 -20.87
N ASP D 175 13.36 -10.42 -21.59
CA ASP D 175 13.98 -9.10 -21.59
C ASP D 175 13.61 -8.32 -20.34
N GLU D 176 14.63 -7.73 -19.71
CA GLU D 176 14.46 -6.90 -18.52
C GLU D 176 13.86 -7.71 -17.37
N VAL D 177 14.55 -8.79 -17.00
CA VAL D 177 14.08 -9.59 -15.87
C VAL D 177 14.18 -8.81 -14.58
N ASP D 178 15.26 -8.02 -14.42
CA ASP D 178 15.47 -7.25 -13.21
C ASP D 178 14.40 -6.19 -12.98
N LYS D 179 13.53 -5.96 -13.96
CA LYS D 179 12.46 -4.99 -13.84
C LYS D 179 11.10 -5.66 -13.76
N ILE D 180 11.05 -6.96 -13.51
CA ILE D 180 9.77 -7.64 -13.44
C ILE D 180 8.99 -7.13 -12.24
N GLY D 181 7.67 -7.09 -12.38
CA GLY D 181 6.84 -6.47 -11.37
C GLY D 181 6.81 -7.26 -10.07
N ARG D 182 6.53 -6.54 -8.99
CA ARG D 182 6.43 -7.17 -7.67
C ARG D 182 5.57 -6.24 -6.79
N GLY D 183 4.33 -6.61 -6.59
CA GLY D 183 3.40 -5.81 -5.80
C GLY D 183 2.32 -6.65 -5.19
N TYR D 184 1.14 -6.07 -5.04
CA TYR D 184 -0.04 -6.77 -4.55
C TYR D 184 -0.81 -7.44 -5.67
N GLN D 185 -0.32 -7.37 -6.90
CA GLN D 185 -1.03 -7.87 -8.07
C GLN D 185 -0.45 -9.17 -8.61
N GLY D 186 0.65 -9.65 -8.07
CA GLY D 186 1.21 -10.92 -8.48
C GLY D 186 2.72 -10.89 -8.35
N ASP D 187 3.29 -12.06 -8.08
CA ASP D 187 4.73 -12.23 -7.95
C ASP D 187 5.20 -13.21 -9.02
N PRO D 188 5.46 -12.74 -10.24
CA PRO D 188 5.89 -13.65 -11.31
C PRO D 188 7.29 -14.20 -11.12
N SER D 189 8.08 -13.67 -10.18
CA SER D 189 9.44 -14.14 -10.03
C SER D 189 9.49 -15.56 -9.48
N SER D 190 8.47 -15.99 -8.75
CA SER D 190 8.45 -17.36 -8.27
C SER D 190 8.07 -18.34 -9.39
N ALA D 191 7.12 -17.94 -10.24
CA ALA D 191 6.87 -18.74 -11.43
C ALA D 191 8.12 -18.81 -12.30
N LEU D 192 8.90 -17.73 -12.34
CA LEU D 192 10.19 -17.78 -13.00
C LEU D 192 11.13 -18.77 -12.33
N LEU D 193 11.11 -18.85 -11.00
CA LEU D 193 11.86 -19.89 -10.30
C LEU D 193 11.53 -21.26 -10.85
N GLU D 194 10.23 -21.54 -11.00
CA GLU D 194 9.85 -22.86 -11.51
C GLU D 194 10.28 -23.05 -12.96
N LEU D 195 10.13 -22.01 -13.78
CA LEU D 195 10.44 -22.09 -15.20
C LEU D 195 11.93 -22.16 -15.50
N LEU D 196 12.78 -21.64 -14.63
CA LEU D 196 14.21 -21.53 -14.87
C LEU D 196 15.03 -22.46 -13.99
N ASP D 197 14.43 -23.51 -13.45
CA ASP D 197 15.17 -24.43 -12.62
C ASP D 197 15.93 -25.41 -13.50
N PRO D 198 17.26 -25.34 -13.54
CA PRO D 198 18.02 -26.11 -14.53
C PRO D 198 17.80 -27.61 -14.45
N GLU D 199 17.21 -28.12 -13.37
CA GLU D 199 17.01 -29.55 -13.19
C GLU D 199 15.57 -29.98 -13.21
N GLN D 200 14.65 -29.18 -12.68
CA GLN D 200 13.23 -29.46 -12.77
C GLN D 200 12.59 -28.88 -14.02
N ASN D 201 13.39 -28.22 -14.86
CA ASN D 201 12.89 -27.62 -16.10
C ASN D 201 12.18 -28.65 -16.97
N ALA D 202 12.57 -29.91 -16.88
CA ALA D 202 11.98 -30.94 -17.71
C ALA D 202 10.53 -31.24 -17.34
N ASN D 203 10.01 -30.66 -16.25
CA ASN D 203 8.60 -30.81 -15.89
C ASN D 203 8.05 -29.43 -15.57
N PHE D 204 7.60 -28.71 -16.58
CA PHE D 204 7.17 -27.34 -16.32
C PHE D 204 5.77 -27.27 -15.75
N LEU D 205 4.84 -28.07 -16.28
CA LEU D 205 3.48 -28.16 -15.72
C LEU D 205 2.78 -26.80 -15.75
N ASP D 206 2.49 -26.35 -16.97
CA ASP D 206 1.58 -25.22 -17.14
C ASP D 206 0.20 -25.59 -16.59
N HIS D 207 -0.53 -24.57 -16.16
CA HIS D 207 -1.77 -24.83 -15.44
C HIS D 207 -2.93 -25.19 -16.37
N TYR D 208 -2.94 -24.66 -17.59
CA TYR D 208 -4.02 -24.97 -18.52
C TYR D 208 -3.96 -26.44 -18.93
N LEU D 209 -2.86 -26.86 -19.52
CA LEU D 209 -2.66 -28.25 -19.90
C LEU D 209 -1.85 -28.91 -18.79
N ASP D 210 -2.50 -29.78 -18.04
CA ASP D 210 -1.94 -30.39 -16.84
C ASP D 210 -0.95 -31.43 -17.12
N VAL D 211 -0.37 -31.50 -18.32
CA VAL D 211 0.72 -32.42 -18.57
C VAL D 211 2.02 -31.64 -18.51
N PRO D 212 3.07 -32.19 -17.90
CA PRO D 212 4.35 -31.48 -17.87
C PRO D 212 5.03 -31.53 -19.22
N VAL D 213 5.71 -30.44 -19.56
CA VAL D 213 6.40 -30.29 -20.83
C VAL D 213 7.90 -30.34 -20.57
N ASP D 214 8.62 -31.12 -21.36
CA ASP D 214 10.08 -31.14 -21.29
C ASP D 214 10.57 -29.80 -21.81
N LEU D 215 10.90 -28.91 -20.88
CA LEU D 215 11.23 -27.53 -21.21
C LEU D 215 12.72 -27.28 -21.12
N SER D 216 13.53 -28.32 -20.98
CA SER D 216 14.97 -28.19 -21.07
C SER D 216 15.33 -28.04 -22.54
N LYS D 217 16.62 -28.06 -22.84
CA LYS D 217 17.15 -27.79 -24.17
C LYS D 217 16.44 -26.63 -24.85
N VAL D 218 16.12 -25.60 -24.07
CA VAL D 218 15.69 -24.30 -24.55
C VAL D 218 16.72 -23.29 -24.07
N LEU D 219 17.14 -22.39 -24.95
CA LEU D 219 18.16 -21.40 -24.60
C LEU D 219 17.47 -20.19 -23.98
N PHE D 220 17.49 -20.11 -22.66
CA PHE D 220 16.84 -19.03 -21.93
C PHE D 220 17.84 -17.91 -21.72
N ILE D 221 17.72 -16.84 -22.50
CA ILE D 221 18.56 -15.66 -22.35
C ILE D 221 17.78 -14.61 -21.57
N CYS D 222 18.36 -14.14 -20.48
CA CYS D 222 17.80 -13.03 -19.72
C CYS D 222 18.70 -11.82 -19.88
N THR D 223 18.12 -10.64 -19.71
CA THR D 223 18.90 -9.40 -19.75
C THR D 223 18.58 -8.60 -18.50
N ALA D 224 19.60 -7.95 -17.95
CA ALA D 224 19.39 -7.16 -16.75
C ALA D 224 20.39 -6.02 -16.72
N ASN D 225 19.97 -4.88 -16.18
CA ASN D 225 20.90 -3.77 -16.01
C ASN D 225 21.72 -3.98 -14.74
N VAL D 226 21.05 -4.10 -13.61
CA VAL D 226 21.69 -4.38 -12.33
C VAL D 226 21.10 -5.67 -11.79
N THR D 227 21.97 -6.58 -11.35
CA THR D 227 21.52 -7.87 -10.86
C THR D 227 21.11 -7.86 -9.41
N ASP D 228 21.52 -6.85 -8.65
CA ASP D 228 21.28 -6.76 -7.22
C ASP D 228 19.80 -6.66 -6.87
N THR D 229 18.92 -6.52 -7.86
CA THR D 229 17.48 -6.46 -7.62
C THR D 229 16.78 -7.76 -7.97
N ILE D 230 17.50 -8.77 -8.46
CA ILE D 230 16.91 -10.07 -8.76
C ILE D 230 16.99 -10.90 -7.49
N PRO D 231 15.92 -11.61 -7.11
CA PRO D 231 15.99 -12.43 -5.90
C PRO D 231 17.08 -13.49 -6.00
N GLU D 232 17.60 -13.87 -4.83
CA GLU D 232 18.80 -14.71 -4.80
C GLU D 232 18.60 -16.11 -5.36
N PRO D 233 17.49 -16.82 -5.10
CA PRO D 233 17.32 -18.13 -5.76
C PRO D 233 17.32 -18.03 -7.27
N LEU D 234 16.69 -16.97 -7.83
CA LEU D 234 16.69 -16.80 -9.28
C LEU D 234 18.10 -16.53 -9.79
N ARG D 235 18.80 -15.60 -9.15
CA ARG D 235 20.19 -15.35 -9.55
C ARG D 235 21.03 -16.60 -9.46
N ASP D 236 20.71 -17.48 -8.52
CA ASP D 236 21.47 -18.70 -8.34
C ASP D 236 21.11 -19.73 -9.41
N ARG D 237 19.91 -19.67 -9.96
CA ARG D 237 19.55 -20.54 -11.06
C ARG D 237 20.17 -20.07 -12.37
N MET D 238 20.21 -18.76 -12.61
CA MET D 238 20.75 -18.24 -13.86
C MET D 238 22.27 -18.24 -13.84
N GLU D 239 22.85 -18.20 -15.04
CA GLU D 239 24.30 -18.10 -15.19
C GLU D 239 24.63 -16.68 -15.63
N MET D 240 25.30 -15.92 -14.77
CA MET D 240 25.52 -14.51 -15.03
C MET D 240 26.70 -14.30 -15.97
N ILE D 241 26.53 -13.35 -16.90
CA ILE D 241 27.57 -13.00 -17.86
C ILE D 241 27.62 -11.48 -17.96
N ASN D 242 28.77 -10.90 -17.67
CA ASN D 242 28.92 -9.46 -17.72
C ASN D 242 29.14 -9.00 -19.15
N VAL D 243 28.35 -8.02 -19.56
CA VAL D 243 28.53 -7.32 -20.83
C VAL D 243 28.91 -5.90 -20.47
N SER D 244 30.19 -5.57 -20.56
CA SER D 244 30.71 -4.31 -20.06
C SER D 244 30.57 -3.21 -21.10
N GLY D 245 30.84 -1.98 -20.66
CA GLY D 245 30.81 -0.84 -21.56
C GLY D 245 32.01 -0.83 -22.47
N TYR D 246 32.11 0.25 -23.25
CA TYR D 246 33.15 0.40 -24.25
C TYR D 246 33.98 1.65 -23.99
N VAL D 247 35.30 1.50 -24.13
CA VAL D 247 36.24 2.62 -24.08
C VAL D 247 36.13 3.42 -25.37
N ALA D 248 36.80 4.57 -25.41
CA ALA D 248 36.71 5.43 -26.59
C ALA D 248 37.19 4.72 -27.85
N GLN D 249 38.22 3.90 -27.74
CA GLN D 249 38.73 3.19 -28.91
C GLN D 249 37.71 2.20 -29.45
N GLU D 250 37.11 1.40 -28.58
CA GLU D 250 36.09 0.47 -29.03
C GLU D 250 34.88 1.20 -29.55
N LYS D 251 34.53 2.34 -28.96
CA LYS D 251 33.42 3.13 -29.49
C LYS D 251 33.72 3.64 -30.88
N LEU D 252 34.96 4.05 -31.14
CA LEU D 252 35.34 4.47 -32.49
C LEU D 252 35.24 3.30 -33.46
N ALA D 253 35.67 2.12 -33.05
CA ALA D 253 35.55 0.96 -33.92
C ALA D 253 34.09 0.64 -34.23
N ILE D 254 33.23 0.73 -33.22
CA ILE D 254 31.81 0.48 -33.41
C ILE D 254 31.22 1.51 -34.37
N ALA D 255 31.58 2.78 -34.19
CA ALA D 255 31.02 3.82 -35.06
C ALA D 255 31.51 3.67 -36.48
N GLU D 256 32.76 3.25 -36.67
CA GLU D 256 33.29 3.10 -38.02
C GLU D 256 32.65 1.92 -38.73
N ARG D 257 32.55 0.78 -38.06
CA ARG D 257 32.15 -0.43 -38.75
C ARG D 257 30.66 -0.71 -38.72
N TYR D 258 29.93 -0.26 -37.70
CA TYR D 258 28.52 -0.60 -37.57
C TYR D 258 27.61 0.61 -37.56
N LEU D 259 27.86 1.59 -36.69
CA LEU D 259 26.88 2.64 -36.47
C LEU D 259 26.74 3.55 -37.69
N VAL D 260 27.86 3.97 -38.27
CA VAL D 260 27.80 4.87 -39.42
C VAL D 260 27.20 4.15 -40.62
N PRO D 261 27.63 2.94 -41.00
CA PRO D 261 26.96 2.26 -42.12
C PRO D 261 25.49 2.01 -41.87
N GLN D 262 25.10 1.63 -40.65
CA GLN D 262 23.69 1.36 -40.39
C GLN D 262 22.86 2.63 -40.47
N ALA D 263 23.32 3.70 -39.82
CA ALA D 263 22.62 4.98 -39.90
C ALA D 263 22.56 5.51 -41.32
N ARG D 264 23.60 5.26 -42.11
CA ARG D 264 23.62 5.72 -43.49
C ARG D 264 22.63 4.96 -44.35
N ALA D 265 22.55 3.64 -44.16
CA ALA D 265 21.51 2.88 -44.84
C ALA D 265 20.13 3.33 -44.43
N LEU D 266 19.94 3.64 -43.14
CA LEU D 266 18.64 4.09 -42.66
C LEU D 266 18.26 5.44 -43.25
N CYS D 267 19.22 6.35 -43.40
CA CYS D 267 18.93 7.67 -43.93
C CYS D 267 19.00 7.72 -45.45
N GLY D 268 19.37 6.63 -46.10
CA GLY D 268 19.38 6.56 -47.55
C GLY D 268 20.47 7.34 -48.22
N LEU D 269 21.15 8.23 -47.51
CA LEU D 269 22.27 8.95 -48.09
C LEU D 269 23.40 7.99 -48.43
N ASP D 270 24.31 8.44 -49.28
CA ASP D 270 25.33 7.54 -49.81
C ASP D 270 26.61 7.62 -48.99
N GLU D 271 27.56 6.75 -49.34
CA GLU D 271 28.88 6.73 -48.74
C GLU D 271 29.80 7.81 -49.31
N SER D 272 29.34 8.53 -50.34
CA SER D 272 30.13 9.59 -50.97
C SER D 272 29.52 10.98 -50.82
N LYS D 273 28.23 11.08 -50.50
CA LYS D 273 27.61 12.39 -50.32
C LYS D 273 28.03 13.01 -48.99
N ALA D 274 28.13 12.19 -47.95
CA ALA D 274 28.53 12.67 -46.63
C ALA D 274 29.63 11.79 -46.11
N LYS D 275 30.75 12.41 -45.72
CA LYS D 275 31.93 11.69 -45.26
C LYS D 275 32.15 11.97 -43.78
N LEU D 276 32.05 10.93 -42.97
CA LEU D 276 32.42 10.99 -41.56
C LEU D 276 33.77 10.29 -41.42
N SER D 277 34.80 11.06 -41.09
CA SER D 277 36.14 10.54 -40.98
C SER D 277 36.46 10.11 -39.56
N SER D 278 37.59 9.41 -39.41
CA SER D 278 37.98 8.95 -38.08
C SER D 278 38.23 10.10 -37.14
N ASP D 279 38.70 11.25 -37.64
CA ASP D 279 39.01 12.37 -36.76
C ASP D 279 37.75 13.02 -36.24
N VAL D 280 36.80 13.32 -37.12
CA VAL D 280 35.53 13.88 -36.65
C VAL D 280 34.81 12.88 -35.76
N LEU D 281 34.97 11.57 -36.02
CA LEU D 281 34.34 10.59 -35.17
C LEU D 281 34.96 10.56 -33.78
N THR D 282 36.29 10.60 -33.70
CA THR D 282 36.95 10.60 -32.39
C THR D 282 36.62 11.87 -31.62
N LEU D 283 36.58 13.01 -32.30
CA LEU D 283 36.21 14.24 -31.61
C LEU D 283 34.78 14.18 -31.11
N LEU D 284 33.86 13.69 -31.94
CA LEU D 284 32.47 13.57 -31.53
C LEU D 284 32.33 12.67 -30.32
N ILE D 285 33.01 11.52 -30.32
CA ILE D 285 33.01 10.65 -29.15
C ILE D 285 33.55 11.39 -27.94
N LYS D 286 34.74 11.98 -28.08
CA LYS D 286 35.44 12.55 -26.94
C LYS D 286 34.66 13.69 -26.29
N GLN D 287 33.97 14.49 -27.09
CA GLN D 287 33.32 15.68 -26.56
C GLN D 287 31.79 15.59 -26.54
N TYR D 288 31.21 14.45 -26.89
CA TYR D 288 29.76 14.34 -26.76
C TYR D 288 29.28 13.01 -26.21
N CYS D 289 30.13 11.98 -26.11
CA CYS D 289 29.67 10.64 -25.75
C CYS D 289 30.67 10.06 -24.74
N ARG D 290 30.39 10.28 -23.46
CA ARG D 290 31.21 9.70 -22.40
C ARG D 290 30.55 8.51 -21.72
N GLU D 291 29.30 8.20 -22.06
CA GLU D 291 28.58 7.11 -21.43
C GLU D 291 29.20 5.78 -21.82
N SER D 292 28.65 4.71 -21.26
CA SER D 292 29.18 3.38 -21.56
C SER D 292 28.58 2.79 -22.83
N GLY D 293 27.27 2.95 -23.03
CA GLY D 293 26.62 2.43 -24.20
C GLY D 293 26.90 3.25 -25.44
N VAL D 294 26.19 2.91 -26.51
CA VAL D 294 26.43 3.52 -27.81
C VAL D 294 25.19 4.22 -28.36
N ARG D 295 24.16 4.40 -27.54
CA ARG D 295 22.94 5.02 -28.05
C ARG D 295 23.14 6.51 -28.31
N ASN D 296 23.91 7.19 -27.46
CA ASN D 296 24.19 8.61 -27.71
C ASN D 296 25.04 8.77 -28.97
N LEU D 297 25.99 7.86 -29.18
CA LEU D 297 26.75 7.88 -30.42
C LEU D 297 25.85 7.69 -31.62
N GLN D 298 24.91 6.74 -31.53
CA GLN D 298 23.93 6.56 -32.58
C GLN D 298 23.15 7.84 -32.84
N LYS D 299 22.72 8.51 -31.79
CA LYS D 299 21.92 9.73 -31.96
C LYS D 299 22.72 10.84 -32.62
N GLN D 300 23.98 11.01 -32.23
CA GLN D 300 24.78 12.08 -32.84
C GLN D 300 25.10 11.76 -34.30
N VAL D 301 25.43 10.50 -34.60
CA VAL D 301 25.67 10.12 -35.99
C VAL D 301 24.42 10.35 -36.83
N GLU D 302 23.27 9.90 -36.33
CA GLU D 302 22.01 10.13 -37.04
C GLU D 302 21.77 11.61 -37.24
N LYS D 303 22.14 12.43 -36.26
CA LYS D 303 21.90 13.86 -36.38
C LYS D 303 22.75 14.47 -37.49
N VAL D 304 24.05 14.18 -37.51
CA VAL D 304 24.89 14.75 -38.56
C VAL D 304 24.43 14.26 -39.93
N LEU D 305 24.02 13.00 -40.01
CA LEU D 305 23.61 12.46 -41.30
C LEU D 305 22.30 13.07 -41.78
N ARG D 306 21.36 13.32 -40.88
CA ARG D 306 20.10 13.89 -41.31
C ARG D 306 20.23 15.38 -41.64
N LYS D 307 21.10 16.10 -40.94
CA LYS D 307 21.36 17.48 -41.35
C LYS D 307 22.05 17.54 -42.70
N SER D 308 22.97 16.60 -42.95
CA SER D 308 23.56 16.47 -44.27
C SER D 308 22.50 16.19 -45.32
N ALA D 309 21.60 15.24 -45.03
CA ALA D 309 20.56 14.88 -45.98
C ALA D 309 19.67 16.07 -46.29
N TYR D 310 19.38 16.91 -45.29
CA TYR D 310 18.58 18.10 -45.58
C TYR D 310 19.35 19.08 -46.43
N LYS D 311 20.64 19.30 -46.13
CA LYS D 311 21.44 20.18 -46.97
C LYS D 311 21.40 19.74 -48.42
N ILE D 312 21.44 18.42 -48.65
CA ILE D 312 21.48 17.92 -50.01
C ILE D 312 20.12 17.98 -50.67
N VAL D 313 19.09 17.45 -50.00
CA VAL D 313 17.76 17.38 -50.58
C VAL D 313 17.22 18.78 -50.86
N SER D 314 17.44 19.71 -49.93
CA SER D 314 16.93 21.07 -50.08
C SER D 314 17.70 21.88 -51.11
N GLY D 315 18.57 21.25 -51.89
CA GLY D 315 19.28 21.95 -52.95
C GLY D 315 20.26 22.98 -52.46
N GLU D 316 20.83 22.77 -51.27
CA GLU D 316 21.87 23.65 -50.75
C GLU D 316 23.27 23.19 -51.13
N ALA D 317 23.48 21.90 -51.31
CA ALA D 317 24.78 21.36 -51.65
C ALA D 317 24.59 20.14 -52.53
N GLU D 318 25.69 19.47 -52.84
CA GLU D 318 25.62 18.19 -53.55
C GLU D 318 26.51 17.17 -52.85
N SER D 319 27.45 17.66 -52.05
CA SER D 319 28.31 16.81 -51.25
C SER D 319 28.72 17.60 -50.02
N VAL D 320 28.15 17.26 -48.88
CA VAL D 320 28.46 17.93 -47.63
C VAL D 320 29.82 17.46 -47.13
N GLU D 321 30.57 18.36 -46.51
CA GLU D 321 31.90 18.07 -45.99
C GLU D 321 31.91 18.35 -44.49
N VAL D 322 32.08 17.29 -43.70
CA VAL D 322 32.07 17.39 -42.25
C VAL D 322 33.52 17.29 -41.78
N THR D 323 34.03 18.36 -41.20
CA THR D 323 35.39 18.44 -40.73
C THR D 323 35.44 18.73 -39.23
N PRO D 324 36.57 18.48 -38.58
CA PRO D 324 36.68 18.80 -37.15
C PRO D 324 36.39 20.25 -36.80
N GLU D 325 36.28 21.13 -37.80
CA GLU D 325 36.08 22.55 -37.53
C GLU D 325 34.61 22.93 -37.50
N ASN D 326 33.85 22.54 -38.52
CA ASN D 326 32.43 22.85 -38.60
C ASN D 326 31.55 21.80 -37.95
N LEU D 327 32.08 21.02 -37.01
CA LEU D 327 31.27 20.02 -36.35
C LEU D 327 30.30 20.62 -35.34
N GLN D 328 30.66 21.76 -34.73
CA GLN D 328 29.71 22.34 -33.79
C GLN D 328 28.49 22.93 -34.48
N ASP D 329 28.42 22.85 -35.80
CA ASP D 329 27.23 23.24 -36.54
C ASP D 329 26.26 22.09 -36.73
N PHE D 330 26.76 20.86 -36.73
CA PHE D 330 25.92 19.70 -36.96
C PHE D 330 25.35 19.14 -35.66
N VAL D 331 26.14 19.11 -34.60
CA VAL D 331 25.69 18.56 -33.34
C VAL D 331 25.46 19.61 -32.26
N GLY D 332 25.96 20.83 -32.45
CA GLY D 332 25.86 21.86 -31.44
C GLY D 332 27.17 22.07 -30.73
N LYS D 333 27.10 22.86 -29.67
CA LYS D 333 28.30 23.22 -28.92
C LYS D 333 28.82 22.03 -28.13
N PRO D 334 30.12 21.97 -27.90
CA PRO D 334 30.71 20.78 -27.27
C PRO D 334 30.31 20.64 -25.80
N VAL D 335 30.11 19.40 -25.40
CA VAL D 335 29.98 19.03 -24.01
C VAL D 335 31.34 18.48 -23.58
N PHE D 336 31.58 18.45 -22.27
CA PHE D 336 32.82 17.90 -21.71
C PHE D 336 34.05 18.56 -22.35
N THR D 337 34.17 19.88 -22.15
CA THR D 337 35.30 20.60 -22.71
C THR D 337 36.28 21.13 -21.68
N VAL D 338 35.88 21.26 -20.42
CA VAL D 338 36.78 21.65 -19.33
C VAL D 338 36.95 20.42 -18.45
N GLU D 339 38.19 19.93 -18.34
CA GLU D 339 38.44 18.63 -17.74
C GLU D 339 38.92 18.70 -16.31
N ARG D 340 39.36 19.86 -15.83
CA ARG D 340 39.86 19.98 -14.47
C ARG D 340 39.29 21.21 -13.80
N MET D 341 38.87 21.05 -12.56
CA MET D 341 38.40 22.17 -11.75
C MET D 341 39.55 23.01 -11.21
N TYR D 342 40.65 22.38 -10.83
CA TYR D 342 41.87 23.07 -10.43
C TYR D 342 43.01 22.56 -11.29
N ASP D 343 43.91 23.45 -11.70
CA ASP D 343 45.09 23.03 -12.45
C ASP D 343 46.36 23.13 -11.64
N VAL D 344 46.37 23.92 -10.57
CA VAL D 344 47.43 23.88 -9.57
C VAL D 344 46.76 23.94 -8.20
N THR D 345 46.63 22.78 -7.58
CA THR D 345 45.80 22.66 -6.38
C THR D 345 46.42 23.44 -5.22
N PRO D 346 45.66 24.32 -4.57
CA PRO D 346 46.17 25.01 -3.38
C PRO D 346 46.31 24.05 -2.22
N PRO D 347 46.77 24.51 -1.06
CA PRO D 347 46.82 23.61 0.10
C PRO D 347 45.43 23.17 0.53
N GLY D 348 45.25 21.87 0.68
CA GLY D 348 44.03 21.32 1.23
C GLY D 348 43.14 20.62 0.23
N VAL D 349 43.44 20.67 -1.06
CA VAL D 349 42.61 20.04 -2.09
C VAL D 349 43.45 18.99 -2.80
N VAL D 350 42.86 17.83 -3.05
CA VAL D 350 43.56 16.69 -3.64
C VAL D 350 42.67 16.02 -4.67
N MET D 351 43.28 15.59 -5.77
CA MET D 351 42.55 14.81 -6.78
C MET D 351 42.34 13.39 -6.29
N GLY D 352 41.10 12.93 -6.36
CA GLY D 352 40.79 11.55 -6.10
C GLY D 352 40.09 10.95 -7.29
N LEU D 353 40.18 9.65 -7.47
CA LEU D 353 39.54 8.97 -8.58
C LEU D 353 38.30 8.25 -8.07
N ALA D 354 37.15 8.59 -8.63
CA ALA D 354 35.88 8.04 -8.20
C ALA D 354 35.28 7.17 -9.28
N TRP D 355 34.55 6.16 -8.85
CA TRP D 355 33.86 5.22 -9.73
C TRP D 355 32.38 5.56 -9.65
N THR D 356 31.94 6.45 -10.54
CA THR D 356 30.56 6.90 -10.53
C THR D 356 29.67 5.87 -11.19
N ALA D 357 28.37 6.14 -11.22
CA ALA D 357 27.45 5.23 -11.88
C ALA D 357 27.68 5.22 -13.38
N MET D 358 28.02 6.37 -13.94
CA MET D 358 28.35 6.50 -15.37
C MET D 358 29.88 6.59 -15.48
N GLY D 359 30.52 5.42 -15.49
CA GLY D 359 31.97 5.40 -15.61
C GLY D 359 32.64 5.90 -14.35
N GLY D 360 33.72 6.67 -14.55
CA GLY D 360 34.45 7.24 -13.44
C GLY D 360 34.86 8.66 -13.77
N SER D 361 35.13 9.43 -12.71
CA SER D 361 35.50 10.82 -12.87
C SER D 361 36.43 11.22 -11.74
N THR D 362 37.17 12.30 -11.96
CA THR D 362 38.11 12.82 -10.98
C THR D 362 37.38 13.83 -10.10
N LEU D 363 37.44 13.61 -8.80
CA LEU D 363 36.89 14.53 -7.83
C LEU D 363 38.02 15.30 -7.16
N PHE D 364 37.69 16.45 -6.60
CA PHE D 364 38.66 17.28 -5.91
C PHE D 364 38.22 17.42 -4.46
N VAL D 365 38.75 16.55 -3.59
CA VAL D 365 38.42 16.62 -2.18
C VAL D 365 39.02 17.89 -1.60
N GLU D 366 38.20 18.70 -0.94
CA GLU D 366 38.64 19.99 -0.45
C GLU D 366 38.54 20.07 1.05
N THR D 367 39.38 20.92 1.65
CA THR D 367 39.33 21.21 3.06
C THR D 367 39.55 22.69 3.28
N SER D 368 38.92 23.24 4.31
CA SER D 368 39.07 24.64 4.66
C SER D 368 38.58 24.82 6.08
N LEU D 369 39.37 25.52 6.89
CA LEU D 369 38.99 25.72 8.27
C LEU D 369 37.89 26.77 8.37
N ARG D 370 36.92 26.51 9.24
CA ARG D 370 35.76 27.39 9.37
C ARG D 370 36.05 28.57 10.28
N ARG D 371 36.41 28.30 11.47
CA ARG D 371 36.67 29.32 12.48
C ARG D 371 38.15 29.65 12.53
N PRO D 372 38.51 30.85 12.95
CA PRO D 372 39.92 31.22 13.02
C PRO D 372 40.65 30.41 14.08
N GLN D 373 41.93 30.16 13.83
CA GLN D 373 42.69 29.24 14.67
C GLN D 373 42.78 29.74 16.10
N ASP D 374 43.10 31.01 16.29
CA ASP D 374 43.30 31.58 17.62
C ASP D 374 44.36 30.80 18.40
N LYS D 381 38.59 22.50 24.39
CA LYS D 381 39.64 23.05 23.54
C LYS D 381 40.01 22.07 22.43
N ASP D 382 39.10 21.16 22.14
CA ASP D 382 39.31 20.16 21.11
C ASP D 382 38.91 20.70 19.75
N GLY D 383 39.65 20.31 18.71
CA GLY D 383 39.27 20.62 17.35
C GLY D 383 37.98 19.93 16.96
N SER D 384 37.62 20.07 15.70
CA SER D 384 36.41 19.45 15.19
C SER D 384 36.55 19.22 13.69
N LEU D 385 35.49 18.69 13.09
CA LEU D 385 35.44 18.46 11.66
C LEU D 385 33.99 18.20 11.27
N GLU D 386 33.49 18.96 10.30
CA GLU D 386 32.20 18.66 9.73
C GLU D 386 32.38 18.32 8.25
N VAL D 387 31.57 17.38 7.78
CA VAL D 387 31.73 16.77 6.47
C VAL D 387 30.48 17.04 5.66
N THR D 388 30.65 17.40 4.40
CA THR D 388 29.56 17.59 3.48
C THR D 388 29.81 16.77 2.23
N GLY D 389 28.97 16.97 1.23
CA GLY D 389 29.17 16.31 -0.05
C GLY D 389 28.53 14.94 -0.13
N GLN D 390 29.35 13.92 -0.37
CA GLN D 390 28.86 12.55 -0.52
C GLN D 390 28.12 12.11 0.73
N LEU D 391 26.81 11.93 0.60
CA LEU D 391 25.98 11.54 1.72
C LEU D 391 26.05 10.02 1.91
N GLY D 392 25.82 9.60 3.14
CA GLY D 392 25.83 8.18 3.49
C GLY D 392 26.54 7.95 4.80
N GLU D 393 26.03 6.99 5.58
CA GLU D 393 26.60 6.74 6.90
C GLU D 393 27.94 6.05 6.81
N VAL D 394 28.11 5.16 5.82
CA VAL D 394 29.41 4.52 5.63
C VAL D 394 30.45 5.56 5.23
N MET D 395 30.06 6.53 4.41
CA MET D 395 30.97 7.62 4.08
C MET D 395 31.27 8.49 5.29
N LYS D 396 30.28 8.71 6.15
CA LYS D 396 30.53 9.44 7.39
C LYS D 396 31.58 8.73 8.23
N GLU D 397 31.41 7.42 8.43
CA GLU D 397 32.37 6.67 9.24
C GLU D 397 33.74 6.67 8.59
N SER D 398 33.79 6.57 7.26
CA SER D 398 35.08 6.60 6.57
C SER D 398 35.78 7.93 6.80
N ALA D 399 35.04 9.03 6.73
CA ALA D 399 35.65 10.33 6.97
C ALA D 399 36.11 10.47 8.41
N ARG D 400 35.36 9.90 9.36
CA ARG D 400 35.80 9.97 10.75
C ARG D 400 37.07 9.17 10.97
N ILE D 401 37.17 7.98 10.36
CA ILE D 401 38.39 7.18 10.49
C ILE D 401 39.57 7.88 9.82
N ALA D 402 39.35 8.49 8.67
CA ALA D 402 40.41 9.24 8.01
C ALA D 402 40.86 10.41 8.87
N TYR D 403 39.91 11.10 9.51
CA TYR D 403 40.23 12.20 10.39
C TYR D 403 41.09 11.74 11.56
N THR D 404 40.69 10.62 12.19
CA THR D 404 41.44 10.12 13.33
C THR D 404 42.84 9.70 12.92
N PHE D 405 42.97 8.97 11.81
CA PHE D 405 44.29 8.57 11.37
C PHE D 405 45.14 9.77 10.98
N ALA D 406 44.53 10.82 10.42
CA ALA D 406 45.32 12.00 10.09
C ALA D 406 45.83 12.68 11.34
N ARG D 407 44.97 12.81 12.36
CA ARG D 407 45.43 13.36 13.63
C ARG D 407 46.60 12.56 14.19
N ALA D 408 46.45 11.24 14.21
CA ALA D 408 47.50 10.38 14.77
C ALA D 408 48.79 10.47 13.97
N PHE D 409 48.68 10.45 12.64
CA PHE D 409 49.87 10.52 11.80
C PHE D 409 50.58 11.84 11.97
N LEU D 410 49.83 12.94 12.03
CA LEU D 410 50.48 14.24 12.16
C LEU D 410 51.11 14.40 13.54
N MET D 411 50.45 13.91 14.59
CA MET D 411 51.05 14.03 15.91
C MET D 411 52.10 12.97 16.18
N GLN D 412 52.31 12.06 15.25
CA GLN D 412 53.50 11.20 15.29
C GLN D 412 54.63 11.77 14.45
N HIS D 413 54.29 12.44 13.34
CA HIS D 413 55.28 12.93 12.39
C HIS D 413 55.89 14.25 12.84
N ALA D 414 55.04 15.22 13.21
CA ALA D 414 55.49 16.54 13.67
C ALA D 414 54.71 16.87 14.93
N PRO D 415 55.10 16.31 16.07
CA PRO D 415 54.28 16.44 17.29
C PRO D 415 54.14 17.86 17.78
N ALA D 416 54.86 18.82 17.21
CA ALA D 416 54.68 20.22 17.55
C ALA D 416 53.54 20.87 16.79
N ASN D 417 52.93 20.15 15.85
CA ASN D 417 51.83 20.68 15.05
C ASN D 417 50.52 20.32 15.72
N ASP D 418 49.78 21.33 16.16
CA ASP D 418 48.47 21.14 16.78
C ASP D 418 47.34 21.59 15.89
N TYR D 419 47.63 21.86 14.61
CA TYR D 419 46.60 22.34 13.70
C TYR D 419 45.41 21.39 13.65
N LEU D 420 45.68 20.11 13.47
CA LEU D 420 44.61 19.15 13.23
C LEU D 420 43.85 18.80 14.49
N VAL D 421 44.46 18.98 15.67
CA VAL D 421 43.80 18.63 16.92
C VAL D 421 43.19 19.85 17.61
N THR D 422 43.44 21.06 17.13
CA THR D 422 42.84 22.24 17.73
C THR D 422 42.07 23.13 16.77
N SER D 423 42.11 22.88 15.47
CA SER D 423 41.39 23.74 14.55
C SER D 423 40.07 23.10 14.12
N HIS D 424 39.17 23.95 13.65
CA HIS D 424 37.83 23.52 13.23
C HIS D 424 37.80 23.53 11.70
N ILE D 425 37.83 22.35 11.11
CA ILE D 425 38.01 22.19 9.69
C ILE D 425 36.66 21.93 9.04
N HIS D 426 36.62 22.06 7.72
CA HIS D 426 35.47 21.67 6.91
C HIS D 426 36.00 20.99 5.68
N LEU D 427 35.68 19.72 5.47
CA LEU D 427 36.05 19.08 4.22
C LEU D 427 34.80 18.77 3.41
N HIS D 428 34.98 18.75 2.10
CA HIS D 428 33.90 18.50 1.15
C HIS D 428 34.39 17.47 0.15
N VAL D 429 33.62 16.41 -0.01
CA VAL D 429 33.85 15.36 -1.01
C VAL D 429 32.81 15.53 -2.11
N PRO D 430 33.19 15.49 -3.37
CA PRO D 430 32.31 16.01 -4.42
C PRO D 430 31.18 15.09 -4.85
N GLU D 431 30.83 14.11 -4.03
CA GLU D 431 29.57 13.36 -4.15
C GLU D 431 29.38 12.76 -5.54
N GLY D 432 30.44 12.18 -6.09
CA GLY D 432 30.34 11.55 -7.39
C GLY D 432 30.13 10.05 -7.34
N ALA D 433 30.86 9.37 -6.46
CA ALA D 433 30.90 7.92 -6.47
C ALA D 433 29.56 7.32 -6.05
N THR D 434 29.44 6.02 -6.27
CA THR D 434 28.26 5.24 -5.92
C THR D 434 28.16 5.09 -4.41
N PRO D 435 27.09 4.47 -3.88
CA PRO D 435 27.11 4.07 -2.46
C PRO D 435 28.35 3.28 -2.10
N LYS D 436 28.60 2.19 -2.82
CA LYS D 436 29.91 1.56 -2.77
C LYS D 436 30.92 2.48 -3.45
N ASP D 437 32.20 2.26 -3.15
CA ASP D 437 33.32 3.07 -3.61
C ASP D 437 33.30 4.45 -2.98
N GLY D 438 32.36 4.75 -2.09
CA GLY D 438 32.42 5.92 -1.27
C GLY D 438 33.62 5.90 -0.34
N PRO D 439 33.78 4.81 0.42
CA PRO D 439 34.94 4.69 1.30
C PRO D 439 36.27 4.63 0.56
N SER D 440 36.22 4.62 -0.77
CA SER D 440 37.44 4.59 -1.56
C SER D 440 38.16 5.93 -1.59
N ALA D 441 37.64 6.95 -0.91
CA ALA D 441 38.26 8.26 -0.85
C ALA D 441 39.07 8.46 0.43
N GLY D 442 39.38 7.40 1.15
CA GLY D 442 40.03 7.55 2.43
C GLY D 442 41.41 8.17 2.33
N CYS D 443 42.24 7.63 1.44
CA CYS D 443 43.58 8.16 1.29
C CYS D 443 43.55 9.60 0.78
N THR D 444 42.58 9.93 -0.08
CA THR D 444 42.45 11.30 -0.55
C THR D 444 42.09 12.24 0.60
N ILE D 445 41.18 11.81 1.48
CA ILE D 445 40.80 12.64 2.61
C ILE D 445 41.97 12.85 3.54
N VAL D 446 42.73 11.78 3.80
CA VAL D 446 43.89 11.90 4.69
C VAL D 446 44.91 12.86 4.08
N THR D 447 45.13 12.76 2.77
CA THR D 447 46.10 13.62 2.13
C THR D 447 45.64 15.07 2.14
N ALA D 448 44.34 15.31 1.96
CA ALA D 448 43.83 16.67 2.00
C ALA D 448 44.00 17.28 3.38
N LEU D 449 43.66 16.52 4.43
CA LEU D 449 43.82 17.02 5.78
C LEU D 449 45.27 17.33 6.09
N LEU D 450 46.17 16.42 5.73
CA LEU D 450 47.59 16.65 6.00
C LEU D 450 48.13 17.81 5.19
N SER D 451 47.64 18.00 3.96
CA SER D 451 48.08 19.11 3.14
C SER D 451 47.67 20.44 3.75
N LEU D 452 46.42 20.54 4.22
CA LEU D 452 45.98 21.77 4.86
C LEU D 452 46.76 22.02 6.15
N ALA D 453 46.98 20.98 6.94
CA ALA D 453 47.67 21.15 8.21
C ALA D 453 49.12 21.60 8.00
N MET D 454 49.84 20.92 7.11
CA MET D 454 51.22 21.30 6.83
C MET D 454 51.33 22.55 5.97
N GLY D 455 50.22 23.03 5.42
CA GLY D 455 50.23 24.27 4.67
C GLY D 455 50.78 24.17 3.27
N ARG D 456 51.22 22.99 2.82
CA ARG D 456 51.84 22.89 1.52
C ARG D 456 50.98 22.11 0.56
N PRO D 457 51.03 22.43 -0.73
CA PRO D 457 50.22 21.72 -1.71
C PRO D 457 50.79 20.35 -2.03
N VAL D 458 49.91 19.47 -2.51
CA VAL D 458 50.28 18.12 -2.88
C VAL D 458 50.97 18.20 -4.23
N ARG D 459 51.73 17.15 -4.59
CA ARG D 459 52.26 17.04 -5.94
C ARG D 459 51.18 17.35 -6.97
N GLN D 460 51.57 18.01 -8.05
CA GLN D 460 50.57 18.63 -8.91
C GLN D 460 49.75 17.58 -9.65
N ASN D 461 50.38 16.80 -10.52
CA ASN D 461 49.64 15.83 -11.33
C ASN D 461 49.70 14.51 -10.59
N LEU D 462 48.76 14.32 -9.68
CA LEU D 462 48.71 13.11 -8.85
C LEU D 462 47.25 12.83 -8.53
N ALA D 463 46.96 11.56 -8.30
CA ALA D 463 45.59 11.15 -7.99
C ALA D 463 45.65 9.81 -7.29
N MET D 464 45.08 9.73 -6.09
CA MET D 464 45.17 8.54 -5.27
C MET D 464 43.81 7.90 -5.13
N THR D 465 43.82 6.64 -4.74
CA THR D 465 42.61 5.86 -4.53
C THR D 465 42.91 4.78 -3.51
N GLY D 466 41.93 4.47 -2.67
CA GLY D 466 42.10 3.37 -1.76
C GLY D 466 41.56 3.66 -0.37
N GLU D 467 41.05 2.64 0.31
CA GLU D 467 40.56 2.87 1.66
C GLU D 467 41.73 2.97 2.63
N VAL D 468 41.51 3.65 3.74
CA VAL D 468 42.49 3.72 4.81
C VAL D 468 41.84 3.21 6.08
N SER D 469 42.60 2.47 6.88
CA SER D 469 42.11 1.94 8.14
C SER D 469 42.47 2.88 9.28
N LEU D 470 42.03 2.53 10.49
CA LEU D 470 42.32 3.37 11.65
C LEU D 470 43.80 3.40 11.99
N THR D 471 44.57 2.41 11.54
CA THR D 471 46.00 2.37 11.78
C THR D 471 46.81 2.67 10.53
N GLY D 472 46.17 2.97 9.42
CA GLY D 472 46.87 3.45 8.24
C GLY D 472 47.02 2.45 7.11
N LYS D 473 46.56 1.22 7.28
CA LYS D 473 46.64 0.26 6.20
C LYS D 473 45.79 0.72 5.02
N ILE D 474 46.28 0.48 3.81
CA ILE D 474 45.57 0.87 2.59
C ILE D 474 44.86 -0.37 2.07
N LEU D 475 43.55 -0.28 1.98
CA LEU D 475 42.67 -1.39 1.64
C LEU D 475 42.17 -1.26 0.21
N PRO D 476 41.99 -2.38 -0.47
CA PRO D 476 41.74 -2.36 -1.92
C PRO D 476 40.37 -1.78 -2.26
N VAL D 477 40.23 -1.42 -3.52
CA VAL D 477 39.01 -0.84 -4.05
C VAL D 477 38.69 -1.48 -5.40
N GLY D 478 37.54 -1.12 -5.94
CA GLY D 478 37.11 -1.58 -7.24
C GLY D 478 37.07 -0.44 -8.24
N GLY D 479 36.69 -0.80 -9.47
CA GLY D 479 36.59 0.19 -10.52
C GLY D 479 37.92 0.73 -10.98
N ILE D 480 38.95 -0.12 -10.98
CA ILE D 480 40.30 0.35 -11.32
C ILE D 480 40.34 0.83 -12.77
N LYS D 481 39.66 0.15 -13.68
CA LYS D 481 39.70 0.55 -15.08
C LYS D 481 39.01 1.89 -15.30
N GLU D 482 37.86 2.09 -14.69
CA GLU D 482 37.15 3.36 -14.85
C GLU D 482 37.94 4.50 -14.22
N LYS D 483 38.53 4.26 -13.05
CA LYS D 483 39.36 5.29 -12.43
C LYS D 483 40.59 5.59 -13.27
N THR D 484 41.16 4.58 -13.92
CA THR D 484 42.33 4.82 -14.77
C THR D 484 41.96 5.63 -15.99
N ILE D 485 40.82 5.32 -16.62
CA ILE D 485 40.38 6.10 -17.76
C ILE D 485 40.12 7.55 -17.36
N ALA D 486 39.47 7.75 -16.21
CA ALA D 486 39.22 9.12 -15.74
C ALA D 486 40.53 9.86 -15.47
N ALA D 487 41.49 9.17 -14.85
CA ALA D 487 42.77 9.80 -14.54
C ALA D 487 43.51 10.19 -15.80
N LYS D 488 43.52 9.32 -16.80
CA LYS D 488 44.18 9.65 -18.05
C LYS D 488 43.46 10.77 -18.77
N ARG D 489 42.13 10.82 -18.67
CA ARG D 489 41.37 11.85 -19.37
C ARG D 489 41.58 13.21 -18.74
N ALA D 490 41.73 13.26 -17.41
CA ALA D 490 41.96 14.53 -16.74
C ALA D 490 43.38 15.02 -16.85
N GLY D 491 44.28 14.26 -17.47
CA GLY D 491 45.65 14.71 -17.63
C GLY D 491 46.53 14.49 -16.43
N VAL D 492 46.41 13.34 -15.79
CA VAL D 492 47.20 12.98 -14.62
C VAL D 492 48.37 12.13 -15.08
N THR D 493 49.53 12.32 -14.46
CA THR D 493 50.72 11.55 -14.78
C THR D 493 51.03 10.46 -13.78
N CYS D 494 50.84 10.72 -12.49
CA CYS D 494 51.20 9.79 -11.43
C CYS D 494 49.95 9.36 -10.69
N ILE D 495 49.80 8.06 -10.49
CA ILE D 495 48.61 7.52 -9.85
C ILE D 495 49.02 6.54 -8.77
N VAL D 496 48.38 6.66 -7.61
CA VAL D 496 48.65 5.83 -6.44
C VAL D 496 47.49 4.88 -6.23
N LEU D 497 47.78 3.60 -6.02
CA LEU D 497 46.77 2.57 -5.91
C LEU D 497 47.15 1.62 -4.80
N PRO D 498 46.17 0.96 -4.18
CA PRO D 498 46.49 -0.05 -3.17
C PRO D 498 47.22 -1.22 -3.81
N ALA D 499 48.22 -1.74 -3.08
CA ALA D 499 49.07 -2.80 -3.62
C ALA D 499 48.32 -4.08 -3.91
N GLU D 500 47.07 -4.20 -3.49
CA GLU D 500 46.26 -5.38 -3.78
C GLU D 500 45.40 -5.19 -5.02
N ASN D 501 45.57 -4.08 -5.74
CA ASN D 501 44.94 -3.87 -7.03
C ASN D 501 45.95 -3.93 -8.17
N LYS D 502 47.10 -4.55 -7.94
CA LYS D 502 48.14 -4.60 -8.96
C LYS D 502 47.72 -5.48 -10.12
N LYS D 503 47.14 -6.64 -9.85
CA LYS D 503 46.66 -7.52 -10.91
C LYS D 503 45.50 -6.87 -11.66
N ASP D 504 44.64 -6.15 -10.95
CA ASP D 504 43.55 -5.44 -11.60
C ASP D 504 44.08 -4.33 -12.49
N PHE D 505 45.20 -3.72 -12.13
CA PHE D 505 45.76 -2.68 -12.98
C PHE D 505 46.45 -3.27 -14.20
N TYR D 506 47.14 -4.39 -14.02
CA TYR D 506 47.90 -4.97 -15.12
C TYR D 506 47.06 -5.85 -16.04
N ASP D 507 45.83 -6.18 -15.65
CA ASP D 507 44.93 -6.82 -16.61
C ASP D 507 44.40 -5.86 -17.65
N LEU D 508 44.68 -4.57 -17.53
CA LEU D 508 44.11 -3.60 -18.44
C LEU D 508 44.86 -3.59 -19.78
N ALA D 509 44.26 -2.94 -20.76
CA ALA D 509 44.89 -2.82 -22.06
C ALA D 509 46.08 -1.87 -22.00
N ALA D 510 46.93 -1.93 -23.02
CA ALA D 510 48.12 -1.10 -23.01
C ALA D 510 47.82 0.35 -23.36
N PHE D 511 46.71 0.61 -24.05
CA PHE D 511 46.37 1.98 -24.39
C PHE D 511 45.69 2.72 -23.26
N ILE D 512 45.57 2.11 -22.08
CA ILE D 512 44.99 2.80 -20.94
C ILE D 512 46.06 3.15 -19.90
N THR D 513 47.19 2.45 -19.90
CA THR D 513 48.22 2.59 -18.88
C THR D 513 49.56 3.00 -19.47
N GLU D 514 49.55 3.64 -20.64
CA GLU D 514 50.80 3.84 -21.37
C GLU D 514 51.69 4.87 -20.70
N GLY D 515 51.15 6.06 -20.42
CA GLY D 515 51.95 7.12 -19.85
C GLY D 515 51.60 7.44 -18.42
N LEU D 516 51.33 6.42 -17.63
CA LEU D 516 50.95 6.58 -16.23
C LEU D 516 52.02 5.95 -15.35
N GLU D 517 52.74 6.79 -14.61
CA GLU D 517 53.62 6.30 -13.56
C GLU D 517 52.75 5.88 -12.38
N VAL D 518 52.84 4.62 -11.98
CA VAL D 518 51.92 4.03 -11.02
C VAL D 518 52.69 3.58 -9.80
N HIS D 519 52.11 3.81 -8.62
CA HIS D 519 52.64 3.30 -7.37
C HIS D 519 51.61 2.41 -6.71
N PHE D 520 52.07 1.36 -6.05
CA PHE D 520 51.21 0.44 -5.33
C PHE D 520 51.65 0.45 -3.86
N VAL D 521 50.81 1.00 -3.01
CA VAL D 521 51.19 1.26 -1.62
C VAL D 521 50.50 0.27 -0.70
N GLU D 522 51.12 0.04 0.46
CA GLU D 522 50.55 -0.75 1.53
C GLU D 522 50.06 0.09 2.69
N HIS D 523 50.92 0.95 3.23
CA HIS D 523 50.57 1.85 4.32
C HIS D 523 50.48 3.27 3.78
N TYR D 524 50.05 4.19 4.66
CA TYR D 524 49.91 5.57 4.22
C TYR D 524 51.25 6.31 4.20
N ARG D 525 52.27 5.83 4.91
CA ARG D 525 53.54 6.55 4.89
C ARG D 525 54.13 6.56 3.48
N GLU D 526 53.87 5.52 2.69
CA GLU D 526 54.30 5.53 1.30
C GLU D 526 53.56 6.59 0.49
N ILE D 527 52.24 6.67 0.66
CA ILE D 527 51.47 7.71 -0.02
C ILE D 527 51.96 9.09 0.38
N PHE D 528 52.33 9.24 1.66
CA PHE D 528 52.83 10.52 2.14
C PHE D 528 54.14 10.88 1.47
N ASP D 529 55.06 9.92 1.39
CA ASP D 529 56.32 10.18 0.72
C ASP D 529 56.11 10.52 -0.76
N ILE D 530 55.10 9.92 -1.38
CA ILE D 530 54.83 10.21 -2.78
C ILE D 530 54.24 11.61 -2.94
N ALA D 531 53.28 11.98 -2.08
CA ALA D 531 52.53 13.20 -2.26
C ALA D 531 53.27 14.43 -1.78
N PHE D 532 54.14 14.29 -0.79
CA PHE D 532 54.92 15.42 -0.34
C PHE D 532 56.42 15.14 -0.45
N ILE E 2 -21.56 -12.26 -37.52
CA ILE E 2 -21.48 -13.24 -38.60
C ILE E 2 -20.07 -13.23 -39.18
N GLU E 3 -19.61 -14.39 -39.64
CA GLU E 3 -18.27 -14.52 -40.19
C GLU E 3 -18.07 -13.62 -41.41
N GLU E 4 -19.16 -13.25 -42.07
CA GLU E 4 -19.07 -12.47 -43.31
C GLU E 4 -18.40 -11.12 -43.07
N LYS E 5 -18.84 -10.39 -42.04
CA LYS E 5 -18.29 -9.08 -41.76
C LYS E 5 -16.80 -9.15 -41.49
N PHE E 6 -16.38 -10.14 -40.70
CA PHE E 6 -14.96 -10.28 -40.39
C PHE E 6 -14.16 -10.66 -41.63
N ARG E 7 -14.70 -11.56 -42.45
CA ARG E 7 -14.00 -11.93 -43.68
C ARG E 7 -13.85 -10.75 -44.61
N GLU E 8 -14.82 -9.82 -44.57
CA GLU E 8 -14.80 -8.71 -45.52
C GLU E 8 -13.88 -7.59 -45.05
N ARG E 9 -13.84 -7.32 -43.75
CA ARG E 9 -13.03 -6.22 -43.25
C ARG E 9 -11.54 -6.43 -43.50
N LEU E 10 -11.15 -7.65 -43.88
CA LEU E 10 -9.76 -7.93 -44.22
C LEU E 10 -9.47 -7.81 -45.71
N LYS E 11 -10.50 -7.64 -46.55
CA LYS E 11 -10.28 -7.58 -47.98
C LYS E 11 -9.55 -6.30 -48.39
N GLU E 12 -9.56 -5.29 -47.55
CA GLU E 12 -8.87 -4.04 -47.84
C GLU E 12 -7.59 -3.87 -47.02
N LEU E 13 -7.00 -4.95 -46.54
CA LEU E 13 -5.79 -4.90 -45.72
C LEU E 13 -4.70 -5.75 -46.35
N VAL E 14 -3.51 -5.67 -45.79
CA VAL E 14 -2.40 -6.55 -46.15
C VAL E 14 -2.04 -7.30 -44.88
N VAL E 15 -2.66 -8.46 -44.69
CA VAL E 15 -2.61 -9.17 -43.41
C VAL E 15 -1.46 -10.16 -43.40
N PRO E 16 -0.58 -10.12 -42.40
CA PRO E 16 0.51 -11.08 -42.34
C PRO E 16 0.02 -12.49 -42.09
N LYS E 17 0.90 -13.45 -42.36
CA LYS E 17 0.51 -14.85 -42.32
C LYS E 17 0.14 -15.29 -40.91
N HIS E 18 0.87 -14.85 -39.90
CA HIS E 18 0.54 -15.28 -38.55
C HIS E 18 -0.80 -14.70 -38.10
N VAL E 19 -1.07 -13.44 -38.44
CA VAL E 19 -2.37 -12.85 -38.11
C VAL E 19 -3.48 -13.59 -38.83
N MET E 20 -3.22 -14.02 -40.07
CA MET E 20 -4.24 -14.74 -40.81
C MET E 20 -4.49 -16.11 -40.21
N ASP E 21 -3.43 -16.78 -39.73
CA ASP E 21 -3.61 -18.06 -39.05
C ASP E 21 -4.48 -17.90 -37.82
N VAL E 22 -4.19 -16.89 -37.00
CA VAL E 22 -4.98 -16.64 -35.81
C VAL E 22 -6.43 -16.36 -36.17
N VAL E 23 -6.65 -15.52 -37.17
CA VAL E 23 -8.01 -15.16 -37.56
C VAL E 23 -8.77 -16.40 -38.06
N ASP E 24 -8.09 -17.26 -38.81
CA ASP E 24 -8.75 -18.46 -39.33
C ASP E 24 -9.13 -19.41 -38.21
N GLU E 25 -8.21 -19.65 -37.27
CA GLU E 25 -8.56 -20.59 -36.19
C GLU E 25 -9.65 -20.01 -35.30
N GLU E 26 -9.65 -18.70 -35.09
CA GLU E 26 -10.73 -18.10 -34.32
C GLU E 26 -12.06 -18.14 -35.06
N LEU E 27 -12.03 -18.03 -36.39
CA LEU E 27 -13.28 -18.08 -37.14
C LEU E 27 -13.85 -19.49 -37.14
N SER E 28 -13.00 -20.50 -37.24
CA SER E 28 -13.48 -21.88 -37.10
C SER E 28 -14.04 -22.12 -35.70
N LYS E 29 -13.36 -21.61 -34.68
CA LYS E 29 -13.87 -21.73 -33.32
C LYS E 29 -15.22 -21.05 -33.18
N LEU E 30 -15.39 -19.87 -33.80
CA LEU E 30 -16.68 -19.19 -33.76
C LEU E 30 -17.76 -19.99 -34.48
N GLY E 31 -17.40 -20.61 -35.60
CA GLY E 31 -18.35 -21.44 -36.30
C GLY E 31 -18.82 -22.60 -35.46
N LEU E 32 -17.90 -23.19 -34.71
CA LEU E 32 -18.24 -24.37 -33.90
C LEU E 32 -18.88 -24.01 -32.56
N LEU E 33 -18.80 -22.76 -32.11
CA LEU E 33 -19.35 -22.39 -30.81
C LEU E 33 -20.86 -22.17 -30.87
N ASP E 34 -21.46 -22.10 -29.69
CA ASP E 34 -22.89 -21.85 -29.52
C ASP E 34 -23.11 -20.36 -29.35
N ASN E 35 -24.07 -19.83 -30.11
CA ASN E 35 -24.31 -18.40 -30.14
C ASN E 35 -24.74 -17.89 -28.75
N HIS E 36 -24.54 -16.59 -28.56
CA HIS E 36 -24.82 -15.87 -27.32
C HIS E 36 -24.48 -16.70 -26.09
N SER E 37 -23.25 -17.21 -26.08
CA SER E 37 -22.64 -17.85 -24.94
C SER E 37 -21.41 -17.06 -24.54
N SER E 38 -20.86 -17.36 -23.36
CA SER E 38 -19.72 -16.60 -22.85
C SER E 38 -18.51 -16.75 -23.78
N GLU E 39 -18.16 -17.99 -24.11
CA GLU E 39 -17.03 -18.21 -25.00
C GLU E 39 -17.28 -17.58 -26.36
N PHE E 40 -18.52 -17.57 -26.82
CA PHE E 40 -18.82 -16.91 -28.08
C PHE E 40 -18.57 -15.41 -27.99
N ASN E 41 -18.99 -14.77 -26.90
CA ASN E 41 -18.73 -13.35 -26.75
C ASN E 41 -17.24 -13.07 -26.69
N VAL E 42 -16.49 -13.93 -26.03
CA VAL E 42 -15.04 -13.76 -25.95
C VAL E 42 -14.43 -13.81 -27.34
N THR E 43 -14.73 -14.87 -28.10
CA THR E 43 -14.16 -15.01 -29.43
C THR E 43 -14.66 -13.91 -30.37
N ARG E 44 -15.87 -13.43 -30.17
CA ARG E 44 -16.39 -12.35 -31.01
C ARG E 44 -15.64 -11.06 -30.76
N ASN E 45 -15.48 -10.68 -29.48
CA ASN E 45 -14.68 -9.50 -29.17
C ASN E 45 -13.27 -9.63 -29.73
N TYR E 46 -12.70 -10.83 -29.63
CA TYR E 46 -11.33 -11.02 -30.12
C TYR E 46 -11.25 -10.83 -31.62
N LEU E 47 -12.15 -11.45 -32.37
CA LEU E 47 -12.13 -11.30 -33.82
C LEU E 47 -12.42 -9.86 -34.23
N ASP E 48 -13.26 -9.17 -33.46
CA ASP E 48 -13.54 -7.77 -33.72
C ASP E 48 -12.27 -6.94 -33.61
N TRP E 49 -11.53 -7.11 -32.50
CA TRP E 49 -10.31 -6.34 -32.32
C TRP E 49 -9.26 -6.73 -33.35
N LEU E 50 -9.19 -8.02 -33.72
CA LEU E 50 -8.20 -8.46 -34.69
C LEU E 50 -8.47 -7.88 -36.06
N THR E 51 -9.72 -7.91 -36.51
CA THR E 51 -10.07 -7.43 -37.83
C THR E 51 -10.27 -5.94 -37.90
N SER E 52 -10.27 -5.25 -36.76
CA SER E 52 -10.26 -3.78 -36.76
C SER E 52 -8.89 -3.22 -36.47
N ILE E 53 -7.83 -3.85 -36.94
CA ILE E 53 -6.48 -3.30 -36.90
C ILE E 53 -6.07 -2.97 -38.33
N PRO E 54 -5.57 -1.77 -38.60
CA PRO E 54 -5.12 -1.45 -39.96
C PRO E 54 -3.79 -2.16 -40.22
N TRP E 55 -3.85 -3.25 -40.97
CA TRP E 55 -2.71 -4.16 -41.01
C TRP E 55 -1.68 -3.79 -42.06
N GLY E 56 -2.09 -3.18 -43.16
CA GLY E 56 -1.11 -2.82 -44.17
C GLY E 56 -1.36 -1.44 -44.72
N LYS E 57 -2.11 -0.62 -43.99
CA LYS E 57 -2.52 0.69 -44.47
C LYS E 57 -1.58 1.76 -43.94
N TYR E 58 -1.10 2.61 -44.84
CA TYR E 58 -0.32 3.79 -44.49
C TYR E 58 -0.94 5.01 -45.14
N SER E 59 -0.88 6.14 -44.46
CA SER E 59 -1.33 7.38 -45.07
C SER E 59 -0.20 7.97 -45.90
N ASN E 60 -0.56 8.67 -46.97
CA ASN E 60 0.43 9.23 -47.87
C ASN E 60 0.88 10.59 -47.36
N GLU E 61 2.18 10.76 -47.19
CA GLU E 61 2.72 11.92 -46.51
C GLU E 61 3.08 13.03 -47.49
N ASN E 62 2.98 14.27 -47.01
CA ASN E 62 3.52 15.42 -47.74
C ASN E 62 5.03 15.43 -47.56
N LEU E 63 5.77 15.27 -48.65
CA LEU E 63 7.21 15.33 -48.59
C LEU E 63 7.78 16.58 -49.23
N ASP E 64 6.91 17.50 -49.67
CA ASP E 64 7.38 18.75 -50.25
C ASP E 64 7.90 19.66 -49.15
N LEU E 65 9.18 20.00 -49.22
CA LEU E 65 9.78 20.81 -48.17
C LEU E 65 9.16 22.20 -48.13
N ALA E 66 8.91 22.80 -49.28
CA ALA E 66 8.35 24.16 -49.29
C ALA E 66 6.98 24.19 -48.65
N ARG E 67 6.11 23.26 -49.02
CA ARG E 67 4.77 23.24 -48.45
C ARG E 67 4.80 22.91 -46.98
N ALA E 68 5.63 21.95 -46.57
CA ALA E 68 5.72 21.60 -45.16
C ALA E 68 6.24 22.78 -44.34
N GLN E 69 7.28 23.45 -44.85
CA GLN E 69 7.83 24.62 -44.15
C GLN E 69 6.79 25.72 -44.05
N ALA E 70 6.00 25.93 -45.10
CA ALA E 70 4.95 26.94 -45.04
C ALA E 70 3.91 26.58 -44.00
N VAL E 71 3.47 25.33 -43.99
CA VAL E 71 2.47 24.88 -43.01
C VAL E 71 2.99 25.02 -41.60
N LEU E 72 4.29 24.83 -41.40
CA LEU E 72 4.86 24.99 -40.08
C LEU E 72 4.94 26.46 -39.68
N GLU E 73 5.53 27.29 -40.54
CA GLU E 73 5.62 28.72 -40.26
C GLU E 73 4.26 29.38 -40.12
N GLU E 74 3.19 28.72 -40.58
CA GLU E 74 1.87 29.32 -40.54
C GLU E 74 1.20 29.20 -39.18
N ASP E 75 1.43 28.11 -38.44
CA ASP E 75 0.71 27.87 -37.21
C ASP E 75 1.46 28.30 -35.96
N HIS E 76 2.79 28.41 -36.00
CA HIS E 76 3.54 28.71 -34.79
C HIS E 76 4.69 29.65 -35.09
N TYR E 77 4.98 30.53 -34.14
CA TYR E 77 6.12 31.41 -34.21
C TYR E 77 7.31 30.78 -33.50
N GLY E 78 8.50 31.00 -34.05
CA GLY E 78 9.70 30.50 -33.40
C GLY E 78 9.82 28.99 -33.53
N MET E 79 10.29 28.35 -32.46
CA MET E 79 10.42 26.89 -32.39
C MET E 79 11.33 26.35 -33.49
N GLU E 80 12.49 26.99 -33.65
CA GLU E 80 13.35 26.64 -34.76
C GLU E 80 13.93 25.25 -34.62
N ASP E 81 14.18 24.78 -33.40
CA ASP E 81 14.69 23.43 -33.22
C ASP E 81 13.67 22.40 -33.70
N VAL E 82 12.42 22.53 -33.26
CA VAL E 82 11.38 21.59 -33.67
C VAL E 82 11.17 21.65 -35.18
N LYS E 83 11.19 22.87 -35.74
CA LYS E 83 10.90 22.99 -37.16
C LYS E 83 12.04 22.43 -38.01
N LYS E 84 13.29 22.70 -37.62
CA LYS E 84 14.42 22.11 -38.32
C LYS E 84 14.40 20.60 -38.22
N ARG E 85 14.03 20.08 -37.05
CA ARG E 85 13.98 18.63 -36.90
C ARG E 85 12.93 18.01 -37.81
N ILE E 86 11.77 18.65 -37.93
CA ILE E 86 10.73 18.10 -38.81
C ILE E 86 11.17 18.21 -40.26
N LEU E 87 11.83 19.30 -40.64
CA LEU E 87 12.28 19.42 -42.02
C LEU E 87 13.34 18.37 -42.35
N GLU E 88 14.25 18.10 -41.42
CA GLU E 88 15.23 17.04 -41.66
C GLU E 88 14.56 15.68 -41.72
N PHE E 89 13.56 15.45 -40.88
CA PHE E 89 12.76 14.23 -40.96
C PHE E 89 12.19 14.06 -42.36
N ILE E 90 11.62 15.12 -42.92
CA ILE E 90 11.01 15.02 -44.24
C ILE E 90 12.06 14.80 -45.32
N ALA E 91 13.20 15.48 -45.20
CA ALA E 91 14.27 15.28 -46.20
C ALA E 91 14.78 13.86 -46.18
N VAL E 92 14.93 13.27 -45.01
CA VAL E 92 15.42 11.89 -44.92
C VAL E 92 14.36 10.92 -45.41
N SER E 93 13.09 11.19 -45.11
CA SER E 93 12.02 10.34 -45.62
C SER E 93 11.88 10.45 -47.13
N GLN E 94 12.31 11.58 -47.71
CA GLN E 94 12.26 11.74 -49.16
C GLN E 94 13.45 11.07 -49.83
N LEU E 95 14.62 11.14 -49.21
CA LEU E 95 15.80 10.46 -49.75
C LEU E 95 15.61 8.95 -49.83
N ARG E 96 14.69 8.39 -49.07
CA ARG E 96 14.27 7.01 -49.23
C ARG E 96 12.86 6.99 -49.78
N GLY E 97 12.34 5.80 -50.00
CA GLY E 97 10.94 5.69 -50.38
C GLY E 97 10.04 5.38 -49.21
N SER E 98 10.51 4.55 -48.29
CA SER E 98 9.68 4.05 -47.20
C SER E 98 9.38 5.17 -46.21
N THR E 99 8.45 4.87 -45.31
CA THR E 99 8.07 5.78 -44.24
C THR E 99 9.02 5.58 -43.07
N GLN E 100 9.23 6.65 -42.30
CA GLN E 100 10.22 6.68 -41.24
C GLN E 100 9.53 6.75 -39.89
N GLY E 101 10.18 6.22 -38.86
CA GLY E 101 9.66 6.30 -37.52
C GLY E 101 10.69 6.81 -36.54
N LYS E 102 10.34 7.81 -35.75
CA LYS E 102 11.24 8.41 -34.78
C LYS E 102 10.56 8.49 -33.42
N ILE E 103 11.33 8.91 -32.41
CA ILE E 103 10.81 9.12 -31.07
C ILE E 103 11.45 10.40 -30.56
N LEU E 104 10.64 11.45 -30.41
CA LEU E 104 11.12 12.74 -29.97
C LEU E 104 10.51 13.10 -28.63
N CYS E 105 11.15 14.04 -27.94
CA CYS E 105 10.65 14.52 -26.66
C CYS E 105 10.78 16.03 -26.62
N PHE E 106 9.66 16.71 -26.41
CA PHE E 106 9.63 18.15 -26.23
C PHE E 106 9.53 18.44 -24.74
N TYR E 107 10.48 19.19 -24.21
CA TYR E 107 10.42 19.59 -22.81
C TYR E 107 10.55 21.09 -22.71
N GLY E 108 9.89 21.66 -21.72
CA GLY E 108 9.84 23.10 -21.55
C GLY E 108 8.75 23.49 -20.60
N PRO E 109 8.66 24.77 -20.27
CA PRO E 109 7.63 25.23 -19.35
C PRO E 109 6.24 25.03 -19.95
N PRO E 110 5.20 25.03 -19.12
CA PRO E 110 3.86 24.85 -19.67
C PRO E 110 3.40 26.07 -20.45
N GLY E 111 2.56 25.81 -21.45
CA GLY E 111 1.98 26.89 -22.22
C GLY E 111 2.87 27.46 -23.30
N VAL E 112 3.85 26.70 -23.78
CA VAL E 112 4.75 27.17 -24.83
C VAL E 112 4.48 26.51 -26.16
N GLY E 113 3.48 25.65 -26.26
CA GLY E 113 3.01 25.16 -27.53
C GLY E 113 3.55 23.82 -27.97
N LYS E 114 3.92 22.94 -27.04
CA LYS E 114 4.43 21.63 -27.43
C LYS E 114 3.35 20.78 -28.08
N THR E 115 2.20 20.64 -27.43
CA THR E 115 1.11 19.86 -28.00
C THR E 115 0.60 20.48 -29.29
N SER E 116 0.50 21.82 -29.33
CA SER E 116 -0.02 22.47 -30.52
C SER E 116 0.93 22.30 -31.70
N ILE E 117 2.24 22.40 -31.47
CA ILE E 117 3.17 22.19 -32.57
C ILE E 117 3.19 20.72 -32.96
N ALA E 118 2.87 19.81 -32.04
CA ALA E 118 2.74 18.41 -32.42
C ALA E 118 1.58 18.21 -33.38
N ARG E 119 0.44 18.81 -33.07
CA ARG E 119 -0.70 18.73 -33.97
C ARG E 119 -0.39 19.39 -35.32
N SER E 120 0.35 20.49 -35.31
CA SER E 120 0.72 21.14 -36.56
C SER E 120 1.68 20.28 -37.36
N ILE E 121 2.57 19.55 -36.70
CA ILE E 121 3.46 18.63 -37.40
C ILE E 121 2.64 17.52 -38.05
N ALA E 122 1.63 17.01 -37.34
CA ALA E 122 0.77 16.00 -37.94
C ALA E 122 0.06 16.55 -39.18
N ARG E 123 -0.43 17.78 -39.10
CA ARG E 123 -1.05 18.40 -40.27
C ARG E 123 -0.06 18.52 -41.42
N ALA E 124 1.16 18.97 -41.13
CA ALA E 124 2.14 19.19 -42.20
C ALA E 124 2.55 17.88 -42.85
N LEU E 125 2.65 16.81 -42.07
CA LEU E 125 3.07 15.52 -42.60
C LEU E 125 1.91 14.73 -43.19
N ASN E 126 0.67 15.14 -42.94
CA ASN E 126 -0.53 14.45 -43.39
C ASN E 126 -0.75 13.12 -42.69
N ARG E 127 -0.08 12.90 -41.57
CA ARG E 127 -0.33 11.73 -40.75
C ARG E 127 -1.58 11.96 -39.92
N GLU E 128 -2.03 10.91 -39.24
CA GLU E 128 -3.13 11.03 -38.30
C GLU E 128 -2.60 11.60 -36.99
N TYR E 129 -3.42 11.59 -35.95
CA TYR E 129 -2.99 12.19 -34.68
C TYR E 129 -3.80 11.59 -33.56
N PHE E 130 -3.14 10.84 -32.70
CA PHE E 130 -3.73 10.33 -31.48
C PHE E 130 -2.88 10.78 -30.30
N ARG E 131 -3.51 11.03 -29.17
CA ARG E 131 -2.77 11.39 -27.97
C ARG E 131 -3.39 10.68 -26.77
N PHE E 132 -2.55 10.09 -25.95
CA PHE E 132 -2.96 9.58 -24.65
C PHE E 132 -1.99 10.10 -23.62
N SER E 133 -2.45 10.10 -22.38
CA SER E 133 -1.67 10.67 -21.28
C SER E 133 -1.12 9.56 -20.41
N VAL E 134 0.14 9.72 -20.01
CA VAL E 134 0.76 8.86 -19.02
C VAL E 134 0.91 9.68 -17.76
N GLY E 135 0.01 10.64 -17.58
CA GLY E 135 0.20 11.66 -16.57
C GLY E 135 0.40 11.11 -15.18
N GLY E 136 -0.46 10.18 -14.76
CA GLY E 136 -0.33 9.61 -13.44
C GLY E 136 -0.60 8.12 -13.44
N MET E 137 -0.85 7.57 -14.62
CA MET E 137 -1.16 6.16 -14.76
C MET E 137 -0.11 5.30 -14.05
N THR E 138 -0.57 4.25 -13.39
CA THR E 138 0.31 3.43 -12.57
C THR E 138 0.04 1.95 -12.72
N ASP E 139 -0.66 1.53 -13.76
CA ASP E 139 -0.87 0.11 -14.05
C ASP E 139 -0.39 -0.17 -15.47
N VAL E 140 0.45 -1.20 -15.58
CA VAL E 140 1.07 -1.54 -16.86
C VAL E 140 0.04 -2.05 -17.85
N ALA E 141 -1.11 -2.49 -17.37
CA ALA E 141 -2.15 -3.00 -18.26
C ALA E 141 -2.70 -1.90 -19.15
N GLU E 142 -2.65 -0.65 -18.70
CA GLU E 142 -3.13 0.45 -19.54
C GLU E 142 -2.29 0.64 -20.80
N ILE E 143 -1.12 0.02 -20.87
CA ILE E 143 -0.28 0.09 -22.06
C ILE E 143 -0.16 -1.28 -22.74
N LYS E 144 -0.04 -2.34 -21.94
CA LYS E 144 0.20 -3.66 -22.51
C LYS E 144 -1.07 -4.46 -22.76
N GLY E 145 -2.16 -4.15 -22.07
CA GLY E 145 -3.38 -4.90 -22.21
C GLY E 145 -3.51 -6.03 -21.21
N HIS E 146 -4.73 -6.53 -21.09
CA HIS E 146 -5.03 -7.68 -20.24
C HIS E 146 -5.14 -8.94 -21.09
N ARG E 147 -5.16 -10.08 -20.42
CA ARG E 147 -5.47 -11.33 -21.11
C ARG E 147 -6.89 -11.28 -21.66
N ARG E 148 -7.21 -12.26 -22.49
CA ARG E 148 -8.59 -12.42 -22.91
C ARG E 148 -9.43 -13.12 -21.84
N THR E 149 -8.78 -13.80 -20.91
CA THR E 149 -9.50 -14.56 -19.88
C THR E 149 -10.29 -13.64 -18.96
N TYR E 150 -9.71 -12.50 -18.58
CA TYR E 150 -10.34 -11.65 -17.59
C TYR E 150 -11.58 -10.98 -18.17
N VAL E 151 -12.40 -10.43 -17.29
CA VAL E 151 -13.73 -9.97 -17.70
C VAL E 151 -13.64 -8.65 -18.45
N GLY E 152 -12.88 -7.69 -17.93
CA GLY E 152 -12.72 -6.42 -18.60
C GLY E 152 -12.05 -6.59 -19.94
N ALA E 153 -10.76 -6.91 -19.93
CA ALA E 153 -10.05 -7.43 -21.10
C ALA E 153 -10.15 -6.48 -22.30
N MET E 154 -9.50 -5.33 -22.17
CA MET E 154 -9.36 -4.45 -23.31
C MET E 154 -7.89 -4.27 -23.68
N PRO E 155 -7.57 -4.16 -24.97
CA PRO E 155 -6.16 -4.12 -25.39
C PRO E 155 -5.55 -2.73 -25.26
N GLY E 156 -4.67 -2.57 -24.28
CA GLY E 156 -3.73 -1.46 -24.21
C GLY E 156 -4.25 -0.09 -24.57
N LYS E 157 -3.36 0.73 -25.14
CA LYS E 157 -3.76 2.00 -25.74
C LYS E 157 -3.15 2.23 -27.12
N ILE E 158 -2.03 1.59 -27.45
CA ILE E 158 -1.52 1.66 -28.81
C ILE E 158 -2.44 0.89 -29.75
N ILE E 159 -3.01 -0.23 -29.29
CA ILE E 159 -3.97 -0.94 -30.12
C ILE E 159 -5.22 -0.11 -30.32
N GLN E 160 -5.66 0.62 -29.31
CA GLN E 160 -6.81 1.49 -29.47
C GLN E 160 -6.52 2.66 -30.41
N CYS E 161 -5.32 3.22 -30.36
CA CYS E 161 -5.00 4.29 -31.30
C CYS E 161 -4.86 3.77 -32.72
N LEU E 162 -4.37 2.55 -32.90
CA LEU E 162 -4.37 1.95 -34.23
C LEU E 162 -5.80 1.77 -34.74
N LYS E 163 -6.66 1.17 -33.92
CA LYS E 163 -8.05 0.97 -34.32
C LYS E 163 -8.74 2.29 -34.64
N LYS E 164 -8.39 3.36 -33.93
CA LYS E 164 -9.03 4.65 -34.20
C LYS E 164 -8.48 5.31 -35.45
N THR E 165 -7.17 5.58 -35.49
CA THR E 165 -6.60 6.29 -36.62
C THR E 165 -6.69 5.50 -37.91
N LYS E 166 -6.88 4.18 -37.83
CA LYS E 166 -7.07 3.34 -39.02
C LYS E 166 -5.89 3.45 -39.97
N THR E 167 -4.69 3.64 -39.43
CA THR E 167 -3.49 3.73 -40.25
C THR E 167 -2.30 3.31 -39.39
N GLU E 168 -1.14 3.24 -40.02
CA GLU E 168 0.08 2.85 -39.36
C GLU E 168 1.12 3.96 -39.31
N ASN E 169 0.73 5.19 -39.62
CA ASN E 169 1.57 6.38 -39.45
C ASN E 169 0.78 7.37 -38.61
N PRO E 170 0.57 7.11 -37.34
CA PRO E 170 -0.42 7.87 -36.60
C PRO E 170 0.08 9.07 -35.80
N LEU E 171 1.39 9.25 -35.63
CA LEU E 171 1.92 10.35 -34.83
C LEU E 171 1.31 10.36 -33.43
N ILE E 172 1.66 9.36 -32.65
CA ILE E 172 1.20 9.29 -31.26
C ILE E 172 1.90 10.37 -30.44
N LEU E 173 1.14 10.97 -29.53
CA LEU E 173 1.67 12.00 -28.62
C LEU E 173 1.46 11.52 -27.18
N ILE E 174 2.56 11.35 -26.45
CA ILE E 174 2.52 10.88 -25.07
C ILE E 174 2.79 12.10 -24.19
N ASP E 175 1.74 12.62 -23.58
CA ASP E 175 1.90 13.80 -22.74
C ASP E 175 2.28 13.41 -21.32
N GLU E 176 3.12 14.24 -20.71
CA GLU E 176 3.50 14.12 -19.30
C GLU E 176 4.25 12.81 -19.02
N VAL E 177 5.30 12.57 -19.80
CA VAL E 177 6.09 11.36 -19.57
C VAL E 177 6.99 11.52 -18.36
N ASP E 178 7.13 12.73 -17.84
CA ASP E 178 7.95 12.96 -16.66
C ASP E 178 7.19 12.78 -15.36
N LYS E 179 6.00 12.18 -15.40
CA LYS E 179 5.17 12.05 -14.21
C LYS E 179 4.53 10.67 -14.12
N ILE E 180 5.08 9.69 -14.85
CA ILE E 180 4.55 8.34 -14.77
C ILE E 180 4.68 7.81 -13.35
N GLY E 181 3.83 6.83 -13.03
CA GLY E 181 3.91 6.19 -11.73
C GLY E 181 5.14 5.34 -11.60
N ARG E 182 5.51 5.08 -10.34
CA ARG E 182 6.73 4.32 -10.04
C ARG E 182 6.58 3.66 -8.68
N GLY E 183 7.51 2.77 -8.37
CA GLY E 183 7.59 2.19 -7.05
C GLY E 183 6.95 0.82 -6.93
N TYR E 184 6.31 0.56 -5.80
CA TYR E 184 5.65 -0.73 -5.58
C TYR E 184 4.23 -0.74 -6.15
N GLN E 185 3.55 0.42 -6.17
CA GLN E 185 2.20 0.47 -6.68
C GLN E 185 2.13 0.07 -8.15
N GLY E 186 3.15 0.43 -8.93
CA GLY E 186 3.17 0.07 -10.33
C GLY E 186 4.21 0.83 -11.12
N ASP E 187 4.74 0.22 -12.17
CA ASP E 187 5.80 0.83 -12.99
C ASP E 187 5.56 0.54 -14.46
N PRO E 188 4.68 1.31 -15.11
CA PRO E 188 4.51 1.20 -16.56
C PRO E 188 5.64 1.82 -17.37
N SER E 189 6.65 2.39 -16.72
CA SER E 189 7.78 2.92 -17.47
C SER E 189 8.50 1.81 -18.23
N SER E 190 8.39 0.56 -17.77
CA SER E 190 9.03 -0.53 -18.47
C SER E 190 8.23 -0.95 -19.70
N ALA E 191 6.90 -0.94 -19.60
CA ALA E 191 6.10 -1.09 -20.81
C ALA E 191 6.44 0.01 -21.80
N LEU E 192 6.71 1.21 -21.31
CA LEU E 192 7.14 2.28 -22.21
C LEU E 192 8.50 1.98 -22.83
N LEU E 193 9.42 1.40 -22.04
CA LEU E 193 10.69 0.97 -22.60
C LEU E 193 10.48 0.03 -23.77
N GLU E 194 9.55 -0.91 -23.63
CA GLU E 194 9.28 -1.82 -24.73
C GLU E 194 8.64 -1.12 -25.91
N LEU E 195 7.76 -0.15 -25.64
CA LEU E 195 7.08 0.55 -26.72
C LEU E 195 7.99 1.48 -27.51
N LEU E 196 9.02 2.05 -26.87
CA LEU E 196 9.85 3.08 -27.45
C LEU E 196 11.24 2.58 -27.82
N ASP E 197 11.37 1.32 -28.22
CA ASP E 197 12.69 0.73 -28.45
C ASP E 197 12.78 0.19 -29.87
N PRO E 198 13.49 0.86 -30.78
CA PRO E 198 13.52 0.40 -32.18
C PRO E 198 14.06 -1.00 -32.36
N GLU E 199 14.73 -1.57 -31.35
CA GLU E 199 15.17 -2.96 -31.47
C GLU E 199 14.01 -3.92 -31.27
N GLN E 200 13.07 -3.56 -30.41
CA GLN E 200 11.92 -4.41 -30.11
C GLN E 200 10.62 -3.70 -30.43
N ASN E 201 10.63 -2.83 -31.43
CA ASN E 201 9.46 -2.03 -31.77
C ASN E 201 8.60 -2.71 -32.81
N ALA E 202 9.22 -3.38 -33.79
CA ALA E 202 8.48 -3.98 -34.88
C ALA E 202 7.70 -5.21 -34.45
N ASN E 203 7.85 -5.65 -33.20
CA ASN E 203 7.09 -6.77 -32.64
C ASN E 203 6.59 -6.31 -31.29
N PHE E 204 5.44 -5.64 -31.25
CA PHE E 204 5.01 -5.05 -29.99
C PHE E 204 4.47 -6.12 -29.04
N LEU E 205 3.55 -6.97 -29.51
CA LEU E 205 2.94 -8.02 -28.70
C LEU E 205 2.20 -7.43 -27.50
N ASP E 206 1.08 -6.78 -27.81
CA ASP E 206 0.09 -6.47 -26.78
C ASP E 206 -0.29 -7.76 -26.06
N HIS E 207 -0.80 -7.65 -24.84
CA HIS E 207 -1.15 -8.84 -24.08
C HIS E 207 -2.61 -9.24 -24.22
N TYR E 208 -3.38 -8.50 -25.03
CA TYR E 208 -4.73 -8.91 -25.38
C TYR E 208 -4.78 -9.56 -26.76
N LEU E 209 -4.30 -8.87 -27.78
CA LEU E 209 -4.01 -9.51 -29.07
C LEU E 209 -2.76 -10.34 -28.89
N ASP E 210 -2.86 -11.64 -29.12
CA ASP E 210 -1.67 -12.47 -29.00
C ASP E 210 -0.79 -12.40 -30.23
N VAL E 211 -0.99 -11.40 -31.09
CA VAL E 211 -0.17 -11.23 -32.28
C VAL E 211 0.64 -9.94 -32.12
N PRO E 212 1.86 -9.87 -32.66
CA PRO E 212 2.63 -8.64 -32.58
C PRO E 212 2.23 -7.65 -33.65
N VAL E 213 2.53 -6.38 -33.39
CA VAL E 213 2.19 -5.27 -34.28
C VAL E 213 3.46 -4.52 -34.62
N ASP E 214 3.56 -4.07 -35.86
CA ASP E 214 4.74 -3.35 -36.35
C ASP E 214 4.54 -1.86 -36.10
N LEU E 215 5.30 -1.30 -35.16
CA LEU E 215 5.21 0.11 -34.82
C LEU E 215 6.40 0.90 -35.31
N SER E 216 7.24 0.31 -36.16
CA SER E 216 8.45 0.98 -36.60
C SER E 216 8.21 2.11 -37.58
N LYS E 217 6.95 2.45 -37.88
CA LYS E 217 6.64 3.60 -38.70
C LYS E 217 5.99 4.73 -37.93
N VAL E 218 5.49 4.47 -36.74
CA VAL E 218 4.95 5.51 -35.87
C VAL E 218 6.07 6.43 -35.47
N LEU E 219 5.81 7.73 -35.44
CA LEU E 219 6.70 8.66 -34.75
C LEU E 219 6.02 9.07 -33.46
N PHE E 220 6.63 8.73 -32.34
CA PHE E 220 6.12 9.11 -31.04
C PHE E 220 6.71 10.46 -30.66
N ILE E 221 5.88 11.29 -30.05
CA ILE E 221 6.34 12.58 -29.55
C ILE E 221 5.87 12.68 -28.12
N CYS E 222 6.81 12.64 -27.17
CA CYS E 222 6.51 12.77 -25.77
C CYS E 222 6.67 14.22 -25.35
N THR E 223 5.98 14.61 -24.29
CA THR E 223 6.11 15.96 -23.75
C THR E 223 6.43 15.88 -22.27
N ALA E 224 7.20 16.85 -21.80
CA ALA E 224 7.61 16.89 -20.40
C ALA E 224 7.85 18.33 -20.00
N ASN E 225 7.89 18.56 -18.68
CA ASN E 225 8.30 19.84 -18.11
C ASN E 225 9.71 19.80 -17.56
N VAL E 226 10.11 18.67 -16.98
CA VAL E 226 11.46 18.46 -16.47
C VAL E 226 11.96 17.15 -17.01
N THR E 227 13.20 17.11 -17.47
CA THR E 227 13.79 15.86 -17.92
C THR E 227 14.58 15.14 -16.83
N ASP E 228 14.84 15.78 -15.70
CA ASP E 228 15.55 15.10 -14.64
C ASP E 228 14.72 13.99 -14.00
N THR E 229 13.41 13.98 -14.24
CA THR E 229 12.53 12.99 -13.63
C THR E 229 12.28 11.79 -14.51
N ILE E 230 12.39 11.94 -15.83
CA ILE E 230 12.17 10.78 -16.71
C ILE E 230 13.21 9.71 -16.40
N PRO E 231 12.82 8.44 -16.27
CA PRO E 231 13.80 7.40 -15.94
C PRO E 231 14.90 7.30 -16.98
N GLU E 232 16.09 6.92 -16.51
CA GLU E 232 17.28 7.01 -17.35
C GLU E 232 17.20 6.20 -18.63
N PRO E 233 16.70 4.96 -18.66
CA PRO E 233 16.59 4.26 -19.96
C PRO E 233 15.59 4.93 -20.90
N LEU E 234 14.45 5.39 -20.39
CA LEU E 234 13.52 6.14 -21.22
C LEU E 234 14.19 7.36 -21.83
N ARG E 235 14.91 8.12 -21.01
CA ARG E 235 15.64 9.27 -21.54
C ARG E 235 16.63 8.84 -22.62
N ASP E 236 17.27 7.70 -22.41
CA ASP E 236 18.27 7.24 -23.35
C ASP E 236 17.66 6.75 -24.66
N ARG E 237 16.38 6.40 -24.65
CA ARG E 237 15.70 5.90 -25.84
C ARG E 237 15.04 6.99 -26.67
N MET E 238 15.05 8.24 -26.22
CA MET E 238 14.36 9.30 -26.93
C MET E 238 15.30 10.48 -27.14
N GLU E 239 15.10 11.20 -28.25
CA GLU E 239 15.86 12.38 -28.58
C GLU E 239 15.09 13.60 -28.09
N MET E 240 15.74 14.44 -27.30
CA MET E 240 15.06 15.51 -26.59
C MET E 240 15.33 16.86 -27.24
N ILE E 241 14.25 17.56 -27.57
CA ILE E 241 14.29 18.90 -28.15
C ILE E 241 13.66 19.85 -27.15
N ASN E 242 14.21 21.07 -27.06
CA ASN E 242 13.76 22.05 -26.08
C ASN E 242 12.80 23.04 -26.72
N VAL E 243 11.72 23.35 -26.02
CA VAL E 243 10.78 24.40 -26.40
C VAL E 243 10.69 25.36 -25.23
N SER E 244 11.21 26.56 -25.41
CA SER E 244 11.46 27.47 -24.30
C SER E 244 10.46 28.61 -24.26
N GLY E 245 10.48 29.34 -23.15
CA GLY E 245 9.60 30.46 -22.94
C GLY E 245 9.92 31.62 -23.86
N TYR E 246 9.19 32.72 -23.64
CA TYR E 246 9.24 33.86 -24.55
C TYR E 246 9.44 35.16 -23.78
N VAL E 247 10.32 35.99 -24.28
CA VAL E 247 10.39 37.36 -23.80
C VAL E 247 9.17 38.13 -24.30
N ALA E 248 8.91 39.27 -23.66
CA ALA E 248 7.73 40.06 -24.00
C ALA E 248 7.68 40.42 -25.47
N GLN E 249 8.83 40.65 -26.10
CA GLN E 249 8.86 40.97 -27.52
C GLN E 249 8.36 39.82 -28.37
N GLU E 250 8.57 38.57 -27.94
CA GLU E 250 8.05 37.42 -28.68
C GLU E 250 6.60 37.15 -28.34
N LYS E 251 6.23 37.31 -27.06
CA LYS E 251 4.84 37.15 -26.67
C LYS E 251 3.95 38.14 -27.43
N LEU E 252 4.44 39.36 -27.65
CA LEU E 252 3.65 40.34 -28.38
C LEU E 252 3.42 39.88 -29.83
N ALA E 253 4.45 39.33 -30.47
CA ALA E 253 4.28 38.85 -31.84
C ALA E 253 3.33 37.68 -31.89
N ILE E 254 3.44 36.76 -30.93
CA ILE E 254 2.51 35.63 -30.87
C ILE E 254 1.08 36.13 -30.73
N ALA E 255 0.88 37.10 -29.84
CA ALA E 255 -0.47 37.61 -29.61
C ALA E 255 -1.02 38.30 -30.86
N GLU E 256 -0.19 39.10 -31.53
CA GLU E 256 -0.67 39.83 -32.69
C GLU E 256 -1.00 38.90 -33.84
N ARG E 257 -0.15 37.90 -34.09
CA ARG E 257 -0.27 37.12 -35.32
C ARG E 257 -1.04 35.82 -35.16
N TYR E 258 -1.10 35.24 -33.97
CA TYR E 258 -1.79 33.96 -33.81
C TYR E 258 -2.94 34.01 -32.81
N LEU E 259 -2.68 34.48 -31.59
CA LEU E 259 -3.69 34.37 -30.54
C LEU E 259 -4.92 35.21 -30.85
N VAL E 260 -4.71 36.46 -31.25
CA VAL E 260 -5.84 37.36 -31.50
C VAL E 260 -6.62 36.92 -32.74
N PRO E 261 -5.97 36.60 -33.87
CA PRO E 261 -6.76 36.09 -35.00
C PRO E 261 -7.52 34.82 -34.70
N GLN E 262 -6.89 33.87 -33.99
CA GLN E 262 -7.57 32.62 -33.71
C GLN E 262 -8.74 32.83 -32.76
N ALA E 263 -8.59 33.70 -31.76
CA ALA E 263 -9.69 33.98 -30.87
C ALA E 263 -10.83 34.69 -31.60
N ARG E 264 -10.50 35.61 -32.50
CA ARG E 264 -11.53 36.21 -33.34
C ARG E 264 -12.29 35.15 -34.12
N ALA E 265 -11.56 34.22 -34.73
CA ALA E 265 -12.21 33.17 -35.51
C ALA E 265 -13.13 32.33 -34.64
N LEU E 266 -12.70 32.03 -33.42
CA LEU E 266 -13.52 31.22 -32.55
C LEU E 266 -14.75 31.97 -32.06
N CYS E 267 -14.64 33.30 -31.89
CA CYS E 267 -15.78 34.10 -31.46
C CYS E 267 -16.68 34.52 -32.61
N GLY E 268 -16.27 34.26 -33.85
CA GLY E 268 -17.07 34.64 -35.01
C GLY E 268 -16.95 36.10 -35.41
N LEU E 269 -16.07 36.86 -34.77
CA LEU E 269 -15.90 38.26 -35.13
C LEU E 269 -14.97 38.39 -36.33
N ASP E 270 -15.15 39.48 -37.06
CA ASP E 270 -14.25 39.83 -38.15
C ASP E 270 -13.14 40.72 -37.61
N GLU E 271 -12.19 41.05 -38.49
CA GLU E 271 -11.17 42.02 -38.12
C GLU E 271 -11.78 43.40 -37.93
N SER E 272 -12.76 43.75 -38.76
CA SER E 272 -13.36 45.08 -38.71
C SER E 272 -14.31 45.26 -37.54
N LYS E 273 -14.70 44.18 -36.86
CA LYS E 273 -15.63 44.28 -35.74
C LYS E 273 -14.95 44.52 -34.40
N ALA E 274 -13.89 43.76 -34.09
CA ALA E 274 -13.16 43.92 -32.86
C ALA E 274 -11.67 44.05 -33.17
N LYS E 275 -10.99 44.95 -32.44
CA LYS E 275 -9.57 45.19 -32.64
C LYS E 275 -8.90 45.43 -31.30
N LEU E 276 -7.79 44.73 -31.06
CA LEU E 276 -6.95 44.92 -29.88
C LEU E 276 -5.60 45.47 -30.32
N SER E 277 -5.20 46.59 -29.73
CA SER E 277 -4.00 47.25 -30.18
C SER E 277 -2.76 46.63 -29.56
N SER E 278 -1.60 46.95 -30.13
CA SER E 278 -0.35 46.46 -29.59
C SER E 278 -0.11 47.00 -28.19
N ASP E 279 -0.58 48.22 -27.91
CA ASP E 279 -0.39 48.79 -26.58
C ASP E 279 -1.19 48.03 -25.54
N VAL E 280 -2.43 47.64 -25.86
CA VAL E 280 -3.21 46.89 -24.91
C VAL E 280 -2.69 45.47 -24.79
N LEU E 281 -2.12 44.91 -25.86
CA LEU E 281 -1.51 43.60 -25.75
C LEU E 281 -0.28 43.64 -24.85
N THR E 282 0.52 44.70 -24.95
CA THR E 282 1.65 44.87 -24.04
C THR E 282 1.17 45.06 -22.61
N LEU E 283 0.09 45.82 -22.42
CA LEU E 283 -0.45 45.99 -21.09
C LEU E 283 -0.88 44.65 -20.50
N LEU E 284 -1.56 43.84 -21.28
CA LEU E 284 -1.93 42.50 -20.83
C LEU E 284 -0.70 41.69 -20.44
N ILE E 285 0.28 41.62 -21.35
CA ILE E 285 1.48 40.82 -21.11
C ILE E 285 2.17 41.27 -19.82
N LYS E 286 2.25 42.58 -19.59
CA LYS E 286 3.02 43.09 -18.47
C LYS E 286 2.28 42.95 -17.15
N GLN E 287 1.01 43.35 -17.11
CA GLN E 287 0.31 43.52 -15.84
C GLN E 287 -0.86 42.57 -15.64
N TYR E 288 -0.99 41.52 -16.45
CA TYR E 288 -2.07 40.56 -16.24
C TYR E 288 -1.60 39.12 -16.20
N CYS E 289 -0.38 38.81 -16.66
CA CYS E 289 0.13 37.46 -16.65
C CYS E 289 1.58 37.49 -16.19
N ARG E 290 1.99 36.44 -15.48
CA ARG E 290 3.35 36.29 -14.98
C ARG E 290 3.86 34.89 -15.26
N GLU E 291 3.73 34.46 -16.50
CA GLU E 291 4.08 33.12 -16.90
C GLU E 291 5.28 33.15 -17.85
N SER E 292 5.72 31.96 -18.25
CA SER E 292 6.72 31.83 -19.31
C SER E 292 6.09 31.61 -20.67
N GLY E 293 4.90 31.04 -20.72
CA GLY E 293 4.20 30.79 -21.95
C GLY E 293 3.11 31.81 -22.21
N VAL E 294 2.08 31.38 -22.93
CA VAL E 294 1.02 32.30 -23.33
C VAL E 294 -0.34 31.69 -23.00
N ARG E 295 -0.36 30.68 -22.13
CA ARG E 295 -1.61 29.98 -21.83
C ARG E 295 -2.62 30.91 -21.17
N ASN E 296 -2.16 31.83 -20.33
CA ASN E 296 -3.04 32.79 -19.67
C ASN E 296 -3.26 34.05 -20.50
N LEU E 297 -2.25 34.48 -21.25
CA LEU E 297 -2.45 35.58 -22.19
C LEU E 297 -3.55 35.24 -23.18
N GLN E 298 -3.59 34.00 -23.65
CA GLN E 298 -4.65 33.56 -24.54
C GLN E 298 -6.01 33.65 -23.86
N LYS E 299 -6.07 33.31 -22.58
CA LYS E 299 -7.33 33.38 -21.85
C LYS E 299 -7.82 34.82 -21.75
N GLN E 300 -6.89 35.74 -21.47
CA GLN E 300 -7.27 37.15 -21.40
C GLN E 300 -7.76 37.65 -22.75
N VAL E 301 -7.09 37.25 -23.84
CA VAL E 301 -7.51 37.67 -25.17
C VAL E 301 -8.91 37.15 -25.50
N GLU E 302 -9.15 35.87 -25.22
CA GLU E 302 -10.46 35.30 -25.46
C GLU E 302 -11.53 35.99 -24.62
N LYS E 303 -11.19 36.33 -23.37
CA LYS E 303 -12.14 37.04 -22.52
C LYS E 303 -12.52 38.38 -23.11
N VAL E 304 -11.52 39.15 -23.55
CA VAL E 304 -11.81 40.45 -24.16
C VAL E 304 -12.67 40.27 -25.40
N LEU E 305 -12.36 39.26 -26.22
CA LEU E 305 -13.05 39.12 -27.49
C LEU E 305 -14.50 38.71 -27.29
N ARG E 306 -14.78 37.85 -26.32
CA ARG E 306 -16.19 37.52 -26.09
C ARG E 306 -16.93 38.63 -25.36
N LYS E 307 -16.24 39.38 -24.49
CA LYS E 307 -16.90 40.54 -23.88
C LYS E 307 -17.21 41.62 -24.90
N SER E 308 -16.50 41.64 -26.02
CA SER E 308 -16.86 42.56 -27.10
C SER E 308 -17.89 41.97 -28.05
N ALA E 309 -17.85 40.66 -28.30
CA ALA E 309 -18.87 40.03 -29.13
C ALA E 309 -20.24 40.17 -28.49
N TYR E 310 -20.31 40.09 -27.16
CA TYR E 310 -21.58 40.32 -26.49
C TYR E 310 -22.11 41.71 -26.78
N LYS E 311 -21.24 42.72 -26.73
CA LYS E 311 -21.67 44.08 -27.05
C LYS E 311 -22.15 44.18 -28.49
N ILE E 312 -21.41 43.59 -29.42
CA ILE E 312 -21.78 43.66 -30.83
C ILE E 312 -23.16 43.05 -31.05
N VAL E 313 -23.44 41.91 -30.42
CA VAL E 313 -24.73 41.27 -30.62
C VAL E 313 -25.84 42.05 -29.92
N SER E 314 -25.61 42.46 -28.67
CA SER E 314 -26.65 43.17 -27.93
C SER E 314 -26.87 44.58 -28.41
N GLY E 315 -26.04 45.08 -29.31
CA GLY E 315 -26.23 46.41 -29.86
C GLY E 315 -25.66 47.54 -29.05
N GLU E 316 -24.82 47.26 -28.06
CA GLU E 316 -24.21 48.34 -27.30
C GLU E 316 -23.18 49.09 -28.12
N ALA E 317 -22.54 48.42 -29.08
CA ALA E 317 -21.59 49.07 -29.96
C ALA E 317 -21.60 48.36 -31.30
N GLU E 318 -21.44 49.13 -32.38
CA GLU E 318 -21.40 48.56 -33.72
C GLU E 318 -20.01 48.07 -34.09
N SER E 319 -18.99 48.56 -33.40
CA SER E 319 -17.62 48.09 -33.58
C SER E 319 -16.87 48.36 -32.29
N VAL E 320 -15.92 47.49 -31.99
CA VAL E 320 -15.17 47.56 -30.74
C VAL E 320 -13.71 47.80 -31.04
N GLU E 321 -13.08 48.66 -30.23
CA GLU E 321 -11.66 48.96 -30.37
C GLU E 321 -11.09 49.08 -28.96
N VAL E 322 -10.43 48.01 -28.50
CA VAL E 322 -9.91 47.97 -27.14
C VAL E 322 -8.62 48.76 -27.09
N THR E 323 -8.56 49.74 -26.19
CA THR E 323 -7.37 50.55 -25.96
C THR E 323 -7.05 50.52 -24.47
N PRO E 324 -5.86 50.98 -24.05
CA PRO E 324 -5.57 51.03 -22.61
C PRO E 324 -6.49 51.95 -21.83
N GLU E 325 -7.40 52.66 -22.48
CA GLU E 325 -8.31 53.52 -21.73
C GLU E 325 -9.56 52.77 -21.31
N ASN E 326 -10.06 51.88 -22.16
CA ASN E 326 -11.27 51.10 -21.86
C ASN E 326 -10.96 49.63 -21.63
N LEU E 327 -9.76 49.31 -21.18
CA LEU E 327 -9.39 47.92 -20.94
C LEU E 327 -9.99 47.39 -19.64
N GLN E 328 -10.10 48.25 -18.63
CA GLN E 328 -10.76 47.86 -17.39
C GLN E 328 -12.14 47.30 -17.65
N ASP E 329 -12.89 47.94 -18.54
CA ASP E 329 -14.24 47.48 -18.86
C ASP E 329 -14.25 46.09 -19.46
N PHE E 330 -13.09 45.53 -19.81
CA PHE E 330 -12.99 44.21 -20.40
C PHE E 330 -12.34 43.18 -19.49
N VAL E 331 -11.36 43.56 -18.68
CA VAL E 331 -10.69 42.55 -17.89
C VAL E 331 -10.58 42.93 -16.41
N GLY E 332 -10.80 44.19 -16.10
CA GLY E 332 -10.66 44.63 -14.73
C GLY E 332 -9.30 45.22 -14.42
N LYS E 333 -9.06 45.43 -13.14
CA LYS E 333 -7.82 46.05 -12.70
C LYS E 333 -6.64 45.13 -12.94
N PRO E 334 -5.46 45.69 -13.18
CA PRO E 334 -4.26 44.85 -13.37
C PRO E 334 -4.03 43.94 -12.19
N VAL E 335 -3.64 42.70 -12.48
CA VAL E 335 -3.47 41.71 -11.43
C VAL E 335 -2.13 41.88 -10.75
N PHE E 336 -1.05 41.85 -11.53
CA PHE E 336 0.30 41.97 -11.01
C PHE E 336 0.78 43.41 -11.23
N THR E 337 1.11 44.09 -10.14
CA THR E 337 1.53 45.48 -10.18
C THR E 337 2.99 45.68 -9.80
N VAL E 338 3.42 45.09 -8.70
CA VAL E 338 4.83 45.10 -8.32
C VAL E 338 5.55 44.07 -9.16
N GLU E 339 6.61 44.48 -9.86
CA GLU E 339 7.27 43.56 -10.77
C GLU E 339 8.25 42.64 -10.06
N ARG E 340 8.78 43.05 -8.90
CA ARG E 340 9.62 42.17 -8.11
C ARG E 340 9.60 42.63 -6.66
N MET E 341 9.94 41.70 -5.77
CA MET E 341 9.74 41.93 -4.33
C MET E 341 10.48 43.17 -3.85
N TYR E 342 11.68 43.42 -4.36
CA TYR E 342 12.50 44.52 -3.91
C TYR E 342 12.96 45.33 -5.11
N ASP E 343 12.63 46.62 -5.13
CA ASP E 343 13.19 47.51 -6.14
C ASP E 343 14.61 47.93 -5.78
N VAL E 344 14.88 48.09 -4.49
CA VAL E 344 16.23 48.38 -3.98
C VAL E 344 16.54 47.34 -2.91
N THR E 345 17.73 46.75 -3.00
CA THR E 345 17.89 45.66 -2.06
C THR E 345 18.60 46.14 -0.79
N PRO E 346 18.15 45.67 0.37
CA PRO E 346 18.83 45.99 1.61
C PRO E 346 20.16 45.25 1.72
N PRO E 347 20.94 45.51 2.77
CA PRO E 347 22.24 44.83 2.92
C PRO E 347 22.18 43.31 2.93
N GLY E 348 21.03 42.69 3.17
CA GLY E 348 21.03 41.24 3.29
C GLY E 348 20.34 40.50 2.17
N VAL E 349 19.75 41.24 1.23
CA VAL E 349 18.92 40.67 0.17
C VAL E 349 19.69 40.70 -1.13
N VAL E 350 19.56 39.64 -1.93
CA VAL E 350 20.27 39.58 -3.22
C VAL E 350 19.47 38.69 -4.17
N MET E 351 19.43 39.10 -5.44
CA MET E 351 18.68 38.39 -6.47
C MET E 351 19.42 37.17 -6.98
N GLY E 352 18.66 36.16 -7.37
CA GLY E 352 19.22 34.97 -7.97
C GLY E 352 18.28 34.45 -9.02
N LEU E 353 18.81 33.77 -10.04
CA LEU E 353 18.00 33.28 -11.14
C LEU E 353 17.74 31.80 -10.95
N ALA E 354 16.48 31.43 -10.85
CA ALA E 354 16.08 30.07 -10.51
C ALA E 354 15.45 29.39 -11.71
N TRP E 355 15.74 28.11 -11.86
CA TRP E 355 15.20 27.28 -12.93
C TRP E 355 14.10 26.42 -12.31
N THR E 356 12.88 26.91 -12.39
CA THR E 356 11.75 26.27 -11.74
C THR E 356 11.06 25.33 -12.71
N ALA E 357 10.21 24.46 -12.16
CA ALA E 357 9.41 23.58 -13.00
C ALA E 357 8.51 24.35 -13.95
N MET E 358 8.15 25.58 -13.60
CA MET E 358 7.32 26.43 -14.46
C MET E 358 8.15 27.32 -15.37
N GLY E 359 9.44 27.04 -15.54
CA GLY E 359 10.27 27.86 -16.40
C GLY E 359 11.39 28.53 -15.64
N GLY E 360 11.45 29.86 -15.68
CA GLY E 360 12.46 30.59 -14.97
C GLY E 360 11.82 31.55 -13.98
N SER E 361 12.64 32.03 -13.04
CA SER E 361 12.14 32.94 -12.03
C SER E 361 13.28 33.74 -11.44
N THR E 362 12.94 34.88 -10.85
CA THR E 362 13.91 35.69 -10.12
C THR E 362 13.54 35.64 -8.64
N LEU E 363 14.42 35.07 -7.83
CA LEU E 363 14.15 34.83 -6.42
C LEU E 363 15.10 35.63 -5.55
N PHE E 364 14.57 36.30 -4.54
CA PHE E 364 15.37 37.11 -3.63
C PHE E 364 15.77 36.26 -2.44
N VAL E 365 17.05 35.92 -2.35
CA VAL E 365 17.59 35.32 -1.14
C VAL E 365 17.75 36.41 -0.10
N GLU E 366 17.43 36.10 1.16
CA GLU E 366 17.49 37.13 2.19
C GLU E 366 17.99 36.56 3.50
N THR E 367 18.91 37.28 4.12
CA THR E 367 19.45 36.94 5.44
C THR E 367 19.05 37.98 6.46
N SER E 368 19.12 37.59 7.72
CA SER E 368 18.83 38.50 8.81
C SER E 368 19.64 38.07 10.01
N LEU E 369 19.57 38.87 11.07
CA LEU E 369 20.22 38.55 12.34
C LEU E 369 19.16 38.10 13.34
N ARG E 370 19.50 37.10 14.14
CA ARG E 370 18.60 36.60 15.17
C ARG E 370 18.93 37.16 16.54
N ARG E 371 20.21 37.22 16.89
CA ARG E 371 20.64 37.69 18.19
C ARG E 371 21.65 38.81 18.05
N PRO E 372 21.63 39.83 18.91
CA PRO E 372 22.58 40.93 18.78
C PRO E 372 24.00 40.47 19.06
N GLN E 373 24.93 40.94 18.25
CA GLN E 373 26.32 40.51 18.41
C GLN E 373 27.07 41.48 19.32
N LYS E 381 33.07 31.18 21.68
CA LYS E 381 31.81 30.70 21.13
C LYS E 381 31.66 31.08 19.66
N ASP E 382 31.09 30.16 18.88
CA ASP E 382 30.96 30.31 17.44
C ASP E 382 29.54 30.72 17.07
N GLY E 383 29.42 31.42 15.95
CA GLY E 383 28.13 31.78 15.43
C GLY E 383 27.42 30.58 14.84
N SER E 384 26.18 30.81 14.42
CA SER E 384 25.37 29.74 13.88
C SER E 384 24.50 30.28 12.76
N LEU E 385 24.07 29.39 11.88
CA LEU E 385 23.23 29.73 10.75
C LEU E 385 21.99 28.85 10.77
N GLU E 386 20.83 29.49 10.59
CA GLU E 386 19.56 28.80 10.52
C GLU E 386 18.95 29.04 9.15
N VAL E 387 18.76 27.97 8.39
CA VAL E 387 18.21 28.03 7.04
C VAL E 387 16.76 27.60 7.09
N THR E 388 15.91 28.25 6.29
CA THR E 388 14.48 28.01 6.44
C THR E 388 13.73 27.91 5.12
N GLY E 389 14.42 27.78 4.00
CA GLY E 389 13.68 27.71 2.76
C GLY E 389 13.00 26.39 2.46
N GLN E 390 12.83 25.52 3.46
CA GLN E 390 12.22 24.20 3.30
C GLN E 390 13.00 23.38 2.26
N LEU E 391 14.21 23.03 2.66
CA LEU E 391 15.24 22.55 1.76
C LEU E 391 15.38 21.04 1.81
N GLY E 392 15.96 20.49 0.74
CA GLY E 392 16.39 19.11 0.73
C GLY E 392 17.77 18.96 1.32
N GLU E 393 18.26 17.71 1.31
CA GLU E 393 19.56 17.44 1.93
C GLU E 393 20.69 18.06 1.13
N VAL E 394 20.66 17.93 -0.19
CA VAL E 394 21.71 18.53 -1.01
C VAL E 394 21.69 20.04 -0.88
N MET E 395 20.50 20.63 -0.73
CA MET E 395 20.42 22.07 -0.59
C MET E 395 20.93 22.52 0.78
N LYS E 396 20.66 21.74 1.82
CA LYS E 396 21.24 22.05 3.13
C LYS E 396 22.76 22.01 3.06
N GLU E 397 23.32 20.99 2.41
CA GLU E 397 24.77 20.92 2.33
C GLU E 397 25.35 22.04 1.46
N SER E 398 24.61 22.47 0.43
CA SER E 398 25.07 23.61 -0.34
C SER E 398 25.09 24.88 0.51
N ALA E 399 24.06 25.06 1.34
CA ALA E 399 24.04 26.22 2.22
C ALA E 399 25.18 26.18 3.22
N ARG E 400 25.54 24.98 3.69
CA ARG E 400 26.68 24.87 4.60
C ARG E 400 27.98 25.21 3.90
N ILE E 401 28.17 24.73 2.67
CA ILE E 401 29.39 25.07 1.93
C ILE E 401 29.48 26.57 1.71
N ALA E 402 28.36 27.20 1.40
CA ALA E 402 28.36 28.65 1.19
C ALA E 402 28.67 29.39 2.48
N TYR E 403 28.11 28.91 3.60
CA TYR E 403 28.41 29.50 4.90
C TYR E 403 29.90 29.43 5.21
N THR E 404 30.49 28.25 5.01
CA THR E 404 31.89 28.08 5.33
C THR E 404 32.78 28.92 4.43
N PHE E 405 32.48 28.96 3.12
CA PHE E 405 33.32 29.76 2.24
C PHE E 405 33.18 31.25 2.54
N ALA E 406 31.98 31.71 2.90
CA ALA E 406 31.86 33.12 3.27
C ALA E 406 32.65 33.43 4.52
N ARG E 407 32.59 32.54 5.51
CA ARG E 407 33.43 32.68 6.70
C ARG E 407 34.89 32.83 6.32
N ALA E 408 35.39 31.92 5.49
CA ALA E 408 36.81 31.95 5.13
C ALA E 408 37.17 33.16 4.28
N PHE E 409 36.25 33.61 3.42
CA PHE E 409 36.52 34.76 2.59
C PHE E 409 36.64 36.03 3.43
N LEU E 410 35.76 36.18 4.43
CA LEU E 410 35.92 37.31 5.34
C LEU E 410 37.17 37.16 6.19
N MET E 411 37.52 35.93 6.58
CA MET E 411 38.72 35.74 7.38
C MET E 411 39.97 36.13 6.60
N GLN E 412 39.97 35.92 5.29
CA GLN E 412 41.11 36.32 4.48
C GLN E 412 41.08 37.80 4.14
N HIS E 413 40.06 38.22 3.40
CA HIS E 413 39.89 39.61 3.02
C HIS E 413 39.17 40.33 4.15
N ALA E 414 39.82 41.34 4.72
CA ALA E 414 39.33 42.04 5.90
C ALA E 414 39.17 41.09 7.08
N PRO E 415 40.27 40.61 7.67
CA PRO E 415 40.16 39.70 8.81
C PRO E 415 39.74 40.36 10.11
N ALA E 416 39.43 41.66 10.09
CA ALA E 416 39.12 42.37 11.33
C ALA E 416 37.78 41.94 11.88
N ASN E 417 36.70 42.16 11.12
CA ASN E 417 35.37 41.90 11.65
C ASN E 417 35.11 40.40 11.72
N ASP E 418 34.69 39.95 12.90
CA ASP E 418 34.36 38.56 13.16
C ASP E 418 32.86 38.33 13.09
N TYR E 419 32.20 39.08 12.20
CA TYR E 419 30.76 38.99 12.05
C TYR E 419 30.33 37.56 11.74
N LEU E 420 30.72 37.05 10.57
CA LEU E 420 30.21 35.77 10.13
C LEU E 420 30.64 34.61 11.02
N VAL E 421 31.67 34.81 11.82
CA VAL E 421 32.16 33.72 12.66
C VAL E 421 31.50 33.75 14.03
N THR E 422 31.24 34.94 14.57
CA THR E 422 30.72 35.07 15.92
C THR E 422 29.38 35.76 15.95
N SER E 423 28.47 35.37 15.07
CA SER E 423 27.16 36.00 15.02
C SER E 423 26.15 34.98 14.52
N HIS E 424 24.92 35.10 15.02
CA HIS E 424 23.87 34.13 14.74
C HIS E 424 23.01 34.66 13.60
N ILE E 425 23.11 34.01 12.46
CA ILE E 425 22.49 34.48 11.23
C ILE E 425 21.22 33.66 10.99
N HIS E 426 20.39 34.14 10.08
CA HIS E 426 19.22 33.39 9.61
C HIS E 426 19.12 33.59 8.11
N LEU E 427 19.33 32.53 7.35
CA LEU E 427 19.24 32.55 5.90
C LEU E 427 17.87 32.06 5.45
N HIS E 428 17.39 32.62 4.33
CA HIS E 428 16.16 32.16 3.71
C HIS E 428 16.34 32.19 2.20
N VAL E 429 16.31 31.01 1.59
CA VAL E 429 16.30 30.88 0.14
C VAL E 429 14.91 30.44 -0.28
N PRO E 430 14.24 31.16 -1.17
CA PRO E 430 12.85 30.81 -1.49
C PRO E 430 12.79 29.57 -2.37
N GLU E 431 11.67 28.86 -2.26
CA GLU E 431 11.56 27.50 -2.79
C GLU E 431 10.83 27.52 -4.13
N GLY E 432 11.59 27.73 -5.20
CA GLY E 432 11.03 27.55 -6.52
C GLY E 432 11.82 26.59 -7.40
N ALA E 433 13.12 26.49 -7.15
CA ALA E 433 14.00 25.80 -8.07
C ALA E 433 13.85 24.29 -7.93
N THR E 434 14.03 23.60 -9.05
CA THR E 434 13.97 22.14 -9.07
C THR E 434 15.05 21.57 -8.15
N PRO E 435 14.87 20.34 -7.67
CA PRO E 435 15.91 19.75 -6.81
C PRO E 435 17.28 19.70 -7.43
N LYS E 436 17.36 19.53 -8.74
CA LYS E 436 18.67 19.49 -9.39
C LYS E 436 19.31 20.86 -9.45
N ASP E 437 18.50 21.91 -9.65
CA ASP E 437 19.00 23.27 -9.76
C ASP E 437 19.09 23.97 -8.41
N GLY E 438 19.01 23.23 -7.32
CA GLY E 438 19.10 23.81 -6.00
C GLY E 438 20.44 24.45 -5.72
N PRO E 439 21.51 23.65 -5.71
CA PRO E 439 22.83 24.17 -5.35
C PRO E 439 23.38 25.21 -6.31
N SER E 440 22.64 25.59 -7.35
CA SER E 440 23.06 26.69 -8.20
C SER E 440 22.91 28.05 -7.53
N ALA E 441 22.44 28.09 -6.28
CA ALA E 441 22.26 29.33 -5.55
C ALA E 441 23.42 29.61 -4.60
N GLY E 442 24.56 28.95 -4.81
CA GLY E 442 25.67 29.09 -3.89
C GLY E 442 26.25 30.49 -3.87
N CYS E 443 26.51 31.05 -5.05
CA CYS E 443 27.07 32.39 -5.09
C CYS E 443 26.07 33.41 -4.54
N THR E 444 24.78 33.17 -4.74
CA THR E 444 23.78 34.07 -4.19
C THR E 444 23.80 34.05 -2.68
N ILE E 445 23.91 32.85 -2.09
CA ILE E 445 23.98 32.74 -0.64
C ILE E 445 25.24 33.40 -0.11
N VAL E 446 26.37 33.18 -0.77
CA VAL E 446 27.62 33.76 -0.32
C VAL E 446 27.55 35.29 -0.38
N THR E 447 26.97 35.82 -1.45
CA THR E 447 26.87 37.27 -1.60
C THR E 447 25.93 37.85 -0.56
N ALA E 448 24.82 37.18 -0.28
CA ALA E 448 23.93 37.63 0.78
C ALA E 448 24.67 37.70 2.11
N LEU E 449 25.39 36.64 2.46
CA LEU E 449 26.08 36.60 3.74
C LEU E 449 27.15 37.70 3.82
N LEU E 450 27.93 37.86 2.76
CA LEU E 450 28.99 38.87 2.78
C LEU E 450 28.41 40.27 2.83
N SER E 451 27.32 40.54 2.12
CA SER E 451 26.76 41.88 2.15
C SER E 451 26.13 42.18 3.49
N LEU E 452 25.51 41.17 4.12
CA LEU E 452 24.98 41.38 5.46
C LEU E 452 26.09 41.63 6.46
N ALA E 453 27.22 40.94 6.32
CA ALA E 453 28.30 41.11 7.27
C ALA E 453 29.05 42.41 7.04
N MET E 454 29.05 42.93 5.81
CA MET E 454 29.73 44.17 5.52
C MET E 454 28.81 45.39 5.56
N GLY E 455 27.51 45.19 5.75
CA GLY E 455 26.60 46.32 5.80
C GLY E 455 26.44 47.07 4.51
N ARG E 456 26.86 46.51 3.38
CA ARG E 456 26.72 47.19 2.10
C ARG E 456 25.77 46.42 1.20
N PRO E 457 24.74 47.06 0.67
CA PRO E 457 23.89 46.39 -0.30
C PRO E 457 24.62 46.13 -1.61
N VAL E 458 24.15 45.10 -2.31
CA VAL E 458 24.66 44.78 -3.64
C VAL E 458 24.22 45.86 -4.62
N ARG E 459 24.99 46.01 -5.71
CA ARG E 459 24.61 46.98 -6.72
C ARG E 459 23.23 46.62 -7.27
N GLN E 460 22.52 47.64 -7.75
CA GLN E 460 21.06 47.56 -7.78
C GLN E 460 20.49 46.45 -8.64
N ASN E 461 20.62 46.54 -9.96
CA ASN E 461 19.89 45.64 -10.85
C ASN E 461 20.79 44.48 -11.29
N LEU E 462 21.25 43.71 -10.31
CA LEU E 462 22.25 42.69 -10.54
C LEU E 462 21.72 41.34 -10.09
N ALA E 463 21.86 40.33 -10.94
CA ALA E 463 21.46 38.97 -10.61
C ALA E 463 22.61 38.01 -10.90
N MET E 464 22.68 36.94 -10.11
CA MET E 464 23.79 36.02 -10.20
C MET E 464 23.31 34.59 -10.05
N THR E 465 24.09 33.66 -10.59
CA THR E 465 23.77 32.24 -10.51
C THR E 465 25.07 31.45 -10.67
N GLY E 466 25.13 30.30 -9.99
CA GLY E 466 26.27 29.43 -10.14
C GLY E 466 26.71 28.80 -8.83
N GLU E 467 27.08 27.52 -8.88
CA GLU E 467 27.52 26.83 -7.67
C GLU E 467 28.89 27.31 -7.26
N VAL E 468 29.07 27.56 -5.97
CA VAL E 468 30.38 27.85 -5.41
C VAL E 468 30.91 26.59 -4.75
N SER E 469 32.22 26.45 -4.75
CA SER E 469 32.88 25.33 -4.10
C SER E 469 33.44 25.74 -2.75
N LEU E 470 33.97 24.76 -2.03
CA LEU E 470 34.44 25.02 -0.67
C LEU E 470 35.69 25.89 -0.65
N THR E 471 36.42 26.00 -1.76
CA THR E 471 37.54 26.92 -1.83
C THR E 471 37.25 28.15 -2.67
N GLY E 472 36.09 28.23 -3.31
CA GLY E 472 35.66 29.43 -4.00
C GLY E 472 35.37 29.25 -5.47
N LYS E 473 35.76 28.14 -6.08
CA LYS E 473 35.55 27.95 -7.50
C LYS E 473 34.06 27.99 -7.83
N ILE E 474 33.76 28.37 -9.08
CA ILE E 474 32.39 28.58 -9.52
C ILE E 474 32.13 27.63 -10.68
N LEU E 475 31.29 26.65 -10.43
CA LEU E 475 30.96 25.52 -11.30
C LEU E 475 29.80 25.88 -12.21
N PRO E 476 29.64 25.17 -13.33
CA PRO E 476 28.57 25.51 -14.27
C PRO E 476 27.20 25.14 -13.72
N VAL E 477 26.18 25.70 -14.36
CA VAL E 477 24.79 25.42 -14.00
C VAL E 477 23.99 25.18 -15.28
N GLY E 478 22.73 24.80 -15.10
CA GLY E 478 21.84 24.55 -16.21
C GLY E 478 20.69 25.54 -16.24
N GLY E 479 19.85 25.39 -17.25
CA GLY E 479 18.72 26.28 -17.41
C GLY E 479 19.11 27.71 -17.70
N ILE E 480 20.16 27.90 -18.49
CA ILE E 480 20.67 29.25 -18.75
C ILE E 480 19.66 30.07 -19.52
N LYS E 481 18.98 29.47 -20.50
CA LYS E 481 18.03 30.22 -21.30
C LYS E 481 16.84 30.67 -20.46
N GLU E 482 16.27 29.77 -19.66
CA GLU E 482 15.14 30.17 -18.84
C GLU E 482 15.55 31.17 -17.77
N LYS E 483 16.76 31.01 -17.22
CA LYS E 483 17.24 31.96 -16.23
C LYS E 483 17.40 33.35 -16.81
N THR E 484 17.97 33.45 -18.02
CA THR E 484 18.14 34.77 -18.61
C THR E 484 16.82 35.36 -19.07
N ILE E 485 15.86 34.53 -19.47
CA ILE E 485 14.54 35.07 -19.80
C ILE E 485 13.87 35.63 -18.57
N ALA E 486 14.00 34.94 -17.43
CA ALA E 486 13.46 35.47 -16.19
C ALA E 486 14.18 36.74 -15.76
N ALA E 487 15.48 36.82 -16.00
CA ALA E 487 16.22 38.03 -15.68
C ALA E 487 15.74 39.20 -16.53
N LYS E 488 15.53 38.96 -17.82
CA LYS E 488 15.00 39.99 -18.69
C LYS E 488 13.58 40.39 -18.30
N ARG E 489 12.81 39.45 -17.74
CA ARG E 489 11.46 39.76 -17.31
C ARG E 489 11.47 40.65 -16.07
N ALA E 490 12.16 40.22 -15.03
CA ALA E 490 12.17 40.96 -13.76
C ALA E 490 12.89 42.28 -13.85
N GLY E 491 13.37 42.72 -15.01
CA GLY E 491 13.99 44.03 -15.09
C GLY E 491 15.44 44.07 -14.68
N VAL E 492 16.14 42.96 -14.79
CA VAL E 492 17.55 42.87 -14.43
C VAL E 492 18.37 43.38 -15.60
N THR E 493 19.45 44.12 -15.30
CA THR E 493 20.34 44.64 -16.33
C THR E 493 21.72 44.00 -16.31
N CYS E 494 22.24 43.66 -15.14
CA CYS E 494 23.56 43.04 -15.02
C CYS E 494 23.40 41.62 -14.50
N ILE E 495 24.10 40.68 -15.12
CA ILE E 495 23.95 39.26 -14.82
C ILE E 495 25.33 38.65 -14.72
N VAL E 496 25.51 37.73 -13.78
CA VAL E 496 26.78 37.07 -13.54
C VAL E 496 26.59 35.57 -13.69
N LEU E 497 27.42 34.95 -14.52
CA LEU E 497 27.32 33.53 -14.82
C LEU E 497 28.68 32.86 -14.64
N PRO E 498 28.69 31.56 -14.41
CA PRO E 498 29.96 30.82 -14.47
C PRO E 498 30.55 30.91 -15.86
N ALA E 499 31.89 30.89 -15.92
CA ALA E 499 32.56 31.08 -17.21
C ALA E 499 32.38 29.89 -18.13
N GLU E 500 32.04 28.72 -17.59
CA GLU E 500 31.81 27.54 -18.41
C GLU E 500 30.46 27.54 -19.09
N ASN E 501 29.67 28.60 -18.94
CA ASN E 501 28.33 28.69 -19.50
C ASN E 501 28.22 29.76 -20.59
N LYS E 502 29.34 30.28 -21.08
CA LYS E 502 29.25 31.27 -22.16
C LYS E 502 28.90 30.61 -23.49
N LYS E 503 29.26 29.35 -23.66
CA LYS E 503 28.80 28.62 -24.84
C LYS E 503 27.30 28.46 -24.84
N ASP E 504 26.67 28.50 -23.66
CA ASP E 504 25.22 28.47 -23.56
C ASP E 504 24.63 29.87 -23.69
N PHE E 505 25.32 30.88 -23.16
CA PHE E 505 24.77 32.23 -23.24
C PHE E 505 24.83 32.80 -24.64
N TYR E 506 25.89 32.51 -25.39
CA TYR E 506 26.08 33.09 -26.71
C TYR E 506 25.42 32.27 -27.81
N ASP E 507 24.58 31.31 -27.46
CA ASP E 507 23.72 30.63 -28.41
C ASP E 507 22.27 31.08 -28.25
N LEU E 508 22.07 32.32 -27.83
CA LEU E 508 20.75 32.87 -27.57
C LEU E 508 20.45 33.97 -28.59
N ALA E 509 19.16 34.13 -28.88
CA ALA E 509 18.73 35.17 -29.80
C ALA E 509 19.15 36.54 -29.29
N ALA E 510 19.42 37.45 -30.23
CA ALA E 510 19.90 38.78 -29.85
C ALA E 510 18.87 39.54 -29.04
N PHE E 511 17.59 39.35 -29.31
CA PHE E 511 16.55 40.04 -28.55
C PHE E 511 16.34 39.44 -27.16
N ILE E 512 16.97 38.31 -26.84
CA ILE E 512 16.96 37.80 -25.48
C ILE E 512 18.11 38.37 -24.68
N THR E 513 19.31 38.36 -25.25
CA THR E 513 20.47 39.00 -24.65
C THR E 513 20.62 40.43 -25.18
N GLU E 514 19.54 41.19 -25.03
CA GLU E 514 19.47 42.49 -25.69
C GLU E 514 20.21 43.56 -24.89
N GLY E 515 19.74 43.87 -23.69
CA GLY E 515 20.34 44.90 -22.88
C GLY E 515 21.05 44.40 -21.65
N LEU E 516 21.24 43.09 -21.50
CA LEU E 516 21.90 42.55 -20.33
C LEU E 516 23.41 42.72 -20.46
N GLU E 517 24.01 43.29 -19.42
CA GLU E 517 25.46 43.30 -19.28
C GLU E 517 25.87 42.05 -18.53
N VAL E 518 26.61 41.16 -19.19
CA VAL E 518 26.89 39.84 -18.67
C VAL E 518 28.36 39.75 -18.29
N HIS E 519 28.64 39.16 -17.14
CA HIS E 519 29.99 38.89 -16.67
C HIS E 519 30.13 37.39 -16.45
N PHE E 520 31.29 36.86 -16.79
CA PHE E 520 31.59 35.44 -16.63
C PHE E 520 32.72 35.28 -15.63
N VAL E 521 32.53 34.42 -14.64
CA VAL E 521 33.44 34.34 -13.52
C VAL E 521 33.96 32.92 -13.35
N GLU E 522 35.19 32.81 -12.84
CA GLU E 522 35.79 31.53 -12.50
C GLU E 522 35.96 31.32 -11.01
N HIS E 523 36.12 32.39 -10.24
CA HIS E 523 36.26 32.31 -8.79
C HIS E 523 35.36 33.37 -8.17
N TYR E 524 35.17 33.28 -6.85
CA TYR E 524 34.26 34.22 -6.22
C TYR E 524 34.89 35.59 -5.99
N ARG E 525 36.21 35.70 -6.02
CA ARG E 525 36.82 37.00 -5.82
C ARG E 525 36.32 38.02 -6.84
N GLU E 526 36.13 37.58 -8.07
CA GLU E 526 35.68 38.51 -9.10
C GLU E 526 34.19 38.80 -9.03
N ILE E 527 33.37 37.85 -8.56
CA ILE E 527 31.99 38.22 -8.27
C ILE E 527 31.94 39.25 -7.16
N PHE E 528 32.78 39.10 -6.15
CA PHE E 528 32.83 40.09 -5.08
C PHE E 528 33.19 41.45 -5.63
N ASP E 529 34.19 41.49 -6.51
CA ASP E 529 34.63 42.75 -7.09
C ASP E 529 33.53 43.40 -7.92
N ILE E 530 32.76 42.60 -8.66
CA ILE E 530 31.75 43.18 -9.54
C ILE E 530 30.39 43.34 -8.86
N ALA E 531 30.23 42.86 -7.63
CA ALA E 531 29.00 43.07 -6.88
C ALA E 531 29.13 44.14 -5.82
N PHE E 532 30.34 44.42 -5.35
CA PHE E 532 30.55 45.52 -4.43
C PHE E 532 31.54 46.52 -5.03
N GLU F 4 -49.97 0.59 -40.10
CA GLU F 4 -49.59 0.00 -38.82
C GLU F 4 -49.18 1.12 -37.84
N LYS F 5 -49.23 0.82 -36.55
CA LYS F 5 -48.76 1.76 -35.54
C LYS F 5 -47.35 2.24 -35.84
N PHE F 6 -46.42 1.31 -36.06
CA PHE F 6 -45.06 1.70 -36.39
C PHE F 6 -45.01 2.44 -37.72
N ARG F 7 -45.89 2.09 -38.65
CA ARG F 7 -45.90 2.74 -39.95
C ARG F 7 -46.30 4.21 -39.83
N GLU F 8 -47.40 4.49 -39.14
CA GLU F 8 -47.79 5.89 -38.95
C GLU F 8 -46.78 6.63 -38.09
N ARG F 9 -46.18 5.93 -37.13
CA ARG F 9 -45.07 6.49 -36.35
C ARG F 9 -44.00 7.06 -37.28
N LEU F 10 -43.42 6.21 -38.13
CA LEU F 10 -42.41 6.70 -39.04
C LEU F 10 -42.97 7.64 -40.11
N LYS F 11 -44.27 7.57 -40.39
CA LYS F 11 -44.84 8.42 -41.42
C LYS F 11 -44.92 9.86 -40.96
N GLU F 12 -45.10 10.08 -39.66
CA GLU F 12 -45.23 11.45 -39.19
C GLU F 12 -43.92 12.23 -39.23
N LEU F 13 -42.79 11.56 -39.01
CA LEU F 13 -41.51 12.24 -38.88
C LEU F 13 -40.56 11.84 -40.00
N VAL F 14 -39.58 12.71 -40.26
CA VAL F 14 -38.71 12.59 -41.43
C VAL F 14 -37.65 11.55 -41.10
N VAL F 15 -37.81 10.35 -41.67
CA VAL F 15 -36.90 9.24 -41.42
C VAL F 15 -35.75 9.30 -42.43
N PRO F 16 -34.53 8.96 -42.02
CA PRO F 16 -33.45 8.78 -43.00
C PRO F 16 -33.55 7.44 -43.70
N LYS F 17 -32.93 7.41 -44.89
CA LYS F 17 -33.15 6.31 -45.84
C LYS F 17 -32.60 4.99 -45.30
N HIS F 18 -31.36 4.99 -44.80
CA HIS F 18 -30.78 3.77 -44.26
C HIS F 18 -31.60 3.24 -43.09
N VAL F 19 -32.08 4.13 -42.22
CA VAL F 19 -32.92 3.73 -41.11
C VAL F 19 -34.20 3.08 -41.62
N MET F 20 -34.85 3.69 -42.62
CA MET F 20 -36.07 3.10 -43.17
C MET F 20 -35.80 1.74 -43.77
N ASP F 21 -34.68 1.59 -44.49
CA ASP F 21 -34.33 0.29 -45.04
C ASP F 21 -34.19 -0.75 -43.95
N VAL F 22 -33.46 -0.40 -42.88
CA VAL F 22 -33.20 -1.38 -41.83
C VAL F 22 -34.50 -1.71 -41.09
N VAL F 23 -35.38 -0.73 -40.87
CA VAL F 23 -36.58 -1.01 -40.09
C VAL F 23 -37.53 -1.87 -40.90
N ASP F 24 -37.65 -1.62 -42.21
CA ASP F 24 -38.51 -2.51 -43.00
C ASP F 24 -37.88 -3.88 -43.16
N GLU F 25 -36.54 -3.95 -43.17
CA GLU F 25 -35.88 -5.24 -43.17
C GLU F 25 -36.24 -6.05 -41.94
N GLU F 26 -36.12 -5.44 -40.76
CA GLU F 26 -36.44 -6.15 -39.53
C GLU F 26 -37.93 -6.42 -39.43
N LEU F 27 -38.77 -5.57 -40.03
CA LEU F 27 -40.20 -5.80 -40.02
C LEU F 27 -40.56 -7.02 -40.87
N SER F 28 -39.92 -7.17 -42.03
CA SER F 28 -40.10 -8.38 -42.83
C SER F 28 -39.48 -9.59 -42.15
N LYS F 29 -38.40 -9.39 -41.40
CA LYS F 29 -37.80 -10.48 -40.63
C LYS F 29 -38.75 -10.98 -39.55
N LEU F 30 -39.49 -10.08 -38.92
CA LEU F 30 -40.61 -10.49 -38.08
C LEU F 30 -41.74 -11.07 -38.90
N GLY F 31 -41.87 -10.66 -40.16
CA GLY F 31 -42.90 -11.22 -41.03
C GLY F 31 -42.83 -12.74 -41.12
N LEU F 32 -41.63 -13.30 -40.99
CA LEU F 32 -41.48 -14.74 -40.75
C LEU F 32 -41.81 -14.95 -39.27
N LEU F 33 -43.11 -14.93 -38.98
CA LEU F 33 -43.59 -14.85 -37.60
C LEU F 33 -43.01 -15.95 -36.72
N ASP F 34 -42.54 -15.55 -35.55
CA ASP F 34 -42.06 -16.43 -34.50
C ASP F 34 -42.75 -16.12 -33.18
N ASN F 35 -44.08 -16.02 -33.24
CA ASN F 35 -44.91 -15.34 -32.26
C ASN F 35 -44.47 -15.59 -30.82
N HIS F 36 -44.40 -14.49 -30.05
CA HIS F 36 -44.30 -14.51 -28.59
C HIS F 36 -43.19 -15.45 -28.10
N SER F 37 -41.97 -15.08 -28.43
CA SER F 37 -40.78 -15.80 -27.98
C SER F 37 -39.67 -14.81 -27.69
N SER F 38 -38.47 -15.34 -27.42
CA SER F 38 -37.31 -14.47 -27.23
C SER F 38 -36.98 -13.72 -28.52
N GLU F 39 -36.90 -14.43 -29.64
CA GLU F 39 -36.58 -13.82 -30.92
C GLU F 39 -37.74 -13.00 -31.47
N PHE F 40 -38.94 -13.12 -30.89
CA PHE F 40 -40.02 -12.21 -31.23
C PHE F 40 -39.98 -10.93 -30.41
N ASN F 41 -39.84 -11.05 -29.08
CA ASN F 41 -39.82 -9.86 -28.24
C ASN F 41 -38.57 -9.04 -28.44
N VAL F 42 -37.46 -9.66 -28.85
CA VAL F 42 -36.26 -8.90 -29.20
C VAL F 42 -36.56 -8.00 -30.39
N THR F 43 -37.16 -8.55 -31.44
CA THR F 43 -37.52 -7.74 -32.60
C THR F 43 -38.55 -6.68 -32.24
N ARG F 44 -39.49 -7.04 -31.36
CA ARG F 44 -40.51 -6.09 -30.93
C ARG F 44 -39.87 -4.89 -30.24
N ASN F 45 -38.98 -5.14 -29.27
CA ASN F 45 -38.31 -4.05 -28.57
C ASN F 45 -37.44 -3.23 -29.49
N TYR F 46 -36.72 -3.91 -30.41
CA TYR F 46 -35.89 -3.19 -31.37
C TYR F 46 -36.73 -2.21 -32.19
N LEU F 47 -37.81 -2.69 -32.78
CA LEU F 47 -38.66 -1.81 -33.58
C LEU F 47 -39.32 -0.75 -32.73
N ASP F 48 -39.62 -1.04 -31.47
CA ASP F 48 -40.22 -0.02 -30.62
C ASP F 48 -39.24 1.12 -30.36
N TRP F 49 -37.99 0.78 -30.05
CA TRP F 49 -36.98 1.82 -29.88
C TRP F 49 -36.77 2.61 -31.17
N LEU F 50 -36.79 1.90 -32.31
CA LEU F 50 -36.57 2.58 -33.58
C LEU F 50 -37.67 3.58 -33.88
N THR F 51 -38.93 3.15 -33.79
CA THR F 51 -40.03 4.08 -33.99
C THR F 51 -40.18 5.07 -32.84
N SER F 52 -39.46 4.86 -31.73
CA SER F 52 -39.48 5.84 -30.65
C SER F 52 -38.53 7.00 -30.94
N ILE F 53 -37.31 6.69 -31.37
CA ILE F 53 -36.29 7.70 -31.66
C ILE F 53 -36.83 8.74 -32.64
N PRO F 54 -36.71 10.03 -32.33
CA PRO F 54 -37.05 11.05 -33.33
C PRO F 54 -35.92 11.18 -34.33
N TRP F 55 -36.29 11.39 -35.59
CA TRP F 55 -35.33 11.24 -36.66
C TRP F 55 -35.01 12.53 -37.40
N GLY F 56 -36.00 13.37 -37.64
CA GLY F 56 -35.71 14.66 -38.24
C GLY F 56 -36.25 15.78 -37.38
N LYS F 57 -37.29 15.48 -36.60
CA LYS F 57 -37.97 16.51 -35.83
C LYS F 57 -37.06 17.07 -34.75
N TYR F 58 -37.06 18.39 -34.60
CA TYR F 58 -36.22 19.09 -33.64
C TYR F 58 -37.03 20.20 -33.02
N SER F 59 -36.43 20.88 -32.05
CA SER F 59 -37.04 22.02 -31.40
C SER F 59 -36.38 23.31 -31.88
N ASN F 60 -37.22 24.26 -32.28
CA ASN F 60 -36.71 25.58 -32.64
C ASN F 60 -36.01 26.22 -31.45
N GLU F 61 -34.95 26.97 -31.74
CA GLU F 61 -34.15 27.61 -30.71
C GLU F 61 -34.54 29.06 -30.56
N ASN F 62 -33.96 29.70 -29.55
CA ASN F 62 -34.14 31.13 -29.31
C ASN F 62 -32.84 31.70 -28.77
N LEU F 63 -32.02 32.27 -29.65
CA LEU F 63 -30.79 32.92 -29.27
C LEU F 63 -30.97 34.39 -28.92
N ASP F 64 -32.18 34.78 -28.53
CA ASP F 64 -32.45 36.18 -28.22
C ASP F 64 -31.85 36.54 -26.87
N LEU F 65 -31.02 37.60 -26.85
CA LEU F 65 -30.38 38.00 -25.61
C LEU F 65 -31.39 38.53 -24.60
N ALA F 66 -32.41 39.25 -25.04
CA ALA F 66 -33.37 39.82 -24.11
C ALA F 66 -34.14 38.72 -23.37
N ARG F 67 -34.71 37.78 -24.11
CA ARG F 67 -35.44 36.70 -23.46
C ARG F 67 -34.50 35.80 -22.66
N ALA F 68 -33.30 35.57 -23.17
CA ALA F 68 -32.32 34.79 -22.41
C ALA F 68 -32.06 35.45 -21.06
N GLN F 69 -31.84 36.76 -21.06
CA GLN F 69 -31.60 37.49 -19.82
C GLN F 69 -32.79 37.42 -18.89
N ALA F 70 -34.00 37.59 -19.43
CA ALA F 70 -35.19 37.53 -18.59
C ALA F 70 -35.32 36.16 -17.93
N VAL F 71 -35.13 35.10 -18.70
CA VAL F 71 -35.22 33.75 -18.15
C VAL F 71 -34.17 33.54 -17.07
N LEU F 72 -32.93 33.97 -17.34
CA LEU F 72 -31.85 33.73 -16.39
C LEU F 72 -32.07 34.50 -15.10
N GLU F 73 -32.55 35.74 -15.20
CA GLU F 73 -32.80 36.50 -13.97
C GLU F 73 -34.02 35.97 -13.23
N GLU F 74 -34.97 35.37 -13.93
CA GLU F 74 -36.15 34.82 -13.27
C GLU F 74 -35.83 33.53 -12.54
N ASP F 75 -35.15 32.60 -13.20
CA ASP F 75 -34.92 31.28 -12.62
C ASP F 75 -33.94 31.30 -11.46
N HIS F 76 -33.06 32.30 -11.37
CA HIS F 76 -32.03 32.30 -10.35
C HIS F 76 -31.86 33.68 -9.75
N TYR F 77 -31.41 33.70 -8.51
CA TYR F 77 -31.03 34.94 -7.82
C TYR F 77 -29.52 35.09 -7.84
N GLY F 78 -29.07 36.34 -7.86
CA GLY F 78 -27.66 36.60 -7.83
C GLY F 78 -26.94 36.04 -9.05
N MET F 79 -25.70 35.61 -8.84
CA MET F 79 -24.89 34.97 -9.88
C MET F 79 -24.76 35.87 -11.10
N GLU F 80 -24.50 37.15 -10.88
CA GLU F 80 -24.45 38.10 -11.99
C GLU F 80 -23.33 37.74 -12.96
N ASP F 81 -22.19 37.30 -12.45
CA ASP F 81 -21.05 37.03 -13.32
C ASP F 81 -21.26 35.76 -14.12
N VAL F 82 -21.88 34.74 -13.51
CA VAL F 82 -22.21 33.54 -14.27
C VAL F 82 -23.25 33.87 -15.34
N LYS F 83 -24.24 34.71 -15.01
CA LYS F 83 -25.22 35.10 -16.00
C LYS F 83 -24.58 35.87 -17.15
N LYS F 84 -23.60 36.73 -16.83
CA LYS F 84 -22.89 37.45 -17.87
C LYS F 84 -22.10 36.51 -18.76
N ARG F 85 -21.48 35.49 -18.17
CA ARG F 85 -20.77 34.51 -18.99
C ARG F 85 -21.73 33.75 -19.89
N ILE F 86 -22.91 33.41 -19.39
CA ILE F 86 -23.89 32.71 -20.21
C ILE F 86 -24.34 33.59 -21.36
N LEU F 87 -24.59 34.87 -21.10
CA LEU F 87 -24.99 35.78 -22.17
C LEU F 87 -23.87 35.96 -23.19
N GLU F 88 -22.61 35.96 -22.74
CA GLU F 88 -21.51 36.04 -23.69
C GLU F 88 -21.46 34.80 -24.57
N PHE F 89 -21.66 33.63 -23.97
CA PHE F 89 -21.72 32.41 -24.76
C PHE F 89 -22.86 32.45 -25.76
N ILE F 90 -24.02 32.98 -25.36
CA ILE F 90 -25.17 33.02 -26.25
C ILE F 90 -24.92 33.98 -27.41
N ALA F 91 -24.34 35.14 -27.13
CA ALA F 91 -24.05 36.10 -28.19
C ALA F 91 -23.02 35.54 -29.16
N VAL F 92 -21.96 34.91 -28.64
CA VAL F 92 -20.95 34.32 -29.49
C VAL F 92 -21.55 33.20 -30.33
N SER F 93 -22.46 32.42 -29.76
CA SER F 93 -23.07 31.34 -30.49
C SER F 93 -24.08 31.82 -31.51
N GLN F 94 -24.67 33.00 -31.29
CA GLN F 94 -25.52 33.60 -32.31
C GLN F 94 -24.68 34.11 -33.47
N LEU F 95 -23.60 34.81 -33.17
CA LEU F 95 -22.67 35.24 -34.22
C LEU F 95 -22.19 34.06 -35.04
N ARG F 96 -21.50 33.12 -34.39
CA ARG F 96 -20.98 31.96 -35.07
C ARG F 96 -22.08 31.09 -35.65
N GLY F 97 -23.28 31.15 -35.09
CA GLY F 97 -24.42 30.41 -35.60
C GLY F 97 -24.44 28.94 -35.28
N SER F 98 -23.29 28.33 -34.98
CA SER F 98 -23.25 26.89 -34.76
C SER F 98 -23.70 26.51 -33.36
N THR F 99 -23.26 27.27 -32.34
CA THR F 99 -23.61 27.00 -30.95
C THR F 99 -23.16 25.60 -30.53
N GLN F 100 -22.03 25.15 -31.07
CA GLN F 100 -21.57 23.79 -30.82
C GLN F 100 -20.06 23.69 -30.62
N GLY F 101 -19.35 24.81 -30.49
CA GLY F 101 -17.91 24.76 -30.46
C GLY F 101 -17.29 24.14 -29.23
N LYS F 102 -17.36 24.84 -28.10
CA LYS F 102 -16.68 24.43 -26.88
C LYS F 102 -17.70 24.14 -25.79
N ILE F 103 -17.40 23.15 -24.97
CA ILE F 103 -18.32 22.70 -23.93
C ILE F 103 -18.17 23.58 -22.69
N LEU F 104 -19.30 24.06 -22.17
CA LEU F 104 -19.29 24.82 -20.93
C LEU F 104 -19.27 23.89 -19.74
N CYS F 105 -18.53 24.27 -18.70
CA CYS F 105 -18.42 23.46 -17.49
C CYS F 105 -18.35 24.38 -16.29
N PHE F 106 -19.36 24.29 -15.42
CA PHE F 106 -19.42 25.10 -14.20
C PHE F 106 -18.81 24.31 -13.06
N TYR F 107 -17.97 24.97 -12.28
CA TYR F 107 -17.37 24.35 -11.12
C TYR F 107 -17.42 25.31 -9.94
N GLY F 108 -17.37 24.76 -8.74
CA GLY F 108 -17.46 25.53 -7.53
C GLY F 108 -17.85 24.67 -6.36
N PRO F 109 -18.00 25.28 -5.19
CA PRO F 109 -18.33 24.51 -3.98
C PRO F 109 -19.66 23.80 -4.15
N PRO F 110 -19.89 22.73 -3.40
CA PRO F 110 -21.17 22.02 -3.51
C PRO F 110 -22.29 22.84 -2.89
N GLY F 111 -23.47 22.70 -3.48
CA GLY F 111 -24.64 23.40 -2.99
C GLY F 111 -24.84 24.78 -3.54
N VAL F 112 -24.10 25.18 -4.57
CA VAL F 112 -24.28 26.50 -5.16
C VAL F 112 -25.20 26.48 -6.36
N GLY F 113 -25.76 25.33 -6.71
CA GLY F 113 -26.72 25.30 -7.79
C GLY F 113 -26.12 25.44 -9.16
N LYS F 114 -25.02 24.75 -9.42
CA LYS F 114 -24.49 24.69 -10.78
C LYS F 114 -25.24 23.67 -11.62
N THR F 115 -26.09 22.84 -11.00
CA THR F 115 -26.92 21.92 -11.76
C THR F 115 -28.20 22.59 -12.23
N SER F 116 -28.64 23.64 -11.54
CA SER F 116 -29.85 24.35 -11.95
C SER F 116 -29.58 25.32 -13.07
N ILE F 117 -28.33 25.76 -13.25
CA ILE F 117 -28.00 26.63 -14.37
C ILE F 117 -28.26 25.91 -15.68
N ALA F 118 -28.11 24.59 -15.70
CA ALA F 118 -28.38 23.84 -16.92
C ALA F 118 -29.86 23.89 -17.29
N ARG F 119 -30.74 23.72 -16.31
CA ARG F 119 -32.17 23.84 -16.59
C ARG F 119 -32.52 25.25 -17.03
N SER F 120 -31.93 26.25 -16.38
CA SER F 120 -32.17 27.63 -16.77
C SER F 120 -31.71 27.89 -18.20
N ILE F 121 -30.58 27.31 -18.59
CA ILE F 121 -30.06 27.48 -19.94
C ILE F 121 -30.96 26.79 -20.94
N ALA F 122 -31.47 25.62 -20.59
CA ALA F 122 -32.41 24.93 -21.49
C ALA F 122 -33.65 25.77 -21.71
N ARG F 123 -34.20 26.33 -20.64
CA ARG F 123 -35.34 27.22 -20.79
C ARG F 123 -34.99 28.42 -21.67
N ALA F 124 -33.82 29.01 -21.47
CA ALA F 124 -33.44 30.20 -22.21
C ALA F 124 -33.24 29.92 -23.68
N LEU F 125 -32.71 28.75 -24.03
CA LEU F 125 -32.52 28.36 -25.41
C LEU F 125 -33.71 27.61 -25.98
N ASN F 126 -34.78 27.45 -25.21
CA ASN F 126 -36.00 26.78 -25.66
C ASN F 126 -35.73 25.35 -26.12
N ARG F 127 -34.67 24.75 -25.60
CA ARG F 127 -34.37 23.37 -25.92
C ARG F 127 -35.03 22.46 -24.90
N GLU F 128 -34.89 21.17 -25.10
CA GLU F 128 -35.39 20.17 -24.16
C GLU F 128 -34.26 19.74 -23.25
N TYR F 129 -34.50 19.77 -21.95
CA TYR F 129 -33.50 19.45 -20.96
C TYR F 129 -33.42 17.95 -20.73
N PHE F 130 -32.23 17.50 -20.34
CA PHE F 130 -32.03 16.12 -19.91
C PHE F 130 -30.73 16.05 -19.14
N ARG F 131 -30.72 15.28 -18.06
CA ARG F 131 -29.56 15.15 -17.21
C ARG F 131 -29.26 13.69 -16.94
N PHE F 132 -27.97 13.35 -16.97
CA PHE F 132 -27.52 12.05 -16.49
C PHE F 132 -26.15 12.24 -15.86
N SER F 133 -25.94 11.64 -14.70
CA SER F 133 -24.73 11.84 -13.93
C SER F 133 -23.71 10.78 -14.25
N VAL F 134 -22.43 11.11 -14.05
CA VAL F 134 -21.33 10.17 -14.21
C VAL F 134 -20.53 10.21 -12.91
N GLY F 135 -20.92 9.37 -11.95
CA GLY F 135 -20.09 9.12 -10.80
C GLY F 135 -19.53 7.71 -10.82
N GLY F 136 -18.26 7.58 -11.20
CA GLY F 136 -17.61 6.29 -11.30
C GLY F 136 -18.42 5.22 -12.02
N MET F 137 -18.86 5.52 -13.24
CA MET F 137 -19.64 4.55 -13.99
C MET F 137 -18.75 3.41 -14.52
N THR F 138 -17.51 3.73 -14.91
CA THR F 138 -16.49 2.77 -15.32
C THR F 138 -16.89 1.92 -16.52
N ASP F 139 -18.08 2.16 -17.08
CA ASP F 139 -18.58 1.36 -18.19
C ASP F 139 -18.97 2.26 -19.34
N VAL F 140 -19.12 1.65 -20.52
CA VAL F 140 -19.64 2.35 -21.67
C VAL F 140 -21.12 2.05 -21.87
N ALA F 141 -21.62 0.96 -21.30
CA ALA F 141 -23.01 0.57 -21.50
C ALA F 141 -23.99 1.64 -21.07
N GLU F 142 -23.57 2.61 -20.26
CA GLU F 142 -24.44 3.73 -19.95
C GLU F 142 -24.59 4.65 -21.17
N ILE F 143 -23.49 4.90 -21.88
CA ILE F 143 -23.54 5.77 -23.04
C ILE F 143 -24.04 5.02 -24.26
N LYS F 144 -23.29 4.00 -24.68
CA LYS F 144 -23.58 3.32 -25.94
C LYS F 144 -24.55 2.17 -25.78
N GLY F 145 -24.55 1.51 -24.63
CA GLY F 145 -25.52 0.48 -24.34
C GLY F 145 -24.95 -0.92 -24.40
N HIS F 146 -25.83 -1.87 -24.68
CA HIS F 146 -25.49 -3.28 -24.80
C HIS F 146 -25.85 -3.79 -26.18
N ARG F 147 -25.39 -5.00 -26.48
CA ARG F 147 -25.81 -5.64 -27.72
C ARG F 147 -27.18 -6.28 -27.54
N ARG F 148 -27.82 -6.59 -28.67
CA ARG F 148 -29.14 -7.20 -28.62
C ARG F 148 -29.08 -8.66 -28.19
N THR F 149 -27.90 -9.27 -28.25
CA THR F 149 -27.79 -10.68 -27.90
C THR F 149 -27.95 -10.91 -26.40
N TYR F 150 -27.44 -10.00 -25.58
CA TYR F 150 -27.53 -10.16 -24.13
C TYR F 150 -28.98 -10.11 -23.67
N VAL F 151 -29.27 -10.86 -22.60
CA VAL F 151 -30.60 -10.77 -22.01
C VAL F 151 -30.83 -9.39 -21.41
N GLY F 152 -29.76 -8.70 -21.02
CA GLY F 152 -29.85 -7.31 -20.64
C GLY F 152 -29.58 -6.42 -21.83
N ALA F 153 -30.64 -5.96 -22.47
CA ALA F 153 -30.54 -5.21 -23.72
C ALA F 153 -31.15 -3.83 -23.52
N MET F 154 -30.29 -2.83 -23.34
CA MET F 154 -30.75 -1.48 -23.18
C MET F 154 -30.03 -0.56 -24.15
N PRO F 155 -30.75 0.37 -24.79
CA PRO F 155 -30.06 1.30 -25.69
C PRO F 155 -29.02 2.16 -24.99
N GLY F 156 -29.41 2.89 -23.95
CA GLY F 156 -28.46 3.68 -23.20
C GLY F 156 -28.94 5.09 -22.95
N LYS F 157 -28.09 5.85 -22.27
CA LYS F 157 -28.48 7.17 -21.79
C LYS F 157 -28.83 8.10 -22.95
N ILE F 158 -28.05 8.08 -24.02
CA ILE F 158 -28.25 9.03 -25.11
C ILE F 158 -29.55 8.74 -25.84
N ILE F 159 -29.78 7.48 -26.20
CA ILE F 159 -31.00 7.11 -26.91
C ILE F 159 -32.21 7.32 -26.00
N GLN F 160 -32.06 7.05 -24.71
CA GLN F 160 -33.17 7.31 -23.80
C GLN F 160 -33.48 8.80 -23.72
N CYS F 161 -32.43 9.63 -23.73
CA CYS F 161 -32.64 11.08 -23.78
C CYS F 161 -33.39 11.48 -25.03
N LEU F 162 -33.00 10.91 -26.17
CA LEU F 162 -33.67 11.27 -27.42
C LEU F 162 -35.12 10.84 -27.41
N LYS F 163 -35.40 9.63 -26.94
CA LYS F 163 -36.78 9.13 -26.88
C LYS F 163 -37.61 9.96 -25.91
N LYS F 164 -37.01 10.45 -24.84
CA LYS F 164 -37.77 11.22 -23.86
C LYS F 164 -38.05 12.63 -24.36
N THR F 165 -37.05 13.29 -24.94
CA THR F 165 -37.24 14.65 -25.38
C THR F 165 -38.00 14.74 -26.71
N LYS F 166 -38.03 13.66 -27.49
CA LYS F 166 -38.68 13.67 -28.80
C LYS F 166 -38.12 14.79 -29.67
N THR F 167 -36.83 15.05 -29.49
CA THR F 167 -36.19 16.21 -30.11
C THR F 167 -34.77 15.84 -30.49
N GLU F 168 -34.36 16.25 -31.69
CA GLU F 168 -33.04 15.88 -32.18
C GLU F 168 -31.94 16.78 -31.64
N ASN F 169 -32.26 17.95 -31.09
CA ASN F 169 -31.28 18.89 -30.58
C ASN F 169 -31.60 19.26 -29.14
N PRO F 170 -31.53 18.32 -28.21
CA PRO F 170 -31.78 18.66 -26.81
C PRO F 170 -30.53 19.15 -26.10
N LEU F 171 -30.68 19.53 -24.84
CA LEU F 171 -29.57 19.90 -23.99
C LEU F 171 -29.30 18.76 -23.03
N ILE F 172 -28.08 18.27 -23.01
CA ILE F 172 -27.67 17.20 -22.12
C ILE F 172 -26.69 17.79 -21.12
N LEU F 173 -27.13 17.85 -19.87
CA LEU F 173 -26.22 18.16 -18.78
C LEU F 173 -25.48 16.90 -18.37
N ILE F 174 -24.19 17.04 -18.08
CA ILE F 174 -23.37 15.96 -17.57
C ILE F 174 -22.90 16.38 -16.19
N ASP F 175 -23.40 15.71 -15.18
CA ASP F 175 -23.12 16.07 -13.80
C ASP F 175 -21.87 15.37 -13.31
N GLU F 176 -21.14 16.06 -12.44
CA GLU F 176 -20.07 15.44 -11.64
C GLU F 176 -19.03 14.76 -12.52
N VAL F 177 -18.62 15.44 -13.59
CA VAL F 177 -17.53 14.91 -14.40
C VAL F 177 -16.32 14.62 -13.54
N ASP F 178 -15.99 15.50 -12.62
CA ASP F 178 -14.82 15.31 -11.76
C ASP F 178 -14.95 14.11 -10.84
N LYS F 179 -16.07 13.40 -10.86
CA LYS F 179 -16.24 12.19 -10.06
C LYS F 179 -16.24 10.92 -10.91
N ILE F 180 -15.94 11.03 -12.20
CA ILE F 180 -15.94 9.84 -13.06
C ILE F 180 -14.73 8.97 -12.77
N PRO F 188 -13.96 4.75 -19.62
CA PRO F 188 -15.19 5.45 -19.24
C PRO F 188 -15.18 6.89 -19.72
N SER F 189 -13.99 7.49 -19.83
CA SER F 189 -13.86 8.86 -20.31
C SER F 189 -13.74 8.94 -21.82
N SER F 190 -13.11 7.95 -22.45
CA SER F 190 -13.06 7.91 -23.91
C SER F 190 -14.46 7.90 -24.51
N ALA F 191 -15.43 7.30 -23.81
CA ALA F 191 -16.80 7.38 -24.25
C ALA F 191 -17.30 8.82 -24.28
N LEU F 192 -16.94 9.62 -23.27
CA LEU F 192 -17.29 11.03 -23.29
C LEU F 192 -16.59 11.75 -24.43
N LEU F 193 -15.34 11.38 -24.71
CA LEU F 193 -14.65 12.00 -25.84
C LEU F 193 -15.41 11.75 -27.14
N GLU F 194 -15.74 10.49 -27.41
CA GLU F 194 -16.53 10.18 -28.59
C GLU F 194 -17.89 10.84 -28.57
N LEU F 195 -18.43 11.12 -27.39
CA LEU F 195 -19.71 11.80 -27.29
C LEU F 195 -19.60 13.30 -27.58
N LEU F 196 -18.47 13.92 -27.27
CA LEU F 196 -18.35 15.37 -27.36
C LEU F 196 -17.62 15.85 -28.61
N ASP F 197 -16.81 15.01 -29.23
CA ASP F 197 -16.02 15.43 -30.39
C ASP F 197 -16.92 15.59 -31.61
N PRO F 198 -17.01 16.81 -32.18
CA PRO F 198 -17.91 17.01 -33.33
C PRO F 198 -17.53 16.22 -34.57
N GLU F 199 -16.38 15.56 -34.59
CA GLU F 199 -16.04 14.72 -35.73
C GLU F 199 -16.86 13.44 -35.72
N GLN F 200 -17.24 12.96 -34.54
CA GLN F 200 -18.00 11.72 -34.44
C GLN F 200 -19.35 11.88 -33.74
N ASN F 201 -19.70 13.06 -33.24
CA ASN F 201 -21.07 13.25 -32.78
C ASN F 201 -22.05 13.09 -33.93
N ALA F 202 -21.68 13.59 -35.12
CA ALA F 202 -22.55 13.46 -36.28
C ALA F 202 -22.81 12.01 -36.64
N ASN F 203 -21.97 11.08 -36.17
CA ASN F 203 -22.11 9.65 -36.46
C ASN F 203 -21.90 8.89 -35.15
N PHE F 204 -22.98 8.70 -34.40
CA PHE F 204 -22.92 8.06 -33.10
C PHE F 204 -23.52 6.66 -33.19
N LEU F 205 -22.81 5.67 -32.67
CA LEU F 205 -23.19 4.28 -32.80
C LEU F 205 -23.60 3.71 -31.44
N ASP F 206 -24.90 3.50 -31.26
CA ASP F 206 -25.41 2.76 -30.13
C ASP F 206 -25.20 1.26 -30.38
N HIS F 207 -24.97 0.52 -29.30
CA HIS F 207 -24.82 -0.92 -29.44
C HIS F 207 -26.17 -1.60 -29.64
N TYR F 208 -27.18 -1.20 -28.88
CA TYR F 208 -28.51 -1.76 -29.07
C TYR F 208 -29.15 -1.32 -30.37
N LEU F 209 -28.55 -0.34 -31.07
CA LEU F 209 -29.07 0.18 -32.32
C LEU F 209 -27.89 0.24 -33.30
N ASP F 210 -27.71 -0.83 -34.08
CA ASP F 210 -26.58 -0.87 -35.01
C ASP F 210 -26.60 0.32 -35.97
N VAL F 211 -27.77 0.87 -36.25
CA VAL F 211 -27.82 2.04 -37.12
C VAL F 211 -27.23 3.24 -36.38
N PRO F 212 -26.50 4.14 -37.06
CA PRO F 212 -25.92 5.28 -36.34
C PRO F 212 -26.93 6.38 -36.01
N VAL F 213 -26.47 7.40 -35.26
CA VAL F 213 -27.28 8.56 -34.92
C VAL F 213 -26.41 9.80 -35.09
N ASP F 214 -27.07 10.93 -35.28
CA ASP F 214 -26.40 12.22 -35.49
C ASP F 214 -26.59 13.10 -34.25
N LEU F 215 -25.52 13.27 -33.48
CA LEU F 215 -25.52 14.12 -32.29
C LEU F 215 -24.79 15.44 -32.53
N SER F 216 -24.90 16.00 -33.72
CA SER F 216 -24.15 17.20 -34.07
C SER F 216 -24.82 18.47 -33.57
N LYS F 217 -26.15 18.50 -33.56
CA LYS F 217 -26.87 19.67 -33.09
C LYS F 217 -27.23 19.60 -31.61
N VAL F 218 -26.63 18.67 -30.88
CA VAL F 218 -26.91 18.50 -29.46
C VAL F 218 -25.98 19.41 -28.67
N LEU F 219 -26.52 20.05 -27.63
CA LEU F 219 -25.77 20.96 -26.78
C LEU F 219 -25.44 20.27 -25.46
N PHE F 220 -24.16 20.13 -25.16
CA PHE F 220 -23.71 19.49 -23.93
C PHE F 220 -23.21 20.54 -22.94
N ILE F 221 -23.59 20.38 -21.68
CA ILE F 221 -23.03 21.17 -20.59
C ILE F 221 -22.42 20.20 -19.60
N CYS F 222 -21.53 20.72 -18.75
CA CYS F 222 -20.89 19.93 -17.71
C CYS F 222 -20.91 20.66 -16.38
N THR F 223 -20.88 19.90 -15.30
CA THR F 223 -20.70 20.46 -13.97
C THR F 223 -19.69 19.61 -13.19
N ALA F 224 -19.02 20.25 -12.24
CA ALA F 224 -18.00 19.57 -11.43
C ALA F 224 -17.76 20.36 -10.16
N ASN F 225 -17.14 19.72 -9.18
CA ASN F 225 -16.83 20.35 -7.91
C ASN F 225 -15.43 20.97 -7.87
N VAL F 226 -14.52 20.46 -8.68
CA VAL F 226 -13.16 21.00 -8.78
C VAL F 226 -12.55 20.45 -10.06
N THR F 227 -11.68 21.24 -10.68
CA THR F 227 -11.17 20.90 -12.00
C THR F 227 -9.90 20.06 -11.98
N ASP F 228 -9.15 20.07 -10.88
CA ASP F 228 -7.86 19.40 -10.87
C ASP F 228 -7.98 17.91 -11.18
N THR F 229 -9.08 17.28 -10.77
CA THR F 229 -9.25 15.85 -10.97
C THR F 229 -9.95 15.50 -12.28
N ILE F 230 -10.41 16.50 -13.03
CA ILE F 230 -10.92 16.22 -14.37
C ILE F 230 -9.76 15.89 -15.29
N PRO F 231 -9.84 14.85 -16.12
CA PRO F 231 -8.72 14.51 -16.99
C PRO F 231 -8.39 15.64 -17.96
N GLU F 232 -7.09 15.88 -18.13
CA GLU F 232 -6.64 16.91 -19.06
C GLU F 232 -7.17 16.75 -20.48
N PRO F 233 -7.40 15.54 -21.01
CA PRO F 233 -8.12 15.45 -22.30
C PRO F 233 -9.44 16.21 -22.29
N LEU F 234 -10.29 15.96 -21.29
CA LEU F 234 -11.53 16.70 -21.20
C LEU F 234 -11.28 18.18 -20.96
N ARG F 235 -10.31 18.50 -20.09
CA ARG F 235 -10.03 19.89 -19.77
C ARG F 235 -9.70 20.70 -21.02
N ASP F 236 -8.97 20.09 -21.95
CA ASP F 236 -8.70 20.76 -23.21
C ASP F 236 -9.96 21.01 -24.03
N ARG F 237 -11.06 20.35 -23.68
CA ARG F 237 -12.29 20.43 -24.46
C ARG F 237 -13.42 21.14 -23.72
N MET F 238 -13.18 21.63 -22.51
CA MET F 238 -14.21 22.32 -21.74
C MET F 238 -13.77 23.75 -21.44
N GLU F 239 -14.75 24.65 -21.41
CA GLU F 239 -14.55 26.03 -20.99
C GLU F 239 -15.08 26.17 -19.57
N MET F 240 -14.18 26.41 -18.62
CA MET F 240 -14.53 26.38 -17.21
C MET F 240 -15.13 27.70 -16.76
N ILE F 241 -16.29 27.62 -16.09
CA ILE F 241 -16.95 28.76 -15.49
C ILE F 241 -16.94 28.56 -13.98
N ASN F 242 -16.52 29.58 -13.23
CA ASN F 242 -16.43 29.50 -11.79
C ASN F 242 -17.69 30.06 -11.18
N VAL F 243 -18.34 29.27 -10.33
CA VAL F 243 -19.52 29.68 -9.59
C VAL F 243 -19.14 29.78 -8.13
N SER F 244 -19.24 30.97 -7.55
CA SER F 244 -18.83 31.21 -6.18
C SER F 244 -20.03 31.07 -5.25
N GLY F 245 -19.72 30.96 -3.96
CA GLY F 245 -20.75 30.85 -2.96
C GLY F 245 -21.49 32.16 -2.75
N TYR F 246 -22.51 32.09 -1.89
CA TYR F 246 -23.38 33.22 -1.62
C TYR F 246 -23.14 33.76 -0.21
N VAL F 247 -23.19 35.08 -0.09
CA VAL F 247 -23.09 35.72 1.21
C VAL F 247 -24.44 35.53 1.91
N ALA F 248 -24.51 35.84 3.21
CA ALA F 248 -25.74 35.61 3.96
C ALA F 248 -26.88 36.44 3.42
N GLN F 249 -26.60 37.68 2.99
CA GLN F 249 -27.65 38.57 2.52
C GLN F 249 -28.38 37.99 1.31
N GLU F 250 -27.67 37.25 0.46
CA GLU F 250 -28.32 36.65 -0.69
C GLU F 250 -28.77 35.23 -0.42
N LYS F 251 -28.15 34.54 0.53
CA LYS F 251 -28.72 33.28 1.00
C LYS F 251 -30.14 33.49 1.50
N LEU F 252 -30.37 34.61 2.19
CA LEU F 252 -31.73 34.92 2.66
C LEU F 252 -32.69 35.05 1.48
N ALA F 253 -32.28 35.76 0.43
CA ALA F 253 -33.16 35.92 -0.72
C ALA F 253 -33.44 34.60 -1.41
N ILE F 254 -32.40 33.79 -1.59
CA ILE F 254 -32.59 32.47 -2.21
C ILE F 254 -33.55 31.64 -1.40
N ALA F 255 -33.41 31.65 -0.07
CA ALA F 255 -34.27 30.84 0.76
C ALA F 255 -35.71 31.34 0.73
N GLU F 256 -35.90 32.66 0.70
CA GLU F 256 -37.26 33.19 0.69
C GLU F 256 -37.96 32.93 -0.64
N ARG F 257 -37.25 33.06 -1.75
CA ARG F 257 -37.93 33.00 -3.04
C ARG F 257 -37.96 31.60 -3.64
N TYR F 258 -36.97 30.77 -3.39
CA TYR F 258 -36.88 29.47 -4.04
C TYR F 258 -36.94 28.31 -3.07
N LEU F 259 -36.08 28.31 -2.05
CA LEU F 259 -35.92 27.13 -1.21
C LEU F 259 -37.20 26.83 -0.44
N VAL F 260 -37.76 27.82 0.22
CA VAL F 260 -38.92 27.59 1.09
C VAL F 260 -40.16 27.28 0.26
N PRO F 261 -40.46 28.00 -0.82
CA PRO F 261 -41.58 27.57 -1.67
C PRO F 261 -41.41 26.18 -2.24
N GLN F 262 -40.21 25.86 -2.74
CA GLN F 262 -39.97 24.52 -3.29
C GLN F 262 -40.17 23.44 -2.23
N ALA F 263 -39.66 23.66 -1.02
CA ALA F 263 -39.77 22.64 0.01
C ALA F 263 -41.20 22.52 0.51
N ARG F 264 -41.91 23.64 0.61
CA ARG F 264 -43.31 23.60 1.00
C ARG F 264 -44.14 22.85 -0.02
N ALA F 265 -43.78 22.96 -1.30
CA ALA F 265 -44.42 22.14 -2.32
C ALA F 265 -44.05 20.67 -2.15
N LEU F 266 -42.76 20.41 -1.88
CA LEU F 266 -42.30 19.04 -1.68
C LEU F 266 -43.06 18.35 -0.56
N CYS F 267 -43.39 19.08 0.50
CA CYS F 267 -44.05 18.53 1.67
C CYS F 267 -45.57 18.59 1.58
N GLY F 268 -46.12 19.04 0.46
CA GLY F 268 -47.56 19.04 0.29
C GLY F 268 -48.30 20.08 1.11
N LEU F 269 -47.60 21.13 1.55
CA LEU F 269 -48.20 22.20 2.32
C LEU F 269 -48.55 23.37 1.42
N ASP F 270 -48.93 24.50 2.04
CA ASP F 270 -49.11 25.76 1.32
C ASP F 270 -48.89 26.90 2.30
N GLU F 271 -48.90 28.12 1.79
CA GLU F 271 -48.53 29.27 2.60
C GLU F 271 -49.49 29.48 3.77
N SER F 272 -50.76 29.13 3.61
CA SER F 272 -51.74 29.43 4.63
C SER F 272 -51.59 28.57 5.87
N LYS F 273 -50.73 27.55 5.83
CA LYS F 273 -50.61 26.60 6.93
C LYS F 273 -49.23 26.58 7.57
N ALA F 274 -48.17 26.77 6.79
CA ALA F 274 -46.81 26.75 7.30
C ALA F 274 -46.08 28.02 6.88
N LYS F 275 -45.44 28.68 7.82
CA LYS F 275 -44.79 29.95 7.57
C LYS F 275 -43.34 29.91 8.04
N LEU F 276 -42.52 30.76 7.45
CA LEU F 276 -41.13 30.90 7.85
C LEU F 276 -40.76 32.37 7.68
N SER F 277 -40.46 33.05 8.78
CA SER F 277 -40.18 34.46 8.72
C SER F 277 -38.73 34.72 8.34
N SER F 278 -38.46 35.96 7.92
CA SER F 278 -37.11 36.33 7.54
C SER F 278 -36.15 36.17 8.72
N ASP F 279 -36.61 36.47 9.93
CA ASP F 279 -35.72 36.39 11.09
C ASP F 279 -35.35 34.95 11.41
N VAL F 280 -36.32 34.04 11.40
CA VAL F 280 -35.96 32.65 11.66
C VAL F 280 -35.12 32.10 10.52
N LEU F 281 -35.37 32.55 9.29
CA LEU F 281 -34.54 32.07 8.17
C LEU F 281 -33.10 32.53 8.32
N THR F 282 -32.88 33.79 8.71
CA THR F 282 -31.51 34.24 8.87
C THR F 282 -30.86 33.65 10.12
N LEU F 283 -31.65 33.31 11.14
CA LEU F 283 -31.11 32.55 12.26
C LEU F 283 -30.61 31.19 11.80
N LEU F 284 -31.41 30.48 11.00
CA LEU F 284 -30.93 29.25 10.38
C LEU F 284 -29.62 29.50 9.65
N ILE F 285 -29.61 30.49 8.75
CA ILE F 285 -28.47 30.74 7.88
C ILE F 285 -27.21 30.97 8.70
N LYS F 286 -27.31 31.75 9.78
CA LYS F 286 -26.10 32.10 10.52
C LYS F 286 -25.72 31.09 11.59
N GLN F 287 -26.67 30.29 12.09
CA GLN F 287 -26.40 29.37 13.18
C GLN F 287 -26.20 27.93 12.71
N TYR F 288 -27.17 27.38 12.00
CA TYR F 288 -27.19 25.96 11.70
C TYR F 288 -26.54 25.64 10.35
N CYS F 289 -25.95 26.63 9.69
CA CYS F 289 -25.29 26.43 8.41
C CYS F 289 -24.07 27.34 8.37
N ARG F 290 -22.92 26.76 8.04
CA ARG F 290 -21.68 27.52 7.90
C ARG F 290 -20.96 27.10 6.63
N GLU F 291 -21.69 27.04 5.53
CA GLU F 291 -21.17 26.69 4.23
C GLU F 291 -21.25 27.89 3.30
N SER F 292 -20.85 27.68 2.05
CA SER F 292 -20.97 28.71 1.02
C SER F 292 -22.09 28.42 0.04
N GLY F 293 -22.76 27.28 0.16
CA GLY F 293 -23.89 26.94 -0.68
C GLY F 293 -25.20 27.15 0.04
N VAL F 294 -26.22 26.43 -0.44
CA VAL F 294 -27.53 26.46 0.22
C VAL F 294 -28.02 25.03 0.44
N ARG F 295 -27.10 24.06 0.41
CA ARG F 295 -27.54 22.67 0.56
C ARG F 295 -27.94 22.37 1.99
N ASN F 296 -27.12 22.73 2.97
CA ASN F 296 -27.50 22.47 4.34
C ASN F 296 -28.69 23.33 4.75
N LEU F 297 -28.78 24.55 4.22
CA LEU F 297 -29.94 25.37 4.49
C LEU F 297 -31.21 24.74 3.92
N GLN F 298 -31.10 24.14 2.73
CA GLN F 298 -32.24 23.45 2.15
C GLN F 298 -32.64 22.25 2.99
N LYS F 299 -31.66 21.52 3.52
CA LYS F 299 -31.97 20.40 4.39
C LYS F 299 -32.67 20.86 5.66
N GLN F 300 -32.21 21.96 6.25
CA GLN F 300 -32.85 22.48 7.46
C GLN F 300 -34.27 22.94 7.18
N VAL F 301 -34.48 23.59 6.05
CA VAL F 301 -35.82 24.07 5.70
C VAL F 301 -36.76 22.88 5.46
N GLU F 302 -36.26 21.84 4.77
CA GLU F 302 -37.07 20.65 4.60
C GLU F 302 -37.41 20.00 5.94
N LYS F 303 -36.44 19.99 6.87
CA LYS F 303 -36.69 19.44 8.19
C LYS F 303 -37.81 20.20 8.91
N VAL F 304 -37.71 21.53 8.90
CA VAL F 304 -38.73 22.36 9.54
C VAL F 304 -40.10 22.07 8.94
N LEU F 305 -40.17 22.01 7.61
CA LEU F 305 -41.47 21.86 6.97
C LEU F 305 -42.04 20.46 7.18
N ARG F 306 -41.19 19.43 7.23
CA ARG F 306 -41.69 18.09 7.50
C ARG F 306 -42.23 17.98 8.92
N LYS F 307 -41.53 18.56 9.89
CA LYS F 307 -42.03 18.52 11.26
C LYS F 307 -43.29 19.35 11.40
N SER F 308 -43.42 20.44 10.66
CA SER F 308 -44.64 21.22 10.69
C SER F 308 -45.80 20.44 10.07
N ALA F 309 -45.55 19.71 8.99
CA ALA F 309 -46.59 18.87 8.41
C ALA F 309 -47.07 17.83 9.41
N TYR F 310 -46.13 17.17 10.09
CA TYR F 310 -46.51 16.22 11.12
C TYR F 310 -47.34 16.90 12.20
N LYS F 311 -46.98 18.12 12.58
CA LYS F 311 -47.74 18.83 13.60
C LYS F 311 -49.18 19.04 13.15
N ILE F 312 -49.37 19.58 11.94
CA ILE F 312 -50.73 19.88 11.51
C ILE F 312 -51.54 18.62 11.22
N VAL F 313 -50.88 17.47 11.01
CA VAL F 313 -51.65 16.24 10.86
C VAL F 313 -52.03 15.68 12.21
N SER F 314 -51.11 15.72 13.18
CA SER F 314 -51.36 15.08 14.47
C SER F 314 -52.56 15.64 15.20
N GLY F 315 -53.19 16.70 14.68
CA GLY F 315 -54.40 17.23 15.28
C GLY F 315 -54.20 18.61 15.87
N GLU F 316 -53.07 18.82 16.52
CA GLU F 316 -52.76 20.11 17.10
C GLU F 316 -52.26 21.08 16.04
N ALA F 317 -52.34 22.37 16.35
CA ALA F 317 -51.70 23.43 15.57
C ALA F 317 -52.17 23.40 14.12
N GLU F 318 -53.46 23.75 13.94
CA GLU F 318 -54.03 23.83 12.60
C GLU F 318 -53.19 24.67 11.66
N SER F 319 -52.59 25.76 12.16
CA SER F 319 -51.65 26.56 11.40
C SER F 319 -50.44 26.81 12.27
N VAL F 320 -49.26 26.45 11.78
CA VAL F 320 -48.02 26.52 12.54
C VAL F 320 -47.23 27.74 12.10
N GLU F 321 -46.53 28.34 13.04
CA GLU F 321 -45.65 29.48 12.78
C GLU F 321 -44.31 29.22 13.42
N VAL F 322 -43.24 29.48 12.68
CA VAL F 322 -41.90 29.23 13.20
C VAL F 322 -41.23 30.57 13.48
N THR F 323 -41.34 31.04 14.71
CA THR F 323 -40.64 32.24 15.13
C THR F 323 -39.34 31.86 15.80
N PRO F 324 -38.37 32.77 15.87
CA PRO F 324 -37.04 32.41 16.38
C PRO F 324 -37.00 31.90 17.80
N GLU F 325 -38.14 31.88 18.49
CA GLU F 325 -38.17 31.40 19.87
C GLU F 325 -38.54 29.92 19.99
N ASN F 326 -39.43 29.41 19.14
CA ASN F 326 -39.78 28.00 19.13
C ASN F 326 -39.08 27.23 18.02
N LEU F 327 -37.91 27.72 17.60
CA LEU F 327 -37.20 27.09 16.49
C LEU F 327 -36.50 25.82 16.92
N GLN F 328 -36.06 25.74 18.17
CA GLN F 328 -35.40 24.54 18.67
C GLN F 328 -36.33 23.34 18.70
N ASP F 329 -37.63 23.56 18.66
CA ASP F 329 -38.57 22.44 18.52
C ASP F 329 -38.42 21.76 17.17
N PHE F 330 -37.94 22.49 16.16
CA PHE F 330 -37.87 21.97 14.80
C PHE F 330 -36.46 21.52 14.41
N VAL F 331 -35.48 22.42 14.49
CA VAL F 331 -34.14 22.10 14.02
C VAL F 331 -33.23 21.55 15.11
N GLY F 332 -33.51 21.83 16.37
CA GLY F 332 -32.67 21.34 17.45
C GLY F 332 -31.91 22.44 18.15
N LYS F 333 -30.78 22.10 18.79
CA LYS F 333 -30.06 23.14 19.51
C LYS F 333 -29.11 23.88 18.59
N PRO F 334 -28.87 25.17 18.85
CA PRO F 334 -28.03 25.96 17.95
C PRO F 334 -26.60 25.46 17.96
N VAL F 335 -26.06 25.23 16.77
CA VAL F 335 -24.65 24.94 16.60
C VAL F 335 -23.99 26.18 15.99
N PHE F 336 -22.66 26.16 15.96
CA PHE F 336 -21.88 27.29 15.45
C PHE F 336 -22.26 28.58 16.16
N THR F 337 -22.52 28.49 17.46
CA THR F 337 -22.85 29.67 18.25
C THR F 337 -21.64 30.39 18.78
N VAL F 338 -20.50 29.71 18.92
CA VAL F 338 -19.33 30.32 19.55
C VAL F 338 -18.95 31.60 18.82
N GLU F 339 -18.59 32.62 19.59
CA GLU F 339 -18.37 33.95 19.04
C GLU F 339 -17.04 34.54 19.48
N ARG F 340 -16.85 35.83 19.23
CA ARG F 340 -15.58 36.51 19.47
C ARG F 340 -15.07 36.22 20.88
N MET F 341 -13.80 35.84 20.96
CA MET F 341 -13.19 35.36 22.19
C MET F 341 -12.72 36.49 23.10
N TYR F 342 -12.58 37.70 22.55
CA TYR F 342 -11.96 38.82 23.27
C TYR F 342 -12.61 40.11 22.78
N ASP F 343 -13.36 40.76 23.66
CA ASP F 343 -13.93 42.06 23.29
C ASP F 343 -12.94 43.19 23.49
N VAL F 344 -11.98 43.04 24.41
CA VAL F 344 -10.84 43.93 24.54
C VAL F 344 -9.63 43.03 24.74
N THR F 345 -8.77 42.94 23.72
CA THR F 345 -7.68 41.97 23.74
C THR F 345 -6.57 42.45 24.67
N PRO F 346 -6.01 41.55 25.49
CA PRO F 346 -4.90 41.92 26.36
C PRO F 346 -3.61 42.02 25.57
N PRO F 347 -2.52 42.44 26.19
CA PRO F 347 -1.24 42.44 25.49
C PRO F 347 -0.83 41.03 25.07
N GLY F 348 -0.44 40.89 23.81
CA GLY F 348 0.01 39.62 23.29
C GLY F 348 -1.01 38.83 22.51
N VAL F 349 -2.19 39.39 22.27
CA VAL F 349 -3.24 38.72 21.53
C VAL F 349 -3.59 39.60 20.33
N VAL F 350 -3.71 38.97 19.16
CA VAL F 350 -4.01 39.70 17.94
C VAL F 350 -5.09 38.98 17.16
N MET F 351 -5.92 39.75 16.45
CA MET F 351 -7.03 39.22 15.67
C MET F 351 -6.61 39.10 14.21
N GLY F 352 -6.39 37.88 13.75
CA GLY F 352 -6.09 37.60 12.37
C GLY F 352 -7.32 37.04 11.67
N LEU F 353 -7.27 37.10 10.35
CA LEU F 353 -8.33 36.56 9.52
C LEU F 353 -7.85 35.28 8.85
N ALA F 354 -8.73 34.28 8.79
CA ALA F 354 -8.39 33.00 8.21
C ALA F 354 -9.39 32.64 7.12
N TRP F 355 -8.91 31.91 6.12
CA TRP F 355 -9.72 31.46 5.00
C TRP F 355 -9.79 29.94 5.08
N THR F 356 -10.73 29.45 5.88
CA THR F 356 -10.84 28.03 6.15
C THR F 356 -11.54 27.33 5.00
N ALA F 357 -11.80 26.03 5.17
CA ALA F 357 -12.53 25.29 4.15
C ALA F 357 -13.96 25.77 4.04
N MET F 358 -14.69 25.77 5.15
CA MET F 358 -16.09 26.16 5.13
C MET F 358 -16.26 27.61 4.71
N GLY F 359 -15.26 28.45 4.96
CA GLY F 359 -15.34 29.86 4.64
C GLY F 359 -14.45 30.65 5.58
N GLY F 360 -14.66 31.96 5.59
CA GLY F 360 -13.84 32.82 6.41
C GLY F 360 -14.04 32.56 7.89
N SER F 361 -13.08 33.02 8.67
CA SER F 361 -13.18 32.95 10.12
C SER F 361 -12.22 33.98 10.71
N THR F 362 -12.44 34.30 11.98
CA THR F 362 -11.56 35.20 12.71
C THR F 362 -10.87 34.39 13.81
N LEU F 363 -9.55 34.56 13.91
CA LEU F 363 -8.75 33.77 14.82
C LEU F 363 -7.98 34.70 15.75
N PHE F 364 -7.74 34.22 16.96
CA PHE F 364 -7.04 34.99 17.97
C PHE F 364 -5.67 34.34 18.20
N VAL F 365 -4.64 34.92 17.60
CA VAL F 365 -3.29 34.44 17.81
C VAL F 365 -2.81 34.93 19.16
N GLU F 366 -2.28 34.00 19.97
CA GLU F 366 -1.97 34.29 21.36
C GLU F 366 -0.52 33.93 21.67
N THR F 367 0.08 34.71 22.57
CA THR F 367 1.44 34.48 23.03
C THR F 367 1.47 34.60 24.54
N SER F 368 2.38 33.86 25.16
CA SER F 368 2.52 33.96 26.60
C SER F 368 3.93 33.56 27.02
N LEU F 369 4.50 34.32 27.95
CA LEU F 369 5.75 33.93 28.57
C LEU F 369 5.56 32.61 29.31
N ARG F 370 6.59 31.77 29.31
CA ARG F 370 6.45 30.46 29.94
C ARG F 370 7.57 30.12 30.90
N ARG F 371 8.60 30.94 31.02
CA ARG F 371 9.67 30.73 31.99
C ARG F 371 10.08 32.08 32.55
N PRO F 372 10.49 32.14 33.81
CA PRO F 372 10.79 33.43 34.42
C PRO F 372 12.04 34.05 33.83
N GLN F 373 12.05 35.38 33.76
CA GLN F 373 13.14 36.10 33.15
C GLN F 373 13.82 37.02 34.15
N ASP F 380 25.86 34.22 27.37
CA ASP F 380 24.51 34.02 27.87
C ASP F 380 23.78 32.92 27.10
N LYS F 381 22.46 32.99 27.10
CA LYS F 381 21.62 31.98 26.45
C LYS F 381 20.54 32.67 25.63
N ASP F 382 20.11 32.01 24.57
CA ASP F 382 19.06 32.57 23.71
C ASP F 382 17.70 32.08 24.15
N GLY F 383 16.69 32.93 23.97
CA GLY F 383 15.33 32.54 24.22
C GLY F 383 14.84 31.54 23.20
N SER F 384 13.63 31.05 23.42
CA SER F 384 13.07 30.00 22.59
C SER F 384 11.58 30.19 22.42
N LEU F 385 11.08 29.83 21.25
CA LEU F 385 9.66 29.88 20.94
C LEU F 385 9.17 28.49 20.61
N GLU F 386 8.20 27.99 21.36
CA GLU F 386 7.49 26.77 21.02
C GLU F 386 6.11 27.14 20.50
N VAL F 387 5.64 26.40 19.50
CA VAL F 387 4.42 26.74 18.79
C VAL F 387 3.46 25.57 18.86
N THR F 388 2.22 25.85 19.26
CA THR F 388 1.13 24.88 19.27
C THR F 388 0.16 25.17 18.13
N GLY F 389 -0.84 24.31 18.01
CA GLY F 389 -1.68 24.29 16.83
C GLY F 389 -1.20 23.19 15.90
N GLN F 390 -2.11 22.49 15.24
CA GLN F 390 -1.74 21.38 14.37
C GLN F 390 -1.11 21.97 13.11
N LEU F 391 0.19 22.26 13.22
CA LEU F 391 0.92 22.94 12.17
C LEU F 391 1.72 21.96 11.34
N GLY F 392 1.86 22.26 10.05
CA GLY F 392 2.68 21.49 9.16
C GLY F 392 4.08 22.07 9.03
N GLU F 393 4.84 21.50 8.10
CA GLU F 393 6.22 21.94 7.90
C GLU F 393 6.28 23.38 7.41
N VAL F 394 5.45 23.70 6.41
CA VAL F 394 5.44 25.06 5.86
C VAL F 394 5.02 26.06 6.93
N MET F 395 4.07 25.68 7.77
CA MET F 395 3.60 26.61 8.80
C MET F 395 4.63 26.78 9.91
N LYS F 396 5.38 25.74 10.22
CA LYS F 396 6.47 25.90 11.18
C LYS F 396 7.58 26.80 10.62
N GLU F 397 7.88 26.65 9.33
CA GLU F 397 8.82 27.57 8.69
C GLU F 397 8.32 29.00 8.77
N SER F 398 7.03 29.21 8.52
CA SER F 398 6.48 30.56 8.60
C SER F 398 6.59 31.12 10.00
N ALA F 399 6.33 30.29 11.00
CA ALA F 399 6.47 30.74 12.39
C ALA F 399 7.90 31.13 12.70
N ARG F 400 8.87 30.35 12.23
CA ARG F 400 10.27 30.68 12.47
C ARG F 400 10.66 31.99 11.80
N ILE F 401 10.22 32.19 10.55
CA ILE F 401 10.54 33.41 9.83
C ILE F 401 9.95 34.62 10.52
N ALA F 402 8.68 34.51 10.94
CA ALA F 402 8.06 35.60 11.68
C ALA F 402 8.77 35.88 12.98
N TYR F 403 9.15 34.83 13.70
CA TYR F 403 9.89 34.99 14.95
C TYR F 403 11.17 35.79 14.73
N THR F 404 11.96 35.40 13.73
CA THR F 404 13.22 36.08 13.48
C THR F 404 13.00 37.52 13.06
N PHE F 405 12.01 37.77 12.20
CA PHE F 405 11.77 39.15 11.81
C PHE F 405 11.34 40.00 12.98
N ALA F 406 10.51 39.46 13.87
CA ALA F 406 10.09 40.22 15.05
C ALA F 406 11.27 40.51 15.96
N ARG F 407 12.13 39.52 16.15
CA ARG F 407 13.35 39.72 16.92
C ARG F 407 14.16 40.88 16.35
N ALA F 408 14.42 40.85 15.05
CA ALA F 408 15.24 41.89 14.44
C ALA F 408 14.55 43.25 14.48
N PHE F 409 13.25 43.27 14.24
CA PHE F 409 12.51 44.53 14.29
C PHE F 409 12.60 45.15 15.68
N LEU F 410 12.49 44.34 16.72
CA LEU F 410 12.61 44.90 18.07
C LEU F 410 14.04 45.35 18.33
N MET F 411 15.03 44.55 17.94
CA MET F 411 16.41 44.96 18.20
C MET F 411 16.83 46.16 17.36
N GLN F 412 16.04 46.54 16.37
CA GLN F 412 16.31 47.78 15.65
C GLN F 412 15.51 48.95 16.20
N HIS F 413 14.25 48.72 16.57
CA HIS F 413 13.37 49.79 17.00
C HIS F 413 13.63 50.18 18.45
N ALA F 414 13.60 49.20 19.35
CA ALA F 414 13.91 49.41 20.77
C ALA F 414 15.14 48.56 21.09
N PRO F 415 16.34 49.07 20.81
CA PRO F 415 17.54 48.25 21.02
C PRO F 415 17.78 47.85 22.46
N ALA F 416 17.20 48.57 23.42
CA ALA F 416 17.37 48.20 24.81
C ALA F 416 16.37 47.16 25.27
N ASN F 417 15.27 46.98 24.55
CA ASN F 417 14.27 46.00 24.92
C ASN F 417 14.81 44.59 24.68
N ASP F 418 14.86 43.80 25.74
CA ASP F 418 15.53 42.51 25.73
C ASP F 418 14.58 41.33 25.67
N TYR F 419 13.29 41.57 25.43
CA TYR F 419 12.29 40.55 25.66
C TYR F 419 12.45 39.36 24.72
N LEU F 420 12.40 39.62 23.42
CA LEU F 420 12.44 38.53 22.45
C LEU F 420 13.69 37.68 22.56
N VAL F 421 14.88 38.29 22.57
CA VAL F 421 16.11 37.55 22.38
C VAL F 421 16.58 36.82 23.63
N THR F 422 15.84 36.91 24.73
CA THR F 422 16.23 36.22 25.95
C THR F 422 15.11 35.43 26.61
N SER F 423 13.85 35.73 26.33
CA SER F 423 12.73 35.12 27.01
C SER F 423 12.27 33.87 26.31
N HIS F 424 11.47 33.08 27.02
CA HIS F 424 10.94 31.82 26.51
C HIS F 424 9.43 32.00 26.33
N ILE F 425 9.00 31.97 25.06
CA ILE F 425 7.64 32.31 24.70
C ILE F 425 6.90 31.05 24.29
N HIS F 426 5.58 31.14 24.29
CA HIS F 426 4.70 30.10 23.77
C HIS F 426 3.72 30.78 22.84
N LEU F 427 3.73 30.37 21.58
CA LEU F 427 2.83 30.89 20.56
C LEU F 427 1.76 29.86 20.25
N HIS F 428 0.52 30.33 20.12
CA HIS F 428 -0.59 29.49 19.72
C HIS F 428 -1.36 30.19 18.62
N VAL F 429 -1.37 29.59 17.45
CA VAL F 429 -2.24 30.00 16.35
C VAL F 429 -3.40 29.00 16.28
N PRO F 430 -4.65 29.45 16.32
CA PRO F 430 -5.76 28.51 16.31
C PRO F 430 -5.79 27.71 15.02
N GLU F 431 -6.39 26.53 15.10
CA GLU F 431 -6.35 25.56 14.01
C GLU F 431 -7.62 25.67 13.18
N GLY F 432 -7.68 26.72 12.37
CA GLY F 432 -8.81 26.87 11.48
C GLY F 432 -8.47 26.92 10.00
N ALA F 433 -7.34 27.50 9.64
CA ALA F 433 -7.06 27.77 8.25
C ALA F 433 -6.65 26.50 7.51
N THR F 434 -6.82 26.52 6.20
CA THR F 434 -6.46 25.39 5.35
C THR F 434 -4.95 25.19 5.39
N PRO F 435 -4.45 24.05 4.92
CA PRO F 435 -2.98 23.89 4.84
C PRO F 435 -2.33 24.96 3.98
N LYS F 436 -2.99 25.35 2.90
CA LYS F 436 -2.58 26.52 2.14
C LYS F 436 -3.12 27.77 2.84
N ASP F 437 -2.41 28.88 2.68
CA ASP F 437 -2.62 30.18 3.33
C ASP F 437 -2.42 30.11 4.84
N GLY F 438 -1.97 28.98 5.38
CA GLY F 438 -1.42 28.96 6.71
C GLY F 438 -0.38 30.02 6.98
N PRO F 439 0.59 30.20 6.07
CA PRO F 439 1.53 31.33 6.23
C PRO F 439 0.88 32.70 6.10
N SER F 440 -0.44 32.79 5.95
CA SER F 440 -1.08 34.08 5.84
C SER F 440 -1.11 34.82 7.16
N ALA F 441 -0.87 34.13 8.27
CA ALA F 441 -0.91 34.72 9.59
C ALA F 441 0.44 35.27 10.04
N GLY F 442 1.35 35.54 9.11
CA GLY F 442 2.68 35.98 9.50
C GLY F 442 2.67 37.32 10.20
N CYS F 443 1.95 38.29 9.63
CA CYS F 443 1.86 39.59 10.27
C CYS F 443 1.16 39.51 11.62
N THR F 444 0.18 38.61 11.75
CA THR F 444 -0.47 38.42 13.03
C THR F 444 0.51 37.87 14.07
N ILE F 445 1.35 36.93 13.67
CA ILE F 445 2.33 36.37 14.60
C ILE F 445 3.34 37.43 15.02
N VAL F 446 3.83 38.21 14.05
CA VAL F 446 4.80 39.26 14.37
C VAL F 446 4.20 40.27 15.33
N THR F 447 2.95 40.67 15.08
CA THR F 447 2.31 41.65 15.96
C THR F 447 2.04 41.07 17.34
N ALA F 448 1.69 39.79 17.42
CA ALA F 448 1.50 39.18 18.73
C ALA F 448 2.80 39.19 19.52
N LEU F 449 3.90 38.83 18.88
CA LEU F 449 5.18 38.83 19.58
C LEU F 449 5.57 40.22 20.01
N LEU F 450 5.36 41.23 19.15
CA LEU F 450 5.72 42.59 19.52
C LEU F 450 4.83 43.11 20.64
N SER F 451 3.52 42.82 20.58
CA SER F 451 2.61 43.26 21.63
C SER F 451 2.94 42.60 22.96
N LEU F 452 3.46 41.38 22.93
CA LEU F 452 3.87 40.76 24.18
C LEU F 452 5.17 41.37 24.69
N ALA F 453 6.13 41.59 23.80
CA ALA F 453 7.42 42.14 24.21
C ALA F 453 7.25 43.52 24.83
N MET F 454 6.67 44.45 24.07
CA MET F 454 6.26 45.70 24.67
C MET F 454 5.06 45.43 25.57
N GLY F 455 4.65 46.42 26.36
CA GLY F 455 3.51 46.26 27.22
C GLY F 455 2.20 46.68 26.62
N ARG F 456 2.14 46.91 25.31
CA ARG F 456 0.99 47.56 24.72
C ARG F 456 0.06 46.55 24.08
N PRO F 457 -1.23 46.60 24.35
CA PRO F 457 -2.18 45.82 23.58
C PRO F 457 -2.40 46.44 22.21
N VAL F 458 -2.87 45.61 21.28
CA VAL F 458 -3.12 46.05 19.92
C VAL F 458 -4.33 46.97 19.88
N ARG F 459 -4.39 47.80 18.83
CA ARG F 459 -5.52 48.68 18.60
C ARG F 459 -6.84 47.92 18.71
N GLN F 460 -7.89 48.63 19.09
CA GLN F 460 -9.05 48.00 19.71
C GLN F 460 -9.74 47.02 18.77
N ASN F 461 -10.32 47.51 17.69
CA ASN F 461 -11.05 46.66 16.76
C ASN F 461 -10.25 46.61 15.47
N LEU F 462 -9.28 45.72 15.43
CA LEU F 462 -8.30 45.67 14.35
C LEU F 462 -8.05 44.22 13.97
N ALA F 463 -8.24 43.90 12.70
CA ALA F 463 -7.98 42.56 12.19
C ALA F 463 -6.98 42.62 11.04
N MET F 464 -6.16 41.59 10.93
CA MET F 464 -5.12 41.64 9.91
C MET F 464 -4.87 40.27 9.29
N THR F 465 -4.17 40.29 8.16
CA THR F 465 -3.80 39.09 7.41
C THR F 465 -2.80 39.50 6.33
N GLY F 466 -1.88 38.61 6.03
CA GLY F 466 -0.87 38.86 5.02
C GLY F 466 0.43 38.16 5.37
N GLU F 467 1.19 37.78 4.35
CA GLU F 467 2.42 37.06 4.61
C GLU F 467 3.57 38.02 4.89
N VAL F 468 4.53 37.57 5.68
CA VAL F 468 5.69 38.38 6.01
C VAL F 468 6.95 37.61 5.62
N SER F 469 7.90 38.31 5.03
CA SER F 469 9.16 37.73 4.62
C SER F 469 10.19 37.99 5.71
N LEU F 470 11.42 37.54 5.46
CA LEU F 470 12.45 37.67 6.49
C LEU F 470 12.81 39.12 6.76
N THR F 471 12.62 39.99 5.78
CA THR F 471 12.96 41.40 5.93
C THR F 471 11.73 42.28 6.05
N GLY F 472 10.56 41.70 6.25
CA GLY F 472 9.38 42.46 6.60
C GLY F 472 8.50 42.90 5.47
N LYS F 473 8.70 42.39 4.26
CA LYS F 473 7.81 42.73 3.16
C LYS F 473 6.49 41.99 3.33
N ILE F 474 5.39 42.70 3.09
CA ILE F 474 4.06 42.12 3.26
C ILE F 474 3.60 41.59 1.91
N LEU F 475 3.56 40.33 1.79
CA LEU F 475 3.31 39.49 0.64
C LEU F 475 1.85 39.09 0.58
N PRO F 476 1.31 38.91 -0.63
CA PRO F 476 -0.14 38.79 -0.81
C PRO F 476 -0.67 37.44 -0.32
N VAL F 477 -1.99 37.41 -0.14
CA VAL F 477 -2.69 36.23 0.35
C VAL F 477 -3.98 36.08 -0.44
N GLY F 478 -4.65 34.93 -0.22
CA GLY F 478 -5.88 34.61 -0.91
C GLY F 478 -7.09 34.60 0.02
N GLY F 479 -8.25 34.47 -0.59
CA GLY F 479 -9.49 34.42 0.17
C GLY F 479 -9.87 35.74 0.80
N ILE F 480 -9.64 36.85 0.11
CA ILE F 480 -9.92 38.15 0.68
C ILE F 480 -11.41 38.32 0.93
N LYS F 481 -12.24 37.75 0.06
CA LYS F 481 -13.68 37.84 0.22
C LYS F 481 -14.13 37.19 1.53
N GLU F 482 -13.79 35.91 1.70
CA GLU F 482 -14.15 35.20 2.93
C GLU F 482 -13.57 35.89 4.15
N LYS F 483 -12.32 36.36 4.04
CA LYS F 483 -11.68 36.96 5.21
C LYS F 483 -12.37 38.26 5.61
N THR F 484 -12.73 39.11 4.66
CA THR F 484 -13.41 40.36 5.03
C THR F 484 -14.84 40.10 5.46
N ILE F 485 -15.48 39.06 4.93
CA ILE F 485 -16.82 38.70 5.39
C ILE F 485 -16.78 38.31 6.86
N ALA F 486 -15.84 37.43 7.22
CA ALA F 486 -15.70 37.03 8.61
C ALA F 486 -15.28 38.20 9.49
N ALA F 487 -14.44 39.09 8.96
CA ALA F 487 -13.99 40.24 9.74
C ALA F 487 -15.12 41.18 10.05
N LYS F 488 -15.99 41.45 9.07
CA LYS F 488 -17.15 42.29 9.32
C LYS F 488 -18.13 41.60 10.26
N ARG F 489 -18.36 40.30 10.04
CA ARG F 489 -19.28 39.55 10.90
C ARG F 489 -18.81 39.53 12.34
N ALA F 490 -17.50 39.54 12.58
CA ALA F 490 -16.95 39.55 13.92
C ALA F 490 -16.92 40.94 14.54
N GLY F 491 -17.50 41.93 13.88
CA GLY F 491 -17.53 43.28 14.43
C GLY F 491 -16.19 43.96 14.47
N VAL F 492 -15.49 43.99 13.33
CA VAL F 492 -14.21 44.66 13.22
C VAL F 492 -14.38 45.94 12.42
N THR F 493 -13.78 47.02 12.89
CA THR F 493 -13.88 48.31 12.22
C THR F 493 -12.68 48.61 11.33
N CYS F 494 -11.50 48.14 11.69
CA CYS F 494 -10.28 48.40 10.93
C CYS F 494 -9.66 47.09 10.48
N ILE F 495 -9.41 46.98 9.18
CA ILE F 495 -8.84 45.78 8.58
C ILE F 495 -7.57 46.17 7.84
N VAL F 496 -6.56 45.30 7.92
CA VAL F 496 -5.28 45.55 7.27
C VAL F 496 -5.01 44.43 6.27
N LEU F 497 -4.51 44.81 5.10
CA LEU F 497 -4.28 43.89 4.00
C LEU F 497 -2.97 44.23 3.32
N PRO F 498 -2.38 43.28 2.60
CA PRO F 498 -1.23 43.61 1.75
C PRO F 498 -1.63 44.48 0.58
N ALA F 499 -0.64 45.16 0.02
CA ALA F 499 -0.91 46.15 -1.02
C ALA F 499 -1.22 45.51 -2.37
N GLU F 500 -0.89 44.24 -2.56
CA GLU F 500 -1.18 43.58 -3.82
C GLU F 500 -2.57 42.97 -3.86
N ASN F 501 -3.37 43.17 -2.81
CA ASN F 501 -4.74 42.69 -2.75
C ASN F 501 -5.74 43.83 -2.85
N LYS F 502 -5.30 45.00 -3.31
CA LYS F 502 -6.22 46.10 -3.53
C LYS F 502 -7.30 45.71 -4.54
N LYS F 503 -6.90 45.05 -5.62
CA LYS F 503 -7.88 44.59 -6.60
C LYS F 503 -8.88 43.66 -5.95
N ASP F 504 -8.40 42.64 -5.24
CA ASP F 504 -9.28 41.65 -4.65
C ASP F 504 -10.24 42.28 -3.67
N PHE F 505 -9.78 43.27 -2.90
CA PHE F 505 -10.68 43.89 -1.93
C PHE F 505 -11.68 44.84 -2.57
N TYR F 506 -11.27 45.58 -3.59
CA TYR F 506 -12.15 46.58 -4.17
C TYR F 506 -13.10 46.01 -5.20
N ASP F 507 -12.84 44.82 -5.74
CA ASP F 507 -13.67 44.28 -6.81
C ASP F 507 -14.64 43.21 -6.32
N LEU F 508 -15.03 43.24 -5.05
CA LEU F 508 -15.92 42.21 -4.55
C LEU F 508 -17.37 42.70 -4.44
N ALA F 509 -17.60 43.82 -3.76
CA ALA F 509 -18.93 44.40 -3.65
C ALA F 509 -18.80 45.74 -2.94
N ALA F 510 -19.94 46.41 -2.77
CA ALA F 510 -20.01 47.65 -2.04
C ALA F 510 -20.81 47.56 -0.75
N PHE F 511 -21.68 46.56 -0.62
CA PHE F 511 -22.42 46.31 0.61
C PHE F 511 -21.66 45.43 1.58
N ILE F 512 -20.43 45.08 1.26
CA ILE F 512 -19.59 44.29 2.16
C ILE F 512 -18.44 45.11 2.74
N THR F 513 -18.05 46.21 2.09
CA THR F 513 -16.85 46.94 2.45
C THR F 513 -17.15 48.39 2.80
N GLU F 514 -18.35 48.66 3.33
CA GLU F 514 -18.78 50.04 3.51
C GLU F 514 -18.21 50.66 4.78
N GLY F 515 -18.51 50.09 5.95
CA GLY F 515 -18.06 50.67 7.19
C GLY F 515 -16.77 50.06 7.68
N LEU F 516 -15.84 49.84 6.76
CA LEU F 516 -14.65 49.02 7.02
C LEU F 516 -13.43 49.81 6.59
N GLU F 517 -12.78 50.46 7.57
CA GLU F 517 -11.56 51.21 7.30
C GLU F 517 -10.45 50.23 6.95
N VAL F 518 -10.06 50.20 5.69
CA VAL F 518 -9.10 49.24 5.18
C VAL F 518 -7.76 49.95 4.97
N HIS F 519 -6.67 49.27 5.31
CA HIS F 519 -5.34 49.81 5.14
C HIS F 519 -4.50 48.81 4.36
N PHE F 520 -3.96 49.23 3.23
CA PHE F 520 -3.11 48.38 2.40
C PHE F 520 -1.65 48.73 2.65
N VAL F 521 -0.82 47.69 2.85
CA VAL F 521 0.56 47.89 3.27
C VAL F 521 1.48 47.02 2.42
N GLU F 522 2.76 47.42 2.38
CA GLU F 522 3.78 46.68 1.65
C GLU F 522 4.89 46.16 2.54
N HIS F 523 5.37 46.95 3.48
CA HIS F 523 6.33 46.50 4.48
C HIS F 523 5.67 46.49 5.85
N TYR F 524 6.28 45.78 6.78
CA TYR F 524 5.68 45.62 8.10
C TYR F 524 5.76 46.88 8.95
N ARG F 525 6.72 47.77 8.70
CA ARG F 525 6.91 48.92 9.58
C ARG F 525 5.64 49.75 9.68
N GLU F 526 4.94 49.91 8.56
CA GLU F 526 3.72 50.70 8.56
C GLU F 526 2.55 49.96 9.20
N ILE F 527 2.54 48.63 9.12
CA ILE F 527 1.62 47.85 9.96
C ILE F 527 1.86 48.15 11.43
N PHE F 528 3.13 48.17 11.82
CA PHE F 528 3.46 48.48 13.22
C PHE F 528 2.95 49.85 13.60
N ASP F 529 3.13 50.83 12.71
CA ASP F 529 2.69 52.19 13.02
C ASP F 529 1.19 52.30 13.13
N ILE F 530 0.44 51.58 12.28
CA ILE F 530 -1.01 51.67 12.33
C ILE F 530 -1.63 50.69 13.33
N ALA F 531 -0.84 49.82 13.94
CA ALA F 531 -1.33 48.95 15.00
C ALA F 531 -0.91 49.41 16.38
N PHE F 532 0.05 50.33 16.48
CA PHE F 532 0.38 50.91 17.78
C PHE F 532 0.36 52.43 17.70
N UNK G 1 -36.50 -27.30 -23.11
CA UNK G 1 -35.72 -26.61 -24.13
C UNK G 1 -34.27 -26.50 -23.70
N UNK G 2 -33.66 -25.33 -23.93
CA UNK G 2 -32.25 -25.14 -23.63
C UNK G 2 -31.99 -25.32 -22.14
N UNK G 3 -30.74 -25.59 -21.76
CA UNK G 3 -30.44 -26.05 -20.41
C UNK G 3 -29.86 -25.00 -19.47
N UNK G 4 -29.10 -24.05 -20.00
CA UNK G 4 -28.43 -23.02 -19.20
C UNK G 4 -27.43 -23.61 -18.22
N UNK G 5 -26.16 -23.62 -18.60
CA UNK G 5 -25.10 -24.14 -17.76
C UNK G 5 -24.22 -22.99 -17.26
N UNK G 6 -23.92 -22.97 -15.97
CA UNK G 6 -23.12 -21.90 -15.39
C UNK G 6 -21.67 -22.04 -15.84
N UNK G 7 -20.87 -21.01 -15.65
CA UNK G 7 -19.46 -21.06 -16.03
C UNK G 7 -18.65 -20.03 -15.26
N UNK G 8 -17.53 -20.46 -14.70
CA UNK G 8 -16.69 -19.57 -13.90
C UNK G 8 -15.95 -18.59 -14.79
N UNK G 9 -15.63 -17.42 -14.26
CA UNK G 9 -14.92 -16.40 -15.01
C UNK G 9 -14.01 -15.62 -14.07
N UNK G 10 -12.71 -15.70 -14.32
CA UNK G 10 -11.72 -15.00 -13.50
C UNK G 10 -11.83 -13.51 -13.76
N UNK G 11 -11.30 -12.71 -12.84
CA UNK G 11 -11.31 -11.26 -13.01
C UNK G 11 -9.99 -10.66 -12.54
N UNK G 12 -9.81 -9.37 -12.80
CA UNK G 12 -8.59 -8.68 -12.40
C UNK G 12 -8.87 -7.21 -12.11
#